data_4C0P
#
_entry.id   4C0P
#
_cell.length_a   96.198
_cell.length_b   104.019
_cell.length_c   124.890
_cell.angle_alpha   90.64
_cell.angle_beta   97.88
_cell.angle_gamma   104.48
#
_symmetry.space_group_name_H-M   'P 1'
#
loop_
_entity.id
_entity.type
_entity.pdbx_description
1 polymer TRANSPORTIN-3
2 non-polymer 2,3-DIHYDROXY-1,4-DITHIOBUTANE
#
_entity_poly.entity_id   1
_entity_poly.type   'polypeptide(L)'
_entity_poly.pdbx_seq_one_letter_code
;MEGAKPTLQLVYQAVQALYHDPDPSGKERASFWLGELQRSVHAWEISDQLLQIRQDVESCYFAAQTMKMKIQTSFYELPT
DSHASLRDSLLTHIQNLKDLSPVIVTQLALAIADLALQMPSWKGCVQTLVEKYSNDVTSLPFLLEILTVLPEEVHSRSLR
IGANRRTEIIEDLAFYSSTVVSLLMTCVEKAGTDEKMLMKVFRCLGSWFNLGVLDSNFMANNKLLALLFEVLQQDKTSSN
LHEAASDCVCSALYAIENVETNLPLAMQLFQGVLTLETAYHMAVAREDLDKVLNYCRIFTELCETFLEKIVCTPGQGLGD
LRTLELLLICAGHPQYEVVEISFNFWYRLGEHLYKTNDEVIHGIFKAYIQRLLHALARHCQLEPDHEGVPEETDDFGEFR
MRVSDLVKDLIFLIGSMECFAQLYSTLKEGNPPWEVTEAVLFIMAAIAKSVDPENNPTLVEVLEGVVRLPETVHTAVRYT
SIELVGEMSEVVDRNPQFLDPVLGYLMKGLAEKPLASAAAKAIHNICSVCRDHMAQHFNGLLEIARSLDSFLLSPEAAVG
LLKGTALVLARLPLDKITECLSELCSVQVMALKKLLSQEPSNGISSDPTVFLDRLAVIFRHTNPIVENGQTHPCQKVIQE
IWPVLSETLNKHRADNRIVERCCRCLRFAVRCVGKGSAALLQPLVTQMVNVYHVHQHSCFLYLGSILVDEYGMEEGCRQG
LLDMLQALCIPTFQLLEQQNGLQNHPDTVDDLFRLATRFIQRSPVTLLRSQVVIPILQWAIASTTLDHRDANCSVMRFLR
DLIHTGVANDHEEDFELRKELIGQVMNQLGQQLVSQLLHTCCFCLPPYTLPDVAEVLWEIMQVDRPTFCRWLENSLKGLP
KETTVGAVTVTHKQLTDFHKQVTSAEECKQVCWALRDFTRLFR
;
_entity_poly.pdbx_strand_id   A,B,C,D
#
loop_
_chem_comp.id
_chem_comp.type
_chem_comp.name
_chem_comp.formula
DTT non-polymer 2,3-DIHYDROXY-1,4-DITHIOBUTANE 'C4 H10 O2 S2'
#
# COMPACT_ATOMS: atom_id res chain seq x y z
N GLY A 3 -28.76 -7.43 -36.81
CA GLY A 3 -28.13 -6.24 -37.35
C GLY A 3 -28.78 -5.73 -38.62
N ALA A 4 -28.67 -6.50 -39.70
CA ALA A 4 -29.14 -6.06 -41.00
C ALA A 4 -30.64 -6.24 -41.13
N LYS A 5 -31.36 -5.15 -41.43
CA LYS A 5 -32.80 -5.20 -41.63
C LYS A 5 -33.15 -6.00 -42.89
N PRO A 6 -33.97 -7.05 -42.72
CA PRO A 6 -34.36 -7.95 -43.80
C PRO A 6 -35.05 -7.24 -44.97
N THR A 7 -34.93 -7.80 -46.17
CA THR A 7 -35.57 -7.24 -47.34
C THR A 7 -37.08 -7.34 -47.24
N LEU A 8 -37.78 -6.29 -47.67
CA LEU A 8 -39.23 -6.30 -47.70
C LEU A 8 -39.74 -7.29 -48.75
N GLN A 9 -38.93 -7.49 -49.79
CA GLN A 9 -39.27 -8.45 -50.83
C GLN A 9 -39.07 -9.86 -50.30
N LEU A 10 -38.13 -10.02 -49.38
CA LEU A 10 -37.78 -11.32 -48.82
C LEU A 10 -38.80 -11.80 -47.78
N VAL A 11 -39.26 -10.91 -46.90
CA VAL A 11 -40.24 -11.29 -45.90
C VAL A 11 -41.51 -11.79 -46.57
N TYR A 12 -41.99 -11.07 -47.58
CA TYR A 12 -43.14 -11.52 -48.35
C TYR A 12 -42.76 -12.86 -48.96
N GLN A 13 -41.53 -12.96 -49.44
CA GLN A 13 -41.04 -14.13 -50.14
C GLN A 13 -41.17 -15.32 -49.20
N ALA A 14 -40.82 -15.06 -47.93
CA ALA A 14 -40.88 -16.04 -46.87
C ALA A 14 -42.33 -16.46 -46.59
N VAL A 15 -43.22 -15.48 -46.51
CA VAL A 15 -44.62 -15.75 -46.20
C VAL A 15 -45.17 -16.59 -47.34
N GLN A 16 -44.89 -16.13 -48.56
CA GLN A 16 -45.44 -16.72 -49.76
C GLN A 16 -44.94 -18.17 -49.82
N ALA A 17 -43.67 -18.36 -49.45
CA ALA A 17 -43.06 -19.67 -49.32
C ALA A 17 -43.72 -20.49 -48.21
N LEU A 18 -43.99 -19.86 -47.07
CA LEU A 18 -44.36 -20.57 -45.85
C LEU A 18 -45.67 -21.33 -46.05
N TYR A 19 -46.67 -20.67 -46.62
CA TYR A 19 -47.92 -21.37 -46.91
C TYR A 19 -47.93 -22.31 -48.14
N HIS A 20 -47.29 -21.91 -49.25
CA HIS A 20 -47.50 -22.64 -50.52
C HIS A 20 -46.32 -23.41 -51.15
N ASP A 21 -45.10 -23.26 -50.63
CA ASP A 21 -43.91 -23.80 -51.32
C ASP A 21 -44.10 -25.31 -51.44
N PRO A 22 -43.92 -25.88 -52.64
CA PRO A 22 -44.26 -27.31 -52.80
C PRO A 22 -43.43 -28.18 -51.87
N ASP A 23 -42.14 -27.88 -51.78
CA ASP A 23 -41.22 -28.65 -50.97
C ASP A 23 -41.65 -28.47 -49.51
N PRO A 24 -41.81 -29.58 -48.76
CA PRO A 24 -42.15 -29.47 -47.33
C PRO A 24 -40.99 -28.88 -46.52
N SER A 25 -39.77 -29.35 -46.78
CA SER A 25 -38.59 -28.90 -46.04
C SER A 25 -38.38 -27.42 -46.37
N GLY A 26 -38.58 -27.07 -47.64
CA GLY A 26 -38.39 -25.72 -48.14
C GLY A 26 -39.35 -24.84 -47.37
N LYS A 27 -40.56 -25.35 -47.19
CA LYS A 27 -41.60 -24.66 -46.46
C LYS A 27 -41.12 -24.43 -45.04
N GLU A 28 -40.49 -25.47 -44.49
CA GLU A 28 -40.11 -25.53 -43.10
C GLU A 28 -39.13 -24.40 -42.79
N ARG A 29 -38.18 -24.21 -43.69
CA ARG A 29 -37.07 -23.28 -43.45
C ARG A 29 -37.65 -21.88 -43.29
N ALA A 30 -38.57 -21.54 -44.21
CA ALA A 30 -39.27 -20.27 -44.19
C ALA A 30 -39.87 -19.98 -42.82
N SER A 31 -40.39 -21.01 -42.17
CA SER A 31 -40.95 -20.88 -40.83
C SER A 31 -39.86 -20.50 -39.84
N PHE A 32 -38.69 -21.13 -39.99
CA PHE A 32 -37.55 -20.84 -39.14
C PHE A 32 -37.08 -19.41 -39.35
N TRP A 33 -36.88 -19.02 -40.60
CA TRP A 33 -36.44 -17.67 -40.92
C TRP A 33 -37.39 -16.64 -40.36
N LEU A 34 -38.68 -16.81 -40.65
CA LEU A 34 -39.71 -15.92 -40.14
C LEU A 34 -39.77 -15.92 -38.62
N GLY A 35 -39.58 -17.10 -38.03
CA GLY A 35 -39.50 -17.23 -36.59
C GLY A 35 -38.39 -16.40 -35.99
N GLU A 36 -37.21 -16.47 -36.60
CA GLU A 36 -36.07 -15.69 -36.16
C GLU A 36 -36.31 -14.20 -36.36
N LEU A 37 -37.07 -13.87 -37.41
CA LEU A 37 -37.43 -12.48 -37.70
C LEU A 37 -38.25 -11.89 -36.57
N GLN A 38 -39.22 -12.66 -36.09
CA GLN A 38 -40.09 -12.21 -35.01
C GLN A 38 -39.29 -11.86 -33.77
N ARG A 39 -38.24 -12.63 -33.50
CA ARG A 39 -37.41 -12.42 -32.32
C ARG A 39 -36.46 -11.23 -32.49
N SER A 40 -36.42 -10.67 -33.69
CA SER A 40 -35.50 -9.57 -33.98
C SER A 40 -36.12 -8.22 -33.65
N VAL A 41 -35.29 -7.19 -33.58
CA VAL A 41 -35.76 -5.84 -33.30
C VAL A 41 -36.45 -5.24 -34.53
N HIS A 42 -36.20 -5.83 -35.69
CA HIS A 42 -36.79 -5.33 -36.92
C HIS A 42 -38.23 -5.79 -37.09
N ALA A 43 -38.66 -6.69 -36.20
CA ALA A 43 -40.01 -7.23 -36.23
C ALA A 43 -41.06 -6.11 -36.14
N TRP A 44 -40.84 -5.16 -35.24
CA TRP A 44 -41.73 -4.01 -35.06
C TRP A 44 -41.98 -3.27 -36.37
N GLU A 45 -40.91 -2.96 -37.09
CA GLU A 45 -41.00 -2.20 -38.33
C GLU A 45 -41.64 -3.03 -39.43
N ILE A 46 -41.14 -4.24 -39.65
CA ILE A 46 -41.67 -5.12 -40.68
C ILE A 46 -43.17 -5.40 -40.46
N SER A 47 -43.57 -5.52 -39.20
CA SER A 47 -44.97 -5.73 -38.87
C SER A 47 -45.81 -4.54 -39.32
N ASP A 48 -45.46 -3.36 -38.82
CA ASP A 48 -46.20 -2.13 -39.11
C ASP A 48 -46.32 -1.87 -40.61
N GLN A 49 -45.30 -2.27 -41.36
CA GLN A 49 -45.29 -2.06 -42.80
C GLN A 49 -46.19 -3.06 -43.52
N LEU A 50 -46.12 -4.33 -43.12
CA LEU A 50 -46.96 -5.37 -43.70
C LEU A 50 -48.44 -5.13 -43.43
N LEU A 51 -48.73 -4.49 -42.30
CA LEU A 51 -50.11 -4.20 -41.91
C LEU A 51 -50.73 -3.09 -42.75
N GLN A 52 -49.97 -2.05 -43.04
CA GLN A 52 -50.49 -0.95 -43.85
C GLN A 52 -50.46 -1.27 -45.34
N ILE A 53 -49.45 -2.04 -45.77
CA ILE A 53 -49.39 -2.51 -47.15
C ILE A 53 -50.52 -3.51 -47.41
N ARG A 54 -50.60 -4.52 -46.54
CA ARG A 54 -51.62 -5.57 -46.57
C ARG A 54 -51.99 -6.06 -47.98
N GLN A 55 -51.11 -6.85 -48.58
CA GLN A 55 -51.36 -7.41 -49.91
C GLN A 55 -52.10 -8.74 -49.80
N ASP A 56 -51.77 -9.51 -48.76
CA ASP A 56 -52.39 -10.80 -48.56
C ASP A 56 -53.05 -10.87 -47.19
N VAL A 57 -53.78 -11.96 -46.94
CA VAL A 57 -54.38 -12.22 -45.64
C VAL A 57 -53.31 -12.92 -44.81
N GLU A 58 -52.49 -13.67 -45.54
CA GLU A 58 -51.39 -14.44 -44.99
C GLU A 58 -50.33 -13.55 -44.34
N SER A 59 -49.92 -12.51 -45.07
CA SER A 59 -48.92 -11.56 -44.60
C SER A 59 -49.36 -10.82 -43.35
N CYS A 60 -50.67 -10.53 -43.28
CA CYS A 60 -51.24 -9.78 -42.17
C CYS A 60 -51.30 -10.58 -40.88
N TYR A 61 -51.62 -11.87 -40.99
CA TYR A 61 -51.65 -12.72 -39.80
C TYR A 61 -50.28 -12.77 -39.16
N PHE A 62 -49.25 -13.00 -39.98
CA PHE A 62 -47.88 -12.99 -39.51
C PHE A 62 -47.55 -11.65 -38.86
N ALA A 63 -47.97 -10.56 -39.51
CA ALA A 63 -47.68 -9.22 -39.02
C ALA A 63 -48.41 -8.98 -37.70
N ALA A 64 -49.71 -9.29 -37.67
CA ALA A 64 -50.51 -9.09 -36.48
C ALA A 64 -50.02 -9.94 -35.31
N GLN A 65 -49.73 -11.20 -35.59
CA GLN A 65 -49.18 -12.12 -34.60
C GLN A 65 -47.85 -11.61 -34.06
N THR A 66 -47.00 -11.13 -34.96
CA THR A 66 -45.70 -10.61 -34.56
C THR A 66 -45.86 -9.37 -33.70
N MET A 67 -46.83 -8.53 -34.05
CA MET A 67 -47.16 -7.35 -33.25
C MET A 67 -47.54 -7.76 -31.83
N LYS A 68 -48.53 -8.65 -31.73
CA LYS A 68 -48.95 -9.20 -30.44
C LYS A 68 -47.77 -9.75 -29.63
N MET A 69 -46.99 -10.63 -30.25
CA MET A 69 -45.86 -11.27 -29.59
C MET A 69 -44.80 -10.28 -29.11
N LYS A 70 -44.46 -9.30 -29.95
CA LYS A 70 -43.44 -8.31 -29.60
C LYS A 70 -43.85 -7.45 -28.42
N ILE A 71 -45.15 -7.14 -28.32
CA ILE A 71 -45.64 -6.28 -27.26
C ILE A 71 -45.76 -7.02 -25.92
N GLN A 72 -45.96 -8.33 -25.97
CA GLN A 72 -46.10 -9.11 -24.74
C GLN A 72 -44.76 -9.65 -24.25
N THR A 73 -43.90 -10.07 -25.18
CA THR A 73 -42.60 -10.64 -24.81
C THR A 73 -41.55 -9.56 -24.55
N SER A 74 -41.34 -8.68 -25.52
CA SER A 74 -40.28 -7.68 -25.41
C SER A 74 -40.83 -6.25 -25.45
N PHE A 75 -41.53 -5.86 -24.39
CA PHE A 75 -42.08 -4.51 -24.30
C PHE A 75 -41.03 -3.53 -23.79
N TYR A 76 -40.07 -4.05 -23.03
CA TYR A 76 -39.00 -3.24 -22.45
C TYR A 76 -38.21 -2.46 -23.49
N GLU A 77 -38.14 -2.98 -24.71
CA GLU A 77 -37.41 -2.34 -25.79
C GLU A 77 -37.96 -0.96 -26.15
N LEU A 78 -39.27 -0.78 -25.98
CA LEU A 78 -39.92 0.49 -26.33
C LEU A 78 -39.68 1.58 -25.27
N PRO A 79 -39.32 2.79 -25.73
CA PRO A 79 -39.19 3.96 -24.87
C PRO A 79 -40.56 4.56 -24.51
N THR A 80 -40.58 5.49 -23.57
CA THR A 80 -41.84 6.06 -23.09
C THR A 80 -42.59 6.84 -24.16
N ASP A 81 -41.87 7.59 -24.99
CA ASP A 81 -42.49 8.45 -25.99
C ASP A 81 -42.98 7.68 -27.22
N SER A 82 -42.54 6.45 -27.38
CA SER A 82 -42.93 5.64 -28.52
C SER A 82 -44.29 4.97 -28.32
N HIS A 83 -44.78 4.99 -27.08
CA HIS A 83 -46.02 4.32 -26.73
C HIS A 83 -47.22 4.85 -27.51
N ALA A 84 -47.43 6.16 -27.45
CA ALA A 84 -48.54 6.79 -28.15
C ALA A 84 -48.48 6.54 -29.65
N SER A 85 -47.27 6.61 -30.21
CA SER A 85 -47.06 6.39 -31.64
C SER A 85 -47.51 4.99 -32.07
N LEU A 86 -47.28 4.00 -31.20
CA LEU A 86 -47.69 2.63 -31.50
C LEU A 86 -49.17 2.44 -31.26
N ARG A 87 -49.68 3.03 -30.18
CA ARG A 87 -51.10 2.98 -29.83
C ARG A 87 -51.99 3.43 -30.98
N ASP A 88 -51.58 4.52 -31.62
CA ASP A 88 -52.34 5.05 -32.75
C ASP A 88 -52.16 4.17 -34.00
N SER A 89 -50.94 3.66 -34.18
CA SER A 89 -50.64 2.80 -35.31
C SER A 89 -51.47 1.52 -35.26
N LEU A 90 -51.56 0.93 -34.07
CA LEU A 90 -52.33 -0.30 -33.88
C LEU A 90 -53.82 -0.07 -34.11
N LEU A 91 -54.34 0.97 -33.47
CA LEU A 91 -55.75 1.34 -33.63
C LEU A 91 -56.12 1.55 -35.10
N THR A 92 -55.22 2.20 -35.83
CA THR A 92 -55.39 2.40 -37.26
C THR A 92 -55.44 1.06 -37.99
N HIS A 93 -54.54 0.16 -37.61
CA HIS A 93 -54.41 -1.14 -38.28
C HIS A 93 -55.63 -2.03 -38.09
N ILE A 94 -56.21 -2.00 -36.90
CA ILE A 94 -57.39 -2.82 -36.62
C ILE A 94 -58.61 -2.25 -37.33
N GLN A 95 -58.63 -0.94 -37.50
CA GLN A 95 -59.68 -0.27 -38.27
C GLN A 95 -59.67 -0.75 -39.73
N ASN A 96 -58.52 -0.60 -40.37
CA ASN A 96 -58.36 -0.92 -41.79
C ASN A 96 -58.46 -2.40 -42.10
N LEU A 97 -58.48 -3.25 -41.08
CA LEU A 97 -58.41 -4.70 -41.29
C LEU A 97 -59.61 -5.47 -40.76
N LYS A 98 -60.61 -4.76 -40.23
CA LYS A 98 -61.81 -5.42 -39.71
C LYS A 98 -62.50 -6.25 -40.80
N ASP A 99 -62.50 -5.73 -42.02
CA ASP A 99 -63.12 -6.41 -43.15
C ASP A 99 -62.51 -7.78 -43.41
N LEU A 100 -61.19 -7.91 -43.24
CA LEU A 100 -60.50 -9.18 -43.46
C LEU A 100 -60.87 -10.23 -42.41
N SER A 101 -60.13 -11.34 -42.42
CA SER A 101 -60.38 -12.48 -41.54
C SER A 101 -60.37 -12.09 -40.06
N PRO A 102 -61.28 -12.67 -39.27
CA PRO A 102 -61.38 -12.39 -37.83
C PRO A 102 -60.14 -12.88 -37.07
N VAL A 103 -59.44 -13.87 -37.61
CA VAL A 103 -58.24 -14.40 -36.97
C VAL A 103 -57.14 -13.34 -36.89
N ILE A 104 -57.13 -12.42 -37.86
CA ILE A 104 -56.22 -11.28 -37.84
C ILE A 104 -56.64 -10.30 -36.76
N VAL A 105 -57.93 -9.97 -36.74
CA VAL A 105 -58.47 -8.98 -35.81
C VAL A 105 -58.30 -9.38 -34.36
N THR A 106 -58.57 -10.65 -34.06
CA THR A 106 -58.42 -11.19 -32.71
C THR A 106 -57.00 -10.99 -32.21
N GLN A 107 -56.03 -11.29 -33.08
CA GLN A 107 -54.63 -11.07 -32.80
C GLN A 107 -54.38 -9.60 -32.49
N LEU A 108 -54.77 -8.74 -33.44
CA LEU A 108 -54.65 -7.29 -33.29
C LEU A 108 -55.39 -6.77 -32.06
N ALA A 109 -56.51 -7.42 -31.72
CA ALA A 109 -57.26 -7.04 -30.54
C ALA A 109 -56.45 -7.32 -29.28
N LEU A 110 -55.71 -8.44 -29.31
CA LEU A 110 -54.84 -8.82 -28.20
C LEU A 110 -53.63 -7.90 -28.12
N ALA A 111 -53.23 -7.35 -29.26
CA ALA A 111 -52.14 -6.39 -29.31
C ALA A 111 -52.51 -5.13 -28.54
N ILE A 112 -53.56 -4.46 -29.01
CA ILE A 112 -54.10 -3.28 -28.35
C ILE A 112 -54.36 -3.52 -26.86
N ALA A 113 -54.94 -4.68 -26.55
CA ALA A 113 -55.23 -5.04 -25.16
C ALA A 113 -53.98 -5.16 -24.31
N ASP A 114 -52.97 -5.84 -24.85
CA ASP A 114 -51.71 -6.06 -24.14
C ASP A 114 -50.90 -4.77 -24.03
N LEU A 115 -51.04 -3.90 -25.03
CA LEU A 115 -50.37 -2.62 -25.03
C LEU A 115 -50.96 -1.73 -23.95
N ALA A 116 -52.28 -1.71 -23.87
CA ALA A 116 -52.99 -0.85 -22.92
C ALA A 116 -52.67 -1.22 -21.48
N LEU A 117 -52.42 -2.50 -21.23
CA LEU A 117 -52.14 -2.97 -19.88
C LEU A 117 -50.76 -2.54 -19.39
N GLN A 118 -49.81 -2.49 -20.30
CA GLN A 118 -48.44 -2.13 -19.95
C GLN A 118 -48.17 -0.64 -20.12
N MET A 119 -49.17 0.09 -20.61
CA MET A 119 -49.06 1.53 -20.78
C MET A 119 -49.81 2.28 -19.68
N PRO A 120 -49.06 2.86 -18.73
CA PRO A 120 -49.68 3.64 -17.65
C PRO A 120 -50.14 5.00 -18.14
N SER A 121 -49.52 5.47 -19.23
CA SER A 121 -49.84 6.75 -19.84
C SER A 121 -51.29 6.79 -20.30
N TRP A 122 -51.73 5.73 -20.95
CA TRP A 122 -53.09 5.63 -21.47
C TRP A 122 -54.11 5.58 -20.33
N LYS A 123 -54.58 6.76 -19.92
CA LYS A 123 -55.58 6.85 -18.85
C LYS A 123 -56.97 6.51 -19.37
N GLY A 124 -57.63 5.56 -18.71
CA GLY A 124 -58.97 5.17 -19.11
C GLY A 124 -59.05 4.66 -20.54
N CYS A 125 -58.37 3.56 -20.81
CA CYS A 125 -58.33 2.98 -22.16
C CYS A 125 -59.71 2.45 -22.55
N VAL A 126 -60.47 2.01 -21.55
CA VAL A 126 -61.79 1.45 -21.79
C VAL A 126 -62.74 2.49 -22.37
N GLN A 127 -62.76 3.68 -21.79
CA GLN A 127 -63.66 4.73 -22.24
C GLN A 127 -63.22 5.31 -23.58
N THR A 128 -61.92 5.52 -23.72
CA THR A 128 -61.36 6.07 -24.94
C THR A 128 -61.72 5.18 -26.13
N LEU A 129 -61.80 3.88 -25.88
CA LEU A 129 -62.12 2.91 -26.92
C LEU A 129 -63.60 2.91 -27.29
N VAL A 130 -64.48 2.90 -26.30
CA VAL A 130 -65.92 2.89 -26.59
C VAL A 130 -66.40 4.20 -27.21
N GLU A 131 -66.12 5.34 -26.58
CA GLU A 131 -66.63 6.62 -27.07
C GLU A 131 -65.91 7.09 -28.34
N LYS A 132 -65.22 6.16 -29.01
CA LYS A 132 -64.60 6.44 -30.30
C LYS A 132 -65.07 5.43 -31.35
N TYR A 133 -65.48 4.26 -30.90
CA TYR A 133 -65.86 3.19 -31.81
C TYR A 133 -67.29 2.66 -31.62
N SER A 134 -67.93 3.06 -30.52
CA SER A 134 -69.27 2.57 -30.20
C SER A 134 -70.30 2.80 -31.30
N ASN A 135 -70.30 4.01 -31.86
CA ASN A 135 -71.37 4.42 -32.76
C ASN A 135 -71.11 4.13 -34.24
N ASP A 136 -69.93 3.59 -34.54
CA ASP A 136 -69.58 3.28 -35.93
C ASP A 136 -70.23 1.98 -36.39
N VAL A 137 -70.84 1.25 -35.45
CA VAL A 137 -71.59 0.03 -35.72
C VAL A 137 -70.75 -1.08 -36.37
N THR A 138 -70.08 -0.77 -37.47
CA THR A 138 -69.19 -1.74 -38.12
C THR A 138 -67.89 -1.89 -37.36
N SER A 139 -67.62 -0.95 -36.44
CA SER A 139 -66.41 -1.02 -35.63
C SER A 139 -66.69 -1.68 -34.29
N LEU A 140 -67.94 -2.09 -34.08
CA LEU A 140 -68.34 -2.80 -32.87
C LEU A 140 -67.82 -4.25 -32.78
N PRO A 141 -67.79 -4.99 -33.91
CA PRO A 141 -67.22 -6.34 -33.83
C PRO A 141 -65.81 -6.42 -33.22
N PHE A 142 -64.90 -5.52 -33.59
CA PHE A 142 -63.57 -5.56 -32.99
C PHE A 142 -63.53 -4.85 -31.64
N LEU A 143 -64.45 -3.91 -31.42
CA LEU A 143 -64.50 -3.18 -30.15
C LEU A 143 -64.90 -4.10 -29.01
N LEU A 144 -65.73 -5.09 -29.32
CA LEU A 144 -66.12 -6.09 -28.33
C LEU A 144 -65.00 -7.13 -28.15
N GLU A 145 -64.31 -7.42 -29.25
CA GLU A 145 -63.15 -8.31 -29.22
C GLU A 145 -62.09 -7.80 -28.26
N ILE A 146 -61.71 -6.53 -28.43
CA ILE A 146 -60.76 -5.87 -27.55
C ILE A 146 -61.22 -5.91 -26.10
N LEU A 147 -62.47 -5.50 -25.88
CA LEU A 147 -63.04 -5.46 -24.54
C LEU A 147 -63.13 -6.85 -23.92
N THR A 148 -63.29 -7.87 -24.77
CA THR A 148 -63.40 -9.25 -24.29
C THR A 148 -62.07 -9.80 -23.77
N VAL A 149 -61.02 -9.66 -24.56
CA VAL A 149 -59.72 -10.24 -24.23
C VAL A 149 -58.95 -9.46 -23.16
N LEU A 150 -59.32 -8.21 -22.94
CA LEU A 150 -58.64 -7.37 -21.95
C LEU A 150 -58.70 -7.93 -20.52
N PRO A 151 -59.87 -8.43 -20.06
CA PRO A 151 -59.86 -9.08 -18.75
C PRO A 151 -59.12 -10.42 -18.76
N GLU A 152 -58.97 -11.02 -19.94
CA GLU A 152 -58.27 -12.28 -20.05
C GLU A 152 -56.75 -12.07 -19.94
N GLU A 153 -56.28 -10.98 -20.53
CA GLU A 153 -54.86 -10.69 -20.56
C GLU A 153 -54.32 -10.10 -19.27
N VAL A 154 -55.21 -9.72 -18.36
CA VAL A 154 -54.78 -9.20 -17.06
C VAL A 154 -54.22 -10.33 -16.22
N HIS A 155 -54.58 -11.56 -16.59
CA HIS A 155 -54.05 -12.76 -15.93
C HIS A 155 -53.25 -13.59 -16.94
N SER A 156 -52.42 -12.90 -17.72
CA SER A 156 -51.58 -13.55 -18.70
C SER A 156 -50.18 -13.82 -18.15
N ARG A 157 -49.72 -15.06 -18.29
CA ARG A 157 -48.38 -15.43 -17.86
C ARG A 157 -47.34 -14.79 -18.78
N SER A 158 -47.66 -14.73 -20.06
CA SER A 158 -46.76 -14.16 -21.06
C SER A 158 -46.69 -12.64 -20.98
N LEU A 159 -47.47 -12.06 -20.08
CA LEU A 159 -47.46 -10.62 -19.88
C LEU A 159 -47.13 -10.27 -18.43
N ARG A 160 -45.87 -9.90 -18.18
CA ARG A 160 -45.43 -9.55 -16.84
C ARG A 160 -45.42 -8.05 -16.63
N ILE A 161 -46.27 -7.58 -15.73
CA ILE A 161 -46.39 -6.16 -15.45
C ILE A 161 -46.63 -5.93 -13.95
N GLY A 162 -45.61 -6.23 -13.16
CA GLY A 162 -45.66 -6.02 -11.72
C GLY A 162 -46.73 -6.82 -11.00
N ALA A 163 -46.77 -6.67 -9.68
CA ALA A 163 -47.81 -7.30 -8.87
C ALA A 163 -48.76 -6.23 -8.34
N ASN A 164 -48.20 -5.13 -7.87
CA ASN A 164 -48.99 -4.00 -7.39
C ASN A 164 -49.72 -3.30 -8.52
N ARG A 165 -49.12 -3.33 -9.71
CA ARG A 165 -49.74 -2.75 -10.90
C ARG A 165 -50.97 -3.56 -11.32
N ARG A 166 -50.89 -4.87 -11.13
CA ARG A 166 -51.98 -5.78 -11.50
C ARG A 166 -53.27 -5.43 -10.75
N THR A 167 -53.15 -5.18 -9.45
CA THR A 167 -54.31 -4.80 -8.64
C THR A 167 -54.72 -3.35 -8.87
N GLU A 168 -53.81 -2.57 -9.44
CA GLU A 168 -54.12 -1.20 -9.86
C GLU A 168 -54.88 -1.19 -11.18
N ILE A 169 -54.72 -2.26 -11.95
CA ILE A 169 -55.39 -2.39 -13.24
C ILE A 169 -56.86 -2.79 -13.03
N ILE A 170 -57.12 -3.52 -11.95
CA ILE A 170 -58.43 -4.11 -11.73
C ILE A 170 -59.47 -3.11 -11.21
N GLU A 171 -59.12 -2.31 -10.21
CA GLU A 171 -60.08 -1.36 -9.64
C GLU A 171 -60.38 -0.23 -10.64
N ASP A 172 -59.43 0.03 -11.53
CA ASP A 172 -59.65 0.99 -12.61
C ASP A 172 -60.77 0.49 -13.50
N LEU A 173 -60.63 -0.75 -13.96
CA LEU A 173 -61.67 -1.43 -14.74
C LEU A 173 -63.00 -1.55 -13.99
N ALA A 174 -62.99 -1.30 -12.68
CA ALA A 174 -64.21 -1.35 -11.89
C ALA A 174 -65.00 -0.05 -11.99
N PHE A 175 -64.28 1.07 -11.96
CA PHE A 175 -64.89 2.38 -12.14
C PHE A 175 -65.52 2.46 -13.52
N TYR A 176 -64.93 1.76 -14.49
CA TYR A 176 -65.44 1.73 -15.85
C TYR A 176 -66.23 0.46 -16.17
N SER A 177 -66.69 -0.24 -15.13
CA SER A 177 -67.49 -1.44 -15.34
C SER A 177 -68.84 -1.09 -15.95
N SER A 178 -69.48 -0.06 -15.39
CA SER A 178 -70.80 0.37 -15.85
C SER A 178 -70.81 0.79 -17.31
N THR A 179 -69.82 1.56 -17.72
CA THR A 179 -69.77 2.11 -19.08
C THR A 179 -69.67 1.03 -20.17
N VAL A 180 -68.91 -0.03 -19.92
CA VAL A 180 -68.80 -1.12 -20.89
C VAL A 180 -70.09 -1.96 -20.86
N VAL A 181 -70.63 -2.18 -19.66
CA VAL A 181 -71.88 -2.92 -19.53
C VAL A 181 -73.05 -2.17 -20.19
N SER A 182 -73.11 -0.86 -20.01
CA SER A 182 -74.14 -0.05 -20.67
C SER A 182 -74.00 -0.14 -22.19
N LEU A 183 -72.77 -0.02 -22.69
CA LEU A 183 -72.47 -0.24 -24.10
C LEU A 183 -72.93 -1.63 -24.53
N LEU A 184 -72.87 -2.56 -23.61
CA LEU A 184 -73.19 -3.96 -23.87
C LEU A 184 -74.70 -4.14 -23.84
N MET A 185 -75.33 -3.44 -22.89
CA MET A 185 -76.78 -3.32 -22.82
C MET A 185 -77.30 -2.74 -24.13
N THR A 186 -76.87 -1.52 -24.45
CA THR A 186 -77.17 -0.88 -25.73
C THR A 186 -76.95 -1.81 -26.94
N CYS A 187 -75.92 -2.65 -26.84
CA CYS A 187 -75.46 -3.47 -27.95
C CYS A 187 -76.51 -4.46 -28.46
N VAL A 188 -77.34 -4.98 -27.56
CA VAL A 188 -78.36 -5.94 -27.95
C VAL A 188 -79.42 -5.32 -28.86
N GLU A 189 -79.84 -4.08 -28.56
CA GLU A 189 -80.79 -3.37 -29.40
C GLU A 189 -80.32 -3.27 -30.85
N GLU A 195 -78.33 -12.71 -34.15
CA GLU A 195 -77.72 -13.80 -33.40
C GLU A 195 -76.21 -13.66 -33.31
N LYS A 196 -75.58 -13.50 -34.48
CA LYS A 196 -74.13 -13.37 -34.60
C LYS A 196 -73.53 -12.32 -33.67
N MET A 197 -74.38 -11.38 -33.25
CA MET A 197 -73.94 -10.23 -32.47
C MET A 197 -74.32 -10.41 -31.00
N LEU A 198 -75.13 -11.42 -30.72
CA LEU A 198 -75.49 -11.75 -29.34
C LEU A 198 -74.38 -12.54 -28.65
N MET A 199 -73.85 -13.55 -29.33
CA MET A 199 -72.82 -14.41 -28.75
C MET A 199 -71.53 -13.64 -28.49
N LYS A 200 -71.27 -12.61 -29.28
CA LYS A 200 -70.12 -11.75 -29.05
C LYS A 200 -70.31 -10.91 -27.78
N VAL A 201 -71.53 -10.42 -27.58
CA VAL A 201 -71.88 -9.68 -26.37
C VAL A 201 -71.79 -10.55 -25.11
N PHE A 202 -72.26 -11.79 -25.22
CA PHE A 202 -72.21 -12.72 -24.10
C PHE A 202 -70.78 -13.05 -23.70
N ARG A 203 -69.92 -13.31 -24.69
CA ARG A 203 -68.52 -13.64 -24.43
C ARG A 203 -67.76 -12.49 -23.79
N CYS A 204 -68.20 -11.26 -24.04
CA CYS A 204 -67.53 -10.08 -23.48
C CYS A 204 -67.89 -9.87 -22.02
N LEU A 205 -69.17 -10.01 -21.71
CA LEU A 205 -69.63 -9.90 -20.33
C LEU A 205 -69.09 -11.08 -19.53
N GLY A 206 -68.84 -12.19 -20.22
CA GLY A 206 -68.26 -13.36 -19.62
C GLY A 206 -66.90 -13.11 -18.98
N SER A 207 -65.97 -12.56 -19.76
CA SER A 207 -64.61 -12.32 -19.27
C SER A 207 -64.64 -11.21 -18.22
N TRP A 208 -65.59 -10.30 -18.36
CA TRP A 208 -65.75 -9.21 -17.41
C TRP A 208 -66.33 -9.72 -16.09
N PHE A 209 -67.12 -10.78 -16.16
CA PHE A 209 -67.57 -11.48 -14.96
C PHE A 209 -66.37 -12.13 -14.25
N ASN A 210 -65.42 -12.61 -15.05
CA ASN A 210 -64.36 -13.49 -14.57
C ASN A 210 -63.36 -12.92 -13.57
N LEU A 211 -62.85 -11.70 -13.81
CA LEU A 211 -61.88 -11.14 -12.88
C LEU A 211 -62.57 -10.60 -11.62
N GLY A 212 -63.90 -10.67 -11.60
CA GLY A 212 -64.67 -10.28 -10.43
C GLY A 212 -64.76 -8.78 -10.28
N VAL A 213 -65.23 -8.11 -11.33
CA VAL A 213 -65.21 -6.66 -11.37
C VAL A 213 -66.61 -6.08 -11.57
N LEU A 214 -67.57 -6.95 -11.85
CA LEU A 214 -68.96 -6.54 -11.97
C LEU A 214 -69.64 -6.53 -10.62
N ASP A 215 -70.38 -5.46 -10.34
CA ASP A 215 -71.12 -5.33 -9.09
C ASP A 215 -72.33 -6.26 -9.08
N SER A 216 -72.46 -7.05 -8.02
CA SER A 216 -73.51 -8.06 -7.92
C SER A 216 -74.92 -7.47 -7.97
N ASN A 217 -75.15 -6.43 -7.18
CA ASN A 217 -76.48 -5.81 -7.09
C ASN A 217 -76.93 -5.17 -8.40
N PHE A 218 -76.01 -4.48 -9.07
CA PHE A 218 -76.31 -3.85 -10.35
C PHE A 218 -76.70 -4.87 -11.42
N MET A 219 -75.98 -5.98 -11.46
CA MET A 219 -76.21 -7.02 -12.46
C MET A 219 -77.49 -7.80 -12.18
N ALA A 220 -77.90 -7.85 -10.91
CA ALA A 220 -79.10 -8.58 -10.52
C ALA A 220 -80.31 -8.10 -11.30
N ASN A 221 -80.59 -6.81 -11.22
CA ASN A 221 -81.70 -6.22 -11.98
C ASN A 221 -81.21 -5.68 -13.32
N ASN A 222 -80.73 -6.58 -14.19
CA ASN A 222 -80.21 -6.17 -15.48
C ASN A 222 -80.79 -6.97 -16.63
N LYS A 223 -81.15 -6.25 -17.69
CA LYS A 223 -81.65 -6.84 -18.93
C LYS A 223 -80.75 -7.94 -19.46
N LEU A 224 -79.45 -7.70 -19.42
CA LEU A 224 -78.46 -8.61 -19.97
C LEU A 224 -78.46 -9.96 -19.25
N LEU A 225 -78.83 -9.96 -17.98
CA LEU A 225 -78.86 -11.18 -17.19
C LEU A 225 -80.11 -12.00 -17.48
N ALA A 226 -81.21 -11.30 -17.77
CA ALA A 226 -82.48 -11.97 -18.06
C ALA A 226 -82.44 -12.56 -19.47
N LEU A 227 -82.04 -11.74 -20.43
CA LEU A 227 -81.87 -12.18 -21.82
C LEU A 227 -80.97 -13.40 -21.93
N LEU A 228 -80.02 -13.51 -21.00
CA LEU A 228 -79.11 -14.64 -20.91
C LEU A 228 -79.87 -15.97 -20.81
N PHE A 229 -80.74 -16.07 -19.81
CA PHE A 229 -81.54 -17.27 -19.61
C PHE A 229 -82.60 -17.47 -20.70
N GLU A 230 -83.05 -16.38 -21.31
CA GLU A 230 -84.03 -16.47 -22.39
C GLU A 230 -83.51 -17.27 -23.58
N VAL A 231 -82.31 -16.92 -24.04
CA VAL A 231 -81.71 -17.64 -25.16
C VAL A 231 -81.41 -19.09 -24.77
N LEU A 232 -81.16 -19.33 -23.49
CA LEU A 232 -80.86 -20.67 -23.02
C LEU A 232 -82.12 -21.53 -22.92
N GLN A 233 -83.29 -20.89 -22.90
CA GLN A 233 -84.56 -21.63 -22.89
C GLN A 233 -84.99 -22.04 -24.29
N GLN A 234 -84.91 -21.11 -25.23
CA GLN A 234 -85.34 -21.35 -26.61
C GLN A 234 -84.61 -22.52 -27.26
N ASP A 235 -85.38 -23.47 -27.78
CA ASP A 235 -84.85 -24.63 -28.50
C ASP A 235 -84.23 -24.21 -29.84
N LYS A 236 -84.55 -22.99 -30.28
CA LYS A 236 -84.10 -22.49 -31.57
C LYS A 236 -82.62 -22.11 -31.59
N THR A 237 -82.11 -21.62 -30.47
CA THR A 237 -80.76 -21.05 -30.40
C THR A 237 -79.67 -22.01 -30.86
N SER A 238 -78.69 -21.45 -31.58
CA SER A 238 -77.61 -22.22 -32.18
C SER A 238 -76.62 -22.73 -31.16
N SER A 239 -75.90 -23.79 -31.52
CA SER A 239 -74.89 -24.40 -30.67
C SER A 239 -73.85 -23.38 -30.20
N ASN A 240 -73.45 -22.48 -31.11
CA ASN A 240 -72.46 -21.47 -30.80
C ASN A 240 -72.96 -20.43 -29.81
N LEU A 241 -74.20 -19.99 -29.99
CA LEU A 241 -74.80 -19.02 -29.07
C LEU A 241 -75.12 -19.70 -27.74
N HIS A 242 -75.53 -20.96 -27.81
CA HIS A 242 -75.82 -21.72 -26.61
C HIS A 242 -74.58 -21.85 -25.75
N GLU A 243 -73.45 -22.16 -26.41
CA GLU A 243 -72.17 -22.27 -25.74
C GLU A 243 -71.75 -20.96 -25.08
N ALA A 244 -71.86 -19.86 -25.81
CA ALA A 244 -71.51 -18.55 -25.28
C ALA A 244 -72.34 -18.20 -24.04
N ALA A 245 -73.63 -18.51 -24.09
CA ALA A 245 -74.52 -18.20 -22.98
C ALA A 245 -74.25 -19.09 -21.77
N SER A 246 -74.09 -20.40 -22.02
CA SER A 246 -73.81 -21.36 -20.95
C SER A 246 -72.57 -20.94 -20.17
N ASP A 247 -71.52 -20.58 -20.92
CA ASP A 247 -70.27 -20.16 -20.32
C ASP A 247 -70.43 -18.90 -19.48
N CYS A 248 -71.21 -17.95 -20.00
CA CYS A 248 -71.45 -16.68 -19.29
C CYS A 248 -72.21 -16.87 -17.98
N VAL A 249 -73.20 -17.77 -17.98
CA VAL A 249 -73.96 -18.06 -16.77
C VAL A 249 -73.01 -18.69 -15.76
N CYS A 250 -72.19 -19.61 -16.24
CA CYS A 250 -71.21 -20.28 -15.40
C CYS A 250 -70.21 -19.26 -14.87
N SER A 251 -69.93 -18.24 -15.68
CA SER A 251 -69.04 -17.16 -15.28
C SER A 251 -69.70 -16.30 -14.20
N ALA A 252 -70.99 -16.04 -14.35
CA ALA A 252 -71.75 -15.27 -13.37
C ALA A 252 -71.85 -16.00 -12.05
N LEU A 253 -72.14 -17.29 -12.12
CA LEU A 253 -72.23 -18.15 -10.94
C LEU A 253 -70.89 -18.21 -10.21
N TYR A 254 -69.81 -18.29 -10.98
CA TYR A 254 -68.46 -18.40 -10.45
C TYR A 254 -68.00 -17.11 -9.79
N ALA A 255 -68.41 -15.97 -10.35
CA ALA A 255 -68.00 -14.66 -9.85
C ALA A 255 -68.46 -14.40 -8.42
N ILE A 256 -69.62 -14.95 -8.06
CA ILE A 256 -70.16 -14.82 -6.71
C ILE A 256 -69.22 -15.44 -5.68
N GLU A 257 -68.55 -14.60 -4.90
CA GLU A 257 -67.65 -15.09 -3.85
C GLU A 257 -68.44 -15.48 -2.60
N ASN A 258 -69.16 -14.52 -2.03
CA ASN A 258 -69.99 -14.78 -0.87
C ASN A 258 -71.47 -14.66 -1.24
N VAL A 259 -72.24 -15.70 -0.94
CA VAL A 259 -73.64 -15.77 -1.35
C VAL A 259 -74.52 -14.76 -0.63
N GLU A 260 -74.27 -14.54 0.67
CA GLU A 260 -75.05 -13.58 1.45
C GLU A 260 -74.82 -12.14 0.99
N THR A 261 -73.57 -11.82 0.66
CA THR A 261 -73.22 -10.49 0.17
C THR A 261 -73.87 -10.22 -1.19
N ASN A 262 -74.00 -11.27 -1.99
CA ASN A 262 -74.52 -11.13 -3.35
C ASN A 262 -75.91 -11.76 -3.49
N LEU A 263 -76.70 -11.69 -2.43
CA LEU A 263 -78.04 -12.29 -2.40
C LEU A 263 -78.99 -11.87 -3.53
N PRO A 264 -78.99 -10.58 -3.94
CA PRO A 264 -79.86 -10.25 -5.08
C PRO A 264 -79.47 -11.00 -6.36
N LEU A 265 -78.19 -10.91 -6.73
CA LEU A 265 -77.69 -11.58 -7.92
C LEU A 265 -77.77 -13.10 -7.80
N ALA A 266 -77.51 -13.62 -6.60
CA ALA A 266 -77.50 -15.06 -6.38
C ALA A 266 -78.86 -15.72 -6.66
N MET A 267 -79.93 -15.10 -6.17
CA MET A 267 -81.27 -15.65 -6.36
C MET A 267 -81.73 -15.53 -7.82
N GLN A 268 -81.44 -14.39 -8.43
CA GLN A 268 -81.69 -14.17 -9.86
C GLN A 268 -81.11 -15.31 -10.70
N LEU A 269 -79.87 -15.67 -10.41
CA LEU A 269 -79.20 -16.75 -11.13
C LEU A 269 -79.78 -18.11 -10.74
N PHE A 270 -80.02 -18.30 -9.45
CA PHE A 270 -80.56 -19.56 -8.92
C PHE A 270 -81.91 -19.91 -9.53
N GLN A 271 -82.82 -18.93 -9.57
CA GLN A 271 -84.12 -19.14 -10.17
C GLN A 271 -84.00 -19.30 -11.69
N GLY A 272 -83.08 -18.54 -12.29
CA GLY A 272 -82.85 -18.60 -13.71
C GLY A 272 -82.52 -19.99 -14.26
N VAL A 273 -81.50 -20.61 -13.69
CA VAL A 273 -81.02 -21.91 -14.17
C VAL A 273 -82.07 -23.02 -13.99
N LEU A 274 -82.85 -22.92 -12.92
CA LEU A 274 -83.85 -23.94 -12.63
C LEU A 274 -84.95 -24.02 -13.71
N THR A 275 -85.15 -22.93 -14.44
CA THR A 275 -86.13 -22.89 -15.52
C THR A 275 -85.63 -23.59 -16.78
N LEU A 276 -84.37 -24.02 -16.74
CA LEU A 276 -83.73 -24.61 -17.92
C LEU A 276 -83.98 -26.11 -18.06
N GLU A 277 -84.65 -26.70 -17.08
CA GLU A 277 -84.87 -28.15 -17.09
C GLU A 277 -85.66 -28.61 -18.32
N THR A 278 -86.66 -27.82 -18.70
CA THR A 278 -87.46 -28.14 -19.87
C THR A 278 -86.60 -27.99 -21.13
N ALA A 279 -85.85 -26.91 -21.18
CA ALA A 279 -84.94 -26.67 -22.31
C ALA A 279 -83.90 -27.79 -22.41
N TYR A 280 -83.42 -28.25 -21.26
CA TYR A 280 -82.53 -29.39 -21.20
C TYR A 280 -83.14 -30.60 -21.87
N HIS A 281 -84.38 -30.92 -21.48
CA HIS A 281 -85.08 -32.09 -22.01
C HIS A 281 -85.33 -31.96 -23.51
N MET A 282 -85.64 -30.77 -23.99
CA MET A 282 -85.78 -30.52 -25.42
C MET A 282 -84.49 -30.86 -26.16
N ALA A 283 -83.38 -30.76 -25.45
CA ALA A 283 -82.07 -31.04 -26.04
C ALA A 283 -81.73 -32.52 -25.96
N VAL A 284 -82.12 -33.18 -24.88
CA VAL A 284 -81.87 -34.61 -24.74
C VAL A 284 -82.86 -35.38 -25.62
N ALA A 285 -84.00 -34.76 -25.90
CA ALA A 285 -84.99 -35.33 -26.81
C ALA A 285 -84.35 -35.46 -28.19
N ARG A 286 -83.81 -34.36 -28.68
CA ARG A 286 -82.93 -34.40 -29.85
C ARG A 286 -81.61 -35.03 -29.42
N GLU A 287 -80.60 -34.99 -30.29
CA GLU A 287 -79.31 -35.53 -29.89
C GLU A 287 -78.22 -34.48 -30.02
N ASP A 288 -78.53 -33.28 -29.54
CA ASP A 288 -77.54 -32.21 -29.45
C ASP A 288 -76.71 -32.41 -28.19
N LEU A 289 -75.66 -33.21 -28.31
CA LEU A 289 -74.81 -33.54 -27.17
C LEU A 289 -74.08 -32.32 -26.64
N ASP A 290 -73.88 -31.33 -27.51
CA ASP A 290 -73.24 -30.08 -27.10
C ASP A 290 -74.09 -29.35 -26.06
N LYS A 291 -75.40 -29.32 -26.27
CA LYS A 291 -76.29 -28.62 -25.36
C LYS A 291 -76.49 -29.35 -24.04
N VAL A 292 -76.69 -30.68 -24.08
CA VAL A 292 -76.89 -31.44 -22.86
C VAL A 292 -75.67 -31.30 -21.94
N LEU A 293 -74.49 -31.18 -22.53
CA LEU A 293 -73.27 -30.94 -21.77
C LEU A 293 -73.26 -29.52 -21.20
N ASN A 294 -73.68 -28.57 -22.02
CA ASN A 294 -73.79 -27.17 -21.60
C ASN A 294 -74.67 -26.95 -20.38
N TYR A 295 -75.89 -27.48 -20.39
CA TYR A 295 -76.78 -27.36 -19.25
C TYR A 295 -76.16 -28.01 -18.02
N CYS A 296 -75.54 -29.18 -18.22
CA CYS A 296 -74.91 -29.92 -17.14
C CYS A 296 -73.79 -29.10 -16.49
N ARG A 297 -73.08 -28.32 -17.31
CA ARG A 297 -72.10 -27.38 -16.77
C ARG A 297 -72.79 -26.36 -15.87
N ILE A 298 -73.88 -25.80 -16.36
CA ILE A 298 -74.66 -24.81 -15.61
C ILE A 298 -75.27 -25.42 -14.35
N PHE A 299 -75.81 -26.63 -14.47
CA PHE A 299 -76.38 -27.31 -13.32
C PHE A 299 -75.30 -27.58 -12.27
N THR A 300 -74.13 -27.99 -12.74
CA THR A 300 -73.00 -28.27 -11.86
C THR A 300 -72.45 -27.00 -11.22
N GLU A 301 -72.38 -25.92 -11.99
CA GLU A 301 -71.84 -24.66 -11.50
C GLU A 301 -72.72 -24.08 -10.39
N LEU A 302 -74.02 -24.27 -10.55
CA LEU A 302 -74.99 -23.89 -9.53
C LEU A 302 -74.68 -24.63 -8.23
N CYS A 303 -74.72 -25.96 -8.29
CA CYS A 303 -74.41 -26.81 -7.14
C CYS A 303 -73.10 -26.42 -6.45
N GLU A 304 -72.09 -26.06 -7.24
CA GLU A 304 -70.80 -25.68 -6.70
C GLU A 304 -70.89 -24.34 -5.97
N THR A 305 -71.61 -23.39 -6.56
CA THR A 305 -71.75 -22.06 -5.98
C THR A 305 -72.53 -22.09 -4.66
N PHE A 306 -73.58 -22.90 -4.60
CA PHE A 306 -74.45 -22.94 -3.44
C PHE A 306 -74.29 -24.21 -2.60
N LEU A 307 -73.11 -24.82 -2.66
CA LEU A 307 -72.85 -26.03 -1.87
C LEU A 307 -72.98 -25.70 -0.39
N GLU A 308 -72.51 -24.52 0.00
CA GLU A 308 -72.55 -24.10 1.39
C GLU A 308 -73.98 -24.02 1.90
N LYS A 309 -74.89 -23.52 1.08
CA LYS A 309 -76.30 -23.39 1.47
C LYS A 309 -77.02 -24.74 1.46
N ILE A 310 -76.72 -25.58 0.48
CA ILE A 310 -77.32 -26.90 0.39
C ILE A 310 -76.98 -27.76 1.61
N VAL A 311 -75.76 -27.59 2.11
CA VAL A 311 -75.31 -28.37 3.27
C VAL A 311 -75.80 -27.71 4.56
N CYS A 312 -75.94 -26.38 4.53
CA CYS A 312 -76.38 -25.62 5.70
C CYS A 312 -77.89 -25.70 5.88
N THR A 313 -78.62 -25.34 4.83
CA THR A 313 -80.07 -25.35 4.86
C THR A 313 -80.65 -26.15 3.71
N PRO A 314 -80.63 -27.49 3.84
CA PRO A 314 -81.20 -28.37 2.81
C PRO A 314 -82.68 -28.14 2.57
N GLY A 315 -83.04 -27.85 1.32
CA GLY A 315 -84.44 -27.71 0.96
C GLY A 315 -85.00 -26.30 0.98
N GLN A 316 -84.45 -25.45 1.84
CA GLN A 316 -84.97 -24.10 2.01
C GLN A 316 -84.15 -23.05 1.27
N GLY A 317 -84.82 -22.31 0.39
CA GLY A 317 -84.20 -21.19 -0.29
C GLY A 317 -83.16 -21.62 -1.31
N LEU A 318 -81.95 -21.09 -1.16
CA LEU A 318 -80.85 -21.42 -2.07
C LEU A 318 -80.30 -22.80 -1.78
N GLY A 319 -80.65 -23.35 -0.62
CA GLY A 319 -80.23 -24.70 -0.27
C GLY A 319 -81.24 -25.74 -0.73
N ASP A 320 -82.05 -25.36 -1.71
CA ASP A 320 -83.07 -26.24 -2.25
C ASP A 320 -82.45 -27.47 -2.90
N LEU A 321 -82.90 -28.65 -2.47
CA LEU A 321 -82.36 -29.91 -2.98
C LEU A 321 -82.88 -30.25 -4.38
N ARG A 322 -83.50 -29.26 -5.03
CA ARG A 322 -83.89 -29.36 -6.44
C ARG A 322 -82.63 -29.35 -7.30
N THR A 323 -81.59 -28.71 -6.77
CA THR A 323 -80.28 -28.66 -7.40
C THR A 323 -79.73 -30.04 -7.67
N LEU A 324 -79.53 -30.80 -6.58
CA LEU A 324 -79.00 -32.17 -6.66
C LEU A 324 -79.88 -33.04 -7.56
N GLU A 325 -81.16 -32.70 -7.61
CA GLU A 325 -82.11 -33.48 -8.40
C GLU A 325 -81.79 -33.33 -9.89
N LEU A 326 -81.25 -32.17 -10.25
CA LEU A 326 -80.89 -31.87 -11.64
C LEU A 326 -79.63 -32.60 -12.10
N LEU A 327 -78.63 -32.69 -11.24
CA LEU A 327 -77.41 -33.44 -11.57
C LEU A 327 -77.74 -34.90 -11.77
N LEU A 328 -78.63 -35.40 -10.92
CA LEU A 328 -79.07 -36.78 -10.98
C LEU A 328 -79.87 -37.01 -12.26
N ILE A 329 -80.51 -35.96 -12.76
CA ILE A 329 -81.15 -36.01 -14.07
C ILE A 329 -80.08 -36.23 -15.12
N CYS A 330 -78.99 -35.47 -15.02
CA CYS A 330 -77.87 -35.57 -15.93
C CYS A 330 -77.21 -36.94 -15.83
N ALA A 331 -77.16 -37.48 -14.62
CA ALA A 331 -76.54 -38.79 -14.37
C ALA A 331 -77.30 -39.91 -15.09
N GLY A 332 -78.55 -39.66 -15.43
CA GLY A 332 -79.37 -40.61 -16.15
C GLY A 332 -78.91 -40.80 -17.58
N HIS A 333 -78.70 -39.67 -18.28
CA HIS A 333 -78.22 -39.63 -19.67
C HIS A 333 -77.19 -40.71 -19.96
N PRO A 334 -77.42 -41.54 -20.98
CA PRO A 334 -76.65 -42.75 -21.27
C PRO A 334 -75.20 -42.48 -21.65
N GLN A 335 -74.86 -41.25 -22.03
CA GLN A 335 -73.50 -40.90 -22.43
C GLN A 335 -72.67 -40.47 -21.22
N TYR A 336 -71.60 -41.22 -20.93
CA TYR A 336 -70.83 -41.01 -19.70
C TYR A 336 -70.14 -39.65 -19.63
N GLU A 337 -69.91 -39.04 -20.80
CA GLU A 337 -69.29 -37.71 -20.84
C GLU A 337 -70.12 -36.67 -20.12
N VAL A 338 -71.41 -36.96 -19.92
CA VAL A 338 -72.32 -36.03 -19.26
C VAL A 338 -72.21 -36.05 -17.75
N VAL A 339 -72.22 -37.26 -17.18
CA VAL A 339 -72.23 -37.41 -15.72
C VAL A 339 -70.88 -37.06 -15.10
N GLU A 340 -69.81 -37.28 -15.87
CA GLU A 340 -68.47 -37.06 -15.36
C GLU A 340 -68.19 -35.59 -15.01
N ILE A 341 -68.93 -34.68 -15.61
CA ILE A 341 -68.78 -33.26 -15.31
C ILE A 341 -69.06 -32.93 -13.85
N SER A 342 -70.10 -33.54 -13.30
CA SER A 342 -70.51 -33.25 -11.93
C SER A 342 -69.68 -34.02 -10.90
N PHE A 343 -68.72 -34.82 -11.39
CA PHE A 343 -67.90 -35.65 -10.50
C PHE A 343 -67.13 -34.81 -9.49
N ASN A 344 -66.66 -33.64 -9.93
CA ASN A 344 -65.90 -32.76 -9.06
C ASN A 344 -66.76 -32.25 -7.92
N PHE A 345 -67.96 -31.79 -8.23
CA PHE A 345 -68.89 -31.37 -7.21
C PHE A 345 -69.21 -32.50 -6.24
N TRP A 346 -69.57 -33.66 -6.80
CA TRP A 346 -69.93 -34.81 -5.99
C TRP A 346 -68.85 -35.14 -4.97
N TYR A 347 -67.59 -35.09 -5.39
CA TYR A 347 -66.48 -35.23 -4.46
C TYR A 347 -66.55 -34.14 -3.40
N ARG A 348 -66.56 -32.89 -3.87
CA ARG A 348 -66.52 -31.72 -2.99
C ARG A 348 -67.68 -31.72 -2.00
N LEU A 349 -68.83 -32.24 -2.42
CA LEU A 349 -69.96 -32.39 -1.53
C LEU A 349 -69.61 -33.36 -0.41
N GLY A 350 -69.23 -34.57 -0.79
CA GLY A 350 -68.83 -35.60 0.16
C GLY A 350 -67.67 -35.19 1.03
N GLU A 351 -66.85 -34.27 0.53
CA GLU A 351 -65.72 -33.77 1.30
C GLU A 351 -66.22 -32.88 2.43
N HIS A 352 -67.14 -31.98 2.10
CA HIS A 352 -67.75 -31.11 3.09
C HIS A 352 -68.51 -31.93 4.14
N LEU A 353 -69.27 -32.90 3.66
CA LEU A 353 -70.02 -33.81 4.53
C LEU A 353 -69.13 -34.61 5.45
N TYR A 354 -67.93 -34.94 4.98
CA TYR A 354 -66.99 -35.71 5.76
C TYR A 354 -66.44 -34.89 6.93
N LYS A 355 -66.28 -33.59 6.71
CA LYS A 355 -65.78 -32.68 7.74
C LYS A 355 -66.73 -32.59 8.92
N THR A 356 -67.99 -32.24 8.65
CA THR A 356 -69.02 -32.19 9.68
C THR A 356 -69.41 -33.59 10.13
N ASN A 357 -69.18 -33.88 11.41
CA ASN A 357 -69.45 -35.21 11.94
C ASN A 357 -70.88 -35.35 12.45
N ASP A 358 -71.84 -34.90 11.64
CA ASP A 358 -73.24 -34.97 12.02
C ASP A 358 -73.99 -35.95 11.12
N GLU A 359 -74.34 -37.11 11.66
CA GLU A 359 -75.01 -38.16 10.90
C GLU A 359 -76.45 -37.78 10.55
N VAL A 360 -76.90 -36.63 11.03
CA VAL A 360 -78.19 -36.09 10.64
C VAL A 360 -78.08 -35.48 9.25
N ILE A 361 -76.96 -34.83 8.97
CA ILE A 361 -76.71 -34.25 7.65
C ILE A 361 -76.37 -35.34 6.64
N HIS A 362 -75.69 -36.38 7.12
CA HIS A 362 -75.38 -37.54 6.29
C HIS A 362 -76.65 -38.20 5.79
N GLY A 363 -77.60 -38.43 6.70
CA GLY A 363 -78.86 -39.08 6.37
C GLY A 363 -79.67 -38.32 5.33
N ILE A 364 -79.56 -37.00 5.34
CA ILE A 364 -80.25 -36.16 4.37
C ILE A 364 -79.78 -36.47 2.95
N PHE A 365 -78.48 -36.66 2.76
CA PHE A 365 -77.90 -36.81 1.44
C PHE A 365 -77.64 -38.25 0.99
N LYS A 366 -77.69 -39.19 1.93
CA LYS A 366 -77.48 -40.61 1.64
C LYS A 366 -78.23 -41.11 0.40
N ALA A 367 -79.48 -40.70 0.27
CA ALA A 367 -80.32 -41.13 -0.84
C ALA A 367 -79.75 -40.70 -2.19
N TYR A 368 -79.45 -39.42 -2.32
CA TYR A 368 -78.86 -38.86 -3.54
C TYR A 368 -77.58 -39.59 -3.90
N ILE A 369 -76.74 -39.82 -2.90
CA ILE A 369 -75.46 -40.48 -3.11
C ILE A 369 -75.66 -41.93 -3.54
N GLN A 370 -76.70 -42.58 -3.03
CA GLN A 370 -77.00 -43.97 -3.43
C GLN A 370 -77.68 -43.97 -4.79
N ARG A 371 -78.36 -42.88 -5.11
CA ARG A 371 -79.00 -42.76 -6.42
C ARG A 371 -77.94 -42.54 -7.50
N LEU A 372 -76.98 -41.67 -7.20
CA LEU A 372 -75.85 -41.43 -8.08
C LEU A 372 -75.00 -42.68 -8.30
N LEU A 373 -74.76 -43.41 -7.21
CA LEU A 373 -73.89 -44.58 -7.25
C LEU A 373 -74.43 -45.68 -8.15
N HIS A 374 -75.74 -45.88 -8.13
CA HIS A 374 -76.37 -46.87 -8.99
C HIS A 374 -76.31 -46.43 -10.46
N ALA A 375 -76.36 -45.11 -10.67
CA ALA A 375 -76.21 -44.55 -12.02
C ALA A 375 -74.81 -44.79 -12.55
N LEU A 376 -73.82 -44.73 -11.66
CA LEU A 376 -72.44 -44.95 -12.06
C LEU A 376 -72.19 -46.41 -12.43
N ALA A 377 -72.76 -47.31 -11.65
CA ALA A 377 -72.63 -48.75 -11.90
C ALA A 377 -73.14 -49.11 -13.28
N ARG A 378 -74.20 -48.44 -13.73
CA ARG A 378 -74.71 -48.60 -15.08
C ARG A 378 -73.69 -48.10 -16.11
N HIS A 379 -73.20 -46.88 -15.89
CA HIS A 379 -72.24 -46.26 -16.77
C HIS A 379 -70.97 -47.08 -16.96
N CYS A 380 -70.60 -47.84 -15.94
CA CYS A 380 -69.38 -48.64 -15.97
C CYS A 380 -69.52 -49.91 -16.81
N GLN A 381 -70.74 -50.22 -17.22
CA GLN A 381 -71.00 -51.43 -18.00
C GLN A 381 -70.36 -51.32 -19.39
N LEU A 382 -69.72 -52.41 -19.80
CA LEU A 382 -69.07 -52.50 -21.10
C LEU A 382 -70.05 -52.90 -22.20
N GLU A 383 -69.74 -52.53 -23.43
CA GLU A 383 -70.50 -52.98 -24.59
C GLU A 383 -70.43 -54.50 -24.69
N PRO A 384 -71.53 -55.15 -25.10
CA PRO A 384 -71.60 -56.61 -25.16
C PRO A 384 -70.59 -57.22 -26.13
N ASP A 385 -70.23 -56.49 -27.17
CA ASP A 385 -69.31 -56.97 -28.19
C ASP A 385 -67.84 -56.79 -27.81
N HIS A 386 -67.60 -56.18 -26.65
CA HIS A 386 -66.25 -56.02 -26.12
C HIS A 386 -65.59 -57.39 -25.94
N GLU A 387 -64.40 -57.57 -26.49
CA GLU A 387 -63.81 -58.90 -26.56
C GLU A 387 -62.81 -59.20 -25.43
N GLY A 388 -61.97 -58.24 -25.07
CA GLY A 388 -60.89 -58.52 -24.14
C GLY A 388 -61.08 -58.00 -22.72
N VAL A 389 -59.98 -57.96 -21.98
CA VAL A 389 -59.96 -57.37 -20.63
C VAL A 389 -60.23 -55.88 -20.73
N PRO A 390 -60.77 -55.28 -19.65
CA PRO A 390 -61.01 -53.84 -19.70
C PRO A 390 -59.71 -53.05 -19.57
N GLU A 391 -59.50 -52.11 -20.49
CA GLU A 391 -58.26 -51.35 -20.51
C GLU A 391 -58.41 -50.07 -19.67
N GLU A 392 -57.31 -49.63 -19.06
CA GLU A 392 -57.33 -48.44 -18.22
C GLU A 392 -56.85 -47.22 -18.99
N THR A 393 -56.31 -47.44 -20.18
CA THR A 393 -55.65 -46.38 -20.93
C THR A 393 -56.60 -45.58 -21.82
N ASP A 394 -57.74 -46.14 -22.19
CA ASP A 394 -58.66 -45.47 -23.11
C ASP A 394 -59.66 -44.58 -22.36
N ASP A 395 -60.34 -43.71 -23.11
CA ASP A 395 -61.26 -42.74 -22.54
C ASP A 395 -62.29 -43.35 -21.59
N PHE A 396 -62.97 -44.39 -22.03
CA PHE A 396 -63.96 -45.06 -21.21
C PHE A 396 -63.29 -45.81 -20.07
N GLY A 397 -62.05 -46.24 -20.29
CA GLY A 397 -61.30 -46.93 -19.27
C GLY A 397 -60.83 -45.98 -18.18
N GLU A 398 -60.41 -44.79 -18.58
CA GLU A 398 -60.05 -43.73 -17.65
C GLU A 398 -61.27 -43.30 -16.83
N PHE A 399 -62.42 -43.26 -17.50
CA PHE A 399 -63.69 -42.95 -16.86
C PHE A 399 -64.02 -43.96 -15.76
N ARG A 400 -63.99 -45.25 -16.13
CA ARG A 400 -64.25 -46.33 -15.18
C ARG A 400 -63.38 -46.20 -13.94
N MET A 401 -62.11 -45.87 -14.16
CA MET A 401 -61.17 -45.65 -13.06
C MET A 401 -61.57 -44.41 -12.26
N ARG A 402 -61.96 -43.36 -12.96
CA ARG A 402 -62.37 -42.11 -12.33
C ARG A 402 -63.61 -42.32 -11.46
N VAL A 403 -64.57 -43.08 -11.98
CA VAL A 403 -65.74 -43.48 -11.21
C VAL A 403 -65.33 -44.25 -9.96
N SER A 404 -64.41 -45.20 -10.14
CA SER A 404 -63.93 -46.04 -9.05
C SER A 404 -63.37 -45.19 -7.90
N ASP A 405 -62.69 -44.10 -8.25
CA ASP A 405 -62.13 -43.20 -7.25
C ASP A 405 -63.25 -42.45 -6.52
N LEU A 406 -64.23 -41.99 -7.28
CA LEU A 406 -65.37 -41.26 -6.71
C LEU A 406 -66.13 -42.13 -5.72
N VAL A 407 -66.38 -43.38 -6.08
CA VAL A 407 -67.04 -44.34 -5.19
C VAL A 407 -66.24 -44.52 -3.92
N LYS A 408 -64.91 -44.60 -4.06
CA LYS A 408 -64.02 -44.74 -2.92
C LYS A 408 -64.13 -43.55 -1.96
N ASP A 409 -64.38 -42.37 -2.51
CA ASP A 409 -64.47 -41.14 -1.72
C ASP A 409 -65.85 -40.92 -1.09
N LEU A 410 -66.90 -41.45 -1.74
CA LEU A 410 -68.27 -41.19 -1.32
C LEU A 410 -68.90 -42.35 -0.54
N ILE A 411 -68.19 -43.48 -0.44
CA ILE A 411 -68.76 -44.70 0.13
C ILE A 411 -69.18 -44.57 1.60
N PHE A 412 -68.61 -43.61 2.32
CA PHE A 412 -68.91 -43.47 3.74
C PHE A 412 -70.35 -42.99 3.97
N LEU A 413 -70.90 -42.25 3.01
CA LEU A 413 -72.27 -41.74 3.11
C LEU A 413 -73.33 -42.79 2.83
N ILE A 414 -72.90 -44.01 2.51
CA ILE A 414 -73.82 -45.09 2.15
C ILE A 414 -73.55 -46.31 3.02
N GLY A 415 -72.30 -46.47 3.44
CA GLY A 415 -71.89 -47.64 4.18
C GLY A 415 -71.38 -48.71 3.24
N SER A 416 -70.13 -49.11 3.45
CA SER A 416 -69.47 -50.08 2.57
C SER A 416 -70.23 -51.41 2.54
N MET A 417 -70.43 -52.01 3.70
CA MET A 417 -71.14 -53.28 3.82
C MET A 417 -72.53 -53.23 3.18
N GLU A 418 -73.29 -52.19 3.51
CA GLU A 418 -74.64 -52.01 2.97
C GLU A 418 -74.60 -52.00 1.44
N CYS A 419 -73.63 -51.30 0.88
CA CYS A 419 -73.50 -51.19 -0.57
C CYS A 419 -72.89 -52.45 -1.18
N PHE A 420 -72.04 -53.12 -0.42
CA PHE A 420 -71.44 -54.37 -0.85
C PHE A 420 -72.49 -55.46 -1.02
N ALA A 421 -73.32 -55.63 0.00
CA ALA A 421 -74.40 -56.60 -0.03
C ALA A 421 -75.41 -56.28 -1.12
N GLN A 422 -75.68 -54.99 -1.31
CA GLN A 422 -76.63 -54.52 -2.32
C GLN A 422 -76.25 -54.95 -3.73
N LEU A 423 -75.03 -54.61 -4.14
CA LEU A 423 -74.56 -54.91 -5.50
C LEU A 423 -74.55 -56.41 -5.78
N TYR A 424 -74.16 -57.19 -4.77
CA TYR A 424 -74.08 -58.64 -4.92
C TYR A 424 -75.45 -59.28 -5.13
N SER A 425 -76.44 -58.78 -4.39
CA SER A 425 -77.80 -59.30 -4.50
C SER A 425 -78.45 -58.93 -5.83
N THR A 426 -77.87 -57.96 -6.53
CA THR A 426 -78.37 -57.56 -7.84
C THR A 426 -77.96 -58.60 -8.89
N LEU A 427 -77.02 -59.47 -8.53
CA LEU A 427 -76.57 -60.51 -9.45
C LEU A 427 -77.48 -61.74 -9.40
N LYS A 428 -78.09 -62.00 -8.25
CA LYS A 428 -78.95 -63.16 -8.07
C LYS A 428 -80.24 -63.06 -8.90
N GLU A 429 -80.61 -61.85 -9.29
CA GLU A 429 -81.83 -61.64 -10.06
C GLU A 429 -81.54 -61.61 -11.55
N PRO A 432 -78.70 -62.09 -15.88
CA PRO A 432 -77.82 -60.94 -16.11
C PRO A 432 -76.64 -61.28 -17.00
N PRO A 433 -76.42 -60.48 -18.06
CA PRO A 433 -75.29 -60.65 -18.99
C PRO A 433 -73.95 -60.44 -18.32
N TRP A 434 -72.86 -60.73 -19.02
CA TRP A 434 -71.53 -60.58 -18.47
C TRP A 434 -71.21 -59.11 -18.18
N GLU A 435 -71.70 -58.23 -19.05
CA GLU A 435 -71.45 -56.79 -18.93
C GLU A 435 -71.95 -56.22 -17.60
N VAL A 436 -73.14 -56.65 -17.20
CA VAL A 436 -73.75 -56.19 -15.96
C VAL A 436 -73.04 -56.82 -14.76
N THR A 437 -72.59 -58.06 -14.94
CA THR A 437 -71.89 -58.76 -13.88
C THR A 437 -70.51 -58.15 -13.64
N GLU A 438 -69.82 -57.82 -14.72
CA GLU A 438 -68.48 -57.23 -14.64
C GLU A 438 -68.51 -55.87 -13.94
N ALA A 439 -69.48 -55.05 -14.30
CA ALA A 439 -69.59 -53.70 -13.75
C ALA A 439 -69.89 -53.72 -12.26
N VAL A 440 -70.72 -54.67 -11.84
CA VAL A 440 -71.05 -54.83 -10.42
C VAL A 440 -69.81 -55.26 -9.63
N LEU A 441 -69.12 -56.28 -10.14
CA LEU A 441 -67.86 -56.75 -9.53
C LEU A 441 -66.85 -55.62 -9.46
N PHE A 442 -66.92 -54.72 -10.44
CA PHE A 442 -65.99 -53.60 -10.53
C PHE A 442 -66.16 -52.66 -9.35
N ILE A 443 -67.38 -52.15 -9.17
CA ILE A 443 -67.68 -51.26 -8.06
C ILE A 443 -67.46 -51.97 -6.72
N MET A 444 -67.74 -53.27 -6.69
CA MET A 444 -67.54 -54.07 -5.49
C MET A 444 -66.05 -54.12 -5.13
N ALA A 445 -65.22 -54.37 -6.14
CA ALA A 445 -63.78 -54.41 -5.98
C ALA A 445 -63.22 -53.09 -5.46
N ALA A 446 -63.85 -51.99 -5.84
CA ALA A 446 -63.43 -50.66 -5.42
C ALA A 446 -63.69 -50.39 -3.94
N ILE A 447 -64.65 -51.10 -3.36
CA ILE A 447 -64.99 -50.89 -1.96
C ILE A 447 -64.76 -52.13 -1.09
N ALA A 448 -64.30 -53.20 -1.71
CA ALA A 448 -64.13 -54.49 -1.02
C ALA A 448 -63.29 -54.36 0.26
N LYS A 449 -62.18 -53.63 0.15
CA LYS A 449 -61.31 -53.39 1.30
C LYS A 449 -62.01 -52.53 2.35
N SER A 450 -62.80 -51.56 1.90
CA SER A 450 -63.42 -50.57 2.79
C SER A 450 -64.40 -51.25 3.74
N VAL A 451 -64.81 -52.46 3.39
CA VAL A 451 -65.82 -53.17 4.17
C VAL A 451 -65.08 -53.77 5.35
N ASP A 452 -64.81 -52.92 6.35
CA ASP A 452 -63.90 -53.27 7.44
C ASP A 452 -64.35 -54.42 8.32
N PRO A 453 -65.63 -54.43 8.75
CA PRO A 453 -65.94 -55.50 9.70
C PRO A 453 -65.87 -56.86 9.01
N GLU A 454 -65.07 -57.77 9.57
CA GLU A 454 -64.99 -59.14 9.06
C GLU A 454 -66.05 -60.03 9.70
N ASN A 455 -66.79 -59.48 10.66
CA ASN A 455 -67.75 -60.25 11.43
C ASN A 455 -68.83 -60.79 10.52
N ASN A 456 -69.27 -59.95 9.58
CA ASN A 456 -70.36 -60.27 8.68
C ASN A 456 -70.02 -61.44 7.77
N PRO A 457 -71.00 -62.28 7.44
CA PRO A 457 -70.70 -63.49 6.71
C PRO A 457 -70.90 -63.32 5.19
N THR A 458 -71.30 -62.11 4.80
CA THR A 458 -71.59 -61.80 3.39
C THR A 458 -70.34 -61.99 2.55
N LEU A 459 -69.21 -61.56 3.08
CA LEU A 459 -67.96 -61.51 2.32
C LEU A 459 -67.60 -62.93 1.89
N VAL A 460 -67.78 -63.87 2.79
CA VAL A 460 -67.51 -65.29 2.53
C VAL A 460 -68.38 -65.76 1.36
N GLU A 461 -69.62 -65.28 1.35
CA GLU A 461 -70.58 -65.64 0.31
C GLU A 461 -70.08 -65.14 -1.04
N VAL A 462 -69.54 -63.93 -1.07
CA VAL A 462 -69.04 -63.35 -2.30
C VAL A 462 -67.74 -64.04 -2.72
N LEU A 463 -66.91 -64.36 -1.74
CA LEU A 463 -65.64 -65.04 -2.00
C LEU A 463 -65.88 -66.36 -2.70
N GLU A 464 -66.67 -67.22 -2.06
CA GLU A 464 -67.03 -68.49 -2.66
C GLU A 464 -67.79 -68.27 -3.97
N GLY A 465 -68.54 -67.17 -4.03
CA GLY A 465 -69.28 -66.86 -5.24
C GLY A 465 -68.38 -66.54 -6.41
N VAL A 466 -67.27 -65.85 -6.14
CA VAL A 466 -66.33 -65.48 -7.20
C VAL A 466 -65.44 -66.65 -7.61
N VAL A 467 -65.04 -67.48 -6.66
CA VAL A 467 -64.12 -68.58 -6.97
C VAL A 467 -64.83 -69.72 -7.70
N ARG A 468 -66.15 -69.79 -7.57
CA ARG A 468 -66.92 -70.85 -8.23
C ARG A 468 -67.30 -70.43 -9.64
N LEU A 469 -66.93 -69.21 -10.02
CA LEU A 469 -67.11 -68.75 -11.40
C LEU A 469 -66.30 -69.65 -12.34
N PRO A 470 -66.93 -70.11 -13.42
CA PRO A 470 -66.23 -70.97 -14.38
C PRO A 470 -65.26 -70.18 -15.26
N GLU A 471 -64.36 -70.88 -15.94
CA GLU A 471 -63.43 -70.23 -16.85
C GLU A 471 -64.14 -69.74 -18.10
N THR A 472 -65.32 -70.30 -18.35
CA THR A 472 -66.09 -70.00 -19.55
C THR A 472 -66.53 -68.53 -19.62
N VAL A 473 -66.68 -67.89 -18.45
CA VAL A 473 -67.15 -66.52 -18.37
C VAL A 473 -66.24 -65.56 -19.14
N HIS A 474 -66.78 -64.40 -19.51
CA HIS A 474 -66.07 -63.42 -20.32
C HIS A 474 -64.75 -63.05 -19.66
N THR A 475 -63.70 -62.93 -20.48
CA THR A 475 -62.35 -62.69 -19.96
C THR A 475 -62.28 -61.39 -19.15
N ALA A 476 -63.21 -60.47 -19.42
CA ALA A 476 -63.29 -59.23 -18.65
C ALA A 476 -63.81 -59.49 -17.25
N VAL A 477 -64.80 -60.37 -17.14
CA VAL A 477 -65.35 -60.74 -15.85
C VAL A 477 -64.29 -61.46 -15.01
N ARG A 478 -63.50 -62.29 -15.68
CA ARG A 478 -62.40 -63.00 -15.03
C ARG A 478 -61.41 -62.01 -14.43
N TYR A 479 -61.07 -61.00 -15.22
CA TYR A 479 -60.12 -59.96 -14.83
C TYR A 479 -60.54 -59.28 -13.53
N THR A 480 -61.68 -58.60 -13.55
CA THR A 480 -62.13 -57.80 -12.41
C THR A 480 -62.54 -58.66 -11.22
N SER A 481 -62.77 -59.95 -11.45
CA SER A 481 -63.05 -60.85 -10.34
C SER A 481 -61.76 -61.11 -9.58
N ILE A 482 -60.67 -61.29 -10.32
CA ILE A 482 -59.34 -61.46 -9.73
C ILE A 482 -58.95 -60.26 -8.86
N GLU A 483 -59.22 -59.06 -9.37
CA GLU A 483 -58.94 -57.83 -8.63
C GLU A 483 -59.72 -57.81 -7.32
N LEU A 484 -61.01 -58.10 -7.40
CA LEU A 484 -61.87 -58.18 -6.23
C LEU A 484 -61.27 -59.11 -5.17
N VAL A 485 -60.90 -60.31 -5.59
CA VAL A 485 -60.30 -61.30 -4.69
C VAL A 485 -59.03 -60.74 -4.05
N GLY A 486 -58.27 -59.96 -4.82
CA GLY A 486 -57.06 -59.34 -4.31
C GLY A 486 -57.34 -58.32 -3.23
N GLU A 487 -58.51 -57.71 -3.28
CA GLU A 487 -58.91 -56.72 -2.27
C GLU A 487 -59.64 -57.40 -1.12
N MET A 488 -59.76 -58.72 -1.19
CA MET A 488 -60.41 -59.48 -0.11
C MET A 488 -59.43 -60.41 0.58
N SER A 489 -58.14 -60.06 0.52
CA SER A 489 -57.10 -60.83 1.19
C SER A 489 -57.38 -60.98 2.69
N GLU A 490 -57.94 -59.93 3.28
CA GLU A 490 -58.24 -59.94 4.72
C GLU A 490 -59.30 -60.97 5.08
N VAL A 491 -60.33 -61.10 4.25
CA VAL A 491 -61.40 -62.05 4.54
C VAL A 491 -60.93 -63.49 4.37
N VAL A 492 -59.81 -63.67 3.68
CA VAL A 492 -59.20 -64.98 3.54
C VAL A 492 -58.41 -65.31 4.81
N ASP A 493 -57.78 -64.30 5.40
CA ASP A 493 -57.05 -64.46 6.65
C ASP A 493 -58.00 -64.83 7.79
N ARG A 494 -59.13 -64.12 7.86
CA ARG A 494 -60.14 -64.37 8.88
C ARG A 494 -60.86 -65.69 8.66
N ASN A 495 -60.74 -66.23 7.45
CA ASN A 495 -61.37 -67.51 7.10
C ASN A 495 -60.39 -68.41 6.33
N PRO A 496 -59.35 -68.89 7.01
CA PRO A 496 -58.21 -69.57 6.39
C PRO A 496 -58.54 -70.81 5.57
N GLN A 497 -59.77 -71.31 5.66
CA GLN A 497 -60.16 -72.49 4.89
C GLN A 497 -60.24 -72.18 3.39
N PHE A 498 -60.48 -70.91 3.05
CA PHE A 498 -60.63 -70.49 1.66
C PHE A 498 -59.29 -70.22 0.98
N LEU A 499 -58.20 -70.56 1.64
CA LEU A 499 -56.86 -70.25 1.11
C LEU A 499 -56.58 -70.97 -0.20
N ASP A 500 -56.62 -72.31 -0.16
CA ASP A 500 -56.38 -73.12 -1.34
C ASP A 500 -57.37 -72.86 -2.49
N PRO A 501 -58.69 -72.75 -2.20
CA PRO A 501 -59.59 -72.42 -3.30
C PRO A 501 -59.27 -71.07 -3.96
N VAL A 502 -58.99 -70.05 -3.15
CA VAL A 502 -58.66 -68.73 -3.67
C VAL A 502 -57.33 -68.75 -4.44
N LEU A 503 -56.31 -69.32 -3.80
CA LEU A 503 -55.01 -69.47 -4.44
C LEU A 503 -55.12 -70.28 -5.72
N GLY A 504 -55.91 -71.35 -5.67
CA GLY A 504 -56.17 -72.14 -6.86
C GLY A 504 -56.77 -71.31 -7.98
N TYR A 505 -57.82 -70.57 -7.63
CA TYR A 505 -58.49 -69.68 -8.59
C TYR A 505 -57.51 -68.64 -9.15
N LEU A 506 -56.63 -68.14 -8.30
CA LEU A 506 -55.67 -67.11 -8.70
C LEU A 506 -54.56 -67.67 -9.59
N MET A 507 -54.10 -68.88 -9.29
CA MET A 507 -53.09 -69.54 -10.11
C MET A 507 -53.59 -69.75 -11.54
N LYS A 508 -54.86 -70.09 -11.67
CA LYS A 508 -55.48 -70.24 -12.99
C LYS A 508 -55.40 -68.94 -13.79
N GLY A 509 -55.71 -67.83 -13.13
CA GLY A 509 -55.65 -66.53 -13.77
C GLY A 509 -54.23 -66.15 -14.15
N LEU A 510 -53.27 -66.67 -13.40
CA LEU A 510 -51.86 -66.41 -13.66
C LEU A 510 -51.41 -67.11 -14.94
N ALA A 511 -52.03 -68.25 -15.23
CA ALA A 511 -51.72 -69.01 -16.43
C ALA A 511 -52.12 -68.25 -17.70
N GLU A 512 -53.26 -67.57 -17.66
CA GLU A 512 -53.72 -66.78 -18.80
C GLU A 512 -52.91 -65.48 -18.93
N LYS A 513 -52.29 -65.30 -20.09
CA LYS A 513 -51.43 -64.15 -20.35
C LYS A 513 -52.08 -62.77 -20.09
N PRO A 514 -53.32 -62.54 -20.58
CA PRO A 514 -53.85 -61.18 -20.35
C PRO A 514 -54.39 -60.99 -18.93
N LEU A 515 -54.31 -62.04 -18.11
CA LEU A 515 -54.76 -61.99 -16.72
C LEU A 515 -53.58 -62.08 -15.78
N ALA A 516 -52.38 -62.18 -16.36
CA ALA A 516 -51.17 -62.48 -15.61
C ALA A 516 -50.87 -61.47 -14.50
N SER A 517 -50.80 -60.19 -14.87
CA SER A 517 -50.47 -59.15 -13.90
C SER A 517 -51.44 -59.11 -12.73
N ALA A 518 -52.73 -58.93 -13.03
CA ALA A 518 -53.79 -58.86 -12.01
C ALA A 518 -53.76 -60.04 -11.04
N ALA A 519 -53.47 -61.23 -11.56
CA ALA A 519 -53.38 -62.42 -10.72
C ALA A 519 -52.15 -62.34 -9.83
N ALA A 520 -51.04 -61.86 -10.39
CA ALA A 520 -49.79 -61.75 -9.64
C ALA A 520 -49.91 -60.78 -8.47
N LYS A 521 -50.60 -59.67 -8.71
CA LYS A 521 -50.89 -58.70 -7.66
C LYS A 521 -51.68 -59.36 -6.54
N ALA A 522 -52.76 -60.03 -6.90
CA ALA A 522 -53.64 -60.70 -5.94
C ALA A 522 -52.90 -61.74 -5.11
N ILE A 523 -52.02 -62.51 -5.76
CA ILE A 523 -51.27 -63.53 -5.04
C ILE A 523 -50.35 -62.86 -4.03
N HIS A 524 -49.75 -61.74 -4.41
CA HIS A 524 -48.89 -60.97 -3.52
C HIS A 524 -49.63 -60.48 -2.27
N ASN A 525 -50.84 -59.97 -2.47
CA ASN A 525 -51.64 -59.48 -1.36
C ASN A 525 -52.04 -60.59 -0.40
N ILE A 526 -52.34 -61.77 -0.95
CA ILE A 526 -52.66 -62.93 -0.12
C ILE A 526 -51.42 -63.36 0.66
N CYS A 527 -50.27 -63.34 -0.02
CA CYS A 527 -49.00 -63.66 0.62
C CYS A 527 -48.67 -62.74 1.79
N SER A 528 -48.72 -61.44 1.56
CA SER A 528 -48.41 -60.46 2.60
C SER A 528 -49.31 -60.59 3.82
N VAL A 529 -50.61 -60.74 3.58
CA VAL A 529 -51.58 -60.82 4.68
C VAL A 529 -51.67 -62.21 5.31
N CYS A 530 -51.82 -63.24 4.48
CA CYS A 530 -52.03 -64.59 4.99
C CYS A 530 -50.73 -65.42 5.06
N ARG A 531 -49.63 -64.76 5.37
CA ARG A 531 -48.31 -65.40 5.33
C ARG A 531 -48.17 -66.58 6.29
N ASP A 532 -48.86 -66.54 7.42
CA ASP A 532 -48.78 -67.63 8.39
C ASP A 532 -49.42 -68.91 7.87
N HIS A 533 -50.59 -68.78 7.27
CA HIS A 533 -51.32 -69.91 6.72
C HIS A 533 -50.68 -70.43 5.44
N MET A 534 -49.85 -69.60 4.82
CA MET A 534 -49.26 -69.89 3.52
C MET A 534 -48.22 -71.01 3.56
N ALA A 535 -47.98 -71.54 4.76
CA ALA A 535 -46.96 -72.58 4.98
C ALA A 535 -47.01 -73.68 3.92
N GLN A 536 -48.17 -74.29 3.76
CA GLN A 536 -48.38 -75.35 2.77
C GLN A 536 -48.04 -74.91 1.34
N HIS A 537 -48.48 -73.71 0.96
CA HIS A 537 -48.42 -73.27 -0.42
C HIS A 537 -47.10 -72.63 -0.86
N PHE A 538 -46.03 -72.83 -0.09
CA PHE A 538 -44.74 -72.27 -0.47
C PHE A 538 -44.18 -72.89 -1.74
N ASN A 539 -44.27 -74.22 -1.86
CA ASN A 539 -43.72 -74.94 -3.00
C ASN A 539 -44.36 -74.51 -4.31
N GLY A 540 -45.65 -74.22 -4.27
CA GLY A 540 -46.35 -73.69 -5.42
C GLY A 540 -45.77 -72.35 -5.81
N LEU A 541 -45.54 -71.51 -4.82
CA LEU A 541 -44.91 -70.21 -5.03
C LEU A 541 -43.49 -70.33 -5.58
N LEU A 542 -42.74 -71.29 -5.05
CA LEU A 542 -41.34 -71.46 -5.43
C LEU A 542 -41.17 -71.80 -6.92
N GLU A 543 -41.97 -72.73 -7.41
CA GLU A 543 -41.84 -73.18 -8.78
C GLU A 543 -42.23 -72.12 -9.80
N ILE A 544 -43.22 -71.29 -9.48
CA ILE A 544 -43.58 -70.21 -10.40
C ILE A 544 -42.57 -69.07 -10.33
N ALA A 545 -41.85 -68.96 -9.21
CA ALA A 545 -40.61 -68.22 -9.17
C ALA A 545 -39.56 -68.82 -10.11
N ARG A 546 -39.51 -70.15 -10.13
CA ARG A 546 -38.54 -70.87 -10.96
C ARG A 546 -38.71 -70.57 -12.45
N SER A 547 -39.92 -70.15 -12.83
CA SER A 547 -40.21 -69.83 -14.23
C SER A 547 -41.03 -68.55 -14.33
N LEU A 548 -40.59 -67.52 -13.62
CA LEU A 548 -41.31 -66.25 -13.53
C LEU A 548 -41.48 -65.56 -14.90
N ASP A 549 -40.45 -65.66 -15.74
CA ASP A 549 -40.45 -64.91 -17.00
C ASP A 549 -41.33 -65.57 -18.05
N SER A 550 -41.97 -66.69 -17.71
CA SER A 550 -42.79 -67.42 -18.66
C SER A 550 -44.19 -66.83 -18.73
N PHE A 551 -44.67 -66.35 -17.60
CA PHE A 551 -45.87 -65.53 -17.56
C PHE A 551 -45.51 -64.15 -18.08
N LEU A 552 -46.41 -63.52 -18.84
CA LEU A 552 -46.13 -62.19 -19.34
C LEU A 552 -46.53 -61.16 -18.29
N LEU A 553 -45.61 -60.90 -17.37
CA LEU A 553 -45.86 -60.03 -16.23
C LEU A 553 -45.19 -58.67 -16.39
N SER A 554 -45.84 -57.64 -15.87
CA SER A 554 -45.18 -56.35 -15.71
C SER A 554 -44.10 -56.54 -14.66
N PRO A 555 -43.04 -55.71 -14.69
CA PRO A 555 -41.96 -55.87 -13.71
C PRO A 555 -42.49 -55.73 -12.28
N GLU A 556 -43.41 -54.79 -12.09
CA GLU A 556 -44.13 -54.62 -10.83
C GLU A 556 -44.75 -55.94 -10.37
N ALA A 557 -45.52 -56.57 -11.25
CA ALA A 557 -46.20 -57.82 -10.94
C ALA A 557 -45.18 -58.92 -10.60
N ALA A 558 -44.07 -58.94 -11.34
CA ALA A 558 -43.01 -59.91 -11.09
C ALA A 558 -42.39 -59.70 -9.71
N VAL A 559 -41.87 -58.50 -9.48
CA VAL A 559 -41.26 -58.14 -8.20
C VAL A 559 -42.17 -58.46 -7.02
N GLY A 560 -43.44 -58.07 -7.13
CA GLY A 560 -44.43 -58.36 -6.13
C GLY A 560 -44.54 -59.84 -5.80
N LEU A 561 -44.50 -60.68 -6.84
CA LEU A 561 -44.63 -62.12 -6.67
C LEU A 561 -43.45 -62.68 -5.89
N LEU A 562 -42.25 -62.24 -6.25
CA LEU A 562 -41.05 -62.68 -5.53
C LEU A 562 -41.10 -62.19 -4.09
N LYS A 563 -41.53 -60.95 -3.90
CA LYS A 563 -41.66 -60.39 -2.55
C LYS A 563 -42.62 -61.23 -1.72
N GLY A 564 -43.76 -61.57 -2.31
CA GLY A 564 -44.74 -62.38 -1.63
C GLY A 564 -44.19 -63.74 -1.22
N THR A 565 -43.42 -64.35 -2.11
CA THR A 565 -42.80 -65.63 -1.81
C THR A 565 -41.79 -65.51 -0.68
N ALA A 566 -41.00 -64.44 -0.72
CA ALA A 566 -39.97 -64.21 0.29
C ALA A 566 -40.58 -64.01 1.69
N LEU A 567 -41.72 -63.33 1.74
CA LEU A 567 -42.37 -63.04 3.01
C LEU A 567 -42.90 -64.31 3.69
N VAL A 568 -43.55 -65.18 2.91
CA VAL A 568 -44.11 -66.40 3.46
C VAL A 568 -43.00 -67.39 3.78
N LEU A 569 -41.88 -67.24 3.08
CA LEU A 569 -40.69 -68.06 3.32
C LEU A 569 -40.15 -67.79 4.72
N ALA A 570 -40.16 -66.53 5.12
CA ALA A 570 -39.57 -66.10 6.38
C ALA A 570 -40.36 -66.62 7.59
N ARG A 571 -41.60 -67.02 7.38
CA ARG A 571 -42.44 -67.50 8.48
C ARG A 571 -42.44 -69.03 8.57
N LEU A 572 -41.62 -69.67 7.74
CA LEU A 572 -41.43 -71.12 7.83
C LEU A 572 -40.65 -71.48 9.09
N PRO A 573 -40.67 -72.75 9.49
CA PRO A 573 -39.80 -73.20 10.58
C PRO A 573 -38.33 -72.90 10.28
N LEU A 574 -37.59 -72.44 11.29
CA LEU A 574 -36.22 -71.95 11.12
C LEU A 574 -35.30 -72.93 10.39
N ASP A 575 -35.48 -74.22 10.65
CA ASP A 575 -34.64 -75.26 10.07
C ASP A 575 -34.88 -75.43 8.57
N LYS A 576 -36.13 -75.27 8.15
CA LYS A 576 -36.50 -75.48 6.75
C LYS A 576 -36.14 -74.30 5.86
N ILE A 577 -36.05 -73.11 6.47
CA ILE A 577 -35.80 -71.87 5.73
C ILE A 577 -34.49 -71.90 4.95
N THR A 578 -33.43 -72.36 5.59
CA THR A 578 -32.08 -72.31 5.02
C THR A 578 -31.97 -72.98 3.65
N GLU A 579 -32.69 -74.07 3.44
CA GLU A 579 -32.62 -74.77 2.16
C GLU A 579 -33.56 -74.15 1.13
N CYS A 580 -34.71 -73.65 1.60
CA CYS A 580 -35.70 -73.05 0.73
C CYS A 580 -35.19 -71.75 0.10
N LEU A 581 -34.57 -70.91 0.92
CA LEU A 581 -34.00 -69.64 0.45
C LEU A 581 -32.96 -69.86 -0.64
N SER A 582 -32.14 -70.88 -0.45
CA SER A 582 -31.04 -71.19 -1.38
C SER A 582 -31.52 -71.45 -2.79
N GLU A 583 -32.60 -72.23 -2.93
CA GLU A 583 -33.13 -72.54 -4.26
C GLU A 583 -34.04 -71.44 -4.77
N LEU A 584 -34.52 -70.59 -3.87
CA LEU A 584 -35.36 -69.46 -4.28
C LEU A 584 -34.46 -68.40 -4.93
N CYS A 585 -33.21 -68.36 -4.50
CA CYS A 585 -32.23 -67.47 -5.10
C CYS A 585 -31.54 -68.11 -6.31
N SER A 586 -31.40 -69.44 -6.26
CA SER A 586 -30.67 -70.21 -7.24
C SER A 586 -31.05 -69.90 -8.69
N VAL A 587 -32.34 -69.67 -8.93
CA VAL A 587 -32.82 -69.33 -10.26
C VAL A 587 -32.18 -68.03 -10.76
N GLN A 588 -31.96 -67.09 -9.84
CA GLN A 588 -31.32 -65.82 -10.21
C GLN A 588 -29.80 -65.88 -10.04
N VAL A 589 -29.32 -66.69 -9.09
CA VAL A 589 -27.89 -66.87 -8.88
C VAL A 589 -27.23 -67.50 -10.11
N MET A 590 -27.78 -68.63 -10.54
CA MET A 590 -27.31 -69.32 -11.73
C MET A 590 -27.33 -68.41 -12.96
N ALA A 591 -28.43 -67.70 -13.13
CA ALA A 591 -28.61 -66.79 -14.26
C ALA A 591 -27.56 -65.68 -14.28
N LEU A 592 -26.99 -65.39 -13.12
CA LEU A 592 -25.93 -64.39 -13.01
C LEU A 592 -24.63 -64.94 -13.56
N LYS A 593 -24.27 -66.14 -13.14
CA LYS A 593 -23.08 -66.83 -13.63
C LYS A 593 -23.13 -66.95 -15.16
N LYS A 594 -24.32 -67.24 -15.67
CA LYS A 594 -24.56 -67.36 -17.11
C LYS A 594 -24.12 -66.13 -17.91
N LEU A 595 -24.29 -64.95 -17.33
CA LEU A 595 -23.94 -63.71 -18.03
C LEU A 595 -22.59 -63.17 -17.55
N ASP A 607 -27.33 -56.67 -19.22
CA ASP A 607 -26.94 -56.42 -17.83
C ASP A 607 -27.67 -57.37 -16.87
N PRO A 608 -27.05 -57.64 -15.71
CA PRO A 608 -27.66 -58.51 -14.69
C PRO A 608 -28.72 -57.78 -13.86
N THR A 609 -29.03 -56.55 -14.25
CA THR A 609 -30.00 -55.70 -13.55
C THR A 609 -31.22 -56.44 -13.01
N VAL A 610 -31.97 -57.06 -13.92
CA VAL A 610 -33.19 -57.76 -13.55
C VAL A 610 -32.92 -58.86 -12.51
N PHE A 611 -31.75 -59.49 -12.60
CA PHE A 611 -31.42 -60.60 -11.71
C PHE A 611 -30.93 -60.09 -10.35
N LEU A 612 -30.24 -58.96 -10.38
CA LEU A 612 -29.79 -58.30 -9.16
C LEU A 612 -31.00 -57.79 -8.37
N ASP A 613 -31.88 -57.07 -9.07
CA ASP A 613 -33.08 -56.51 -8.46
C ASP A 613 -33.98 -57.58 -7.87
N ARG A 614 -33.94 -58.77 -8.47
CA ARG A 614 -34.74 -59.89 -7.97
C ARG A 614 -34.13 -60.53 -6.73
N LEU A 615 -32.81 -60.49 -6.62
CA LEU A 615 -32.14 -61.00 -5.43
C LEU A 615 -32.31 -60.03 -4.27
N ALA A 616 -32.26 -58.74 -4.56
CA ALA A 616 -32.50 -57.70 -3.57
C ALA A 616 -33.84 -57.91 -2.87
N VAL A 617 -34.89 -58.03 -3.67
CA VAL A 617 -36.24 -58.24 -3.15
C VAL A 617 -36.32 -59.45 -2.22
N ILE A 618 -35.65 -60.53 -2.60
CA ILE A 618 -35.65 -61.73 -1.78
C ILE A 618 -34.95 -61.50 -0.45
N PHE A 619 -33.77 -60.88 -0.49
CA PHE A 619 -32.99 -60.59 0.71
C PHE A 619 -33.73 -59.61 1.61
N ARG A 620 -34.21 -58.53 1.01
CA ARG A 620 -34.95 -57.47 1.70
C ARG A 620 -36.10 -58.00 2.55
N HIS A 621 -36.89 -58.91 1.99
CA HIS A 621 -38.12 -59.35 2.65
C HIS A 621 -38.05 -60.74 3.28
N THR A 622 -36.88 -61.38 3.25
CA THR A 622 -36.72 -62.64 3.96
C THR A 622 -36.05 -62.40 5.31
N ASN A 623 -36.84 -61.96 6.28
CA ASN A 623 -36.31 -61.66 7.61
C ASN A 623 -37.04 -62.43 8.71
N PRO A 624 -36.62 -63.68 8.95
CA PRO A 624 -37.22 -64.54 9.97
C PRO A 624 -36.94 -64.03 11.39
N ILE A 625 -37.91 -64.23 12.29
CA ILE A 625 -37.75 -63.85 13.69
C ILE A 625 -36.91 -64.89 14.46
N VAL A 626 -35.72 -64.49 14.89
CA VAL A 626 -34.82 -65.39 15.60
C VAL A 626 -33.88 -64.61 16.51
N HIS A 632 -28.52 -68.13 12.52
CA HIS A 632 -29.41 -67.53 11.53
C HIS A 632 -29.39 -68.33 10.23
N PRO A 633 -30.56 -68.83 9.81
CA PRO A 633 -30.69 -69.73 8.65
C PRO A 633 -30.23 -69.10 7.33
N CYS A 634 -30.22 -67.78 7.26
CA CYS A 634 -29.86 -67.10 6.02
C CYS A 634 -28.35 -66.89 5.87
N GLN A 635 -27.61 -67.06 6.96
CA GLN A 635 -26.18 -66.73 6.97
C GLN A 635 -25.38 -67.60 6.00
N LYS A 636 -25.53 -68.91 6.10
CA LYS A 636 -24.82 -69.83 5.21
C LYS A 636 -25.22 -69.61 3.75
N VAL A 637 -26.49 -69.30 3.52
CA VAL A 637 -26.97 -69.05 2.17
C VAL A 637 -26.33 -67.82 1.57
N ILE A 638 -26.39 -66.71 2.31
CA ILE A 638 -25.86 -65.43 1.83
C ILE A 638 -24.35 -65.51 1.62
N GLN A 639 -23.64 -66.18 2.53
CA GLN A 639 -22.19 -66.34 2.40
C GLN A 639 -21.82 -67.04 1.10
N GLU A 640 -22.68 -67.97 0.65
CA GLU A 640 -22.43 -68.72 -0.57
C GLU A 640 -22.77 -67.91 -1.83
N ILE A 641 -23.74 -67.01 -1.72
CA ILE A 641 -24.11 -66.15 -2.84
C ILE A 641 -23.18 -64.93 -2.89
N TRP A 642 -22.44 -64.73 -1.80
CA TRP A 642 -21.48 -63.63 -1.73
C TRP A 642 -20.43 -63.61 -2.85
N PRO A 643 -19.77 -64.76 -3.14
CA PRO A 643 -18.73 -64.67 -4.17
C PRO A 643 -19.22 -64.32 -5.58
N VAL A 644 -20.40 -64.80 -5.97
CA VAL A 644 -20.91 -64.52 -7.30
C VAL A 644 -21.36 -63.07 -7.40
N LEU A 645 -21.92 -62.55 -6.32
CA LEU A 645 -22.27 -61.13 -6.24
C LEU A 645 -21.00 -60.30 -6.29
N SER A 646 -19.97 -60.78 -5.61
CA SER A 646 -18.67 -60.12 -5.61
C SER A 646 -18.14 -60.00 -7.05
N GLU A 647 -18.12 -61.11 -7.76
CA GLU A 647 -17.59 -61.15 -9.12
C GLU A 647 -18.42 -60.35 -10.11
N THR A 648 -19.74 -60.37 -9.92
CA THR A 648 -20.65 -59.64 -10.78
C THR A 648 -20.44 -58.13 -10.69
N LEU A 649 -20.07 -57.67 -9.49
CA LEU A 649 -19.86 -56.25 -9.24
C LEU A 649 -18.63 -55.71 -9.98
N ASN A 650 -17.45 -56.24 -9.65
CA ASN A 650 -16.22 -55.77 -10.29
C ASN A 650 -16.21 -56.03 -11.79
N LYS A 651 -17.04 -56.97 -12.25
CA LYS A 651 -17.25 -57.16 -13.68
C LYS A 651 -17.84 -55.89 -14.29
N HIS A 652 -18.84 -55.33 -13.61
CA HIS A 652 -19.56 -54.17 -14.11
C HIS A 652 -19.12 -52.89 -13.40
N ARG A 653 -17.95 -52.95 -12.76
CA ARG A 653 -17.42 -51.87 -11.93
C ARG A 653 -17.41 -50.49 -12.60
N ALA A 654 -17.60 -50.46 -13.92
CA ALA A 654 -17.54 -49.20 -14.66
C ALA A 654 -18.92 -48.60 -14.86
N ASP A 655 -19.96 -49.43 -14.78
CA ASP A 655 -21.32 -48.93 -14.99
C ASP A 655 -21.95 -48.52 -13.67
N ASN A 656 -22.23 -47.23 -13.55
CA ASN A 656 -22.86 -46.66 -12.35
C ASN A 656 -24.20 -47.31 -12.06
N ARG A 657 -25.04 -47.41 -13.09
CA ARG A 657 -26.39 -47.95 -12.95
C ARG A 657 -26.38 -49.41 -12.49
N ILE A 658 -25.46 -50.20 -13.02
CA ILE A 658 -25.42 -51.62 -12.69
C ILE A 658 -24.79 -51.85 -11.32
N VAL A 659 -23.78 -51.05 -11.00
CA VAL A 659 -23.02 -51.26 -9.78
C VAL A 659 -23.81 -50.78 -8.55
N GLU A 660 -24.70 -49.81 -8.74
CA GLU A 660 -25.52 -49.35 -7.63
C GLU A 660 -26.61 -50.37 -7.29
N ARG A 661 -27.10 -51.09 -8.30
CA ARG A 661 -28.07 -52.15 -8.07
C ARG A 661 -27.38 -53.35 -7.41
N CYS A 662 -26.06 -53.39 -7.53
CA CYS A 662 -25.26 -54.40 -6.83
C CYS A 662 -25.11 -53.99 -5.38
N CYS A 663 -24.78 -52.72 -5.17
CA CYS A 663 -24.71 -52.15 -3.82
C CYS A 663 -26.03 -52.34 -3.11
N ARG A 664 -27.13 -52.05 -3.81
CA ARG A 664 -28.47 -52.21 -3.27
C ARG A 664 -28.75 -53.67 -2.95
N CYS A 665 -28.31 -54.56 -3.82
CA CYS A 665 -28.49 -55.99 -3.59
C CYS A 665 -27.69 -56.44 -2.37
N LEU A 666 -26.41 -56.06 -2.33
CA LEU A 666 -25.55 -56.40 -1.20
C LEU A 666 -26.00 -55.74 0.09
N ARG A 667 -26.58 -54.54 -0.02
CA ARG A 667 -27.14 -53.83 1.13
C ARG A 667 -28.15 -54.71 1.88
N PHE A 668 -29.07 -55.31 1.13
CA PHE A 668 -30.12 -56.11 1.74
C PHE A 668 -29.63 -57.52 2.01
N ALA A 669 -28.57 -57.92 1.32
CA ALA A 669 -27.95 -59.21 1.57
C ALA A 669 -27.36 -59.22 2.97
N VAL A 670 -26.61 -58.18 3.31
CA VAL A 670 -26.03 -58.04 4.65
C VAL A 670 -27.10 -57.95 5.73
N ARG A 671 -28.12 -57.14 5.48
CA ARG A 671 -29.21 -56.95 6.43
C ARG A 671 -30.02 -58.22 6.65
N CYS A 672 -30.00 -59.10 5.65
CA CYS A 672 -30.78 -60.33 5.69
C CYS A 672 -30.32 -61.24 6.82
N VAL A 673 -29.01 -61.28 7.06
CA VAL A 673 -28.46 -62.00 8.18
C VAL A 673 -28.65 -61.17 9.45
N GLY A 674 -29.09 -61.81 10.53
CA GLY A 674 -29.31 -61.11 11.79
C GLY A 674 -28.03 -60.70 12.47
N LYS A 675 -27.96 -60.85 13.79
CA LYS A 675 -26.72 -60.60 14.51
C LYS A 675 -25.65 -61.58 14.03
N GLY A 676 -24.44 -61.08 13.84
CA GLY A 676 -23.36 -61.89 13.30
C GLY A 676 -23.02 -61.49 11.88
N SER A 677 -23.87 -60.64 11.29
CA SER A 677 -23.67 -60.16 9.92
C SER A 677 -22.47 -59.23 9.81
N ALA A 678 -21.81 -58.96 10.94
CA ALA A 678 -20.59 -58.18 10.96
C ALA A 678 -19.43 -58.98 10.37
N ALA A 679 -19.67 -60.28 10.18
CA ALA A 679 -18.70 -61.16 9.54
C ALA A 679 -18.51 -60.78 8.07
N LEU A 680 -19.61 -60.76 7.32
CA LEU A 680 -19.59 -60.43 5.90
C LEU A 680 -19.28 -58.95 5.64
N LEU A 681 -19.11 -58.17 6.71
CA LEU A 681 -18.91 -56.74 6.61
C LEU A 681 -17.56 -56.38 5.96
N GLN A 682 -16.47 -56.76 6.61
CA GLN A 682 -15.13 -56.40 6.14
C GLN A 682 -14.79 -56.88 4.71
N PRO A 683 -15.22 -58.09 4.32
CA PRO A 683 -15.01 -58.44 2.91
C PRO A 683 -15.79 -57.53 1.95
N LEU A 684 -17.01 -57.15 2.34
CA LEU A 684 -17.81 -56.23 1.54
C LEU A 684 -17.17 -54.85 1.50
N VAL A 685 -16.79 -54.34 2.67
CA VAL A 685 -16.16 -53.03 2.81
C VAL A 685 -14.87 -52.95 2.00
N THR A 686 -14.07 -54.00 2.09
CA THR A 686 -12.82 -54.08 1.35
C THR A 686 -13.05 -54.00 -0.16
N GLN A 687 -14.05 -54.72 -0.65
CA GLN A 687 -14.35 -54.69 -2.08
C GLN A 687 -14.82 -53.31 -2.50
N MET A 688 -15.67 -52.70 -1.66
CA MET A 688 -16.19 -51.37 -1.92
C MET A 688 -15.05 -50.36 -2.10
N VAL A 689 -14.08 -50.43 -1.20
CA VAL A 689 -12.91 -49.56 -1.25
C VAL A 689 -12.17 -49.70 -2.57
N ASN A 690 -11.92 -50.94 -2.98
CA ASN A 690 -11.17 -51.22 -4.20
C ASN A 690 -11.86 -50.72 -5.48
N VAL A 691 -13.15 -50.99 -5.62
CA VAL A 691 -13.89 -50.57 -6.81
C VAL A 691 -14.08 -49.05 -6.83
N TYR A 692 -14.27 -48.46 -5.64
CA TYR A 692 -14.41 -47.01 -5.54
C TYR A 692 -13.13 -46.30 -5.98
N HIS A 693 -12.00 -46.99 -5.82
CA HIS A 693 -10.69 -46.44 -6.17
C HIS A 693 -10.59 -46.14 -7.66
N VAL A 694 -11.01 -47.09 -8.49
CA VAL A 694 -10.95 -46.95 -9.94
C VAL A 694 -12.16 -46.17 -10.47
N HIS A 695 -13.32 -46.40 -9.87
CA HIS A 695 -14.54 -45.70 -10.26
C HIS A 695 -15.24 -45.11 -9.05
N GLN A 696 -15.37 -43.79 -9.03
CA GLN A 696 -15.93 -43.11 -7.86
C GLN A 696 -17.44 -42.93 -7.95
N HIS A 697 -18.16 -44.03 -7.86
CA HIS A 697 -19.62 -43.98 -7.74
C HIS A 697 -19.97 -43.57 -6.33
N SER A 698 -20.88 -42.60 -6.19
CA SER A 698 -21.21 -42.07 -4.87
C SER A 698 -22.10 -43.00 -4.07
N CYS A 699 -22.75 -43.93 -4.75
CA CYS A 699 -23.50 -45.00 -4.09
C CYS A 699 -22.66 -45.86 -3.14
N PHE A 700 -21.33 -45.76 -3.23
CA PHE A 700 -20.46 -46.46 -2.29
C PHE A 700 -20.32 -45.65 -1.01
N LEU A 701 -20.36 -44.34 -1.16
CA LEU A 701 -20.43 -43.45 -0.01
C LEU A 701 -21.75 -43.70 0.72
N TYR A 702 -22.85 -43.66 -0.02
CA TYR A 702 -24.17 -43.89 0.55
C TYR A 702 -24.26 -45.24 1.25
N LEU A 703 -23.80 -46.30 0.58
CA LEU A 703 -23.82 -47.63 1.16
C LEU A 703 -22.95 -47.67 2.42
N GLY A 704 -21.83 -46.95 2.36
CA GLY A 704 -20.96 -46.82 3.52
C GLY A 704 -21.69 -46.20 4.69
N SER A 705 -22.39 -45.10 4.42
CA SER A 705 -23.16 -44.40 5.44
C SER A 705 -24.20 -45.30 6.09
N ILE A 706 -24.78 -46.21 5.32
CA ILE A 706 -25.74 -47.16 5.86
C ILE A 706 -25.05 -48.14 6.80
N LEU A 707 -23.84 -48.55 6.45
CA LEU A 707 -23.08 -49.47 7.27
C LEU A 707 -22.69 -48.81 8.61
N VAL A 708 -22.27 -47.55 8.53
CA VAL A 708 -21.90 -46.79 9.73
C VAL A 708 -23.12 -46.58 10.62
N ASP A 709 -24.26 -46.27 10.00
CA ASP A 709 -25.49 -46.02 10.74
C ASP A 709 -26.01 -47.28 11.43
N GLU A 710 -25.67 -48.44 10.86
CA GLU A 710 -26.19 -49.70 11.37
C GLU A 710 -25.19 -50.52 12.17
N TYR A 711 -23.89 -50.25 11.97
CA TYR A 711 -22.86 -51.03 12.64
C TYR A 711 -21.83 -50.16 13.38
N GLY A 712 -22.10 -48.86 13.43
CA GLY A 712 -21.18 -47.93 14.06
C GLY A 712 -21.18 -47.96 15.57
N MET A 713 -22.31 -48.31 16.17
CA MET A 713 -22.41 -48.36 17.63
C MET A 713 -21.63 -49.54 18.21
N GLU A 714 -21.36 -50.55 17.37
CA GLU A 714 -20.62 -51.72 17.80
C GLU A 714 -19.12 -51.43 17.86
N GLU A 715 -18.52 -51.70 19.01
CA GLU A 715 -17.11 -51.40 19.25
C GLU A 715 -16.18 -52.15 18.29
N GLY A 716 -16.57 -53.37 17.95
CA GLY A 716 -15.75 -54.22 17.10
C GLY A 716 -15.68 -53.78 15.65
N CYS A 717 -16.61 -52.92 15.24
CA CYS A 717 -16.69 -52.49 13.84
C CYS A 717 -16.16 -51.08 13.62
N ARG A 718 -15.87 -50.38 14.71
CA ARG A 718 -15.50 -48.97 14.64
C ARG A 718 -14.20 -48.70 13.88
N GLN A 719 -13.18 -49.52 14.12
CA GLN A 719 -11.89 -49.32 13.46
C GLN A 719 -11.99 -49.67 11.97
N GLY A 720 -12.73 -50.73 11.65
CA GLY A 720 -12.93 -51.12 10.27
C GLY A 720 -13.71 -50.06 9.49
N LEU A 721 -14.67 -49.43 10.15
CA LEU A 721 -15.48 -48.39 9.54
C LEU A 721 -14.70 -47.09 9.32
N LEU A 722 -13.78 -46.79 10.24
CA LEU A 722 -12.94 -45.61 10.11
C LEU A 722 -11.96 -45.77 8.94
N ASP A 723 -11.29 -46.91 8.90
CA ASP A 723 -10.40 -47.26 7.81
C ASP A 723 -11.11 -47.18 6.46
N MET A 724 -12.41 -47.50 6.48
CA MET A 724 -13.25 -47.36 5.30
C MET A 724 -13.38 -45.90 4.88
N LEU A 725 -13.76 -45.05 5.83
CA LEU A 725 -13.93 -43.63 5.56
C LEU A 725 -12.64 -43.00 5.04
N GLN A 726 -11.52 -43.34 5.69
CA GLN A 726 -10.22 -42.80 5.31
C GLN A 726 -9.80 -43.27 3.92
N ALA A 727 -10.16 -44.52 3.59
CA ALA A 727 -9.84 -45.07 2.29
C ALA A 727 -10.68 -44.45 1.19
N LEU A 728 -11.97 -44.24 1.48
CA LEU A 728 -12.89 -43.67 0.50
C LEU A 728 -12.67 -42.18 0.29
N CYS A 729 -12.09 -41.51 1.27
CA CYS A 729 -11.88 -40.07 1.20
C CYS A 729 -10.85 -39.65 0.16
N ILE A 730 -9.78 -40.44 0.04
CA ILE A 730 -8.67 -40.07 -0.85
C ILE A 730 -9.10 -39.96 -2.33
N PRO A 731 -9.83 -40.95 -2.87
CA PRO A 731 -10.29 -40.75 -4.25
C PRO A 731 -11.35 -39.64 -4.31
N THR A 732 -12.12 -39.53 -3.24
CA THR A 732 -13.22 -38.57 -3.17
C THR A 732 -12.69 -37.15 -3.21
N PHE A 733 -11.59 -36.92 -2.50
CA PHE A 733 -10.99 -35.60 -2.44
C PHE A 733 -10.31 -35.26 -3.76
N GLN A 734 -9.62 -36.24 -4.33
CA GLN A 734 -9.02 -36.10 -5.65
C GLN A 734 -10.08 -35.76 -6.70
N LEU A 735 -11.24 -36.41 -6.58
CA LEU A 735 -12.35 -36.15 -7.49
C LEU A 735 -12.88 -34.74 -7.33
N LEU A 736 -12.99 -34.27 -6.09
CA LEU A 736 -13.56 -32.95 -5.81
C LEU A 736 -12.58 -31.82 -6.05
N GLU A 737 -11.29 -32.09 -5.96
CA GLU A 737 -10.31 -31.03 -6.15
C GLU A 737 -10.11 -30.69 -7.62
N GLN A 738 -10.70 -31.47 -8.52
CA GLN A 738 -10.66 -31.14 -9.96
C GLN A 738 -11.38 -29.82 -10.23
N GLN A 739 -11.20 -29.31 -11.43
CA GLN A 739 -11.79 -28.04 -11.82
C GLN A 739 -13.31 -28.12 -11.72
N ASN A 740 -13.86 -27.24 -10.89
CA ASN A 740 -15.29 -27.23 -10.57
C ASN A 740 -15.78 -28.56 -10.01
N GLY A 741 -14.87 -29.30 -9.39
CA GLY A 741 -15.18 -30.63 -8.85
C GLY A 741 -16.42 -30.66 -7.99
N LEU A 742 -16.61 -29.62 -7.19
CA LEU A 742 -17.81 -29.47 -6.38
C LEU A 742 -19.04 -29.40 -7.29
N GLN A 743 -19.07 -28.36 -8.12
CA GLN A 743 -20.18 -28.11 -9.03
C GLN A 743 -20.48 -29.30 -9.94
N ASN A 744 -19.47 -30.11 -10.23
CA ASN A 744 -19.64 -31.23 -11.16
C ASN A 744 -20.02 -32.55 -10.47
N HIS A 745 -19.84 -32.61 -9.15
CA HIS A 745 -20.25 -33.82 -8.43
C HIS A 745 -21.04 -33.52 -7.15
N PRO A 746 -22.24 -32.90 -7.29
CA PRO A 746 -23.04 -32.60 -6.10
C PRO A 746 -23.49 -33.86 -5.37
N ASP A 747 -23.56 -34.98 -6.08
CA ASP A 747 -23.99 -36.25 -5.50
C ASP A 747 -22.89 -36.84 -4.64
N THR A 748 -21.64 -36.64 -5.06
CA THR A 748 -20.49 -37.08 -4.28
C THR A 748 -20.36 -36.25 -3.01
N VAL A 749 -20.53 -34.94 -3.15
CA VAL A 749 -20.52 -34.02 -2.02
C VAL A 749 -21.56 -34.41 -0.97
N ASP A 750 -22.80 -34.55 -1.40
CA ASP A 750 -23.91 -34.90 -0.52
C ASP A 750 -23.65 -36.19 0.27
N ASP A 751 -23.43 -37.29 -0.43
CA ASP A 751 -23.26 -38.59 0.20
C ASP A 751 -22.01 -38.64 1.08
N LEU A 752 -21.02 -37.83 0.75
CA LEU A 752 -19.79 -37.77 1.54
C LEU A 752 -20.12 -37.32 2.96
N PHE A 753 -20.83 -36.20 3.04
CA PHE A 753 -21.20 -35.61 4.32
C PHE A 753 -22.33 -36.38 4.99
N ARG A 754 -23.07 -37.16 4.21
CA ARG A 754 -23.99 -38.12 4.80
C ARG A 754 -23.19 -39.19 5.55
N LEU A 755 -22.09 -39.62 4.93
CA LEU A 755 -21.21 -40.61 5.52
C LEU A 755 -20.57 -40.06 6.79
N ALA A 756 -20.16 -38.79 6.74
CA ALA A 756 -19.48 -38.16 7.86
C ALA A 756 -20.47 -37.88 8.99
N THR A 757 -21.67 -37.46 8.63
CA THR A 757 -22.74 -37.22 9.60
C THR A 757 -23.08 -38.50 10.36
N ARG A 758 -23.06 -39.62 9.64
CA ARG A 758 -23.41 -40.90 10.24
C ARG A 758 -22.34 -41.35 11.21
N PHE A 759 -21.11 -40.88 10.99
CA PHE A 759 -20.01 -41.18 11.89
C PHE A 759 -20.15 -40.38 13.18
N ILE A 760 -20.58 -39.14 13.02
CA ILE A 760 -20.84 -38.25 14.14
C ILE A 760 -21.90 -38.82 15.08
N GLN A 761 -23.01 -39.29 14.53
CA GLN A 761 -24.15 -39.70 15.34
C GLN A 761 -24.12 -41.17 15.76
N ARG A 762 -22.97 -41.82 15.61
CA ARG A 762 -22.82 -43.21 16.04
C ARG A 762 -21.56 -43.41 16.87
N SER A 763 -20.46 -42.81 16.41
CA SER A 763 -19.17 -42.94 17.08
C SER A 763 -18.31 -41.72 16.78
N PRO A 764 -18.66 -40.57 17.38
CA PRO A 764 -18.04 -39.28 17.07
C PRO A 764 -16.58 -39.18 17.50
N VAL A 765 -16.20 -39.93 18.53
CA VAL A 765 -14.85 -39.83 19.06
C VAL A 765 -13.83 -40.42 18.09
N THR A 766 -14.14 -41.59 17.55
CA THR A 766 -13.24 -42.25 16.60
C THR A 766 -12.98 -41.38 15.38
N LEU A 767 -14.02 -40.66 14.94
CA LEU A 767 -13.87 -39.71 13.84
C LEU A 767 -13.00 -38.52 14.24
N LEU A 768 -13.30 -37.94 15.40
CA LEU A 768 -12.60 -36.73 15.85
C LEU A 768 -11.12 -36.95 16.16
N ARG A 769 -10.78 -38.14 16.63
CA ARG A 769 -9.39 -38.46 16.93
C ARG A 769 -8.60 -38.77 15.66
N SER A 770 -9.32 -39.13 14.60
CA SER A 770 -8.70 -39.51 13.33
C SER A 770 -8.16 -38.29 12.60
N GLN A 771 -7.23 -38.52 11.68
CA GLN A 771 -6.61 -37.45 10.91
C GLN A 771 -7.55 -36.93 9.82
N VAL A 772 -8.39 -37.82 9.31
CA VAL A 772 -9.24 -37.52 8.16
C VAL A 772 -10.32 -36.47 8.47
N VAL A 773 -10.56 -36.19 9.75
CA VAL A 773 -11.61 -35.26 10.12
C VAL A 773 -11.30 -33.82 9.65
N ILE A 774 -10.02 -33.48 9.61
CA ILE A 774 -9.61 -32.12 9.20
C ILE A 774 -9.88 -31.84 7.71
N PRO A 775 -9.42 -32.72 6.79
CA PRO A 775 -9.76 -32.41 5.40
C PRO A 775 -11.26 -32.48 5.11
N ILE A 776 -11.97 -33.40 5.74
CA ILE A 776 -13.42 -33.49 5.58
C ILE A 776 -14.08 -32.16 5.93
N LEU A 777 -13.65 -31.57 7.04
CA LEU A 777 -14.15 -30.27 7.45
C LEU A 777 -13.69 -29.18 6.49
N GLN A 778 -12.44 -29.28 6.02
CA GLN A 778 -11.92 -28.33 5.05
C GLN A 778 -12.76 -28.35 3.77
N TRP A 779 -13.21 -29.54 3.37
CA TRP A 779 -14.08 -29.67 2.22
C TRP A 779 -15.51 -29.25 2.55
N ALA A 780 -15.91 -29.51 3.80
CA ALA A 780 -17.21 -29.06 4.28
C ALA A 780 -17.36 -27.55 4.14
N ILE A 781 -16.36 -26.82 4.63
CA ILE A 781 -16.34 -25.36 4.54
C ILE A 781 -16.38 -24.92 3.08
N ALA A 782 -15.65 -25.63 2.23
CA ALA A 782 -15.56 -25.31 0.81
C ALA A 782 -16.89 -25.52 0.10
N SER A 783 -17.57 -26.61 0.45
CA SER A 783 -18.82 -26.99 -0.21
C SER A 783 -19.99 -26.05 0.07
N THR A 784 -19.87 -25.19 1.08
CA THR A 784 -20.94 -24.26 1.43
C THR A 784 -21.17 -23.20 0.35
N THR A 785 -20.40 -23.26 -0.73
CA THR A 785 -20.56 -22.33 -1.84
C THR A 785 -21.34 -22.99 -2.96
N LEU A 786 -21.53 -24.29 -2.85
CA LEU A 786 -22.26 -25.07 -3.85
C LEU A 786 -23.75 -24.75 -3.78
N ASP A 787 -24.31 -24.34 -4.91
CA ASP A 787 -25.72 -23.92 -4.98
C ASP A 787 -26.70 -25.09 -4.91
N HIS A 788 -26.17 -26.31 -4.92
CA HIS A 788 -26.99 -27.51 -4.90
C HIS A 788 -27.76 -27.63 -3.59
N ARG A 789 -29.08 -27.69 -3.69
CA ARG A 789 -29.97 -27.65 -2.53
C ARG A 789 -29.79 -28.84 -1.58
N ASP A 790 -29.84 -30.05 -2.12
CA ASP A 790 -29.74 -31.24 -1.30
C ASP A 790 -28.33 -31.44 -0.76
N ALA A 791 -27.35 -30.99 -1.52
CA ALA A 791 -25.94 -31.13 -1.12
C ALA A 791 -25.61 -30.17 0.01
N ASN A 792 -26.12 -28.95 -0.09
CA ASN A 792 -25.93 -27.94 0.96
C ASN A 792 -26.53 -28.38 2.30
N CYS A 793 -27.65 -29.09 2.25
CA CYS A 793 -28.28 -29.58 3.46
C CYS A 793 -27.40 -30.62 4.15
N SER A 794 -26.79 -31.49 3.35
CA SER A 794 -25.91 -32.53 3.88
C SER A 794 -24.69 -31.96 4.60
N VAL A 795 -24.12 -30.89 4.06
CA VAL A 795 -22.91 -30.32 4.63
C VAL A 795 -23.21 -29.43 5.84
N MET A 796 -24.29 -28.66 5.76
CA MET A 796 -24.70 -27.82 6.87
C MET A 796 -25.08 -28.67 8.08
N ARG A 797 -25.76 -29.79 7.83
CA ARG A 797 -26.13 -30.70 8.90
C ARG A 797 -24.89 -31.37 9.49
N PHE A 798 -23.90 -31.63 8.65
CA PHE A 798 -22.64 -32.19 9.13
C PHE A 798 -21.91 -31.20 10.03
N LEU A 799 -21.85 -29.94 9.60
CA LEU A 799 -21.22 -28.89 10.39
C LEU A 799 -21.90 -28.76 11.75
N ARG A 800 -23.22 -28.61 11.74
CA ARG A 800 -24.00 -28.50 12.95
C ARG A 800 -23.77 -29.69 13.89
N ASP A 801 -23.93 -30.91 13.39
CA ASP A 801 -23.77 -32.10 14.21
C ASP A 801 -22.34 -32.30 14.72
N LEU A 802 -21.36 -31.87 13.94
CA LEU A 802 -19.95 -32.03 14.31
C LEU A 802 -19.59 -31.11 15.46
N ILE A 803 -19.94 -29.83 15.31
CA ILE A 803 -19.65 -28.82 16.33
C ILE A 803 -20.44 -29.11 17.60
N HIS A 804 -21.68 -29.57 17.43
CA HIS A 804 -22.56 -29.92 18.54
C HIS A 804 -22.02 -31.04 19.42
N THR A 805 -20.95 -31.69 18.96
CA THR A 805 -20.36 -32.81 19.70
C THR A 805 -19.63 -32.28 20.93
N GLY A 806 -19.19 -31.02 20.86
CA GLY A 806 -18.54 -30.38 21.99
C GLY A 806 -19.51 -29.57 22.83
N VAL A 807 -20.79 -29.93 22.74
CA VAL A 807 -21.85 -29.20 23.43
C VAL A 807 -22.84 -30.16 24.08
N ALA A 808 -23.26 -31.16 23.31
CA ALA A 808 -24.30 -32.10 23.74
C ALA A 808 -23.85 -32.99 24.90
N ASN A 809 -24.76 -33.21 25.83
CA ASN A 809 -24.56 -34.16 26.91
C ASN A 809 -23.30 -33.91 27.73
N ASP A 810 -23.28 -32.81 28.46
CA ASP A 810 -22.14 -32.46 29.31
C ASP A 810 -22.06 -33.32 30.57
N HIS A 811 -23.04 -34.21 30.75
CA HIS A 811 -23.10 -35.04 31.95
C HIS A 811 -22.35 -36.36 31.81
N GLU A 812 -22.23 -36.85 30.57
CA GLU A 812 -21.58 -38.15 30.38
C GLU A 812 -20.06 -37.99 30.29
N GLU A 813 -19.37 -39.07 30.63
CA GLU A 813 -17.92 -39.08 30.86
C GLU A 813 -17.10 -38.49 29.71
N ASP A 814 -17.34 -38.97 28.49
CA ASP A 814 -16.51 -38.60 27.35
C ASP A 814 -16.68 -37.16 26.88
N PHE A 815 -17.53 -36.39 27.57
CA PHE A 815 -17.81 -35.01 27.14
C PHE A 815 -16.58 -34.12 27.10
N GLU A 816 -15.79 -34.12 28.17
CA GLU A 816 -14.61 -33.27 28.24
C GLU A 816 -13.57 -33.64 27.17
N LEU A 817 -13.66 -34.88 26.69
CA LEU A 817 -12.81 -35.35 25.61
C LEU A 817 -13.34 -34.84 24.26
N ARG A 818 -14.67 -34.86 24.12
CA ARG A 818 -15.32 -34.31 22.94
C ARG A 818 -15.15 -32.79 22.87
N LYS A 819 -15.23 -32.15 24.04
CA LYS A 819 -15.01 -30.71 24.15
C LYS A 819 -13.62 -30.34 23.64
N GLU A 820 -12.62 -31.09 24.09
CA GLU A 820 -11.24 -30.85 23.73
C GLU A 820 -10.99 -31.01 22.24
N LEU A 821 -11.55 -32.08 21.68
CA LEU A 821 -11.32 -32.44 20.28
C LEU A 821 -11.98 -31.45 19.32
N ILE A 822 -13.22 -31.06 19.63
CA ILE A 822 -13.88 -30.00 18.87
C ILE A 822 -13.05 -28.73 18.98
N GLY A 823 -12.55 -28.47 20.18
CA GLY A 823 -11.69 -27.32 20.45
C GLY A 823 -10.50 -27.19 19.51
N GLN A 824 -9.69 -28.23 19.44
CA GLN A 824 -8.52 -28.26 18.56
C GLN A 824 -8.93 -28.03 17.11
N VAL A 825 -9.96 -28.75 16.69
CA VAL A 825 -10.47 -28.63 15.33
C VAL A 825 -10.98 -27.22 15.05
N MET A 826 -11.85 -26.73 15.93
CA MET A 826 -12.38 -25.37 15.82
C MET A 826 -11.28 -24.31 15.86
N ASN A 827 -10.28 -24.52 16.70
CA ASN A 827 -9.16 -23.60 16.79
C ASN A 827 -8.44 -23.47 15.45
N GLN A 828 -8.30 -24.58 14.75
CA GLN A 828 -7.57 -24.62 13.48
C GLN A 828 -8.36 -24.00 12.32
N LEU A 829 -9.65 -24.30 12.24
CA LEU A 829 -10.43 -23.94 11.06
C LEU A 829 -11.66 -23.06 11.35
N GLY A 830 -11.87 -22.74 12.62
CA GLY A 830 -13.05 -21.99 13.03
C GLY A 830 -13.27 -20.66 12.33
N GLN A 831 -12.22 -19.86 12.23
CA GLN A 831 -12.34 -18.55 11.59
C GLN A 831 -12.77 -18.67 10.13
N GLN A 832 -12.20 -19.63 9.42
CA GLN A 832 -12.55 -19.86 8.02
C GLN A 832 -14.00 -20.30 7.89
N LEU A 833 -14.37 -21.27 8.72
CA LEU A 833 -15.75 -21.73 8.83
C LEU A 833 -16.73 -20.57 8.97
N VAL A 834 -16.49 -19.70 9.96
CA VAL A 834 -17.35 -18.55 10.20
C VAL A 834 -17.29 -17.54 9.06
N SER A 835 -16.10 -17.32 8.52
CA SER A 835 -15.91 -16.35 7.44
C SER A 835 -16.61 -16.79 6.17
N GLN A 836 -16.51 -18.09 5.88
CA GLN A 836 -17.13 -18.65 4.69
C GLN A 836 -18.64 -18.70 4.86
N LEU A 837 -19.08 -19.01 6.08
CA LEU A 837 -20.50 -19.08 6.40
C LEU A 837 -21.21 -17.75 6.16
N LEU A 838 -20.57 -16.67 6.55
CA LEU A 838 -21.13 -15.34 6.35
C LEU A 838 -21.08 -14.93 4.88
N HIS A 839 -19.99 -15.31 4.21
CA HIS A 839 -19.81 -15.00 2.81
C HIS A 839 -20.86 -15.70 1.95
N THR A 840 -21.08 -16.98 2.24
CA THR A 840 -22.11 -17.77 1.60
C THR A 840 -23.48 -17.09 1.65
N CYS A 841 -23.89 -16.69 2.86
CA CYS A 841 -25.20 -16.10 3.09
C CYS A 841 -25.45 -14.82 2.29
N CYS A 842 -24.44 -13.96 2.22
CA CYS A 842 -24.62 -12.65 1.62
C CYS A 842 -24.58 -12.65 0.09
N PHE A 843 -23.70 -13.45 -0.48
CA PHE A 843 -23.47 -13.37 -1.93
C PHE A 843 -23.61 -14.68 -2.68
N CYS A 844 -23.21 -15.79 -2.06
CA CYS A 844 -23.05 -17.03 -2.80
C CYS A 844 -24.35 -17.81 -3.02
N LEU A 845 -25.12 -18.03 -1.96
CA LEU A 845 -26.26 -18.94 -2.04
C LEU A 845 -27.60 -18.26 -1.77
N PRO A 846 -28.69 -18.84 -2.31
CA PRO A 846 -30.06 -18.39 -2.05
C PRO A 846 -30.43 -18.44 -0.56
N PRO A 847 -31.47 -17.70 -0.15
CA PRO A 847 -31.84 -17.55 1.26
C PRO A 847 -32.20 -18.85 1.99
N TYR A 848 -32.39 -19.96 1.28
CA TYR A 848 -32.81 -21.20 1.94
C TYR A 848 -31.76 -21.73 2.92
N THR A 849 -30.52 -21.26 2.79
CA THR A 849 -29.42 -21.72 3.65
C THR A 849 -29.43 -21.03 5.01
N LEU A 850 -29.99 -19.82 5.04
CA LEU A 850 -29.98 -18.98 6.25
C LEU A 850 -30.36 -19.70 7.55
N PRO A 851 -31.42 -20.52 7.56
CA PRO A 851 -31.68 -21.26 8.80
C PRO A 851 -30.59 -22.28 9.13
N ASP A 852 -30.14 -23.03 8.13
CA ASP A 852 -29.14 -24.07 8.33
C ASP A 852 -27.80 -23.50 8.78
N VAL A 853 -27.53 -22.26 8.37
CA VAL A 853 -26.31 -21.57 8.75
C VAL A 853 -26.42 -21.06 10.18
N ALA A 854 -27.56 -20.45 10.50
CA ALA A 854 -27.83 -19.94 11.83
C ALA A 854 -27.70 -21.03 12.89
N GLU A 855 -28.23 -22.21 12.60
CA GLU A 855 -28.10 -23.35 13.50
C GLU A 855 -26.63 -23.69 13.74
N VAL A 856 -25.82 -23.59 12.68
CA VAL A 856 -24.39 -23.88 12.80
C VAL A 856 -23.69 -22.74 13.54
N LEU A 857 -24.04 -21.49 13.20
CA LEU A 857 -23.55 -20.33 13.93
C LEU A 857 -23.88 -20.45 15.41
N TRP A 858 -25.08 -20.93 15.71
CA TRP A 858 -25.50 -21.14 17.09
C TRP A 858 -24.62 -22.14 17.82
N GLU A 859 -24.39 -23.30 17.20
CA GLU A 859 -23.59 -24.36 17.80
C GLU A 859 -22.17 -23.91 18.12
N ILE A 860 -21.64 -23.00 17.31
CA ILE A 860 -20.30 -22.47 17.53
C ILE A 860 -20.26 -21.65 18.82
N MET A 861 -21.26 -20.79 19.01
CA MET A 861 -21.36 -19.95 20.20
C MET A 861 -21.46 -20.79 21.48
N GLN A 862 -22.17 -21.92 21.40
CA GLN A 862 -22.28 -22.83 22.52
C GLN A 862 -20.93 -23.43 22.93
N VAL A 863 -19.97 -23.40 22.01
CA VAL A 863 -18.64 -23.97 22.26
C VAL A 863 -17.68 -22.95 22.83
N ASP A 864 -17.66 -21.76 22.23
CA ASP A 864 -16.75 -20.70 22.63
C ASP A 864 -17.28 -19.35 22.15
N ARG A 865 -18.25 -18.82 22.87
CA ARG A 865 -18.88 -17.56 22.52
C ARG A 865 -17.95 -16.34 22.55
N PRO A 866 -17.03 -16.26 23.54
CA PRO A 866 -16.08 -15.15 23.43
C PRO A 866 -15.25 -15.21 22.14
N THR A 867 -14.73 -16.38 21.82
CA THR A 867 -13.96 -16.57 20.59
C THR A 867 -14.80 -16.29 19.34
N PHE A 868 -16.05 -16.74 19.35
CA PHE A 868 -16.94 -16.51 18.21
C PHE A 868 -17.09 -15.03 17.89
N CYS A 869 -17.16 -14.21 18.95
CA CYS A 869 -17.30 -12.77 18.79
C CYS A 869 -16.16 -12.21 17.97
N ARG A 870 -14.95 -12.71 18.23
CA ARG A 870 -13.77 -12.32 17.47
C ARG A 870 -13.91 -12.75 16.02
N TRP A 871 -14.07 -14.06 15.81
CA TRP A 871 -14.23 -14.64 14.48
C TRP A 871 -15.25 -13.89 13.63
N LEU A 872 -16.40 -13.58 14.20
CA LEU A 872 -17.46 -12.88 13.49
C LEU A 872 -17.06 -11.44 13.18
N GLU A 873 -16.40 -10.80 14.13
CA GLU A 873 -15.93 -9.43 13.95
C GLU A 873 -14.99 -9.34 12.75
N ASN A 874 -14.09 -10.31 12.64
CA ASN A 874 -13.14 -10.37 11.53
C ASN A 874 -13.83 -10.53 10.18
N SER A 875 -14.82 -11.43 10.12
CA SER A 875 -15.56 -11.71 8.89
C SER A 875 -16.35 -10.49 8.40
N LEU A 876 -16.83 -9.68 9.33
CA LEU A 876 -17.60 -8.49 8.98
C LEU A 876 -16.69 -7.42 8.37
N LYS A 877 -15.42 -7.43 8.79
CA LYS A 877 -14.45 -6.45 8.30
C LYS A 877 -13.99 -6.76 6.88
N GLY A 878 -14.32 -7.95 6.39
CA GLY A 878 -13.94 -8.36 5.06
C GLY A 878 -15.08 -8.30 4.05
N LEU A 879 -15.78 -7.17 4.00
CA LEU A 879 -16.87 -6.98 3.05
C LEU A 879 -16.34 -6.37 1.75
N PRO A 880 -16.49 -7.11 0.64
CA PRO A 880 -16.02 -6.67 -0.67
C PRO A 880 -17.10 -5.96 -1.49
N THR A 889 -24.31 -0.11 -0.80
CA THR A 889 -23.39 -0.79 0.10
C THR A 889 -23.92 -0.76 1.54
N VAL A 890 -23.18 -1.38 2.44
CA VAL A 890 -23.58 -1.49 3.84
C VAL A 890 -22.72 -0.62 4.76
N THR A 891 -23.37 0.21 5.56
CA THR A 891 -22.67 1.11 6.45
C THR A 891 -22.01 0.36 7.61
N HIS A 892 -21.24 1.10 8.40
CA HIS A 892 -20.53 0.51 9.54
C HIS A 892 -21.48 0.14 10.67
N LYS A 893 -22.53 0.93 10.85
CA LYS A 893 -23.49 0.70 11.92
C LYS A 893 -24.22 -0.62 11.70
N GLN A 894 -24.57 -0.89 10.45
CA GLN A 894 -25.30 -2.10 10.10
C GLN A 894 -24.42 -3.35 10.26
N LEU A 895 -23.11 -3.14 10.38
CA LEU A 895 -22.19 -4.23 10.66
C LEU A 895 -22.01 -4.43 12.17
N THR A 896 -22.11 -3.33 12.92
CA THR A 896 -21.90 -3.37 14.36
C THR A 896 -23.10 -3.96 15.10
N ASP A 897 -24.30 -3.50 14.73
CA ASP A 897 -25.51 -3.97 15.38
C ASP A 897 -25.80 -5.42 15.06
N PHE A 898 -25.53 -5.82 13.81
CA PHE A 898 -25.66 -7.22 13.42
C PHE A 898 -24.73 -8.11 14.23
N HIS A 899 -23.59 -7.56 14.63
CA HIS A 899 -22.67 -8.30 15.47
C HIS A 899 -23.24 -8.42 16.88
N LYS A 900 -23.87 -7.34 17.35
CA LYS A 900 -24.52 -7.33 18.65
C LYS A 900 -25.69 -8.32 18.66
N GLN A 901 -26.47 -8.31 17.58
CA GLN A 901 -27.62 -9.18 17.44
C GLN A 901 -27.23 -10.67 17.58
N VAL A 902 -26.24 -11.10 16.81
CA VAL A 902 -25.85 -12.50 16.78
C VAL A 902 -25.12 -12.91 18.06
N THR A 903 -24.18 -12.09 18.51
CA THR A 903 -23.33 -12.46 19.63
C THR A 903 -24.03 -12.39 20.99
N SER A 904 -25.07 -11.56 21.09
CA SER A 904 -25.80 -11.44 22.34
C SER A 904 -27.19 -12.06 22.23
N ALA A 905 -27.31 -13.07 21.37
CA ALA A 905 -28.57 -13.78 21.19
C ALA A 905 -28.72 -14.90 22.20
N GLU A 906 -29.94 -15.10 22.68
CA GLU A 906 -30.22 -16.10 23.71
C GLU A 906 -30.89 -17.34 23.12
N GLU A 907 -31.63 -17.14 22.03
CA GLU A 907 -32.22 -18.25 21.29
C GLU A 907 -31.66 -18.29 19.87
N CYS A 908 -31.55 -19.49 19.32
CA CYS A 908 -31.07 -19.65 17.94
C CYS A 908 -31.95 -18.91 16.95
N LYS A 909 -33.21 -18.70 17.32
CA LYS A 909 -34.18 -17.99 16.50
C LYS A 909 -33.73 -16.56 16.18
N GLN A 910 -33.11 -15.92 17.17
CA GLN A 910 -32.65 -14.55 16.98
C GLN A 910 -31.49 -14.50 15.98
N VAL A 911 -30.64 -15.53 16.00
CA VAL A 911 -29.56 -15.65 15.05
C VAL A 911 -30.10 -15.70 13.61
N CYS A 912 -31.08 -16.56 13.41
CA CYS A 912 -31.74 -16.70 12.11
C CYS A 912 -32.54 -15.45 11.76
N TRP A 913 -33.09 -14.80 12.78
CA TRP A 913 -33.77 -13.52 12.59
C TRP A 913 -32.79 -12.48 12.10
N ALA A 914 -31.59 -12.50 12.70
CA ALA A 914 -30.52 -11.56 12.35
C ALA A 914 -30.00 -11.79 10.92
N LEU A 915 -29.71 -13.04 10.59
CA LEU A 915 -29.19 -13.39 9.27
C LEU A 915 -30.11 -12.94 8.14
N ARG A 916 -31.38 -13.32 8.23
CA ARG A 916 -32.39 -12.96 7.22
C ARG A 916 -32.44 -11.45 7.02
N ASP A 917 -32.30 -10.69 8.10
CA ASP A 917 -32.33 -9.23 8.03
C ASP A 917 -31.07 -8.67 7.38
N PHE A 918 -29.92 -9.19 7.79
CA PHE A 918 -28.64 -8.72 7.30
C PHE A 918 -28.40 -9.11 5.83
N THR A 919 -28.71 -10.36 5.51
CA THR A 919 -28.55 -10.88 4.15
C THR A 919 -29.35 -10.06 3.13
N ARG A 920 -30.50 -9.54 3.58
CA ARG A 920 -31.38 -8.72 2.75
C ARG A 920 -30.66 -7.53 2.13
N LEU A 921 -29.63 -7.04 2.80
CA LEU A 921 -28.90 -5.86 2.37
C LEU A 921 -28.03 -6.10 1.13
N PHE A 922 -27.98 -7.36 0.67
CA PHE A 922 -27.15 -7.72 -0.47
C PHE A 922 -27.97 -8.36 -1.58
N GLY B 3 67.73 1.95 17.63
CA GLY B 3 68.28 0.61 17.58
C GLY B 3 68.77 0.11 18.93
N ALA B 4 69.85 0.73 19.43
CA ALA B 4 70.50 0.26 20.65
C ALA B 4 69.76 0.72 21.91
N LYS B 5 69.35 -0.24 22.74
CA LYS B 5 68.68 0.05 24.00
C LYS B 5 69.61 0.75 24.98
N PRO B 6 69.21 1.93 25.45
CA PRO B 6 70.01 2.78 26.35
C PRO B 6 70.36 2.09 27.66
N THR B 7 71.48 2.49 28.25
CA THR B 7 71.91 1.94 29.53
C THR B 7 70.96 2.36 30.64
N LEU B 8 70.67 1.43 31.54
CA LEU B 8 69.83 1.73 32.70
C LEU B 8 70.55 2.70 33.62
N GLN B 9 71.87 2.63 33.63
CA GLN B 9 72.68 3.54 34.45
C GLN B 9 72.69 4.94 33.82
N LEU B 10 72.55 4.98 32.49
CA LEU B 10 72.59 6.23 31.74
C LEU B 10 71.30 7.04 31.83
N VAL B 11 70.16 6.35 31.75
CA VAL B 11 68.87 7.04 31.85
C VAL B 11 68.77 7.75 33.19
N TYR B 12 69.15 7.07 34.27
CA TYR B 12 69.18 7.69 35.59
C TYR B 12 70.14 8.87 35.53
N GLN B 13 71.26 8.66 34.83
CA GLN B 13 72.33 9.64 34.76
C GLN B 13 71.74 10.91 34.16
N ALA B 14 70.90 10.72 33.16
CA ALA B 14 70.22 11.80 32.46
C ALA B 14 69.26 12.53 33.39
N VAL B 15 68.48 11.77 34.16
CA VAL B 15 67.50 12.34 35.07
C VAL B 15 68.26 13.16 36.09
N GLN B 16 69.30 12.54 36.64
CA GLN B 16 70.07 13.12 37.73
C GLN B 16 70.69 14.41 37.22
N ALA B 17 71.15 14.36 35.97
CA ALA B 17 71.65 15.53 35.27
C ALA B 17 70.55 16.58 35.04
N LEU B 18 69.36 16.11 34.65
CA LEU B 18 68.32 17.01 34.15
C LEU B 18 67.87 17.99 35.23
N TYR B 19 67.64 17.51 36.43
CA TYR B 19 67.30 18.41 37.53
C TYR B 19 68.46 19.22 38.15
N HIS B 20 69.63 18.61 38.35
CA HIS B 20 70.67 19.23 39.19
C HIS B 20 71.99 19.69 38.54
N ASP B 21 72.25 19.35 37.27
CA ASP B 21 73.58 19.57 36.67
C ASP B 21 73.86 21.08 36.74
N PRO B 22 75.04 21.47 37.26
CA PRO B 22 75.24 22.91 37.47
C PRO B 22 75.15 23.69 36.16
N ASP B 23 75.75 23.14 35.12
CA ASP B 23 75.78 23.78 33.82
C ASP B 23 74.34 23.83 33.31
N PRO B 24 73.87 25.02 32.86
CA PRO B 24 72.51 25.10 32.29
C PRO B 24 72.41 24.37 30.94
N SER B 25 73.40 24.57 30.08
CA SER B 25 73.42 23.95 28.76
C SER B 25 73.51 22.44 28.94
N GLY B 26 74.35 22.02 29.90
CA GLY B 26 74.59 20.63 30.20
C GLY B 26 73.26 20.02 30.59
N LYS B 27 72.52 20.79 31.39
CA LYS B 27 71.21 20.39 31.86
C LYS B 27 70.31 20.20 30.65
N GLU B 28 70.45 21.14 29.71
CA GLU B 28 69.56 21.26 28.57
C GLU B 28 69.66 19.98 27.74
N ARG B 29 70.90 19.51 27.54
CA ARG B 29 71.18 18.40 26.64
C ARG B 29 70.45 17.18 27.17
N ALA B 30 70.57 16.96 28.48
CA ALA B 30 69.90 15.87 29.16
C ALA B 30 68.41 15.84 28.83
N SER B 31 67.81 17.01 28.74
CA SER B 31 66.41 17.13 28.37
C SER B 31 66.20 16.63 26.95
N PHE B 32 67.14 16.98 26.07
CA PHE B 32 67.09 16.55 24.67
C PHE B 32 67.24 15.03 24.58
N TRP B 33 68.26 14.50 25.24
CA TRP B 33 68.51 13.07 25.23
C TRP B 33 67.30 12.29 25.74
N LEU B 34 66.78 12.68 26.90
CA LEU B 34 65.61 12.05 27.48
C LEU B 34 64.40 12.19 26.57
N GLY B 35 64.28 13.35 25.94
CA GLY B 35 63.24 13.59 24.97
C GLY B 35 63.29 12.61 23.82
N GLU B 36 64.49 12.40 23.28
CA GLU B 36 64.68 11.45 22.19
C GLU B 36 64.40 10.01 22.65
N LEU B 37 64.70 9.73 23.91
CA LEU B 37 64.43 8.41 24.48
C LEU B 37 62.94 8.09 24.47
N GLN B 38 62.13 9.07 24.86
CA GLN B 38 60.68 8.91 24.92
C GLN B 38 60.11 8.56 23.56
N ARG B 39 60.67 9.15 22.50
CA ARG B 39 60.20 8.91 21.15
C ARG B 39 60.66 7.56 20.61
N SER B 40 61.51 6.87 21.37
CA SER B 40 62.06 5.60 20.93
C SER B 40 61.18 4.43 21.34
N VAL B 41 61.43 3.27 20.74
CA VAL B 41 60.67 2.06 21.03
C VAL B 41 61.05 1.49 22.40
N HIS B 42 62.21 1.91 22.90
CA HIS B 42 62.71 1.42 24.18
C HIS B 42 62.02 2.11 25.35
N ALA B 43 61.24 3.14 25.04
CA ALA B 43 60.53 3.91 26.05
C ALA B 43 59.62 3.04 26.91
N TRP B 44 58.88 2.13 26.27
CA TRP B 44 57.99 1.22 26.99
C TRP B 44 58.73 0.43 28.07
N GLU B 45 59.87 -0.14 27.71
CA GLU B 45 60.66 -0.96 28.62
C GLU B 45 61.34 -0.14 29.72
N ILE B 46 62.03 0.93 29.33
CA ILE B 46 62.71 1.79 30.30
C ILE B 46 61.73 2.36 31.31
N SER B 47 60.53 2.70 30.84
CA SER B 47 59.48 3.22 31.71
C SER B 47 59.08 2.21 32.78
N ASP B 48 58.65 1.03 32.33
CA ASP B 48 58.18 -0.02 33.22
C ASP B 48 59.22 -0.38 34.28
N GLN B 49 60.49 -0.30 33.91
CA GLN B 49 61.58 -0.63 34.82
C GLN B 49 61.82 0.46 35.85
N LEU B 50 61.83 1.72 35.41
CA LEU B 50 62.01 2.84 36.33
C LEU B 50 60.87 2.93 37.34
N LEU B 51 59.68 2.48 36.93
CA LEU B 51 58.51 2.50 37.80
C LEU B 51 58.60 1.45 38.91
N GLN B 52 59.09 0.27 38.57
CA GLN B 52 59.20 -0.80 39.57
C GLN B 52 60.47 -0.64 40.41
N ILE B 53 61.53 -0.11 39.80
CA ILE B 53 62.74 0.20 40.55
C ILE B 53 62.48 1.35 41.52
N ARG B 54 61.92 2.43 40.97
CA ARG B 54 61.55 3.65 41.71
C ARG B 54 62.54 4.03 42.82
N GLN B 55 63.68 4.57 42.42
CA GLN B 55 64.69 5.02 43.37
C GLN B 55 64.43 6.46 43.78
N ASP B 56 63.96 7.25 42.81
CA ASP B 56 63.68 8.66 43.06
C ASP B 56 62.23 9.00 42.74
N VAL B 57 61.83 10.23 43.04
CA VAL B 57 60.51 10.73 42.69
C VAL B 57 60.63 11.28 41.27
N GLU B 58 61.84 11.78 41.00
CA GLU B 58 62.19 12.37 39.72
C GLU B 58 62.12 11.34 38.59
N SER B 59 62.72 10.18 38.83
CA SER B 59 62.75 9.09 37.86
C SER B 59 61.36 8.56 37.52
N CYS B 60 60.48 8.55 38.53
CA CYS B 60 59.13 8.04 38.36
C CYS B 60 58.26 8.96 37.52
N TYR B 61 58.44 10.26 37.70
CA TYR B 61 57.71 11.25 36.93
C TYR B 61 58.02 11.11 35.45
N PHE B 62 59.31 11.02 35.12
CA PHE B 62 59.72 10.79 33.75
C PHE B 62 59.10 9.53 33.15
N ALA B 63 59.13 8.45 33.93
CA ALA B 63 58.63 7.17 33.48
C ALA B 63 57.12 7.22 33.27
N ALA B 64 56.41 7.74 34.26
CA ALA B 64 54.95 7.84 34.21
C ALA B 64 54.53 8.74 33.04
N GLN B 65 55.20 9.86 32.90
CA GLN B 65 54.95 10.76 31.79
C GLN B 65 55.18 10.06 30.46
N THR B 66 56.27 9.31 30.37
CA THR B 66 56.62 8.59 29.15
C THR B 66 55.59 7.50 28.86
N MET B 67 55.15 6.82 29.91
CA MET B 67 54.10 5.82 29.79
C MET B 67 52.85 6.45 29.21
N LYS B 68 52.38 7.52 29.85
CA LYS B 68 51.24 8.29 29.37
C LYS B 68 51.40 8.68 27.90
N MET B 69 52.53 9.30 27.60
CA MET B 69 52.82 9.77 26.24
C MET B 69 52.84 8.65 25.21
N LYS B 70 53.48 7.53 25.55
CA LYS B 70 53.60 6.40 24.65
C LYS B 70 52.25 5.75 24.32
N ILE B 71 51.34 5.73 25.30
CA ILE B 71 50.04 5.08 25.10
C ILE B 71 49.12 5.97 24.27
N GLN B 72 49.32 7.29 24.34
CA GLN B 72 48.47 8.20 23.58
C GLN B 72 49.00 8.52 22.18
N THR B 73 50.33 8.65 22.05
CA THR B 73 50.91 8.98 20.75
C THR B 73 51.10 7.75 19.86
N SER B 74 51.80 6.75 20.36
CA SER B 74 52.13 5.58 19.55
C SER B 74 51.54 4.29 20.14
N PHE B 75 50.22 4.16 20.08
CA PHE B 75 49.55 2.97 20.59
C PHE B 75 49.55 1.86 19.56
N TYR B 76 49.61 2.23 18.28
CA TYR B 76 49.62 1.29 17.17
C TYR B 76 50.73 0.24 17.27
N GLU B 77 51.84 0.62 17.90
CA GLU B 77 52.99 -0.28 18.04
C GLU B 77 52.68 -1.55 18.84
N LEU B 78 51.76 -1.43 19.78
CA LEU B 78 51.40 -2.57 20.63
C LEU B 78 50.50 -3.56 19.91
N PRO B 79 50.82 -4.86 20.02
CA PRO B 79 49.97 -5.93 19.50
C PRO B 79 48.78 -6.19 20.43
N THR B 80 47.81 -6.98 19.98
CA THR B 80 46.59 -7.22 20.73
C THR B 80 46.81 -7.94 22.06
N ASP B 81 47.73 -8.90 22.07
CA ASP B 81 47.98 -9.72 23.25
C ASP B 81 48.78 -8.98 24.32
N SER B 82 49.41 -7.88 23.93
CA SER B 82 50.25 -7.12 24.85
C SER B 82 49.44 -6.17 25.74
N HIS B 83 48.17 -5.96 25.38
CA HIS B 83 47.31 -5.02 26.09
C HIS B 83 47.10 -5.37 27.56
N ALA B 84 46.67 -6.60 27.82
CA ALA B 84 46.43 -7.07 29.18
C ALA B 84 47.69 -6.99 30.04
N SER B 85 48.83 -7.36 29.43
CA SER B 85 50.11 -7.34 30.11
C SER B 85 50.46 -5.93 30.60
N LEU B 86 50.09 -4.94 29.79
CA LEU B 86 50.34 -3.55 30.13
C LEU B 86 49.32 -3.05 31.15
N ARG B 87 48.06 -3.45 30.94
CA ARG B 87 46.97 -3.10 31.84
C ARG B 87 47.26 -3.46 33.29
N ASP B 88 47.82 -4.65 33.49
CA ASP B 88 48.16 -5.12 34.83
C ASP B 88 49.41 -4.41 35.36
N SER B 89 50.37 -4.16 34.49
CA SER B 89 51.61 -3.48 34.87
C SER B 89 51.33 -2.07 35.37
N LEU B 90 50.45 -1.36 34.67
CA LEU B 90 50.09 0.01 35.04
C LEU B 90 49.36 0.02 36.38
N LEU B 91 48.34 -0.84 36.50
CA LEU B 91 47.58 -0.95 37.74
C LEU B 91 48.48 -1.24 38.93
N THR B 92 49.45 -2.13 38.72
CA THR B 92 50.44 -2.43 39.74
C THR B 92 51.26 -1.18 40.10
N HIS B 93 51.66 -0.45 39.07
CA HIS B 93 52.52 0.73 39.25
C HIS B 93 51.83 1.87 40.00
N ILE B 94 50.54 2.07 39.74
CA ILE B 94 49.81 3.15 40.40
C ILE B 94 49.53 2.77 41.85
N GLN B 95 49.39 1.47 42.12
CA GLN B 95 49.25 0.96 43.47
C GLN B 95 50.50 1.28 44.30
N ASN B 96 51.65 0.84 43.80
CA ASN B 96 52.91 1.00 44.50
C ASN B 96 53.40 2.44 44.62
N LEU B 97 52.75 3.37 43.92
CA LEU B 97 53.27 4.73 43.85
C LEU B 97 52.30 5.79 44.38
N LYS B 98 51.15 5.35 44.90
CA LYS B 98 50.19 6.29 45.46
C LYS B 98 50.80 7.10 46.61
N ASP B 99 51.64 6.45 47.41
CA ASP B 99 52.30 7.11 48.53
C ASP B 99 53.14 8.30 48.08
N LEU B 100 53.80 8.17 46.94
CA LEU B 100 54.64 9.25 46.41
C LEU B 100 53.81 10.46 45.96
N SER B 101 54.47 11.38 45.28
CA SER B 101 53.86 12.63 44.84
C SER B 101 52.62 12.39 43.97
N PRO B 102 51.59 13.22 44.14
CA PRO B 102 50.35 13.10 43.36
C PRO B 102 50.56 13.40 41.89
N VAL B 103 51.60 14.18 41.57
CA VAL B 103 51.92 14.53 40.19
C VAL B 103 52.31 13.28 39.39
N ILE B 104 52.88 12.28 40.07
CA ILE B 104 53.15 10.99 39.44
C ILE B 104 51.85 10.24 39.19
N VAL B 105 51.01 10.18 40.22
CA VAL B 105 49.76 9.41 40.16
C VAL B 105 48.82 9.95 39.09
N THR B 106 48.70 11.27 39.01
CA THR B 106 47.88 11.92 38.00
C THR B 106 48.29 11.48 36.61
N GLN B 107 49.60 11.46 36.38
CA GLN B 107 50.16 10.98 35.13
C GLN B 107 49.75 9.52 34.87
N LEU B 108 50.05 8.66 35.84
CA LEU B 108 49.68 7.24 35.77
C LEU B 108 48.18 7.01 35.63
N ALA B 109 47.38 7.89 36.23
CA ALA B 109 45.93 7.81 36.12
C ALA B 109 45.50 8.06 34.69
N LEU B 110 46.20 9.00 34.03
CA LEU B 110 45.94 9.32 32.63
C LEU B 110 46.41 8.19 31.72
N ALA B 111 47.42 7.45 32.17
CA ALA B 111 47.92 6.29 31.43
C ALA B 111 46.84 5.22 31.35
N ILE B 112 46.43 4.72 32.51
CA ILE B 112 45.34 3.75 32.62
C ILE B 112 44.09 4.19 31.87
N ALA B 113 43.74 5.46 32.03
CA ALA B 113 42.56 6.03 31.38
C ALA B 113 42.68 6.01 29.85
N ASP B 114 43.84 6.40 29.35
CA ASP B 114 44.07 6.44 27.91
C ASP B 114 44.18 5.03 27.35
N LEU B 115 44.68 4.12 28.17
CA LEU B 115 44.77 2.71 27.79
C LEU B 115 43.39 2.08 27.70
N ALA B 116 42.55 2.34 28.69
CA ALA B 116 41.22 1.75 28.75
C ALA B 116 40.35 2.18 27.58
N LEU B 117 40.56 3.41 27.11
CA LEU B 117 39.75 3.95 26.02
C LEU B 117 40.10 3.29 24.70
N GLN B 118 41.38 2.95 24.53
CA GLN B 118 41.86 2.37 23.29
C GLN B 118 41.85 0.85 23.33
N MET B 119 41.50 0.30 24.49
CA MET B 119 41.43 -1.16 24.63
C MET B 119 39.98 -1.64 24.61
N PRO B 120 39.57 -2.25 23.50
CA PRO B 120 38.21 -2.80 23.37
C PRO B 120 38.08 -4.08 24.17
N SER B 121 39.22 -4.75 24.40
CA SER B 121 39.26 -5.99 25.16
C SER B 121 38.75 -5.80 26.58
N TRP B 122 39.19 -4.71 27.22
CA TRP B 122 38.78 -4.41 28.59
C TRP B 122 37.29 -4.07 28.67
N LYS B 123 36.46 -5.09 28.90
CA LYS B 123 35.02 -4.91 29.02
C LYS B 123 34.67 -4.35 30.39
N GLY B 124 33.92 -3.25 30.40
CA GLY B 124 33.49 -2.62 31.64
C GLY B 124 34.66 -2.23 32.54
N CYS B 125 35.48 -1.32 32.05
CA CYS B 125 36.65 -0.87 32.80
C CYS B 125 36.26 -0.12 34.06
N VAL B 126 35.13 0.56 34.00
CA VAL B 126 34.65 1.36 35.13
C VAL B 126 34.34 0.48 36.34
N GLN B 127 33.63 -0.61 36.12
CA GLN B 127 33.25 -1.49 37.23
C GLN B 127 34.45 -2.27 37.74
N THR B 128 35.28 -2.75 36.83
CA THR B 128 36.46 -3.53 37.19
C THR B 128 37.36 -2.71 38.11
N LEU B 129 37.38 -1.39 37.89
CA LEU B 129 38.21 -0.51 38.68
C LEU B 129 37.65 -0.25 40.07
N VAL B 130 36.35 0.06 40.16
CA VAL B 130 35.74 0.32 41.45
C VAL B 130 35.67 -0.93 42.34
N GLU B 131 35.08 -2.02 41.83
CA GLU B 131 34.90 -3.22 42.66
C GLU B 131 36.20 -3.97 42.94
N LYS B 132 37.33 -3.29 42.73
CA LYS B 132 38.64 -3.84 43.08
C LYS B 132 39.39 -2.89 44.00
N TYR B 133 39.04 -1.60 43.94
CA TYR B 133 39.76 -0.58 44.69
C TYR B 133 38.87 0.24 45.63
N SER B 134 37.56 0.09 45.50
CA SER B 134 36.61 0.87 46.31
C SER B 134 36.83 0.74 47.81
N ASN B 135 37.03 -0.50 48.26
CA ASN B 135 37.04 -0.79 49.69
C ASN B 135 38.41 -0.70 50.37
N ASP B 136 39.45 -0.41 49.58
CA ASP B 136 40.80 -0.32 50.12
C ASP B 136 41.05 1.03 50.79
N VAL B 137 40.09 1.94 50.64
CA VAL B 137 40.12 3.25 51.30
C VAL B 137 41.33 4.10 50.92
N THR B 138 42.53 3.56 51.08
CA THR B 138 43.75 4.24 50.68
C THR B 138 43.93 4.22 49.17
N SER B 139 43.17 3.36 48.50
CA SER B 139 43.24 3.25 47.04
C SER B 139 42.17 4.10 46.37
N LEU B 140 41.36 4.78 47.17
CA LEU B 140 40.34 5.68 46.66
C LEU B 140 40.88 6.99 46.05
N PRO B 141 41.93 7.59 46.66
CA PRO B 141 42.50 8.79 46.03
C PRO B 141 42.89 8.62 44.56
N PHE B 142 43.53 7.53 44.17
CA PHE B 142 43.87 7.35 42.76
C PHE B 142 42.71 6.79 41.96
N LEU B 143 41.79 6.10 42.63
CA LEU B 143 40.63 5.53 41.96
C LEU B 143 39.70 6.63 41.47
N LEU B 144 39.64 7.72 42.21
CA LEU B 144 38.84 8.88 41.81
C LEU B 144 39.58 9.68 40.73
N GLU B 145 40.91 9.72 40.83
CA GLU B 145 41.75 10.36 39.81
C GLU B 145 41.51 9.72 38.45
N ILE B 146 41.59 8.40 38.39
CA ILE B 146 41.31 7.64 37.18
C ILE B 146 39.90 7.92 36.66
N LEU B 147 38.93 7.78 37.57
CA LEU B 147 37.54 7.98 37.20
C LEU B 147 37.26 9.42 36.76
N THR B 148 38.02 10.37 37.30
CA THR B 148 37.84 11.77 36.94
C THR B 148 38.31 12.08 35.53
N VAL B 149 39.53 11.68 35.21
CA VAL B 149 40.15 12.01 33.92
C VAL B 149 39.64 11.16 32.76
N LEU B 150 39.00 10.04 33.06
CA LEU B 150 38.48 9.16 32.00
C LEU B 150 37.43 9.85 31.11
N PRO B 151 36.48 10.60 31.70
CA PRO B 151 35.59 11.35 30.81
C PRO B 151 36.29 12.50 30.08
N GLU B 152 37.40 12.98 30.62
CA GLU B 152 38.15 14.06 30.01
C GLU B 152 38.94 13.57 28.79
N GLU B 153 39.47 12.37 28.88
CA GLU B 153 40.31 11.82 27.82
C GLU B 153 39.50 11.27 26.65
N VAL B 154 38.18 11.17 26.82
CA VAL B 154 37.32 10.69 25.73
C VAL B 154 37.22 11.78 24.66
N HIS B 155 37.52 13.01 25.04
CA HIS B 155 37.56 14.13 24.10
C HIS B 155 38.96 14.69 24.00
N SER B 156 39.94 13.80 23.89
CA SER B 156 41.34 14.19 23.75
C SER B 156 41.75 14.22 22.28
N ARG B 157 42.36 15.34 21.88
CA ARG B 157 42.87 15.47 20.52
C ARG B 157 44.09 14.58 20.33
N SER B 158 44.91 14.49 21.37
CA SER B 158 46.13 13.68 21.36
C SER B 158 45.84 12.19 21.42
N LEU B 159 44.56 11.84 21.53
CA LEU B 159 44.15 10.44 21.57
C LEU B 159 43.15 10.16 20.45
N ARG B 160 43.63 9.58 19.36
CA ARG B 160 42.77 9.27 18.23
C ARG B 160 42.29 7.81 18.24
N ILE B 161 40.99 7.65 18.39
CA ILE B 161 40.39 6.31 18.47
C ILE B 161 39.03 6.30 17.75
N GLY B 162 39.07 6.48 16.44
CA GLY B 162 37.88 6.45 15.61
C GLY B 162 36.84 7.51 15.91
N ALA B 163 35.76 7.50 15.15
CA ALA B 163 34.64 8.39 15.39
C ALA B 163 33.44 7.60 15.90
N ASN B 164 33.19 6.46 15.28
CA ASN B 164 32.12 5.57 15.71
C ASN B 164 32.45 4.93 17.06
N ARG B 165 33.73 4.71 17.31
CA ARG B 165 34.19 4.16 18.58
C ARG B 165 33.97 5.16 19.72
N ARG B 166 34.14 6.44 19.40
CA ARG B 166 33.97 7.50 20.39
C ARG B 166 32.56 7.49 20.97
N THR B 167 31.57 7.34 20.09
CA THR B 167 30.18 7.28 20.52
C THR B 167 29.83 5.91 21.11
N GLU B 168 30.67 4.92 20.83
CA GLU B 168 30.53 3.60 21.46
C GLU B 168 31.10 3.62 22.87
N ILE B 169 32.02 4.54 23.12
CA ILE B 169 32.65 4.69 24.42
C ILE B 169 31.72 5.40 25.39
N ILE B 170 30.88 6.29 24.84
CA ILE B 170 30.05 7.16 25.65
C ILE B 170 28.83 6.46 26.24
N GLU B 171 28.09 5.71 25.42
CA GLU B 171 26.89 5.04 25.91
C GLU B 171 27.27 3.90 26.86
N ASP B 172 28.47 3.37 26.70
CA ASP B 172 28.99 2.37 27.62
C ASP B 172 29.15 2.97 29.01
N LEU B 173 29.84 4.10 29.09
CA LEU B 173 29.98 4.86 30.33
C LEU B 173 28.62 5.31 30.89
N ALA B 174 27.57 5.23 30.08
CA ALA B 174 26.23 5.60 30.53
C ALA B 174 25.58 4.45 31.28
N PHE B 175 25.77 3.23 30.78
CA PHE B 175 25.27 2.04 31.44
C PHE B 175 25.94 1.90 32.81
N TYR B 176 27.17 2.38 32.90
CA TYR B 176 27.93 2.33 34.14
C TYR B 176 27.97 3.69 34.86
N SER B 177 27.03 4.57 34.51
CA SER B 177 26.94 5.86 35.19
C SER B 177 26.52 5.71 36.64
N SER B 178 25.50 4.88 36.87
CA SER B 178 24.97 4.67 38.21
C SER B 178 26.01 4.11 39.19
N THR B 179 26.79 3.13 38.74
CA THR B 179 27.75 2.47 39.63
C THR B 179 28.86 3.40 40.14
N VAL B 180 29.33 4.33 39.30
CA VAL B 180 30.34 5.29 39.75
C VAL B 180 29.71 6.38 40.63
N VAL B 181 28.50 6.81 40.28
CA VAL B 181 27.78 7.80 41.09
C VAL B 181 27.43 7.25 42.48
N SER B 182 27.00 5.99 42.53
CA SER B 182 26.74 5.32 43.80
C SER B 182 28.01 5.25 44.64
N LEU B 183 29.11 4.86 44.01
CA LEU B 183 30.42 4.89 44.65
C LEU B 183 30.75 6.28 45.17
N LEU B 184 30.25 7.30 44.46
CA LEU B 184 30.54 8.69 44.77
C LEU B 184 29.64 9.16 45.91
N MET B 185 28.39 8.72 45.87
CA MET B 185 27.46 8.91 46.98
C MET B 185 28.05 8.32 48.26
N THR B 186 28.29 7.02 48.24
CA THR B 186 28.98 6.30 49.31
C THR B 186 30.26 7.00 49.77
N CYS B 187 30.97 7.61 48.82
CA CYS B 187 32.30 8.17 49.08
C CYS B 187 32.31 9.27 50.12
N VAL B 188 31.25 10.07 50.17
CA VAL B 188 31.18 11.16 51.14
C VAL B 188 31.13 10.63 52.57
N GLU B 189 30.38 9.55 52.79
CA GLU B 189 30.30 8.91 54.10
C GLU B 189 31.68 8.54 54.62
N GLU B 195 37.50 17.21 54.34
CA GLU B 195 37.45 18.22 53.29
C GLU B 195 38.23 17.77 52.06
N LYS B 196 39.49 17.40 52.29
CA LYS B 196 40.40 16.98 51.23
C LYS B 196 39.79 15.91 50.30
N MET B 197 38.79 15.20 50.80
CA MET B 197 38.22 14.07 50.08
C MET B 197 36.88 14.50 49.47
N LEU B 198 36.39 15.67 49.86
CA LEU B 198 35.16 16.20 49.27
C LEU B 198 35.42 16.83 47.90
N MET B 199 36.47 17.63 47.80
CA MET B 199 36.78 18.33 46.55
C MET B 199 37.17 17.35 45.44
N LYS B 200 37.74 16.21 45.81
CA LYS B 200 38.05 15.17 44.83
C LYS B 200 36.77 14.53 44.29
N VAL B 201 35.81 14.31 45.18
CA VAL B 201 34.50 13.80 44.79
C VAL B 201 33.78 14.80 43.88
N PHE B 202 33.86 16.09 44.24
CA PHE B 202 33.24 17.14 43.44
C PHE B 202 33.84 17.24 42.05
N ARG B 203 35.16 17.20 41.97
CA ARG B 203 35.86 17.30 40.68
C ARG B 203 35.56 16.11 39.79
N CYS B 204 35.24 14.98 40.40
CA CYS B 204 34.92 13.75 39.65
C CYS B 204 33.52 13.80 39.07
N LEU B 205 32.55 14.23 39.87
CA LEU B 205 31.18 14.37 39.41
C LEU B 205 31.10 15.49 38.37
N GLY B 206 32.01 16.46 38.49
CA GLY B 206 32.12 17.53 37.53
C GLY B 206 32.36 17.03 36.12
N SER B 207 33.41 16.23 35.96
CA SER B 207 33.79 15.71 34.65
C SER B 207 32.78 14.71 34.11
N TRP B 208 32.10 13.99 35.01
CA TRP B 208 31.09 13.03 34.60
C TRP B 208 29.82 13.73 34.11
N PHE B 209 29.55 14.91 34.64
CA PHE B 209 28.49 15.76 34.12
C PHE B 209 28.85 16.24 32.72
N ASN B 210 30.15 16.46 32.51
CA ASN B 210 30.64 17.17 31.34
C ASN B 210 30.40 16.48 29.99
N LEU B 211 30.66 15.18 29.88
CA LEU B 211 30.45 14.52 28.59
C LEU B 211 28.95 14.26 28.40
N GLY B 212 28.17 14.62 29.41
CA GLY B 212 26.72 14.51 29.33
C GLY B 212 26.24 13.09 29.48
N VAL B 213 26.65 12.44 30.56
CA VAL B 213 26.40 11.01 30.73
C VAL B 213 25.61 10.71 32.01
N LEU B 214 25.43 11.73 32.86
CA LEU B 214 24.63 11.59 34.06
C LEU B 214 23.16 11.82 33.76
N ASP B 215 22.30 10.96 34.27
CA ASP B 215 20.85 11.12 34.07
C ASP B 215 20.32 12.26 34.93
N SER B 216 19.59 13.18 34.30
CA SER B 216 19.11 14.39 34.96
C SER B 216 18.19 14.10 36.15
N ASN B 217 17.21 13.23 35.92
CA ASN B 217 16.21 12.90 36.92
C ASN B 217 16.82 12.22 38.13
N PHE B 218 17.77 11.31 37.89
CA PHE B 218 18.43 10.61 38.99
C PHE B 218 19.16 11.53 39.90
N MET B 219 19.85 12.47 39.28
CA MET B 219 20.68 13.44 39.97
C MET B 219 19.88 14.49 40.71
N ALA B 220 18.66 14.74 40.24
CA ALA B 220 17.79 15.73 40.84
C ALA B 220 17.59 15.43 42.32
N ASN B 221 17.12 14.22 42.61
CA ASN B 221 16.94 13.78 43.99
C ASN B 221 18.17 13.05 44.51
N ASN B 222 19.29 13.76 44.59
CA ASN B 222 20.54 13.16 45.02
C ASN B 222 21.24 13.95 46.12
N LYS B 223 21.71 13.23 47.12
CA LYS B 223 22.49 13.78 48.23
C LYS B 223 23.66 14.65 47.75
N LEU B 224 24.36 14.16 46.74
CA LEU B 224 25.55 14.82 46.22
C LEU B 224 25.29 16.20 45.63
N LEU B 225 24.08 16.41 45.11
CA LEU B 225 23.73 17.68 44.50
C LEU B 225 23.39 18.72 45.56
N ALA B 226 22.81 18.27 46.67
CA ALA B 226 22.42 19.16 47.75
C ALA B 226 23.63 19.60 48.57
N LEU B 227 24.45 18.64 48.97
CA LEU B 227 25.69 18.93 49.69
C LEU B 227 26.57 19.93 48.93
N LEU B 228 26.45 19.90 47.62
CA LEU B 228 27.17 20.82 46.75
C LEU B 228 26.88 22.28 47.12
N PHE B 229 25.59 22.62 47.14
CA PHE B 229 25.19 23.98 47.52
C PHE B 229 25.44 24.25 49.00
N GLU B 230 25.43 23.20 49.82
CA GLU B 230 25.68 23.34 51.25
C GLU B 230 27.08 23.89 51.51
N VAL B 231 28.10 23.28 50.92
CA VAL B 231 29.47 23.75 51.08
C VAL B 231 29.64 25.15 50.48
N LEU B 232 28.84 25.46 49.48
CA LEU B 232 28.92 26.76 48.83
C LEU B 232 28.25 27.86 49.66
N GLN B 233 27.42 27.45 50.63
CA GLN B 233 26.78 28.40 51.54
C GLN B 233 27.71 28.76 52.70
N GLN B 234 28.33 27.76 53.31
CA GLN B 234 29.19 27.95 54.47
C GLN B 234 30.34 28.92 54.18
N ASP B 235 30.45 29.95 55.02
CA ASP B 235 31.54 30.91 54.95
C ASP B 235 32.88 30.28 55.32
N LYS B 236 32.82 29.11 55.96
CA LYS B 236 34.01 28.42 56.45
C LYS B 236 34.83 27.76 55.35
N THR B 237 34.16 27.27 54.31
CA THR B 237 34.81 26.44 53.28
C THR B 237 36.01 27.11 52.60
N SER B 238 37.03 26.29 52.35
CA SER B 238 38.30 26.76 51.78
C SER B 238 38.21 27.14 50.31
N SER B 239 39.13 27.99 49.88
CA SER B 239 39.21 28.45 48.49
C SER B 239 39.26 27.31 47.48
N ASN B 240 40.03 26.27 47.79
CA ASN B 240 40.17 25.12 46.88
C ASN B 240 38.89 24.31 46.76
N LEU B 241 38.21 24.07 47.88
CA LEU B 241 36.95 23.34 47.89
C LEU B 241 35.84 24.18 47.29
N HIS B 242 35.90 25.48 47.54
CA HIS B 242 34.92 26.41 46.99
C HIS B 242 35.00 26.36 45.48
N GLU B 243 36.23 26.37 44.96
CA GLU B 243 36.49 26.27 43.52
C GLU B 243 35.93 24.97 42.94
N ALA B 244 36.21 23.85 43.59
CA ALA B 244 35.74 22.55 43.14
C ALA B 244 34.22 22.49 43.07
N ALA B 245 33.55 23.07 44.06
CA ALA B 245 32.10 23.06 44.10
C ALA B 245 31.50 23.97 43.03
N SER B 246 32.06 25.18 42.91
CA SER B 246 31.59 26.14 41.91
C SER B 246 31.64 25.56 40.51
N ASP B 247 32.76 24.93 40.17
CA ASP B 247 32.96 24.33 38.86
C ASP B 247 31.95 23.21 38.60
N CYS B 248 31.72 22.39 39.63
CA CYS B 248 30.78 21.28 39.52
C CYS B 248 29.34 21.75 39.31
N VAL B 249 28.96 22.82 39.99
CA VAL B 249 27.64 23.40 39.82
C VAL B 249 27.52 23.92 38.39
N CYS B 250 28.58 24.58 37.94
CA CYS B 250 28.62 25.11 36.58
C CYS B 250 28.59 23.97 35.56
N SER B 251 29.16 22.83 35.93
CA SER B 251 29.12 21.65 35.07
C SER B 251 27.71 21.09 34.98
N ALA B 252 27.01 21.08 36.11
CA ALA B 252 25.64 20.58 36.16
C ALA B 252 24.72 21.50 35.35
N LEU B 253 24.92 22.81 35.52
CA LEU B 253 24.14 23.79 34.77
C LEU B 253 24.39 23.66 33.27
N TYR B 254 25.66 23.44 32.92
CA TYR B 254 26.08 23.33 31.52
C TYR B 254 25.57 22.04 30.88
N ALA B 255 25.55 20.97 31.67
CA ALA B 255 25.16 19.65 31.18
C ALA B 255 23.72 19.64 30.67
N ILE B 256 22.85 20.42 31.30
CA ILE B 256 21.46 20.52 30.87
C ILE B 256 21.35 21.05 29.44
N GLU B 257 21.00 20.16 28.52
CA GLU B 257 20.81 20.53 27.13
C GLU B 257 19.45 21.18 26.92
N ASN B 258 18.40 20.41 27.23
CA ASN B 258 17.04 20.92 27.13
C ASN B 258 16.42 21.06 28.52
N VAL B 259 15.91 22.24 28.82
CA VAL B 259 15.40 22.56 30.16
C VAL B 259 14.12 21.80 30.49
N GLU B 260 13.24 21.65 29.51
CA GLU B 260 11.99 20.93 29.71
C GLU B 260 12.21 19.44 29.95
N THR B 261 13.15 18.86 29.23
CA THR B 261 13.50 17.45 29.39
C THR B 261 14.11 17.19 30.77
N ASN B 262 14.85 18.17 31.28
CA ASN B 262 15.55 18.04 32.55
C ASN B 262 14.94 18.90 33.65
N LEU B 263 13.63 19.09 33.60
CA LEU B 263 12.93 19.94 34.57
C LEU B 263 13.15 19.62 36.05
N PRO B 264 13.21 18.32 36.42
CA PRO B 264 13.49 18.07 37.85
C PRO B 264 14.86 18.58 38.27
N LEU B 265 15.91 18.21 37.53
CA LEU B 265 17.27 18.64 37.82
C LEU B 265 17.44 20.15 37.66
N ALA B 266 16.77 20.71 36.65
CA ALA B 266 16.90 22.14 36.34
C ALA B 266 16.44 23.02 37.49
N MET B 267 15.29 22.66 38.07
CA MET B 267 14.71 23.43 39.17
C MET B 267 15.52 23.28 40.44
N GLN B 268 15.95 22.05 40.72
CA GLN B 268 16.85 21.77 41.84
C GLN B 268 18.06 22.70 41.85
N LEU B 269 18.68 22.84 40.67
CA LEU B 269 19.83 23.71 40.50
C LEU B 269 19.44 25.17 40.56
N PHE B 270 18.33 25.51 39.89
CA PHE B 270 17.85 26.89 39.85
C PHE B 270 17.56 27.45 41.24
N GLN B 271 16.83 26.68 42.04
CA GLN B 271 16.55 27.09 43.42
C GLN B 271 17.83 27.09 44.24
N GLY B 272 18.69 26.10 43.99
CA GLY B 272 19.96 25.97 44.70
C GLY B 272 20.86 27.19 44.63
N VAL B 273 21.16 27.65 43.42
CA VAL B 273 22.08 28.76 43.21
C VAL B 273 21.56 30.07 43.80
N LEU B 274 20.25 30.27 43.78
CA LEU B 274 19.66 31.50 44.29
C LEU B 274 19.89 31.69 45.79
N THR B 275 20.11 30.60 46.50
CA THR B 275 20.39 30.67 47.94
C THR B 275 21.82 31.12 48.24
N LEU B 276 22.63 31.28 47.20
CA LEU B 276 24.04 31.61 47.38
C LEU B 276 24.27 33.11 47.51
N GLU B 277 23.21 33.90 47.37
CA GLU B 277 23.35 35.35 47.41
C GLU B 277 23.90 35.84 48.74
N THR B 278 23.44 35.23 49.83
CA THR B 278 23.92 35.60 51.15
C THR B 278 25.38 35.19 51.31
N ALA B 279 25.70 33.98 50.88
CA ALA B 279 27.07 33.48 50.92
C ALA B 279 27.99 34.36 50.07
N TYR B 280 27.48 34.80 48.93
CA TYR B 280 28.19 35.73 48.06
C TYR B 280 28.56 36.98 48.85
N HIS B 281 27.58 37.56 49.51
CA HIS B 281 27.76 38.79 50.25
C HIS B 281 28.74 38.62 51.40
N MET B 282 28.70 37.47 52.07
CA MET B 282 29.68 37.16 53.10
C MET B 282 31.11 37.19 52.56
N ALA B 283 31.24 36.92 51.25
CA ALA B 283 32.54 36.88 50.60
C ALA B 283 32.98 38.26 50.13
N VAL B 284 32.02 39.06 49.65
CA VAL B 284 32.34 40.42 49.20
C VAL B 284 32.58 41.33 50.40
N ALA B 285 32.00 40.96 51.55
CA ALA B 285 32.23 41.68 52.80
C ALA B 285 33.70 41.57 53.15
N ARG B 286 34.21 40.34 53.17
CA ARG B 286 35.64 40.09 53.21
C ARG B 286 36.22 40.44 51.84
N GLU B 287 37.48 40.12 51.61
CA GLU B 287 38.05 40.38 50.30
C GLU B 287 38.59 39.11 49.64
N ASP B 288 37.80 38.04 49.70
CA ASP B 288 38.12 36.81 49.00
C ASP B 288 37.68 36.95 47.55
N LEU B 289 38.57 37.50 46.72
CA LEU B 289 38.25 37.76 45.33
C LEU B 289 38.03 36.44 44.58
N ASP B 290 38.66 35.38 45.06
CA ASP B 290 38.47 34.07 44.45
C ASP B 290 37.03 33.59 44.55
N LYS B 291 36.41 33.81 45.71
CA LYS B 291 35.04 33.37 45.93
C LYS B 291 34.03 34.23 45.18
N VAL B 292 34.21 35.55 45.23
CA VAL B 292 33.30 36.45 44.53
C VAL B 292 33.30 36.16 43.02
N LEU B 293 34.44 35.75 42.49
CA LEU B 293 34.53 35.36 41.09
C LEU B 293 33.81 34.03 40.85
N ASN B 294 33.99 33.09 41.78
CA ASN B 294 33.30 31.81 41.71
C ASN B 294 31.77 31.90 41.66
N TYR B 295 31.18 32.68 42.57
CA TYR B 295 29.73 32.88 42.56
C TYR B 295 29.29 33.52 41.26
N CYS B 296 30.06 34.50 40.80
CA CYS B 296 29.74 35.21 39.57
C CYS B 296 29.74 34.26 38.37
N ARG B 297 30.62 33.27 38.39
CA ARG B 297 30.61 32.22 37.39
C ARG B 297 29.31 31.42 37.45
N ILE B 298 28.91 31.02 38.66
CA ILE B 298 27.67 30.27 38.84
C ILE B 298 26.44 31.10 38.46
N PHE B 299 26.44 32.36 38.85
CA PHE B 299 25.35 33.25 38.51
C PHE B 299 25.27 33.41 36.99
N THR B 300 26.43 33.54 36.36
CA THR B 300 26.48 33.68 34.91
C THR B 300 26.06 32.38 34.23
N GLU B 301 26.49 31.25 34.80
CA GLU B 301 26.18 29.95 34.21
C GLU B 301 24.67 29.64 34.27
N LEU B 302 24.04 30.08 35.36
CA LEU B 302 22.60 29.98 35.51
C LEU B 302 21.87 30.73 34.41
N CYS B 303 22.13 32.03 34.33
CA CYS B 303 21.57 32.91 33.30
C CYS B 303 21.73 32.35 31.90
N GLU B 304 22.89 31.74 31.64
CA GLU B 304 23.18 31.18 30.33
C GLU B 304 22.34 29.93 30.04
N THR B 305 22.19 29.08 31.05
CA THR B 305 21.43 27.85 30.92
C THR B 305 19.95 28.13 30.67
N PHE B 306 19.41 29.12 31.36
CA PHE B 306 17.99 29.44 31.30
C PHE B 306 17.69 30.72 30.52
N LEU B 307 18.56 31.10 29.59
CA LEU B 307 18.34 32.29 28.77
C LEU B 307 17.06 32.15 27.96
N GLU B 308 16.79 30.94 27.47
CA GLU B 308 15.62 30.68 26.66
C GLU B 308 14.33 30.95 27.45
N LYS B 309 14.33 30.55 28.73
CA LYS B 309 13.18 30.75 29.61
C LYS B 309 13.03 32.20 30.04
N ILE B 310 14.16 32.85 30.34
CA ILE B 310 14.14 34.26 30.74
C ILE B 310 13.55 35.13 29.63
N VAL B 311 13.83 34.76 28.39
CA VAL B 311 13.34 35.52 27.24
C VAL B 311 11.91 35.09 26.90
N CYS B 312 11.59 33.83 27.16
CA CYS B 312 10.26 33.30 26.85
C CYS B 312 9.23 33.71 27.89
N THR B 313 9.52 33.42 29.16
CA THR B 313 8.60 33.73 30.25
C THR B 313 9.29 34.53 31.35
N PRO B 314 9.49 35.83 31.12
CA PRO B 314 10.12 36.71 32.11
C PRO B 314 9.36 36.79 33.42
N GLY B 315 10.04 36.47 34.52
CA GLY B 315 9.46 36.59 35.84
C GLY B 315 8.86 35.32 36.41
N GLN B 316 8.36 34.46 35.53
CA GLN B 316 7.66 33.25 35.97
C GLN B 316 8.53 32.00 35.90
N GLY B 317 8.68 31.32 37.03
CA GLY B 317 9.37 30.05 37.08
C GLY B 317 10.87 30.16 36.87
N LEU B 318 11.38 29.41 35.89
CA LEU B 318 12.79 29.41 35.60
C LEU B 318 13.20 30.68 34.85
N GLY B 319 12.21 31.40 34.34
CA GLY B 319 12.45 32.66 33.67
C GLY B 319 12.40 33.81 34.64
N ASP B 320 12.58 33.51 35.92
CA ASP B 320 12.54 34.52 36.97
C ASP B 320 13.66 35.53 36.78
N LEU B 321 13.30 36.81 36.74
CA LEU B 321 14.27 37.87 36.53
C LEU B 321 15.09 38.16 37.79
N ARG B 322 15.00 37.26 38.77
CA ARG B 322 15.86 37.32 39.94
C ARG B 322 17.28 36.97 39.51
N THR B 323 17.37 36.17 38.45
CA THR B 323 18.63 35.79 37.84
C THR B 323 19.44 37.01 37.41
N LEU B 324 18.88 37.79 36.50
CA LEU B 324 19.54 39.00 36.00
C LEU B 324 19.88 39.96 37.13
N GLU B 325 19.08 39.91 38.19
CA GLU B 325 19.28 40.78 39.35
C GLU B 325 20.59 40.43 40.04
N LEU B 326 20.97 39.17 39.99
CA LEU B 326 22.19 38.69 40.62
C LEU B 326 23.45 39.12 39.86
N LEU B 327 23.40 39.08 38.53
CA LEU B 327 24.52 39.54 37.72
C LEU B 327 24.76 41.02 37.94
N LEU B 328 23.65 41.76 38.04
CA LEU B 328 23.70 43.19 38.28
C LEU B 328 24.26 43.49 39.66
N ILE B 329 24.06 42.56 40.59
CA ILE B 329 24.71 42.66 41.90
C ILE B 329 26.22 42.58 41.71
N CYS B 330 26.66 41.61 40.92
CA CYS B 330 28.08 41.42 40.62
C CYS B 330 28.65 42.62 39.86
N ALA B 331 27.84 43.22 38.99
CA ALA B 331 28.29 44.36 38.21
C ALA B 331 28.61 45.56 39.11
N GLY B 332 28.07 45.54 40.31
CA GLY B 332 28.33 46.57 41.30
C GLY B 332 29.75 46.52 41.82
N HIS B 333 30.19 45.32 42.20
CA HIS B 333 31.55 45.07 42.69
C HIS B 333 32.61 45.89 41.97
N PRO B 334 33.40 46.65 42.73
CA PRO B 334 34.33 47.66 42.18
C PRO B 334 35.46 47.06 41.34
N GLN B 335 35.70 45.76 41.47
CA GLN B 335 36.76 45.11 40.71
C GLN B 335 36.24 44.61 39.37
N TYR B 336 36.79 45.14 38.28
CA TYR B 336 36.27 44.89 36.95
C TYR B 336 36.35 43.42 36.52
N GLU B 337 37.27 42.67 37.13
CA GLU B 337 37.42 41.25 36.82
C GLU B 337 36.14 40.44 37.11
N VAL B 338 35.27 40.99 37.94
CA VAL B 338 34.04 40.31 38.31
C VAL B 338 32.96 40.44 37.24
N VAL B 339 32.73 41.67 36.77
CA VAL B 339 31.65 41.93 35.84
C VAL B 339 31.94 41.40 34.42
N GLU B 340 33.22 41.36 34.05
CA GLU B 340 33.60 40.95 32.70
C GLU B 340 33.22 39.49 32.41
N ILE B 341 33.08 38.70 33.46
CA ILE B 341 32.68 37.30 33.32
C ILE B 341 31.30 37.20 32.67
N SER B 342 30.38 38.05 33.08
CA SER B 342 29.01 37.98 32.58
C SER B 342 28.84 38.63 31.21
N PHE B 343 29.93 39.18 30.67
CA PHE B 343 29.88 39.89 29.39
C PHE B 343 29.39 38.99 28.25
N ASN B 344 29.78 37.72 28.31
CA ASN B 344 29.38 36.79 27.27
C ASN B 344 27.87 36.56 27.27
N PHE B 345 27.30 36.32 28.45
CA PHE B 345 25.86 36.18 28.57
C PHE B 345 25.12 37.42 28.10
N TRP B 346 25.56 38.57 28.60
CA TRP B 346 24.93 39.84 28.26
C TRP B 346 24.86 40.05 26.76
N TYR B 347 25.93 39.71 26.06
CA TYR B 347 25.89 39.75 24.61
C TYR B 347 24.82 38.82 24.07
N ARG B 348 24.89 37.55 24.46
CA ARG B 348 23.98 36.52 23.93
C ARG B 348 22.51 36.85 24.23
N LEU B 349 22.26 37.52 25.35
CA LEU B 349 20.92 37.99 25.67
C LEU B 349 20.47 39.01 24.64
N GLY B 350 21.24 40.09 24.50
CA GLY B 350 20.94 41.12 23.53
C GLY B 350 20.86 40.58 22.11
N GLU B 351 21.56 39.48 21.85
CA GLU B 351 21.54 38.84 20.54
C GLU B 351 20.20 38.16 20.29
N HIS B 352 19.74 37.41 21.28
CA HIS B 352 18.45 36.74 21.22
C HIS B 352 17.35 37.79 21.08
N LEU B 353 17.46 38.84 21.88
CA LEU B 353 16.51 39.94 21.83
C LEU B 353 16.51 40.63 20.47
N TYR B 354 17.66 40.67 19.83
CA TYR B 354 17.78 41.31 18.53
C TYR B 354 17.05 40.50 17.46
N LYS B 355 17.10 39.17 17.61
CA LYS B 355 16.43 38.28 16.68
C LYS B 355 14.91 38.50 16.68
N THR B 356 14.31 38.37 17.86
CA THR B 356 12.88 38.63 18.01
C THR B 356 12.58 40.12 17.89
N ASN B 357 11.79 40.49 16.88
CA ASN B 357 11.48 41.89 16.62
C ASN B 357 10.24 42.35 17.39
N ASP B 358 10.19 42.03 18.67
CA ASP B 358 9.07 42.39 19.52
C ASP B 358 9.48 43.41 20.58
N GLU B 359 9.06 44.66 20.39
CA GLU B 359 9.46 45.74 21.29
C GLU B 359 8.81 45.64 22.68
N VAL B 360 7.95 44.66 22.86
CA VAL B 360 7.40 44.38 24.18
C VAL B 360 8.44 43.63 25.02
N ILE B 361 9.16 42.71 24.37
CA ILE B 361 10.22 41.96 25.04
C ILE B 361 11.45 42.85 25.25
N HIS B 362 11.69 43.75 24.31
CA HIS B 362 12.76 44.73 24.45
C HIS B 362 12.54 45.60 25.68
N GLY B 363 11.31 46.10 25.83
CA GLY B 363 10.95 46.96 26.94
C GLY B 363 11.09 46.31 28.30
N ILE B 364 10.87 44.99 28.36
CA ILE B 364 11.01 44.24 29.60
C ILE B 364 12.46 44.30 30.11
N PHE B 365 13.41 44.17 29.21
CA PHE B 365 14.82 44.06 29.61
C PHE B 365 15.59 45.37 29.53
N LYS B 366 15.01 46.36 28.85
CA LYS B 366 15.63 47.68 28.69
C LYS B 366 16.22 48.21 30.00
N ALA B 367 15.47 48.05 31.08
CA ALA B 367 15.88 48.54 32.40
C ALA B 367 17.19 47.90 32.85
N TYR B 368 17.25 46.58 32.82
CA TYR B 368 18.46 45.86 33.18
C TYR B 368 19.66 46.29 32.32
N ILE B 369 19.44 46.43 31.02
CA ILE B 369 20.51 46.82 30.10
C ILE B 369 21.02 48.24 30.38
N GLN B 370 20.13 49.15 30.76
CA GLN B 370 20.56 50.51 31.10
C GLN B 370 21.18 50.53 32.49
N ARG B 371 20.77 49.59 33.34
CA ARG B 371 21.35 49.47 34.67
C ARG B 371 22.76 48.94 34.56
N LEU B 372 22.94 47.92 33.73
CA LEU B 372 24.26 47.36 33.45
C LEU B 372 25.19 48.40 32.81
N LEU B 373 24.65 49.17 31.88
CA LEU B 373 25.43 50.14 31.12
C LEU B 373 26.01 51.22 32.03
N HIS B 374 25.23 51.67 33.02
CA HIS B 374 25.72 52.66 33.97
C HIS B 374 26.80 52.07 34.87
N ALA B 375 26.67 50.78 35.17
CA ALA B 375 27.68 50.09 35.96
C ALA B 375 29.00 50.02 35.19
N LEU B 376 28.90 49.85 33.88
CA LEU B 376 30.08 49.77 33.02
C LEU B 376 30.80 51.10 32.92
N ALA B 377 30.02 52.18 32.81
CA ALA B 377 30.58 53.53 32.72
C ALA B 377 31.42 53.86 33.95
N ARG B 378 31.00 53.36 35.11
CA ARG B 378 31.79 53.51 36.33
C ARG B 378 33.09 52.72 36.22
N HIS B 379 32.97 51.47 35.80
CA HIS B 379 34.11 50.58 35.65
C HIS B 379 35.17 51.14 34.70
N CYS B 380 34.73 51.91 33.71
CA CYS B 380 35.63 52.47 32.71
C CYS B 380 36.44 53.66 33.22
N GLN B 381 36.10 54.15 34.41
CA GLN B 381 36.81 55.30 34.97
C GLN B 381 38.24 54.97 35.33
N LEU B 382 39.15 55.87 34.97
CA LEU B 382 40.57 55.71 35.28
C LEU B 382 40.88 56.22 36.69
N GLU B 383 41.96 55.70 37.28
CA GLU B 383 42.46 56.20 38.55
C GLU B 383 42.85 57.67 38.40
N PRO B 384 42.62 58.48 39.43
CA PRO B 384 42.89 59.92 39.37
C PRO B 384 44.37 60.24 39.14
N ASP B 385 45.26 59.36 39.59
CA ASP B 385 46.70 59.59 39.45
C ASP B 385 47.25 59.18 38.10
N HIS B 386 46.39 58.60 37.25
CA HIS B 386 46.77 58.24 35.89
C HIS B 386 47.24 59.49 35.15
N GLU B 387 48.44 59.43 34.56
CA GLU B 387 49.07 60.63 34.03
C GLU B 387 48.86 60.84 32.52
N GLY B 388 48.93 59.78 31.74
CA GLY B 388 48.92 59.93 30.29
C GLY B 388 47.61 59.55 29.63
N VAL B 389 47.67 59.35 28.32
CA VAL B 389 46.53 58.85 27.56
C VAL B 389 46.19 57.43 27.97
N PRO B 390 44.92 57.02 27.79
CA PRO B 390 44.56 55.65 28.16
C PRO B 390 45.09 54.65 27.14
N GLU B 391 45.76 53.61 27.60
CA GLU B 391 46.37 52.63 26.72
C GLU B 391 45.41 51.48 26.41
N GLU B 392 45.52 50.92 25.21
CA GLU B 392 44.62 49.83 24.80
C GLU B 392 45.27 48.46 25.00
N THR B 393 46.56 48.44 25.29
CA THR B 393 47.34 47.21 25.32
C THR B 393 47.33 46.49 26.67
N ASP B 394 47.04 47.21 27.75
CA ASP B 394 47.08 46.63 29.08
C ASP B 394 45.74 46.03 29.49
N ASP B 395 45.75 45.24 30.56
CA ASP B 395 44.58 44.49 31.02
C ASP B 395 43.32 45.35 31.15
N PHE B 396 43.45 46.47 31.85
CA PHE B 396 42.33 47.39 32.04
C PHE B 396 41.95 48.08 30.74
N GLY B 397 42.94 48.25 29.86
CA GLY B 397 42.71 48.86 28.56
C GLY B 397 41.96 47.91 27.65
N GLU B 398 42.30 46.63 27.72
CA GLU B 398 41.60 45.61 26.97
C GLU B 398 40.16 45.51 27.47
N PHE B 399 40.00 45.66 28.79
CA PHE B 399 38.68 45.68 29.41
C PHE B 399 37.84 46.84 28.87
N ARG B 400 38.38 48.04 28.93
CA ARG B 400 37.70 49.24 28.43
C ARG B 400 37.23 49.04 26.98
N MET B 401 38.11 48.47 26.16
CA MET B 401 37.77 48.16 24.78
C MET B 401 36.68 47.10 24.70
N ARG B 402 36.79 46.08 25.55
CA ARG B 402 35.81 45.00 25.57
C ARG B 402 34.44 45.53 25.95
N VAL B 403 34.41 46.42 26.94
CA VAL B 403 33.18 47.11 27.33
C VAL B 403 32.63 47.91 26.15
N SER B 404 33.51 48.63 25.46
CA SER B 404 33.12 49.46 24.33
C SER B 404 32.39 48.64 23.27
N ASP B 405 32.83 47.41 23.07
CA ASP B 405 32.20 46.50 22.12
C ASP B 405 30.82 46.07 22.60
N LEU B 406 30.72 45.73 23.89
CA LEU B 406 29.46 45.30 24.48
C LEU B 406 28.40 46.38 24.35
N VAL B 407 28.78 47.61 24.67
CA VAL B 407 27.87 48.76 24.53
C VAL B 407 27.43 48.89 23.08
N LYS B 408 28.36 48.69 22.15
CA LYS B 408 28.05 48.75 20.73
C LYS B 408 27.02 47.70 20.34
N ASP B 409 27.07 46.55 21.00
CA ASP B 409 26.17 45.44 20.70
C ASP B 409 24.80 45.55 21.40
N LEU B 410 24.77 46.20 22.56
CA LEU B 410 23.56 46.25 23.38
C LEU B 410 22.80 47.58 23.27
N ILE B 411 23.37 48.55 22.56
CA ILE B 411 22.80 49.90 22.54
C ILE B 411 21.39 49.98 21.97
N PHE B 412 20.99 49.00 21.15
CA PHE B 412 19.68 49.06 20.51
C PHE B 412 18.55 48.89 21.51
N LEU B 413 18.81 48.18 22.61
CA LEU B 413 17.81 47.95 23.65
C LEU B 413 17.56 49.16 24.55
N ILE B 414 18.29 50.24 24.31
CA ILE B 414 18.19 51.43 25.15
C ILE B 414 17.91 52.66 24.29
N GLY B 415 18.38 52.63 23.06
CA GLY B 415 18.27 53.76 22.16
C GLY B 415 19.51 54.64 22.26
N SER B 416 20.19 54.82 21.14
CA SER B 416 21.42 55.58 21.10
C SER B 416 21.24 57.02 21.59
N MET B 417 20.33 57.75 20.95
CA MET B 417 20.05 59.14 21.32
C MET B 417 19.71 59.31 22.80
N GLU B 418 18.79 58.48 23.30
CA GLU B 418 18.39 58.52 24.70
C GLU B 418 19.59 58.37 25.63
N CYS B 419 20.48 57.44 25.31
CA CYS B 419 21.66 57.18 26.13
C CYS B 419 22.75 58.21 25.91
N PHE B 420 22.80 58.76 24.70
CA PHE B 420 23.76 59.81 24.38
C PHE B 420 23.46 61.07 25.20
N ALA B 421 22.20 61.49 25.18
CA ALA B 421 21.75 62.64 25.94
C ALA B 421 21.91 62.43 27.45
N GLN B 422 21.64 61.21 27.90
CA GLN B 422 21.74 60.87 29.32
C GLN B 422 23.15 61.09 29.87
N LEU B 423 24.15 60.48 29.25
CA LEU B 423 25.52 60.57 29.73
C LEU B 423 26.04 62.00 29.73
N TYR B 424 25.65 62.78 28.71
CA TYR B 424 26.12 64.15 28.60
C TYR B 424 25.57 65.05 29.71
N SER B 425 24.31 64.84 30.08
CA SER B 425 23.68 65.63 31.14
C SER B 425 24.26 65.30 32.52
N THR B 426 24.96 64.16 32.59
CA THR B 426 25.62 63.76 33.84
C THR B 426 26.88 64.59 34.04
N LEU B 427 27.30 65.27 32.98
CA LEU B 427 28.48 66.12 33.03
C LEU B 427 28.13 67.50 33.59
N LYS B 428 26.91 67.94 33.34
CA LYS B 428 26.47 69.26 33.78
C LYS B 428 26.37 69.34 35.31
N GLU B 429 26.26 68.19 35.95
CA GLU B 429 26.13 68.13 37.40
C GLU B 429 27.48 67.92 38.09
N PRO B 432 32.23 67.44 38.66
CA PRO B 432 32.72 66.13 38.22
C PRO B 432 34.20 66.15 37.83
N PRO B 433 35.00 65.23 38.40
CA PRO B 433 36.43 65.12 38.09
C PRO B 433 36.69 64.72 36.63
N TRP B 434 37.94 64.74 36.22
CA TRP B 434 38.31 64.40 34.85
C TRP B 434 38.03 62.92 34.56
N GLU B 435 38.24 62.08 35.58
CA GLU B 435 38.05 60.63 35.44
C GLU B 435 36.61 60.30 35.05
N VAL B 436 35.66 60.99 35.67
CA VAL B 436 34.24 60.77 35.40
C VAL B 436 33.87 61.37 34.05
N THR B 437 34.53 62.47 33.70
CA THR B 437 34.29 63.14 32.43
C THR B 437 34.81 62.30 31.26
N GLU B 438 35.99 61.73 31.43
CA GLU B 438 36.61 60.91 30.39
C GLU B 438 35.77 59.67 30.12
N ALA B 439 35.29 59.03 31.18
CA ALA B 439 34.52 57.80 31.06
C ALA B 439 33.19 58.03 30.36
N VAL B 440 32.56 59.17 30.64
CA VAL B 440 31.32 59.53 29.98
C VAL B 440 31.57 59.76 28.49
N LEU B 441 32.57 60.56 28.18
CA LEU B 441 32.97 60.81 26.79
C LEU B 441 33.34 59.51 26.07
N PHE B 442 33.88 58.55 26.82
CA PHE B 442 34.29 57.27 26.26
C PHE B 442 33.11 56.46 25.73
N ILE B 443 32.14 56.19 26.60
CA ILE B 443 30.94 55.45 26.21
C ILE B 443 30.16 56.21 25.14
N MET B 444 30.19 57.54 25.22
CA MET B 444 29.53 58.39 24.24
C MET B 444 30.14 58.22 22.86
N ALA B 445 31.47 58.23 22.83
CA ALA B 445 32.21 58.05 21.58
C ALA B 445 31.89 56.70 20.96
N ALA B 446 31.62 55.71 21.81
CA ALA B 446 31.31 54.37 21.35
C ALA B 446 29.96 54.29 20.65
N ILE B 447 29.05 55.21 20.96
CA ILE B 447 27.72 55.17 20.37
C ILE B 447 27.40 56.39 19.51
N ALA B 448 28.35 57.34 19.44
CA ALA B 448 28.12 58.61 18.75
C ALA B 448 27.64 58.43 17.32
N LYS B 449 28.26 57.53 16.59
CA LYS B 449 27.86 57.23 15.21
C LYS B 449 26.46 56.61 15.19
N SER B 450 26.17 55.76 16.18
CA SER B 450 24.93 55.00 16.21
C SER B 450 23.71 55.92 16.31
N VAL B 451 23.95 57.15 16.75
CA VAL B 451 22.87 58.09 16.99
C VAL B 451 22.50 58.67 15.62
N ASP B 452 21.74 57.88 14.87
CA ASP B 452 21.51 58.14 13.45
C ASP B 452 20.76 59.43 13.14
N PRO B 453 19.65 59.72 13.87
CA PRO B 453 18.92 60.90 13.43
C PRO B 453 19.76 62.17 13.67
N GLU B 454 19.97 62.97 12.63
CA GLU B 454 20.67 64.24 12.76
C GLU B 454 19.71 65.37 13.11
N ASN B 455 18.42 65.05 13.14
CA ASN B 455 17.38 66.06 13.35
C ASN B 455 17.54 66.71 14.71
N ASN B 456 17.86 65.89 15.70
CA ASN B 456 17.95 66.32 17.09
C ASN B 456 19.08 67.32 17.27
N PRO B 457 18.88 68.29 18.17
CA PRO B 457 19.87 69.38 18.28
C PRO B 457 20.88 69.10 19.40
N THR B 458 20.74 67.96 20.07
CA THR B 458 21.58 67.58 21.19
C THR B 458 23.03 67.45 20.72
N LEU B 459 23.21 66.87 19.54
CA LEU B 459 24.54 66.53 19.04
C LEU B 459 25.37 67.80 18.90
N VAL B 460 24.73 68.85 18.40
CA VAL B 460 25.36 70.15 18.22
C VAL B 460 25.83 70.67 19.59
N GLU B 461 25.01 70.44 20.61
CA GLU B 461 25.32 70.88 21.97
C GLU B 461 26.58 70.19 22.47
N VAL B 462 26.69 68.89 22.17
CA VAL B 462 27.85 68.12 22.60
C VAL B 462 29.08 68.50 21.78
N LEU B 463 28.86 68.75 20.48
CA LEU B 463 29.95 69.15 19.60
C LEU B 463 30.61 70.42 20.12
N GLU B 464 29.80 71.47 20.27
CA GLU B 464 30.28 72.72 20.83
C GLU B 464 30.79 72.51 22.25
N GLY B 465 30.17 71.58 22.97
CA GLY B 465 30.60 71.27 24.33
C GLY B 465 32.00 70.69 24.38
N VAL B 466 32.33 69.84 23.41
CA VAL B 466 33.64 69.20 23.36
C VAL B 466 34.73 70.15 22.84
N VAL B 467 34.39 70.98 21.87
CA VAL B 467 35.39 71.86 21.27
C VAL B 467 35.74 73.05 22.16
N ARG B 468 34.85 73.38 23.11
CA ARG B 468 35.09 74.50 24.02
C ARG B 468 35.86 74.04 25.25
N LEU B 469 36.15 72.75 25.32
CA LEU B 469 37.02 72.21 26.36
C LEU B 469 38.39 72.86 26.24
N PRO B 470 38.94 73.34 27.36
CA PRO B 470 40.27 73.97 27.33
C PRO B 470 41.38 72.92 27.21
N GLU B 471 42.58 73.36 26.85
CA GLU B 471 43.73 72.45 26.75
C GLU B 471 44.17 71.99 28.13
N THR B 472 43.79 72.75 29.15
CA THR B 472 44.22 72.48 30.53
C THR B 472 43.73 71.14 31.05
N VAL B 473 42.61 70.66 30.51
CA VAL B 473 42.01 69.41 30.96
C VAL B 473 42.98 68.25 30.79
N HIS B 474 42.75 67.17 31.55
CA HIS B 474 43.63 66.01 31.54
C HIS B 474 43.84 65.47 30.13
N THR B 475 45.08 65.11 29.83
CA THR B 475 45.45 64.68 28.48
C THR B 475 44.63 63.47 28.02
N ALA B 476 44.11 62.69 28.97
CA ALA B 476 43.26 61.55 28.67
C ALA B 476 41.90 62.02 28.20
N VAL B 477 41.37 63.07 28.84
CA VAL B 477 40.09 63.64 28.45
C VAL B 477 40.21 64.24 27.05
N ARG B 478 41.35 64.85 26.78
CA ARG B 478 41.65 65.40 25.46
C ARG B 478 41.58 64.31 24.40
N TYR B 479 42.20 63.18 24.72
CA TYR B 479 42.26 62.03 23.82
C TYR B 479 40.88 61.53 23.37
N THR B 480 40.07 61.06 24.31
CA THR B 480 38.79 60.44 23.97
C THR B 480 37.76 61.44 23.46
N SER B 481 38.01 62.72 23.68
CA SER B 481 37.15 63.77 23.13
C SER B 481 37.40 63.87 21.63
N ILE B 482 38.66 63.78 21.23
CA ILE B 482 39.03 63.79 19.82
C ILE B 482 38.35 62.63 19.11
N GLU B 483 38.37 61.46 19.75
CA GLU B 483 37.71 60.28 19.22
C GLU B 483 36.21 60.54 19.03
N LEU B 484 35.58 61.07 20.06
CA LEU B 484 34.16 61.42 19.99
C LEU B 484 33.86 62.30 18.78
N VAL B 485 34.64 63.37 18.62
CA VAL B 485 34.46 64.26 17.48
C VAL B 485 34.62 63.53 16.16
N GLY B 486 35.55 62.57 16.11
CA GLY B 486 35.77 61.78 14.92
C GLY B 486 34.57 60.92 14.56
N GLU B 487 33.80 60.55 15.58
CA GLU B 487 32.61 59.73 15.37
C GLU B 487 31.37 60.62 15.16
N MET B 488 31.58 61.93 15.17
CA MET B 488 30.49 62.88 14.96
C MET B 488 30.72 63.68 13.68
N SER B 489 31.49 63.12 12.75
CA SER B 489 31.76 63.76 11.47
C SER B 489 30.47 64.09 10.70
N GLU B 490 29.48 63.22 10.81
CA GLU B 490 28.21 63.41 10.10
C GLU B 490 27.46 64.66 10.59
N VAL B 491 27.46 64.87 11.90
CA VAL B 491 26.74 66.02 12.45
C VAL B 491 27.46 67.33 12.12
N VAL B 492 28.70 67.23 11.70
CA VAL B 492 29.45 68.38 11.25
C VAL B 492 29.02 68.70 9.81
N ASP B 493 28.77 67.64 9.04
CA ASP B 493 28.28 67.80 7.66
C ASP B 493 26.89 68.43 7.64
N ARG B 494 26.02 67.94 8.52
CA ARG B 494 24.65 68.48 8.61
C ARG B 494 24.65 69.89 9.19
N ASN B 495 25.75 70.27 9.83
CA ASN B 495 25.88 71.61 10.40
C ASN B 495 27.23 72.22 10.06
N PRO B 496 27.44 72.55 8.77
CA PRO B 496 28.74 72.92 8.21
C PRO B 496 29.41 74.13 8.85
N GLN B 497 28.68 74.86 9.69
CA GLN B 497 29.24 76.04 10.35
C GLN B 497 30.29 75.65 11.39
N PHE B 498 30.19 74.42 11.92
CA PHE B 498 31.10 73.95 12.95
C PHE B 498 32.40 73.38 12.38
N LEU B 499 32.62 73.57 11.08
CA LEU B 499 33.78 72.97 10.42
C LEU B 499 35.09 73.53 10.96
N ASP B 500 35.27 74.85 10.84
CA ASP B 500 36.49 75.50 11.32
C ASP B 500 36.74 75.32 12.83
N PRO B 501 35.70 75.48 13.68
CA PRO B 501 35.96 75.22 15.11
C PRO B 501 36.41 73.79 15.40
N VAL B 502 35.77 72.81 14.77
CA VAL B 502 36.11 71.41 14.95
C VAL B 502 37.50 71.11 14.40
N LEU B 503 37.74 71.51 13.15
CA LEU B 503 39.05 71.33 12.53
C LEU B 503 40.15 72.02 13.34
N GLY B 504 39.86 73.22 13.82
CA GLY B 504 40.78 73.95 14.68
C GLY B 504 41.13 73.15 15.92
N TYR B 505 40.09 72.64 16.60
CA TYR B 505 40.27 71.83 17.79
C TYR B 505 41.09 70.58 17.49
N LEU B 506 40.87 69.98 16.32
CA LEU B 506 41.56 68.76 15.94
C LEU B 506 43.03 69.02 15.58
N MET B 507 43.28 70.15 14.91
CA MET B 507 44.65 70.53 14.57
C MET B 507 45.50 70.71 15.83
N LYS B 508 44.92 71.28 16.87
CA LYS B 508 45.60 71.45 18.15
C LYS B 508 46.02 70.10 18.70
N GLY B 509 45.12 69.13 18.65
CA GLY B 509 45.42 67.79 19.13
C GLY B 509 46.48 67.13 18.28
N LEU B 510 46.55 67.52 17.01
CA LEU B 510 47.54 66.97 16.11
C LEU B 510 48.93 67.48 16.50
N ALA B 511 48.98 68.68 17.05
CA ALA B 511 50.23 69.28 17.50
C ALA B 511 50.82 68.50 18.67
N GLU B 512 49.96 68.05 19.58
CA GLU B 512 50.40 67.27 20.72
C GLU B 512 50.74 65.85 20.30
N LYS B 513 51.98 65.45 20.57
CA LYS B 513 52.50 64.14 20.16
C LYS B 513 51.66 62.93 20.60
N PRO B 514 51.25 62.86 21.88
CA PRO B 514 50.51 61.65 22.25
C PRO B 514 49.06 61.67 21.78
N LEU B 515 48.66 62.76 21.12
CA LEU B 515 47.31 62.90 20.60
C LEU B 515 47.30 62.87 19.08
N ALA B 516 48.48 62.73 18.50
CA ALA B 516 48.68 62.88 17.06
C ALA B 516 47.82 61.93 16.23
N SER B 517 47.94 60.63 16.51
CA SER B 517 47.21 59.61 15.77
C SER B 517 45.70 59.83 15.81
N ALA B 518 45.16 59.84 17.02
CA ALA B 518 43.72 60.03 17.23
C ALA B 518 43.16 61.25 16.49
N ALA B 519 43.93 62.33 16.48
CA ALA B 519 43.52 63.55 15.77
C ALA B 519 43.56 63.33 14.26
N ALA B 520 44.59 62.61 13.79
CA ALA B 520 44.74 62.34 12.37
C ALA B 520 43.59 61.49 11.83
N LYS B 521 43.17 60.51 12.63
CA LYS B 521 42.01 59.70 12.29
C LYS B 521 40.77 60.60 12.14
N ALA B 522 40.53 61.42 13.16
CA ALA B 522 39.36 62.30 13.18
C ALA B 522 39.35 63.27 12.00
N ILE B 523 40.51 63.82 11.66
CA ILE B 523 40.61 64.75 10.53
C ILE B 523 40.27 64.04 9.23
N HIS B 524 40.74 62.80 9.12
CA HIS B 524 40.46 61.97 7.96
C HIS B 524 38.95 61.75 7.77
N ASN B 525 38.27 61.46 8.87
CA ASN B 525 36.83 61.23 8.83
C ASN B 525 36.06 62.48 8.42
N ILE B 526 36.52 63.64 8.89
CA ILE B 526 35.90 64.91 8.51
C ILE B 526 36.14 65.18 7.02
N CYS B 527 37.34 64.88 6.55
CA CYS B 527 37.69 65.02 5.14
C CYS B 527 36.77 64.18 4.26
N SER B 528 36.69 62.88 4.58
CA SER B 528 35.88 61.95 3.81
C SER B 528 34.41 62.35 3.74
N VAL B 529 33.84 62.74 4.89
CA VAL B 529 32.41 63.09 4.95
C VAL B 529 32.11 64.52 4.48
N CYS B 530 32.85 65.50 5.00
CA CYS B 530 32.58 66.90 4.70
C CYS B 530 33.45 67.45 3.59
N ARG B 531 33.75 66.63 2.59
CA ARG B 531 34.69 66.99 1.54
C ARG B 531 34.25 68.22 0.74
N ASP B 532 32.95 68.41 0.58
CA ASP B 532 32.44 69.54 -0.18
C ASP B 532 32.69 70.86 0.54
N HIS B 533 32.44 70.88 1.85
CA HIS B 533 32.66 72.08 2.64
C HIS B 533 34.15 72.36 2.88
N MET B 534 34.97 71.32 2.70
CA MET B 534 36.39 71.40 3.02
C MET B 534 37.19 72.29 2.08
N ALA B 535 36.51 72.87 1.09
CA ALA B 535 37.14 73.70 0.07
C ALA B 535 38.14 74.71 0.65
N GLN B 536 37.67 75.51 1.60
CA GLN B 536 38.50 76.49 2.28
C GLN B 536 39.73 75.90 2.96
N HIS B 537 39.54 74.77 3.65
CA HIS B 537 40.57 74.22 4.51
C HIS B 537 41.57 73.30 3.81
N PHE B 538 41.65 73.37 2.48
CA PHE B 538 42.61 72.54 1.77
C PHE B 538 44.06 72.92 2.08
N ASN B 539 44.35 74.22 2.09
CA ASN B 539 45.71 74.70 2.31
C ASN B 539 46.28 74.29 3.66
N GLY B 540 45.42 74.27 4.68
CA GLY B 540 45.81 73.79 6.00
C GLY B 540 46.21 72.33 5.93
N LEU B 541 45.40 71.54 5.22
CA LEU B 541 45.69 70.14 5.01
C LEU B 541 46.98 69.93 4.22
N LEU B 542 47.20 70.78 3.21
CA LEU B 542 48.36 70.64 2.34
C LEU B 542 49.69 70.81 3.08
N GLU B 543 49.78 71.84 3.92
CA GLU B 543 51.04 72.13 4.62
C GLU B 543 51.38 71.07 5.66
N ILE B 544 50.38 70.48 6.31
CA ILE B 544 50.67 69.42 7.26
C ILE B 544 51.00 68.11 6.55
N ALA B 545 50.55 67.98 5.31
CA ALA B 545 51.11 67.00 4.38
C ALA B 545 52.59 67.30 4.10
N ARG B 546 52.92 68.58 3.94
CA ARG B 546 54.28 69.01 3.64
C ARG B 546 55.28 68.61 4.73
N SER B 547 54.80 68.41 5.96
CA SER B 547 55.64 68.02 7.08
C SER B 547 54.98 66.93 7.91
N LEU B 548 54.48 65.91 7.22
CA LEU B 548 53.74 64.82 7.84
C LEU B 548 54.55 64.04 8.88
N ASP B 549 55.84 63.84 8.60
CA ASP B 549 56.67 62.99 9.45
C ASP B 549 57.10 63.70 10.73
N SER B 550 56.66 64.95 10.90
CA SER B 550 57.05 65.74 12.06
C SER B 550 56.15 65.43 13.25
N PHE B 551 54.89 65.15 12.97
CA PHE B 551 53.98 64.58 13.96
C PHE B 551 54.32 63.10 14.14
N LEU B 552 54.24 62.61 15.37
CA LEU B 552 54.55 61.19 15.60
C LEU B 552 53.30 60.35 15.33
N LEU B 553 53.12 60.01 14.06
CA LEU B 553 51.94 59.30 13.58
C LEU B 553 52.22 57.83 13.28
N SER B 554 51.24 56.98 13.52
CA SER B 554 51.26 55.61 13.02
C SER B 554 51.16 55.68 11.49
N PRO B 555 51.67 54.65 10.79
CA PRO B 555 51.58 54.70 9.33
C PRO B 555 50.11 54.79 8.89
N GLU B 556 49.25 54.06 9.59
CA GLU B 556 47.80 54.17 9.41
C GLU B 556 47.32 55.61 9.49
N ALA B 557 47.69 56.29 10.57
CA ALA B 557 47.30 57.68 10.79
C ALA B 557 47.84 58.59 9.69
N ALA B 558 49.07 58.33 9.28
CA ALA B 558 49.70 59.10 8.20
C ALA B 558 48.94 58.91 6.89
N VAL B 559 48.84 57.67 6.45
CA VAL B 559 48.13 57.31 5.22
C VAL B 559 46.72 57.89 5.18
N GLY B 560 46.00 57.74 6.29
CA GLY B 560 44.66 58.30 6.41
C GLY B 560 44.62 59.79 6.15
N LEU B 561 45.61 60.51 6.68
CA LEU B 561 45.67 61.95 6.53
C LEU B 561 45.89 62.36 5.07
N LEU B 562 46.80 61.66 4.39
CA LEU B 562 47.04 61.92 2.98
C LEU B 562 45.81 61.61 2.13
N LYS B 563 45.15 60.50 2.44
CA LYS B 563 43.93 60.12 1.75
C LYS B 563 42.85 61.19 1.87
N GLY B 564 42.67 61.69 3.09
CA GLY B 564 41.71 62.73 3.37
C GLY B 564 41.97 64.00 2.57
N THR B 565 43.23 64.38 2.46
CA THR B 565 43.61 65.55 1.68
C THR B 565 43.30 65.33 0.21
N ALA B 566 43.61 64.13 -0.27
CA ALA B 566 43.38 63.78 -1.67
C ALA B 566 41.90 63.82 -2.03
N LEU B 567 41.05 63.39 -1.10
CA LEU B 567 39.61 63.35 -1.34
C LEU B 567 39.02 64.76 -1.47
N VAL B 568 39.41 65.66 -0.58
CA VAL B 568 38.89 67.03 -0.61
C VAL B 568 39.52 67.79 -1.77
N LEU B 569 40.69 67.36 -2.20
CA LEU B 569 41.38 67.94 -3.35
C LEU B 569 40.57 67.70 -4.62
N ALA B 570 40.01 66.50 -4.73
CA ALA B 570 39.30 66.09 -5.95
C ALA B 570 37.99 66.85 -6.15
N ARG B 571 37.47 67.47 -5.08
CA ARG B 571 36.21 68.19 -5.17
C ARG B 571 36.40 69.70 -5.37
N LEU B 572 37.66 70.11 -5.55
CA LEU B 572 37.96 71.51 -5.88
C LEU B 572 37.50 71.82 -7.30
N PRO B 573 37.39 73.12 -7.64
CA PRO B 573 37.14 73.48 -9.05
C PRO B 573 38.23 72.91 -9.96
N LEU B 574 37.82 72.41 -11.12
CA LEU B 574 38.70 71.67 -12.03
C LEU B 574 40.00 72.40 -12.37
N ASP B 575 39.93 73.73 -12.49
CA ASP B 575 41.09 74.54 -12.87
C ASP B 575 42.15 74.60 -11.77
N LYS B 576 41.71 74.62 -10.51
CA LYS B 576 42.62 74.76 -9.38
C LYS B 576 43.30 73.44 -9.01
N ILE B 577 42.66 72.33 -9.37
CA ILE B 577 43.16 71.00 -9.01
C ILE B 577 44.55 70.71 -9.54
N THR B 578 44.77 71.03 -10.81
CA THR B 578 46.02 70.68 -11.50
C THR B 578 47.28 71.17 -10.80
N GLU B 579 47.23 72.36 -10.19
CA GLU B 579 48.40 72.89 -9.50
C GLU B 579 48.52 72.37 -8.08
N CYS B 580 47.38 72.15 -7.42
CA CYS B 580 47.36 71.65 -6.05
C CYS B 580 47.91 70.23 -5.93
N LEU B 581 47.47 69.36 -6.83
CA LEU B 581 47.93 67.97 -6.86
C LEU B 581 49.44 67.89 -7.02
N SER B 582 49.98 68.75 -7.88
CA SER B 582 51.41 68.75 -8.20
C SER B 582 52.28 68.97 -6.97
N GLU B 583 51.90 69.91 -6.11
CA GLU B 583 52.68 70.20 -4.90
C GLU B 583 52.34 69.24 -3.77
N LEU B 584 51.20 68.57 -3.85
CA LEU B 584 50.82 67.58 -2.85
C LEU B 584 51.66 66.32 -3.02
N CYS B 585 52.07 66.06 -4.26
CA CYS B 585 52.95 64.94 -4.56
C CYS B 585 54.41 65.35 -4.41
N SER B 586 54.69 66.63 -4.69
CA SER B 586 56.05 67.17 -4.72
C SER B 586 56.87 66.82 -3.48
N VAL B 587 56.22 66.81 -2.32
CA VAL B 587 56.90 66.46 -1.08
C VAL B 587 57.43 65.02 -1.14
N GLN B 588 56.70 64.13 -1.79
CA GLN B 588 57.14 62.75 -1.94
C GLN B 588 57.93 62.54 -3.23
N VAL B 589 57.64 63.34 -4.25
CA VAL B 589 58.39 63.26 -5.51
C VAL B 589 59.84 63.66 -5.27
N MET B 590 60.03 64.83 -4.66
CA MET B 590 61.35 65.33 -4.29
C MET B 590 62.11 64.33 -3.43
N ALA B 591 61.42 63.81 -2.41
CA ALA B 591 62.01 62.84 -1.49
C ALA B 591 62.48 61.58 -2.21
N LEU B 592 61.88 61.29 -3.36
CA LEU B 592 62.26 60.14 -4.16
C LEU B 592 63.57 60.41 -4.91
N LYS B 593 63.65 61.56 -5.55
CA LYS B 593 64.86 61.99 -6.25
C LYS B 593 66.06 62.00 -5.30
N LYS B 594 65.80 62.44 -4.07
CA LYS B 594 66.80 62.49 -3.01
C LYS B 594 67.47 61.13 -2.78
N LEU B 595 66.71 60.06 -2.91
CA LEU B 595 67.23 58.71 -2.69
C LEU B 595 67.56 58.05 -4.02
N ASP B 607 64.77 51.96 1.59
CA ASP B 607 63.90 51.81 0.43
C ASP B 607 62.92 52.98 0.31
N PRO B 608 62.46 53.27 -0.93
CA PRO B 608 61.50 54.36 -1.16
C PRO B 608 60.08 53.95 -0.82
N THR B 609 59.92 52.76 -0.24
CA THR B 609 58.63 52.16 0.11
C THR B 609 57.64 53.17 0.68
N VAL B 610 58.02 53.81 1.77
CA VAL B 610 57.14 54.76 2.45
C VAL B 610 56.70 55.89 1.51
N PHE B 611 57.58 56.29 0.60
CA PHE B 611 57.28 57.40 -0.31
C PHE B 611 56.41 56.96 -1.48
N LEU B 612 56.63 55.73 -1.93
CA LEU B 612 55.82 55.13 -2.98
C LEU B 612 54.39 54.92 -2.49
N ASP B 613 54.27 54.29 -1.32
CA ASP B 613 52.97 54.03 -0.71
C ASP B 613 52.19 55.31 -0.46
N ARG B 614 52.90 56.40 -0.22
CA ARG B 614 52.26 57.70 0.00
C ARG B 614 51.79 58.34 -1.30
N LEU B 615 52.50 58.07 -2.38
CA LEU B 615 52.08 58.57 -3.69
C LEU B 615 50.89 57.78 -4.24
N ALA B 616 50.91 56.47 -3.98
CA ALA B 616 49.81 55.59 -4.37
C ALA B 616 48.49 56.11 -3.81
N VAL B 617 48.48 56.35 -2.50
CA VAL B 617 47.29 56.83 -1.80
C VAL B 617 46.75 58.11 -2.42
N ILE B 618 47.64 59.02 -2.79
CA ILE B 618 47.24 60.29 -3.40
C ILE B 618 46.59 60.04 -4.75
N PHE B 619 47.23 59.21 -5.57
CA PHE B 619 46.73 58.89 -6.90
C PHE B 619 45.39 58.16 -6.79
N ARG B 620 45.38 57.14 -5.94
CA ARG B 620 44.20 56.32 -5.69
C ARG B 620 42.94 57.13 -5.37
N HIS B 621 43.07 58.13 -4.49
CA HIS B 621 41.88 58.84 -4.01
C HIS B 621 41.67 60.24 -4.57
N THR B 622 42.49 60.66 -5.53
CA THR B 622 42.26 61.92 -6.21
C THR B 622 41.60 61.70 -7.56
N ASN B 623 40.29 61.48 -7.55
CA ASN B 623 39.55 61.22 -8.79
C ASN B 623 38.41 62.22 -8.97
N PRO B 624 38.72 63.40 -9.52
CA PRO B 624 37.72 64.45 -9.75
C PRO B 624 36.70 64.04 -10.81
N ILE B 625 35.46 64.49 -10.65
CA ILE B 625 34.41 64.21 -11.63
C ILE B 625 34.51 65.14 -12.84
N VAL B 626 34.85 64.56 -13.99
CA VAL B 626 35.01 65.32 -15.23
C VAL B 626 34.75 64.45 -16.45
N HIS B 632 41.99 66.53 -18.43
CA HIS B 632 42.01 66.04 -17.06
C HIS B 632 43.17 66.67 -16.29
N PRO B 633 42.84 67.38 -15.20
CA PRO B 633 43.82 68.17 -14.42
C PRO B 633 44.95 67.33 -13.82
N CYS B 634 44.72 66.03 -13.66
CA CYS B 634 45.71 65.15 -13.04
C CYS B 634 46.73 64.63 -14.05
N GLN B 635 46.41 64.77 -15.33
CA GLN B 635 47.22 64.18 -16.39
C GLN B 635 48.64 64.73 -16.44
N LYS B 636 48.76 66.07 -16.48
CA LYS B 636 50.07 66.70 -16.51
C LYS B 636 50.88 66.39 -15.27
N VAL B 637 50.20 66.29 -14.13
CA VAL B 637 50.87 65.98 -12.87
C VAL B 637 51.47 64.58 -12.89
N ILE B 638 50.65 63.59 -13.24
CA ILE B 638 51.09 62.19 -13.26
C ILE B 638 52.21 61.98 -14.27
N GLN B 639 52.08 62.61 -15.43
CA GLN B 639 53.09 62.51 -16.48
C GLN B 639 54.46 62.99 -16.01
N GLU B 640 54.47 63.99 -15.13
CA GLU B 640 55.71 64.55 -14.60
C GLU B 640 56.31 63.67 -13.50
N ILE B 641 55.45 62.97 -12.76
CA ILE B 641 55.92 62.06 -11.72
C ILE B 641 56.26 60.70 -12.33
N TRP B 642 55.85 60.49 -13.57
CA TRP B 642 56.16 59.26 -14.29
C TRP B 642 57.67 58.95 -14.39
N PRO B 643 58.49 59.94 -14.79
CA PRO B 643 59.92 59.61 -14.94
C PRO B 643 60.63 59.22 -13.65
N VAL B 644 60.29 59.85 -12.53
CA VAL B 644 60.97 59.53 -11.27
C VAL B 644 60.52 58.16 -10.76
N LEU B 645 59.25 57.84 -10.96
CA LEU B 645 58.73 56.50 -10.65
C LEU B 645 59.39 55.46 -11.53
N SER B 646 59.57 55.80 -12.80
CA SER B 646 60.25 54.92 -13.76
C SER B 646 61.65 54.55 -13.30
N GLU B 647 62.44 55.56 -12.95
CA GLU B 647 63.82 55.35 -12.56
C GLU B 647 63.90 54.60 -11.23
N THR B 648 62.95 54.88 -10.35
CA THR B 648 62.89 54.23 -9.04
C THR B 648 62.64 52.74 -9.18
N LEU B 649 61.87 52.36 -10.20
CA LEU B 649 61.53 50.96 -10.44
C LEU B 649 62.76 50.15 -10.85
N ASN B 650 63.36 50.49 -11.99
CA ASN B 650 64.53 49.76 -12.48
C ASN B 650 65.73 49.87 -11.55
N LYS B 651 65.73 50.88 -10.69
CA LYS B 651 66.74 50.94 -9.63
C LYS B 651 66.60 49.74 -8.71
N HIS B 652 65.36 49.43 -8.35
CA HIS B 652 65.07 48.35 -7.41
C HIS B 652 64.55 47.10 -8.11
N ARG B 653 64.79 47.00 -9.42
CA ARG B 653 64.26 45.92 -10.25
C ARG B 653 64.52 44.51 -9.73
N ALA B 654 65.43 44.37 -8.78
CA ALA B 654 65.80 43.06 -8.25
C ALA B 654 65.03 42.69 -7.00
N ASP B 655 64.51 43.69 -6.30
CA ASP B 655 63.77 43.43 -5.06
C ASP B 655 62.28 43.28 -5.33
N ASN B 656 61.76 42.09 -5.05
CA ASN B 656 60.34 41.79 -5.25
C ASN B 656 59.44 42.70 -4.43
N ARG B 657 59.76 42.85 -3.15
CA ARG B 657 58.95 43.64 -2.24
C ARG B 657 58.89 45.11 -2.65
N ILE B 658 60.01 45.65 -3.13
CA ILE B 658 60.05 47.06 -3.49
C ILE B 658 59.39 47.29 -4.85
N VAL B 659 59.58 46.35 -5.76
CA VAL B 659 59.12 46.54 -7.14
C VAL B 659 57.60 46.37 -7.25
N GLU B 660 57.01 45.58 -6.36
CA GLU B 660 55.55 45.42 -6.37
C GLU B 660 54.84 46.66 -5.83
N ARG B 661 55.45 47.35 -4.87
CA ARG B 661 54.90 48.60 -4.34
C ARG B 661 55.01 49.73 -5.37
N CYS B 662 55.91 49.56 -6.33
CA CYS B 662 56.02 50.49 -7.45
C CYS B 662 54.91 50.21 -8.45
N CYS B 663 54.73 48.93 -8.75
CA CYS B 663 53.64 48.46 -9.61
C CYS B 663 52.32 48.94 -9.04
N ARG B 664 52.17 48.79 -7.73
CA ARG B 664 50.96 49.23 -7.05
C ARG B 664 50.82 50.74 -7.17
N CYS B 665 51.93 51.45 -7.04
CA CYS B 665 51.90 52.90 -7.18
C CYS B 665 51.52 53.29 -8.61
N LEU B 666 52.18 52.66 -9.58
CA LEU B 666 51.90 52.91 -10.99
C LEU B 666 50.50 52.48 -11.39
N ARG B 667 49.99 51.42 -10.75
CA ARG B 667 48.62 50.97 -10.98
C ARG B 667 47.61 52.09 -10.76
N PHE B 668 47.74 52.79 -9.64
CA PHE B 668 46.82 53.86 -9.28
C PHE B 668 47.20 55.18 -9.95
N ALA B 669 48.46 55.28 -10.36
CA ALA B 669 48.89 56.45 -11.12
C ALA B 669 48.16 56.51 -12.45
N VAL B 670 48.12 55.37 -13.15
CA VAL B 670 47.40 55.26 -14.41
C VAL B 670 45.91 55.49 -14.21
N ARG B 671 45.35 54.87 -13.17
CA ARG B 671 43.93 54.99 -12.88
C ARG B 671 43.55 56.42 -12.49
N CYS B 672 44.52 57.18 -11.98
CA CYS B 672 44.26 58.53 -11.51
C CYS B 672 43.81 59.43 -12.65
N VAL B 673 44.41 59.24 -13.82
CA VAL B 673 43.99 59.94 -15.02
C VAL B 673 42.74 59.26 -15.55
N GLY B 674 41.75 60.06 -15.95
CA GLY B 674 40.51 59.51 -16.47
C GLY B 674 40.69 58.93 -17.86
N LYS B 675 39.73 59.18 -18.73
CA LYS B 675 39.87 58.78 -20.12
C LYS B 675 41.05 59.51 -20.73
N GLY B 676 41.85 58.81 -21.53
CA GLY B 676 43.06 59.39 -22.08
C GLY B 676 44.29 58.80 -21.42
N SER B 677 44.07 58.05 -20.35
CA SER B 677 45.15 57.43 -19.60
C SER B 677 45.83 56.30 -20.39
N ALA B 678 45.34 56.05 -21.59
CA ALA B 678 45.95 55.08 -22.49
C ALA B 678 47.26 55.62 -23.06
N ALA B 679 47.49 56.92 -22.86
CA ALA B 679 48.75 57.55 -23.26
C ALA B 679 49.92 56.99 -22.45
N LEU B 680 49.82 57.09 -21.13
CA LEU B 680 50.88 56.63 -20.22
C LEU B 680 50.97 55.10 -20.21
N LEU B 681 50.10 54.43 -20.95
CA LEU B 681 50.02 52.97 -20.95
C LEU B 681 51.26 52.32 -21.56
N GLN B 682 51.50 52.57 -22.84
CA GLN B 682 52.60 51.93 -23.56
C GLN B 682 53.99 52.19 -22.97
N PRO B 683 54.27 53.41 -22.46
CA PRO B 683 55.55 53.56 -21.75
C PRO B 683 55.64 52.69 -20.49
N LEU B 684 54.53 52.58 -19.77
CA LEU B 684 54.48 51.71 -18.59
C LEU B 684 54.61 50.25 -18.98
N VAL B 685 53.84 49.84 -19.98
CA VAL B 685 53.84 48.46 -20.47
C VAL B 685 55.21 48.03 -20.98
N THR B 686 55.86 48.92 -21.73
CA THR B 686 57.19 48.65 -22.26
C THR B 686 58.19 48.44 -21.13
N GLN B 687 58.11 49.28 -20.09
CA GLN B 687 59.00 49.15 -18.96
C GLN B 687 58.75 47.84 -18.21
N MET B 688 57.47 47.50 -18.04
CA MET B 688 57.08 46.26 -17.36
C MET B 688 57.72 45.06 -18.04
N VAL B 689 57.63 45.03 -19.37
CA VAL B 689 58.20 43.96 -20.17
C VAL B 689 59.71 43.81 -19.94
N ASN B 690 60.42 44.94 -19.98
CA ASN B 690 61.86 44.96 -19.83
C ASN B 690 62.36 44.46 -18.48
N VAL B 691 61.75 44.95 -17.39
CA VAL B 691 62.17 44.56 -16.05
C VAL B 691 61.77 43.11 -15.76
N TYR B 692 60.62 42.69 -16.29
CA TYR B 692 60.17 41.31 -16.12
C TYR B 692 61.14 40.34 -16.80
N HIS B 693 61.80 40.81 -17.85
CA HIS B 693 62.74 39.99 -18.60
C HIS B 693 63.90 39.52 -17.74
N VAL B 694 64.49 40.45 -16.99
CA VAL B 694 65.63 40.13 -16.13
C VAL B 694 65.16 39.57 -14.78
N HIS B 695 64.06 40.09 -14.27
CA HIS B 695 63.50 39.59 -13.01
C HIS B 695 62.01 39.29 -13.17
N GLN B 696 61.64 38.03 -13.00
CA GLN B 696 60.25 37.61 -13.24
C GLN B 696 59.38 37.70 -11.99
N HIS B 697 59.10 38.91 -11.55
CA HIS B 697 58.13 39.15 -10.49
C HIS B 697 56.73 38.99 -11.06
N SER B 698 55.88 38.25 -10.36
CA SER B 698 54.55 37.95 -10.89
C SER B 698 53.60 39.13 -10.77
N CYS B 699 53.91 40.09 -9.92
CA CYS B 699 53.15 41.33 -9.86
C CYS B 699 53.12 42.08 -11.19
N PHE B 700 54.00 41.72 -12.14
CA PHE B 700 53.94 42.33 -13.46
C PHE B 700 52.90 41.63 -14.31
N LEU B 701 52.74 40.33 -14.08
CA LEU B 701 51.64 39.59 -14.66
C LEU B 701 50.33 40.13 -14.11
N TYR B 702 50.23 40.20 -12.79
CA TYR B 702 49.04 40.70 -12.13
C TYR B 702 48.68 42.11 -12.57
N LEU B 703 49.66 43.01 -12.59
CA LEU B 703 49.44 44.38 -13.04
C LEU B 703 49.00 44.39 -14.50
N GLY B 704 49.60 43.51 -15.29
CA GLY B 704 49.22 43.35 -16.68
C GLY B 704 47.76 42.96 -16.80
N SER B 705 47.37 41.95 -16.01
CA SER B 705 45.99 41.47 -16.00
C SER B 705 45.02 42.59 -15.62
N ILE B 706 45.47 43.50 -14.75
CA ILE B 706 44.66 44.64 -14.38
C ILE B 706 44.51 45.60 -15.57
N LEU B 707 45.59 45.75 -16.32
CA LEU B 707 45.59 46.61 -17.50
C LEU B 707 44.68 46.07 -18.58
N VAL B 708 44.73 44.75 -18.79
CA VAL B 708 43.90 44.09 -19.78
C VAL B 708 42.43 44.18 -19.39
N ASP B 709 42.17 44.04 -18.09
CA ASP B 709 40.79 44.09 -17.58
C ASP B 709 40.20 45.49 -17.70
N GLU B 710 41.05 46.50 -17.71
CA GLU B 710 40.58 47.88 -17.72
C GLU B 710 40.74 48.57 -19.07
N TYR B 711 41.62 48.05 -19.92
CA TYR B 711 41.89 48.69 -21.21
C TYR B 711 41.78 47.72 -22.39
N GLY B 712 41.31 46.51 -22.13
CA GLY B 712 41.21 45.50 -23.16
C GLY B 712 40.06 45.70 -24.13
N MET B 713 38.98 46.31 -23.66
CA MET B 713 37.80 46.55 -24.49
C MET B 713 38.06 47.63 -25.54
N GLU B 714 39.07 48.44 -25.29
CA GLU B 714 39.42 49.52 -26.21
C GLU B 714 40.21 48.98 -27.40
N GLU B 715 39.72 49.29 -28.60
CA GLU B 715 40.31 48.76 -29.82
C GLU B 715 41.76 49.22 -30.01
N GLY B 716 42.05 50.44 -29.56
CA GLY B 716 43.37 51.00 -29.74
C GLY B 716 44.45 50.39 -28.87
N CYS B 717 44.04 49.66 -27.82
CA CYS B 717 44.98 49.09 -26.87
C CYS B 717 45.19 47.58 -27.05
N ARG B 718 44.37 46.96 -27.90
CA ARG B 718 44.36 45.50 -28.04
C ARG B 718 45.66 44.93 -28.57
N GLN B 719 46.24 45.57 -29.58
CA GLN B 719 47.49 45.07 -30.15
C GLN B 719 48.65 45.27 -29.19
N GLY B 720 48.66 46.42 -28.51
CA GLY B 720 49.67 46.72 -27.51
C GLY B 720 49.61 45.77 -26.33
N LEU B 721 48.41 45.39 -25.94
CA LEU B 721 48.21 44.48 -24.83
C LEU B 721 48.61 43.05 -25.20
N LEU B 722 48.39 42.68 -26.46
CA LEU B 722 48.78 41.35 -26.94
C LEU B 722 50.29 41.23 -26.99
N ASP B 723 50.95 42.23 -27.58
CA ASP B 723 52.41 42.29 -27.63
C ASP B 723 53.00 42.22 -26.23
N MET B 724 52.28 42.78 -25.25
CA MET B 724 52.68 42.68 -23.86
C MET B 724 52.63 41.23 -23.38
N LEU B 725 51.50 40.58 -23.59
CA LEU B 725 51.30 39.19 -23.19
C LEU B 725 52.32 38.26 -23.83
N GLN B 726 52.57 38.44 -25.12
CA GLN B 726 53.53 37.60 -25.85
C GLN B 726 54.95 37.80 -25.33
N ALA B 727 55.27 39.03 -24.95
CA ALA B 727 56.59 39.37 -24.42
C ALA B 727 56.79 38.81 -23.02
N LEU B 728 55.75 38.89 -22.18
CA LEU B 728 55.83 38.42 -20.80
C LEU B 728 55.83 36.89 -20.72
N CYS B 729 55.27 36.25 -21.75
CA CYS B 729 55.14 34.80 -21.76
C CYS B 729 56.48 34.09 -21.89
N ILE B 730 57.38 34.64 -22.70
CA ILE B 730 58.65 33.98 -23.00
C ILE B 730 59.52 33.75 -21.74
N PRO B 731 59.71 34.80 -20.90
CA PRO B 731 60.45 34.51 -19.67
C PRO B 731 59.66 33.62 -18.73
N THR B 732 58.34 33.77 -18.78
CA THR B 732 57.43 33.02 -17.90
C THR B 732 57.49 31.54 -18.20
N PHE B 733 57.55 31.20 -19.48
CA PHE B 733 57.60 29.81 -19.88
C PHE B 733 58.97 29.24 -19.59
N GLN B 734 60.01 30.03 -19.84
CA GLN B 734 61.37 29.64 -19.48
C GLN B 734 61.49 29.38 -17.98
N LEU B 735 60.83 30.24 -17.19
CA LEU B 735 60.84 30.08 -15.73
C LEU B 735 60.14 28.79 -15.33
N LEU B 736 59.00 28.51 -15.97
CA LEU B 736 58.19 27.35 -15.63
C LEU B 736 58.75 26.05 -16.17
N GLU B 737 59.50 26.11 -17.27
CA GLU B 737 60.01 24.88 -17.85
C GLU B 737 61.20 24.34 -17.07
N GLN B 738 61.71 25.11 -16.11
CA GLN B 738 62.77 24.60 -15.23
C GLN B 738 62.26 23.43 -14.41
N GLN B 739 63.19 22.72 -13.77
CA GLN B 739 62.86 21.56 -12.98
C GLN B 739 61.91 21.94 -11.85
N ASN B 740 60.73 21.31 -11.85
CA ASN B 740 59.65 21.60 -10.92
C ASN B 740 59.22 23.06 -10.96
N GLY B 741 59.42 23.71 -12.12
CA GLY B 741 59.12 25.12 -12.29
C GLY B 741 57.73 25.51 -11.82
N LEU B 742 56.76 24.64 -12.09
CA LEU B 742 55.39 24.82 -11.64
C LEU B 742 55.34 24.87 -10.11
N GLN B 743 55.74 23.76 -9.49
CA GLN B 743 55.73 23.61 -8.04
C GLN B 743 56.51 24.71 -7.33
N ASN B 744 57.50 25.29 -8.00
CA ASN B 744 58.34 26.31 -7.38
C ASN B 744 57.83 27.73 -7.61
N HIS B 745 56.93 27.89 -8.58
CA HIS B 745 56.35 29.21 -8.82
C HIS B 745 54.83 29.19 -8.98
N PRO B 746 54.10 28.80 -7.91
CA PRO B 746 52.64 28.76 -8.01
C PRO B 746 52.05 30.16 -8.23
N ASP B 747 52.79 31.18 -7.82
CA ASP B 747 52.35 32.57 -7.96
C ASP B 747 52.49 33.03 -9.40
N THR B 748 53.52 32.54 -10.08
CA THR B 748 53.71 32.83 -11.50
C THR B 748 52.64 32.12 -12.32
N VAL B 749 52.39 30.86 -11.99
CA VAL B 749 51.33 30.08 -12.62
C VAL B 749 49.98 30.78 -12.52
N ASP B 750 49.60 31.12 -11.29
CA ASP B 750 48.32 31.77 -11.01
C ASP B 750 48.10 33.05 -11.80
N ASP B 751 48.98 34.03 -11.62
CA ASP B 751 48.82 35.34 -12.25
C ASP B 751 48.89 35.27 -13.77
N LEU B 752 49.59 34.27 -14.29
CA LEU B 752 49.71 34.08 -15.73
C LEU B 752 48.32 33.82 -16.32
N PHE B 753 47.61 32.87 -15.74
CA PHE B 753 46.29 32.49 -16.22
C PHE B 753 45.22 33.51 -15.83
N ARG B 754 45.52 34.33 -14.83
CA ARG B 754 44.69 35.49 -14.56
C ARG B 754 44.80 36.46 -15.72
N LEU B 755 46.02 36.63 -16.20
CA LEU B 755 46.29 37.51 -17.34
C LEU B 755 45.58 36.99 -18.58
N ALA B 756 45.62 35.68 -18.78
CA ALA B 756 45.02 35.07 -19.95
C ALA B 756 43.49 35.08 -19.86
N THR B 757 42.97 34.83 -18.67
CA THR B 757 41.53 34.87 -18.43
C THR B 757 40.99 36.28 -18.71
N ARG B 758 41.77 37.28 -18.36
CA ARG B 758 41.37 38.66 -18.54
C ARG B 758 41.38 39.03 -20.01
N PHE B 759 42.19 38.32 -20.79
CA PHE B 759 42.23 38.53 -22.23
C PHE B 759 40.98 37.92 -22.86
N ILE B 760 40.59 36.75 -22.36
CA ILE B 760 39.38 36.06 -22.79
C ILE B 760 38.11 36.88 -22.60
N GLN B 761 37.96 37.48 -21.41
CA GLN B 761 36.73 38.15 -21.06
C GLN B 761 36.70 39.63 -21.43
N ARG B 762 37.64 40.05 -22.28
CA ARG B 762 37.68 41.42 -22.77
C ARG B 762 37.86 41.46 -24.29
N SER B 763 38.76 40.61 -24.79
CA SER B 763 39.05 40.56 -26.21
C SER B 763 39.56 39.18 -26.60
N PRO B 764 38.64 38.19 -26.64
CA PRO B 764 39.03 36.78 -26.83
C PRO B 764 39.57 36.50 -28.23
N VAL B 765 39.14 37.30 -29.21
CA VAL B 765 39.52 37.06 -30.60
C VAL B 765 40.99 37.37 -30.85
N THR B 766 41.47 38.49 -30.35
CA THR B 766 42.87 38.88 -30.53
C THR B 766 43.82 37.83 -29.94
N LEU B 767 43.41 37.25 -28.80
CA LEU B 767 44.16 36.17 -28.18
C LEU B 767 44.13 34.89 -29.02
N LEU B 768 42.94 34.52 -29.46
CA LEU B 768 42.75 33.27 -30.19
C LEU B 768 43.44 33.26 -31.55
N ARG B 769 43.52 34.43 -32.19
CA ARG B 769 44.19 34.51 -33.49
C ARG B 769 45.71 34.54 -33.33
N SER B 770 46.16 34.89 -32.14
CA SER B 770 47.59 35.00 -31.87
C SER B 770 48.23 33.63 -31.76
N GLN B 771 49.54 33.59 -31.94
CA GLN B 771 50.30 32.33 -31.89
C GLN B 771 50.48 31.88 -30.44
N VAL B 772 50.57 32.84 -29.53
CA VAL B 772 50.89 32.58 -28.13
C VAL B 772 49.80 31.78 -27.40
N VAL B 773 48.61 31.69 -27.98
CA VAL B 773 47.51 31.02 -27.31
C VAL B 773 47.77 29.51 -27.14
N ILE B 774 48.50 28.92 -28.08
CA ILE B 774 48.78 27.48 -28.02
C ILE B 774 49.71 27.08 -26.87
N PRO B 775 50.88 27.74 -26.71
CA PRO B 775 51.70 27.33 -25.57
C PRO B 775 51.05 27.65 -24.22
N ILE B 776 50.32 28.77 -24.14
CA ILE B 776 49.60 29.14 -22.92
C ILE B 776 48.66 28.02 -22.52
N LEU B 777 47.93 27.49 -23.50
CA LEU B 777 47.04 26.36 -23.26
C LEU B 777 47.84 25.09 -22.94
N GLN B 778 48.96 24.90 -23.62
CA GLN B 778 49.83 23.76 -23.34
C GLN B 778 50.32 23.80 -21.90
N TRP B 779 50.60 25.01 -21.41
CA TRP B 779 51.01 25.18 -20.02
C TRP B 779 49.82 25.08 -19.10
N ALA B 780 48.66 25.54 -19.58
CA ALA B 780 47.41 25.39 -18.83
C ALA B 780 47.19 23.92 -18.51
N ILE B 781 47.28 23.07 -19.54
CA ILE B 781 47.12 21.64 -19.38
C ILE B 781 48.16 21.06 -18.42
N ALA B 782 49.38 21.57 -18.51
CA ALA B 782 50.48 21.09 -17.67
C ALA B 782 50.25 21.45 -16.21
N SER B 783 49.76 22.67 -15.98
CA SER B 783 49.56 23.18 -14.63
C SER B 783 48.45 22.46 -13.86
N THR B 784 47.62 21.70 -14.58
CA THR B 784 46.53 20.96 -13.94
C THR B 784 47.03 19.86 -13.02
N THR B 785 48.35 19.70 -12.92
CA THR B 785 48.94 18.70 -12.04
C THR B 785 49.43 19.35 -10.75
N LEU B 786 49.48 20.69 -10.75
CA LEU B 786 49.93 21.46 -9.60
C LEU B 786 48.93 21.39 -8.45
N ASP B 787 49.39 20.96 -7.28
CA ASP B 787 48.52 20.78 -6.12
C ASP B 787 48.11 22.09 -5.47
N HIS B 788 48.66 23.20 -5.95
CA HIS B 788 48.36 24.51 -5.39
C HIS B 788 46.90 24.90 -5.62
N ARG B 789 46.19 25.17 -4.53
CA ARG B 789 44.75 25.40 -4.57
C ARG B 789 44.36 26.65 -5.37
N ASP B 790 44.97 27.78 -5.04
CA ASP B 790 44.61 29.04 -5.70
C ASP B 790 45.11 29.06 -7.14
N ALA B 791 46.20 28.38 -7.41
CA ALA B 791 46.76 28.34 -8.75
C ALA B 791 45.89 27.48 -9.66
N ASN B 792 45.45 26.34 -9.13
CA ASN B 792 44.56 25.45 -9.87
C ASN B 792 43.23 26.10 -10.26
N CYS B 793 42.71 26.97 -9.39
CA CYS B 793 41.46 27.67 -9.70
C CYS B 793 41.66 28.63 -10.88
N SER B 794 42.82 29.30 -10.90
CA SER B 794 43.14 30.23 -11.96
C SER B 794 43.23 29.54 -13.33
N VAL B 795 43.81 28.34 -13.36
CA VAL B 795 44.01 27.64 -14.62
C VAL B 795 42.73 26.93 -15.09
N MET B 796 42.00 26.34 -14.16
CA MET B 796 40.72 25.69 -14.48
C MET B 796 39.72 26.70 -15.02
N ARG B 797 39.70 27.88 -14.41
CA ARG B 797 38.82 28.94 -14.87
C ARG B 797 39.26 29.44 -16.25
N PHE B 798 40.55 29.44 -16.51
CA PHE B 798 41.06 29.82 -17.82
C PHE B 798 40.62 28.81 -18.89
N LEU B 799 40.76 27.52 -18.58
CA LEU B 799 40.33 26.47 -19.50
C LEU B 799 38.84 26.61 -19.82
N ARG B 800 38.02 26.68 -18.76
CA ARG B 800 36.59 26.85 -18.91
C ARG B 800 36.23 28.07 -19.75
N ASP B 801 36.77 29.22 -19.38
CA ASP B 801 36.47 30.47 -20.07
C ASP B 801 36.98 30.47 -21.52
N LEU B 802 38.09 29.79 -21.77
CA LEU B 802 38.67 29.74 -23.11
C LEU B 802 37.80 28.92 -24.03
N ILE B 803 37.45 27.72 -23.58
CA ILE B 803 36.62 26.81 -24.36
C ILE B 803 35.22 27.37 -24.55
N HIS B 804 34.71 28.02 -23.51
CA HIS B 804 33.38 28.63 -23.55
C HIS B 804 33.27 29.74 -24.59
N THR B 805 34.39 30.13 -25.19
CA THR B 805 34.40 31.20 -26.18
C THR B 805 33.77 30.72 -27.49
N GLY B 806 33.79 29.42 -27.73
CA GLY B 806 33.16 28.84 -28.91
C GLY B 806 31.76 28.33 -28.62
N VAL B 807 31.14 28.88 -27.57
CA VAL B 807 29.82 28.43 -27.14
C VAL B 807 28.91 29.61 -26.82
N ALA B 808 29.44 30.56 -26.06
CA ALA B 808 28.68 31.70 -25.56
C ALA B 808 28.26 32.63 -26.71
N ASN B 809 27.04 33.12 -26.61
CA ASN B 809 26.52 34.14 -27.53
C ASN B 809 26.61 33.76 -29.01
N ASP B 810 25.84 32.75 -29.40
CA ASP B 810 25.84 32.32 -30.80
C ASP B 810 25.07 33.30 -31.70
N HIS B 811 24.52 34.35 -31.10
CA HIS B 811 23.73 35.31 -31.85
C HIS B 811 24.54 36.46 -32.44
N GLU B 812 25.67 36.78 -31.80
CA GLU B 812 26.48 37.91 -32.28
C GLU B 812 27.43 37.48 -33.39
N GLU B 813 27.79 38.44 -34.24
CA GLU B 813 28.50 38.20 -35.49
C GLU B 813 29.76 37.35 -35.38
N ASP B 814 30.66 37.74 -34.48
CA ASP B 814 31.98 37.10 -34.40
C ASP B 814 31.95 35.67 -33.87
N PHE B 815 30.76 35.15 -33.58
CA PHE B 815 30.64 33.83 -32.99
C PHE B 815 31.24 32.73 -33.86
N GLU B 816 30.89 32.71 -35.13
CA GLU B 816 31.37 31.68 -36.05
C GLU B 816 32.89 31.73 -36.19
N LEU B 817 33.46 32.89 -35.90
CA LEU B 817 34.91 33.05 -35.90
C LEU B 817 35.50 32.49 -34.61
N ARG B 818 34.81 32.73 -33.49
CA ARG B 818 35.23 32.16 -32.20
C ARG B 818 35.08 30.64 -32.22
N LYS B 819 34.00 30.18 -32.85
CA LYS B 819 33.75 28.76 -33.02
C LYS B 819 34.90 28.09 -33.78
N GLU B 820 35.29 28.72 -34.88
CA GLU B 820 36.37 28.21 -35.72
C GLU B 820 37.69 28.14 -34.98
N LEU B 821 38.01 29.21 -34.26
CA LEU B 821 39.30 29.33 -33.60
C LEU B 821 39.44 28.36 -32.44
N ILE B 822 38.39 28.22 -31.63
CA ILE B 822 38.35 27.20 -30.59
C ILE B 822 38.47 25.82 -31.22
N GLY B 823 37.79 25.64 -32.35
CA GLY B 823 37.85 24.40 -33.09
C GLY B 823 39.26 23.95 -33.42
N GLN B 824 40.03 24.81 -34.08
CA GLN B 824 41.42 24.51 -34.43
C GLN B 824 42.26 24.19 -33.20
N VAL B 825 42.11 25.02 -32.17
CA VAL B 825 42.86 24.84 -30.93
C VAL B 825 42.50 23.51 -30.27
N MET B 826 41.20 23.29 -30.08
CA MET B 826 40.71 22.05 -29.50
C MET B 826 41.13 20.84 -30.32
N ASN B 827 41.09 20.98 -31.65
CA ASN B 827 41.52 19.90 -32.53
C ASN B 827 42.97 19.49 -32.27
N GLN B 828 43.81 20.50 -32.03
CA GLN B 828 45.23 20.26 -31.83
C GLN B 828 45.57 19.66 -30.47
N LEU B 829 44.93 20.17 -29.41
CA LEU B 829 45.31 19.83 -28.05
C LEU B 829 44.18 19.23 -27.21
N GLY B 830 43.00 19.10 -27.81
CA GLY B 830 41.82 18.62 -27.09
C GLY B 830 41.97 17.29 -26.38
N GLN B 831 42.51 16.31 -27.08
CA GLN B 831 42.66 14.97 -26.51
C GLN B 831 43.56 14.99 -25.27
N GLN B 832 44.64 15.77 -25.34
CA GLN B 832 45.55 15.90 -24.21
C GLN B 832 44.85 16.55 -23.02
N LEU B 833 44.16 17.66 -23.31
CA LEU B 833 43.33 18.34 -22.32
C LEU B 833 42.41 17.38 -21.57
N VAL B 834 41.63 16.59 -22.31
CA VAL B 834 40.71 15.63 -21.70
C VAL B 834 41.46 14.53 -20.95
N SER B 835 42.56 14.05 -21.54
CA SER B 835 43.32 12.97 -20.93
C SER B 835 43.98 13.40 -19.63
N GLN B 836 44.53 14.61 -19.62
CA GLN B 836 45.19 15.13 -18.43
C GLN B 836 44.18 15.47 -17.36
N LEU B 837 43.03 16.00 -17.79
CA LEU B 837 41.95 16.38 -16.90
C LEU B 837 41.44 15.19 -16.11
N LEU B 838 41.30 14.06 -16.79
CA LEU B 838 40.84 12.85 -16.13
C LEU B 838 41.93 12.30 -15.23
N HIS B 839 43.17 12.39 -15.68
CA HIS B 839 44.31 11.90 -14.89
C HIS B 839 44.48 12.70 -13.60
N THR B 840 44.38 14.02 -13.72
CA THR B 840 44.42 14.92 -12.57
C THR B 840 43.42 14.53 -11.49
N CYS B 841 42.16 14.37 -11.89
CA CYS B 841 41.06 14.05 -10.98
C CYS B 841 41.29 12.75 -10.20
N CYS B 842 41.77 11.73 -10.90
CA CYS B 842 41.87 10.40 -10.31
C CYS B 842 43.08 10.18 -9.39
N PHE B 843 44.23 10.74 -9.75
CA PHE B 843 45.46 10.43 -9.04
C PHE B 843 46.22 11.65 -8.51
N CYS B 844 46.19 12.72 -9.28
CA CYS B 844 47.10 13.84 -9.04
C CYS B 844 46.65 14.82 -7.95
N LEU B 845 45.40 15.27 -8.01
CA LEU B 845 44.95 16.35 -7.13
C LEU B 845 43.82 15.95 -6.18
N PRO B 846 43.71 16.66 -5.04
CA PRO B 846 42.61 16.51 -4.09
C PRO B 846 41.25 16.79 -4.73
N PRO B 847 40.15 16.30 -4.13
CA PRO B 847 38.80 16.39 -4.70
C PRO B 847 38.28 17.80 -5.00
N TYR B 848 38.94 18.84 -4.50
CA TYR B 848 38.43 20.20 -4.70
C TYR B 848 38.40 20.61 -6.17
N THR B 849 39.15 19.92 -7.01
CA THR B 849 39.23 20.25 -8.43
C THR B 849 38.02 19.71 -9.20
N LEU B 850 37.42 18.64 -8.70
CA LEU B 850 36.32 17.95 -9.37
C LEU B 850 35.22 18.87 -9.95
N PRO B 851 34.74 19.84 -9.16
CA PRO B 851 33.77 20.77 -9.77
C PRO B 851 34.36 21.61 -10.90
N ASP B 852 35.57 22.14 -10.69
CA ASP B 852 36.21 23.00 -11.67
C ASP B 852 36.54 22.26 -12.96
N VAL B 853 36.75 20.95 -12.85
CA VAL B 853 37.03 20.10 -14.00
C VAL B 853 35.75 19.78 -14.77
N ALA B 854 34.71 19.41 -14.04
CA ALA B 854 33.40 19.09 -14.62
C ALA B 854 32.86 20.25 -15.46
N GLU B 855 33.02 21.47 -14.94
CA GLU B 855 32.60 22.66 -15.67
C GLU B 855 33.34 22.76 -17.00
N VAL B 856 34.64 22.42 -16.97
CA VAL B 856 35.46 22.45 -18.17
C VAL B 856 35.09 21.30 -19.12
N LEU B 857 34.93 20.11 -18.55
CA LEU B 857 34.45 18.96 -19.33
C LEU B 857 33.12 19.29 -20.01
N TRP B 858 32.25 19.98 -19.28
CA TRP B 858 30.96 20.40 -19.82
C TRP B 858 31.10 21.31 -21.03
N GLU B 859 31.92 22.34 -20.91
CA GLU B 859 32.13 23.31 -21.98
C GLU B 859 32.65 22.66 -23.26
N ILE B 860 33.44 21.60 -23.11
CA ILE B 860 33.97 20.88 -24.26
C ILE B 860 32.85 20.19 -25.04
N MET B 861 31.95 19.53 -24.31
CA MET B 861 30.81 18.85 -24.92
C MET B 861 29.93 19.83 -25.70
N GLN B 862 29.78 21.03 -25.17
CA GLN B 862 29.00 22.07 -25.85
C GLN B 862 29.63 22.47 -27.18
N VAL B 863 30.93 22.19 -27.35
CA VAL B 863 31.63 22.56 -28.57
C VAL B 863 31.58 21.45 -29.60
N ASP B 864 31.85 20.22 -29.14
CA ASP B 864 31.88 19.07 -30.03
C ASP B 864 31.70 17.79 -29.23
N ARG B 865 30.44 17.50 -28.88
CA ARG B 865 30.12 16.32 -28.07
C ARG B 865 30.44 14.98 -28.75
N PRO B 866 30.21 14.86 -30.08
CA PRO B 866 30.67 13.61 -30.71
C PRO B 866 32.18 13.40 -30.56
N THR B 867 32.95 14.44 -30.84
CA THR B 867 34.40 14.37 -30.71
C THR B 867 34.82 14.08 -29.27
N PHE B 868 34.14 14.72 -28.32
CA PHE B 868 34.42 14.51 -26.90
C PHE B 868 34.30 13.04 -26.50
N CYS B 869 33.30 12.36 -27.05
CA CYS B 869 33.07 10.96 -26.75
C CYS B 869 34.31 10.14 -27.09
N ARG B 870 34.93 10.46 -28.23
CA ARG B 870 36.17 9.81 -28.63
C ARG B 870 37.27 10.10 -27.63
N TRP B 871 37.57 11.40 -27.47
CA TRP B 871 38.60 11.86 -26.53
C TRP B 871 38.48 11.18 -25.16
N LEU B 872 37.27 11.14 -24.62
CA LEU B 872 37.04 10.55 -23.31
C LEU B 872 37.25 9.04 -23.32
N GLU B 873 36.81 8.39 -24.39
CA GLU B 873 36.97 6.96 -24.55
C GLU B 873 38.45 6.55 -24.52
N ASN B 874 39.29 7.32 -25.20
CA ASN B 874 40.72 7.06 -25.23
C ASN B 874 41.37 7.18 -23.85
N SER B 875 41.00 8.23 -23.12
CA SER B 875 41.56 8.48 -21.80
C SER B 875 41.20 7.39 -20.79
N LEU B 876 40.02 6.80 -20.93
CA LEU B 876 39.60 5.74 -20.04
C LEU B 876 40.39 4.47 -20.28
N LYS B 877 40.83 4.30 -21.53
CA LYS B 877 41.60 3.12 -21.93
C LYS B 877 43.03 3.21 -21.43
N GLY B 878 43.42 4.38 -20.93
CA GLY B 878 44.76 4.60 -20.42
C GLY B 878 44.86 4.62 -18.91
N LEU B 879 44.28 3.61 -18.26
CA LEU B 879 44.36 3.50 -16.80
C LEU B 879 45.60 2.71 -16.38
N PRO B 880 46.52 3.36 -15.65
CA PRO B 880 47.76 2.73 -15.21
C PRO B 880 47.65 2.12 -13.81
N THR B 889 41.48 -2.17 -8.04
CA THR B 889 41.49 -1.59 -9.38
C THR B 889 40.07 -1.36 -9.90
N VAL B 890 39.96 -0.82 -11.11
CA VAL B 890 38.66 -0.49 -11.69
C VAL B 890 38.32 -1.41 -12.85
N THR B 891 37.13 -2.02 -12.79
CA THR B 891 36.69 -2.96 -13.82
C THR B 891 36.34 -2.25 -15.12
N HIS B 892 36.05 -3.02 -16.16
CA HIS B 892 35.71 -2.47 -17.47
C HIS B 892 34.33 -1.82 -17.47
N LYS B 893 33.41 -2.38 -16.70
CA LYS B 893 32.04 -1.87 -16.64
C LYS B 893 32.02 -0.46 -16.05
N GLN B 894 32.82 -0.25 -15.00
CA GLN B 894 32.89 1.03 -14.31
C GLN B 894 33.52 2.12 -15.19
N LEU B 895 34.16 1.71 -16.27
CA LEU B 895 34.70 2.65 -17.25
C LEU B 895 33.66 2.95 -18.31
N THR B 896 32.81 1.96 -18.59
CA THR B 896 31.81 2.10 -19.65
C THR B 896 30.64 2.95 -19.19
N ASP B 897 30.15 2.68 -17.98
CA ASP B 897 29.00 3.42 -17.45
C ASP B 897 29.38 4.86 -17.13
N PHE B 898 30.60 5.06 -16.63
CA PHE B 898 31.10 6.41 -16.37
C PHE B 898 31.22 7.21 -17.67
N HIS B 899 31.46 6.51 -18.77
CA HIS B 899 31.50 7.15 -20.08
C HIS B 899 30.08 7.53 -20.50
N LYS B 900 29.13 6.65 -20.21
CA LYS B 900 27.72 6.91 -20.49
C LYS B 900 27.20 8.09 -19.68
N GLN B 901 27.57 8.13 -18.40
CA GLN B 901 27.17 9.19 -17.50
C GLN B 901 27.56 10.57 -18.01
N VAL B 902 28.83 10.74 -18.35
CA VAL B 902 29.35 12.03 -18.77
C VAL B 902 28.86 12.44 -20.15
N THR B 903 28.90 11.50 -21.09
CA THR B 903 28.59 11.80 -22.49
C THR B 903 27.10 11.99 -22.75
N SER B 904 26.26 11.37 -21.92
CA SER B 904 24.81 11.49 -22.07
C SER B 904 24.21 12.35 -20.97
N ALA B 905 24.99 13.28 -20.44
CA ALA B 905 24.51 14.18 -19.39
C ALA B 905 23.83 15.40 -20.00
N GLU B 906 22.77 15.86 -19.36
CA GLU B 906 22.00 16.99 -19.86
C GLU B 906 22.29 18.27 -19.08
N GLU B 907 22.66 18.11 -17.81
CA GLU B 907 23.09 19.23 -16.98
C GLU B 907 24.53 19.03 -16.53
N CYS B 908 25.27 20.13 -16.37
CA CYS B 908 26.65 20.06 -15.91
C CYS B 908 26.75 19.41 -14.54
N LYS B 909 25.65 19.47 -13.78
CA LYS B 909 25.57 18.89 -12.45
C LYS B 909 25.82 17.38 -12.48
N GLN B 910 25.33 16.72 -13.53
CA GLN B 910 25.50 15.27 -13.67
C GLN B 910 26.96 14.90 -13.95
N VAL B 911 27.65 15.76 -14.69
CA VAL B 911 29.07 15.58 -14.98
C VAL B 911 29.88 15.57 -13.67
N CYS B 912 29.63 16.55 -12.82
CA CYS B 912 30.29 16.64 -11.52
C CYS B 912 29.85 15.50 -10.60
N TRP B 913 28.60 15.08 -10.75
CA TRP B 913 28.08 13.92 -10.03
C TRP B 913 28.85 12.67 -10.43
N ALA B 914 29.09 12.52 -11.72
CA ALA B 914 29.82 11.37 -12.25
C ALA B 914 31.27 11.35 -11.77
N LEU B 915 31.96 12.48 -11.91
CA LEU B 915 33.36 12.60 -11.52
C LEU B 915 33.58 12.24 -10.05
N ARG B 916 32.82 12.87 -9.16
CA ARG B 916 32.94 12.60 -7.72
C ARG B 916 32.79 11.11 -7.43
N ASP B 917 31.88 10.47 -8.16
CA ASP B 917 31.64 9.04 -7.99
C ASP B 917 32.80 8.21 -8.52
N PHE B 918 33.28 8.57 -9.71
CA PHE B 918 34.36 7.84 -10.37
C PHE B 918 35.70 8.05 -9.68
N THR B 919 36.00 9.29 -9.32
CA THR B 919 37.24 9.64 -8.64
C THR B 919 37.39 8.89 -7.32
N ARG B 920 36.27 8.61 -6.67
CA ARG B 920 36.25 7.89 -5.40
C ARG B 920 36.95 6.53 -5.49
N LEU B 921 36.96 5.95 -6.69
CA LEU B 921 37.56 4.62 -6.90
C LEU B 921 39.09 4.64 -6.83
N PHE B 922 39.68 5.81 -6.68
CA PHE B 922 41.13 5.94 -6.65
C PHE B 922 41.61 6.62 -5.36
N GLY C 3 16.14 -11.31 15.08
CA GLY C 3 16.00 -11.83 16.43
C GLY C 3 15.98 -13.35 16.50
N ALA C 4 14.91 -13.94 15.98
CA ALA C 4 14.71 -15.39 16.09
C ALA C 4 15.55 -16.16 15.07
N LYS C 5 16.39 -17.07 15.57
CA LYS C 5 17.21 -17.92 14.70
C LYS C 5 16.34 -18.88 13.92
N PRO C 6 16.44 -18.83 12.58
CA PRO C 6 15.61 -19.65 11.67
C PRO C 6 15.76 -21.15 11.90
N THR C 7 14.70 -21.89 11.57
CA THR C 7 14.70 -23.34 11.71
C THR C 7 15.68 -23.98 10.74
N LEU C 8 16.37 -25.01 11.22
CA LEU C 8 17.29 -25.76 10.37
C LEU C 8 16.50 -26.53 9.32
N GLN C 9 15.27 -26.89 9.66
CA GLN C 9 14.40 -27.60 8.72
C GLN C 9 13.89 -26.61 7.66
N LEU C 10 13.77 -25.35 8.06
CA LEU C 10 13.24 -24.32 7.17
C LEU C 10 14.27 -23.83 6.14
N VAL C 11 15.51 -23.63 6.58
CA VAL C 11 16.55 -23.19 5.64
C VAL C 11 16.76 -24.21 4.53
N TYR C 12 16.81 -25.49 4.87
CA TYR C 12 16.90 -26.55 3.87
C TYR C 12 15.66 -26.46 3.00
N GLN C 13 14.52 -26.21 3.66
CA GLN C 13 13.22 -26.17 3.01
C GLN C 13 13.27 -25.11 1.92
N ALA C 14 13.91 -23.99 2.27
CA ALA C 14 14.08 -22.86 1.38
C ALA C 14 14.97 -23.24 0.19
N VAL C 15 16.08 -23.91 0.48
CA VAL C 15 17.04 -24.28 -0.55
C VAL C 15 16.33 -25.24 -1.49
N GLN C 16 15.66 -26.24 -0.90
CA GLN C 16 15.04 -27.32 -1.64
C GLN C 16 13.96 -26.69 -2.53
N ALA C 17 13.27 -25.71 -1.97
CA ALA C 17 12.30 -24.90 -2.72
C ALA C 17 12.97 -24.08 -3.82
N LEU C 18 14.10 -23.47 -3.51
CA LEU C 18 14.71 -22.45 -4.37
C LEU C 18 15.08 -23.04 -5.73
N TYR C 19 15.73 -24.19 -5.74
CA TYR C 19 16.03 -24.84 -7.01
C TYR C 19 14.85 -25.56 -7.72
N HIS C 20 13.99 -26.25 -6.98
CA HIS C 20 13.03 -27.18 -7.62
C HIS C 20 11.53 -26.87 -7.55
N ASP C 21 11.10 -25.88 -6.75
CA ASP C 21 9.67 -25.68 -6.49
C ASP C 21 8.98 -25.42 -7.82
N PRO C 22 7.89 -26.15 -8.12
CA PRO C 22 7.31 -26.01 -9.47
C PRO C 22 6.90 -24.58 -9.76
N ASP C 23 6.25 -23.96 -8.79
CA ASP C 23 5.74 -22.61 -8.92
C ASP C 23 6.96 -21.68 -9.10
N PRO C 24 6.96 -20.83 -10.14
CA PRO C 24 8.06 -19.87 -10.30
C PRO C 24 8.07 -18.81 -9.21
N SER C 25 6.90 -18.27 -8.88
CA SER C 25 6.77 -17.23 -7.87
C SER C 25 7.17 -17.83 -6.53
N GLY C 26 6.74 -19.07 -6.30
CA GLY C 26 6.98 -19.78 -5.06
C GLY C 26 8.49 -19.91 -4.92
N LYS C 27 9.13 -20.20 -6.04
CA LYS C 27 10.57 -20.35 -6.10
C LYS C 27 11.19 -19.02 -5.72
N GLU C 28 10.59 -17.95 -6.22
CA GLU C 28 11.12 -16.60 -6.14
C GLU C 28 11.22 -16.20 -4.68
N ARG C 29 10.17 -16.50 -3.91
CA ARG C 29 10.04 -16.04 -2.54
C ARG C 29 11.20 -16.61 -1.75
N ALA C 30 11.44 -17.90 -1.95
CA ALA C 30 12.54 -18.61 -1.31
C ALA C 30 13.87 -17.87 -1.48
N SER C 31 14.07 -17.30 -2.67
CA SER C 31 15.26 -16.51 -2.95
C SER C 31 15.33 -15.27 -2.07
N PHE C 32 14.18 -14.61 -1.89
CA PHE C 32 14.10 -13.41 -1.06
C PHE C 32 14.40 -13.76 0.39
N TRP C 33 13.73 -14.79 0.89
CA TRP C 33 13.92 -15.25 2.27
C TRP C 33 15.37 -15.60 2.54
N LEU C 34 15.95 -16.43 1.68
CA LEU C 34 17.36 -16.83 1.83
C LEU C 34 18.30 -15.64 1.75
N GLY C 35 17.99 -14.70 0.86
CA GLY C 35 18.75 -13.46 0.75
C GLY C 35 18.76 -12.70 2.06
N GLU C 36 17.59 -12.55 2.66
CA GLU C 36 17.46 -11.87 3.95
C GLU C 36 18.19 -12.63 5.05
N LEU C 37 18.21 -13.96 4.93
CA LEU C 37 18.90 -14.81 5.89
C LEU C 37 20.40 -14.51 5.89
N GLN C 38 20.96 -14.37 4.69
CA GLN C 38 22.38 -14.09 4.52
C GLN C 38 22.77 -12.79 5.21
N ARG C 39 21.88 -11.80 5.14
CA ARG C 39 22.14 -10.49 5.74
C ARG C 39 21.98 -10.51 7.26
N SER C 40 21.51 -11.63 7.81
CA SER C 40 21.27 -11.74 9.24
C SER C 40 22.50 -12.20 10.00
N VAL C 41 22.46 -12.04 11.32
CA VAL C 41 23.57 -12.45 12.18
C VAL C 41 23.62 -13.97 12.31
N HIS C 42 22.51 -14.62 11.99
CA HIS C 42 22.40 -16.06 12.11
C HIS C 42 23.07 -16.75 10.93
N ALA C 43 23.46 -15.94 9.92
CA ALA C 43 24.10 -16.47 8.72
C ALA C 43 25.37 -17.26 9.05
N TRP C 44 26.21 -16.72 9.93
CA TRP C 44 27.44 -17.40 10.34
C TRP C 44 27.18 -18.82 10.85
N GLU C 45 26.20 -18.95 11.74
CA GLU C 45 25.87 -20.23 12.35
C GLU C 45 25.21 -21.22 11.38
N ILE C 46 24.17 -20.76 10.69
CA ILE C 46 23.46 -21.59 9.73
C ILE C 46 24.40 -22.11 8.64
N SER C 47 25.35 -21.26 8.24
CA SER C 47 26.35 -21.64 7.23
C SER C 47 27.21 -22.78 7.74
N ASP C 48 27.85 -22.57 8.89
CA ASP C 48 28.78 -23.55 9.47
C ASP C 48 28.10 -24.90 9.68
N GLN C 49 26.82 -24.88 9.98
CA GLN C 49 26.07 -26.12 10.22
C GLN C 49 25.74 -26.83 8.91
N LEU C 50 25.30 -26.08 7.92
CA LEU C 50 24.99 -26.64 6.60
C LEU C 50 26.24 -27.23 5.94
N LEU C 51 27.40 -26.65 6.25
CA LEU C 51 28.66 -27.10 5.69
C LEU C 51 29.12 -28.45 6.28
N GLN C 52 28.93 -28.61 7.59
CA GLN C 52 29.33 -29.85 8.25
C GLN C 52 28.28 -30.94 8.06
N ILE C 53 27.02 -30.55 8.01
CA ILE C 53 25.94 -31.50 7.70
C ILE C 53 26.08 -31.97 6.26
N ARG C 54 26.17 -31.01 5.35
CA ARG C 54 26.32 -31.22 3.90
C ARG C 54 25.53 -32.41 3.35
N GLN C 55 24.22 -32.22 3.23
CA GLN C 55 23.34 -33.26 2.69
C GLN C 55 23.25 -33.13 1.17
N ASP C 56 23.27 -31.89 0.68
CA ASP C 56 23.17 -31.63 -0.74
C ASP C 56 24.36 -30.81 -1.23
N VAL C 57 24.44 -30.63 -2.55
CA VAL C 57 25.47 -29.79 -3.14
C VAL C 57 24.91 -28.37 -3.13
N GLU C 58 23.59 -28.32 -3.26
CA GLU C 58 22.83 -27.08 -3.28
C GLU C 58 22.95 -26.31 -1.97
N SER C 59 22.75 -27.02 -0.87
CA SER C 59 22.83 -26.43 0.47
C SER C 59 24.22 -25.87 0.77
N CYS C 60 25.23 -26.57 0.27
CA CYS C 60 26.61 -26.19 0.51
C CYS C 60 27.02 -24.93 -0.26
N TYR C 61 26.54 -24.81 -1.48
CA TYR C 61 26.84 -23.62 -2.27
C TYR C 61 26.29 -22.39 -1.57
N PHE C 62 25.04 -22.46 -1.15
CA PHE C 62 24.42 -21.38 -0.39
C PHE C 62 25.22 -21.07 0.88
N ALA C 63 25.62 -22.12 1.59
CA ALA C 63 26.34 -21.96 2.84
C ALA C 63 27.71 -21.35 2.59
N ALA C 64 28.44 -21.91 1.63
CA ALA C 64 29.77 -21.43 1.30
C ALA C 64 29.72 -19.99 0.80
N GLN C 65 28.75 -19.71 -0.07
CA GLN C 65 28.53 -18.35 -0.57
C GLN C 65 28.21 -17.41 0.59
N THR C 66 27.37 -17.87 1.51
CA THR C 66 26.98 -17.05 2.66
C THR C 66 28.20 -16.80 3.54
N MET C 67 29.03 -17.83 3.71
CA MET C 67 30.28 -17.69 4.45
C MET C 67 31.17 -16.61 3.84
N LYS C 68 31.47 -16.76 2.55
CA LYS C 68 32.26 -15.78 1.82
C LYS C 68 31.71 -14.35 1.99
N MET C 69 30.41 -14.19 1.73
CA MET C 69 29.77 -12.89 1.81
C MET C 69 29.83 -12.26 3.20
N LYS C 70 29.57 -13.07 4.23
CA LYS C 70 29.59 -12.57 5.60
C LYS C 70 30.98 -12.09 6.05
N ILE C 71 32.02 -12.76 5.58
CA ILE C 71 33.39 -12.42 5.98
C ILE C 71 33.91 -11.17 5.26
N GLN C 72 33.41 -10.91 4.06
CA GLN C 72 33.87 -9.74 3.32
C GLN C 72 33.04 -8.49 3.61
N THR C 73 31.73 -8.65 3.77
CA THR C 73 30.86 -7.51 4.02
C THR C 73 30.82 -7.09 5.50
N SER C 74 30.49 -8.03 6.37
CA SER C 74 30.32 -7.71 7.79
C SER C 74 31.30 -8.48 8.67
N PHE C 75 32.58 -8.11 8.57
CA PHE C 75 33.62 -8.74 9.37
C PHE C 75 33.70 -8.09 10.74
N TYR C 76 33.28 -6.83 10.82
CA TYR C 76 33.30 -6.06 12.07
C TYR C 76 32.54 -6.76 13.20
N GLU C 77 31.54 -7.56 12.84
CA GLU C 77 30.73 -8.26 13.84
C GLU C 77 31.55 -9.25 14.67
N LEU C 78 32.58 -9.82 14.06
CA LEU C 78 33.41 -10.81 14.75
C LEU C 78 34.38 -10.18 15.74
N PRO C 79 34.47 -10.75 16.95
CA PRO C 79 35.47 -10.33 17.95
C PRO C 79 36.85 -10.91 17.63
N THR C 80 37.88 -10.45 18.33
CA THR C 80 39.26 -10.85 18.06
C THR C 80 39.51 -12.33 18.31
N ASP C 81 38.91 -12.87 19.38
CA ASP C 81 39.15 -14.24 19.78
C ASP C 81 38.40 -15.26 18.92
N SER C 82 37.42 -14.79 18.15
CA SER C 82 36.62 -15.67 17.31
C SER C 82 37.31 -15.99 15.99
N HIS C 83 38.36 -15.24 15.67
CA HIS C 83 39.06 -15.38 14.40
C HIS C 83 39.65 -16.79 14.20
N ALA C 84 40.45 -17.23 15.16
CA ALA C 84 41.07 -18.55 15.08
C ALA C 84 40.02 -19.65 14.98
N SER C 85 38.95 -19.53 15.75
CA SER C 85 37.87 -20.51 15.75
C SER C 85 37.23 -20.66 14.37
N LEU C 86 37.12 -19.55 13.67
CA LEU C 86 36.54 -19.56 12.32
C LEU C 86 37.56 -20.05 11.30
N ARG C 87 38.81 -19.61 11.48
CA ARG C 87 39.90 -20.01 10.61
C ARG C 87 40.04 -21.53 10.50
N ASP C 88 39.91 -22.21 11.64
CA ASP C 88 40.00 -23.66 11.67
C ASP C 88 38.74 -24.31 11.10
N SER C 89 37.60 -23.70 11.37
CA SER C 89 36.32 -24.20 10.88
C SER C 89 36.26 -24.17 9.35
N LEU C 90 36.72 -23.07 8.76
CA LEU C 90 36.72 -22.93 7.31
C LEU C 90 37.66 -23.94 6.66
N LEU C 91 38.88 -24.01 7.18
CA LEU C 91 39.88 -24.95 6.68
C LEU C 91 39.35 -26.39 6.73
N THR C 92 38.67 -26.72 7.81
CA THR C 92 38.04 -28.03 7.94
C THR C 92 37.00 -28.24 6.85
N HIS C 93 36.20 -27.21 6.59
CA HIS C 93 35.10 -27.30 5.63
C HIS C 93 35.60 -27.49 4.20
N ILE C 94 36.70 -26.83 3.84
CA ILE C 94 37.22 -26.95 2.49
C ILE C 94 37.88 -28.31 2.30
N GLN C 95 38.42 -28.86 3.38
CA GLN C 95 38.98 -30.21 3.37
C GLN C 95 37.89 -31.25 3.05
N ASN C 96 36.84 -31.24 3.85
CA ASN C 96 35.76 -32.21 3.73
C ASN C 96 34.93 -32.08 2.44
N LEU C 97 35.14 -31.00 1.70
CA LEU C 97 34.28 -30.70 0.55
C LEU C 97 35.01 -30.61 -0.79
N LYS C 98 36.32 -30.87 -0.81
CA LYS C 98 37.08 -30.85 -2.05
C LYS C 98 36.50 -31.82 -3.08
N ASP C 99 36.04 -32.97 -2.60
CA ASP C 99 35.46 -34.00 -3.47
C ASP C 99 34.25 -33.48 -4.23
N LEU C 100 33.44 -32.64 -3.59
CA LEU C 100 32.25 -32.08 -4.22
C LEU C 100 32.58 -31.10 -5.34
N SER C 101 31.56 -30.39 -5.81
CA SER C 101 31.70 -29.46 -6.94
C SER C 101 32.76 -28.39 -6.67
N PRO C 102 33.53 -28.03 -7.70
CA PRO C 102 34.57 -27.00 -7.58
C PRO C 102 33.99 -25.62 -7.32
N VAL C 103 32.74 -25.40 -7.72
CA VAL C 103 32.07 -24.12 -7.51
C VAL C 103 31.89 -23.83 -6.02
N ILE C 104 31.78 -24.89 -5.22
CA ILE C 104 31.75 -24.75 -3.76
C ILE C 104 33.14 -24.37 -3.24
N VAL C 105 34.14 -25.10 -3.71
CA VAL C 105 35.51 -24.93 -3.24
C VAL C 105 36.04 -23.54 -3.54
N THR C 106 35.77 -23.05 -4.75
CA THR C 106 36.18 -21.71 -5.16
C THR C 106 35.64 -20.67 -4.19
N GLN C 107 34.36 -20.83 -3.84
CA GLN C 107 33.72 -19.96 -2.86
C GLN C 107 34.45 -20.04 -1.52
N LEU C 108 34.58 -21.25 -0.99
CA LEU C 108 35.29 -21.48 0.26
C LEU C 108 36.73 -21.00 0.21
N ALA C 109 37.35 -21.08 -0.96
CA ALA C 109 38.71 -20.60 -1.15
C ALA C 109 38.75 -19.08 -0.97
N LEU C 110 37.72 -18.41 -1.47
CA LEU C 110 37.60 -16.97 -1.35
C LEU C 110 37.31 -16.58 0.09
N ALA C 111 36.66 -17.48 0.82
CA ALA C 111 36.38 -17.25 2.24
C ALA C 111 37.69 -17.19 3.02
N ILE C 112 38.43 -18.29 2.99
CA ILE C 112 39.74 -18.39 3.61
C ILE C 112 40.65 -17.23 3.19
N ALA C 113 40.64 -16.91 1.91
CA ALA C 113 41.46 -15.81 1.39
C ALA C 113 41.05 -14.47 1.98
N ASP C 114 39.75 -14.21 2.04
CA ASP C 114 39.22 -12.96 2.57
C ASP C 114 39.38 -12.88 4.08
N LEU C 115 39.34 -14.02 4.74
CA LEU C 115 39.55 -14.10 6.18
C LEU C 115 40.98 -13.77 6.54
N ALA C 116 41.93 -14.37 5.80
CA ALA C 116 43.35 -14.20 6.06
C ALA C 116 43.80 -12.75 5.90
N LEU C 117 43.18 -12.04 4.97
CA LEU C 117 43.56 -10.66 4.67
C LEU C 117 43.13 -9.72 5.79
N GLN C 118 41.99 -10.01 6.40
CA GLN C 118 41.45 -9.14 7.44
C GLN C 118 41.87 -9.60 8.84
N MET C 119 42.59 -10.72 8.90
CA MET C 119 43.09 -11.24 10.16
C MET C 119 44.59 -10.96 10.32
N PRO C 120 44.93 -9.99 11.18
CA PRO C 120 46.33 -9.67 11.43
C PRO C 120 47.00 -10.72 12.31
N SER C 121 46.19 -11.43 13.08
CA SER C 121 46.68 -12.48 13.97
C SER C 121 47.37 -13.60 13.20
N TRP C 122 46.76 -14.02 12.10
CA TRP C 122 47.32 -15.08 11.28
C TRP C 122 48.61 -14.63 10.60
N LYS C 123 49.73 -14.87 11.27
CA LYS C 123 51.04 -14.50 10.74
C LYS C 123 51.49 -15.51 9.70
N GLY C 124 51.85 -15.03 8.52
CA GLY C 124 52.32 -15.88 7.45
C GLY C 124 51.31 -16.94 7.04
N CYS C 125 50.16 -16.51 6.54
CA CYS C 125 49.10 -17.43 6.14
C CYS C 125 49.52 -18.27 4.94
N VAL C 126 50.37 -17.70 4.09
CA VAL C 126 50.83 -18.38 2.89
C VAL C 126 51.63 -19.64 3.22
N GLN C 127 52.57 -19.53 4.15
CA GLN C 127 53.41 -20.65 4.50
C GLN C 127 52.65 -21.70 5.29
N THR C 128 51.81 -21.25 6.23
CA THR C 128 51.03 -22.15 7.06
C THR C 128 50.13 -23.04 6.19
N LEU C 129 49.67 -22.48 5.08
CA LEU C 129 48.79 -23.19 4.16
C LEU C 129 49.53 -24.23 3.32
N VAL C 130 50.66 -23.86 2.75
CA VAL C 130 51.42 -24.79 1.91
C VAL C 130 52.01 -25.93 2.74
N GLU C 131 52.77 -25.62 3.81
CA GLU C 131 53.44 -26.65 4.58
C GLU C 131 52.47 -27.47 5.43
N LYS C 132 51.18 -27.40 5.10
CA LYS C 132 50.17 -28.23 5.74
C LYS C 132 49.38 -29.02 4.70
N TYR C 133 49.32 -28.50 3.48
CA TYR C 133 48.51 -29.11 2.43
C TYR C 133 49.28 -29.49 1.17
N SER C 134 50.54 -29.04 1.07
CA SER C 134 51.36 -29.29 -0.12
C SER C 134 51.50 -30.77 -0.47
N ASN C 135 51.78 -31.59 0.53
CA ASN C 135 52.15 -32.98 0.30
C ASN C 135 50.98 -33.94 0.28
N ASP C 136 49.77 -33.43 0.51
CA ASP C 136 48.58 -34.28 0.52
C ASP C 136 48.12 -34.56 -0.90
N VAL C 137 48.72 -33.87 -1.87
CA VAL C 137 48.47 -34.08 -3.30
C VAL C 137 47.01 -33.85 -3.70
N THR C 138 46.07 -34.51 -3.02
CA THR C 138 44.66 -34.29 -3.27
C THR C 138 44.17 -32.97 -2.67
N SER C 139 44.98 -32.39 -1.80
CA SER C 139 44.64 -31.12 -1.18
C SER C 139 45.27 -29.96 -1.93
N LEU C 140 46.01 -30.28 -2.99
CA LEU C 140 46.63 -29.27 -3.85
C LEU C 140 45.65 -28.49 -4.75
N PRO C 141 44.61 -29.15 -5.31
CA PRO C 141 43.63 -28.38 -6.08
C PRO C 141 43.04 -27.17 -5.36
N PHE C 142 42.67 -27.32 -4.09
CA PHE C 142 42.13 -26.18 -3.35
C PHE C 142 43.25 -25.31 -2.79
N LEU C 143 44.43 -25.90 -2.58
CA LEU C 143 45.56 -25.14 -2.05
C LEU C 143 46.02 -24.10 -3.08
N LEU C 144 45.91 -24.45 -4.36
CA LEU C 144 46.24 -23.52 -5.42
C LEU C 144 45.12 -22.51 -5.64
N GLU C 145 43.87 -22.96 -5.45
CA GLU C 145 42.70 -22.09 -5.52
C GLU C 145 42.81 -20.95 -4.52
N ILE C 146 43.08 -21.30 -3.27
CA ILE C 146 43.28 -20.31 -2.21
C ILE C 146 44.41 -19.36 -2.58
N LEU C 147 45.55 -19.94 -2.96
CA LEU C 147 46.73 -19.18 -3.33
C LEU C 147 46.51 -18.32 -4.57
N THR C 148 45.61 -18.76 -5.45
CA THR C 148 45.31 -18.02 -6.68
C THR C 148 44.51 -16.75 -6.39
N VAL C 149 43.43 -16.90 -5.64
CA VAL C 149 42.52 -15.79 -5.39
C VAL C 149 43.02 -14.79 -4.36
N LEU C 150 44.00 -15.20 -3.55
CA LEU C 150 44.55 -14.33 -2.52
C LEU C 150 45.16 -13.02 -3.08
N PRO C 151 45.95 -13.11 -4.18
CA PRO C 151 46.40 -11.85 -4.77
C PRO C 151 45.26 -11.07 -5.44
N GLU C 152 44.19 -11.76 -5.79
CA GLU C 152 43.03 -11.12 -6.42
C GLU C 152 42.21 -10.34 -5.40
N GLU C 153 42.09 -10.88 -4.19
CA GLU C 153 41.27 -10.27 -3.16
C GLU C 153 41.95 -9.11 -2.43
N VAL C 154 43.24 -8.92 -2.67
CA VAL C 154 43.95 -7.81 -2.05
C VAL C 154 43.54 -6.50 -2.71
N HIS C 155 42.97 -6.60 -3.91
CA HIS C 155 42.43 -5.45 -4.61
C HIS C 155 40.92 -5.59 -4.80
N SER C 156 40.24 -6.01 -3.74
CA SER C 156 38.80 -6.18 -3.76
C SER C 156 38.10 -4.95 -3.20
N ARG C 157 37.13 -4.43 -3.95
CA ARG C 157 36.34 -3.29 -3.51
C ARG C 157 35.43 -3.73 -2.36
N SER C 158 34.91 -4.95 -2.47
CA SER C 158 34.01 -5.51 -1.48
C SER C 158 34.74 -5.89 -0.19
N LEU C 159 36.05 -5.71 -0.18
CA LEU C 159 36.85 -5.99 1.00
C LEU C 159 37.64 -4.76 1.43
N ARG C 160 37.13 -4.07 2.44
CA ARG C 160 37.79 -2.86 2.94
C ARG C 160 38.63 -3.15 4.18
N ILE C 161 39.94 -2.97 4.04
CA ILE C 161 40.86 -3.25 5.13
C ILE C 161 41.99 -2.21 5.13
N GLY C 162 41.62 -0.97 5.44
CA GLY C 162 42.58 0.13 5.53
C GLY C 162 43.31 0.43 4.23
N ALA C 163 44.18 1.44 4.28
CA ALA C 163 45.01 1.78 3.14
C ALA C 163 46.47 1.43 3.43
N ASN C 164 46.92 1.76 4.63
CA ASN C 164 48.26 1.41 5.07
C ASN C 164 48.41 -0.09 5.27
N ARG C 165 47.31 -0.74 5.66
CA ARG C 165 47.29 -2.18 5.83
C ARG C 165 47.43 -2.88 4.49
N ARG C 166 46.83 -2.31 3.46
CA ARG C 166 46.88 -2.88 2.11
C ARG C 166 48.32 -3.01 1.63
N THR C 167 49.11 -1.96 1.85
CA THR C 167 50.53 -1.99 1.47
C THR C 167 51.34 -2.82 2.46
N GLU C 168 50.78 -3.08 3.65
CA GLU C 168 51.39 -3.99 4.60
C GLU C 168 51.11 -5.44 4.21
N ILE C 169 50.03 -5.65 3.47
CA ILE C 169 49.66 -6.99 3.04
C ILE C 169 50.54 -7.41 1.85
N ILE C 170 50.96 -6.42 1.06
CA ILE C 170 51.67 -6.69 -0.18
C ILE C 170 53.13 -7.09 0.02
N GLU C 171 53.87 -6.34 0.83
CA GLU C 171 55.28 -6.64 1.04
C GLU C 171 55.42 -7.93 1.84
N ASP C 172 54.40 -8.26 2.63
CA ASP C 172 54.37 -9.53 3.34
C ASP C 172 54.34 -10.68 2.33
N LEU C 173 53.39 -10.62 1.40
CA LEU C 173 53.31 -11.58 0.30
C LEU C 173 54.57 -11.58 -0.56
N ALA C 174 55.40 -10.55 -0.41
CA ALA C 174 56.66 -10.46 -1.14
C ALA C 174 57.76 -11.27 -0.48
N PHE C 175 57.79 -11.21 0.84
CA PHE C 175 58.74 -12.01 1.62
C PHE C 175 58.44 -13.49 1.41
N TYR C 176 57.17 -13.80 1.18
CA TYR C 176 56.73 -15.16 0.94
C TYR C 176 56.47 -15.45 -0.55
N SER C 177 57.03 -14.62 -1.43
CA SER C 177 56.89 -14.83 -2.86
C SER C 177 57.62 -16.11 -3.28
N SER C 178 58.86 -16.24 -2.81
CA SER C 178 59.70 -17.39 -3.16
C SER C 178 59.08 -18.74 -2.77
N THR C 179 58.53 -18.82 -1.56
CA THR C 179 58.00 -20.09 -1.05
C THR C 179 56.80 -20.62 -1.87
N VAL C 180 55.92 -19.74 -2.34
CA VAL C 180 54.80 -20.18 -3.17
C VAL C 180 55.23 -20.52 -4.60
N VAL C 181 56.17 -19.74 -5.15
CA VAL C 181 56.69 -20.01 -6.48
C VAL C 181 57.45 -21.33 -6.51
N SER C 182 58.24 -21.59 -5.47
CA SER C 182 58.94 -22.87 -5.34
C SER C 182 57.93 -24.01 -5.28
N LEU C 183 56.89 -23.84 -4.47
CA LEU C 183 55.78 -24.78 -4.42
C LEU C 183 55.17 -24.96 -5.80
N LEU C 184 55.21 -23.89 -6.59
CA LEU C 184 54.59 -23.88 -7.91
C LEU C 184 55.52 -24.53 -8.93
N MET C 185 56.81 -24.25 -8.78
CA MET C 185 57.86 -24.93 -9.52
C MET C 185 57.76 -26.44 -9.29
N THR C 186 57.92 -26.83 -8.03
CA THR C 186 57.72 -28.22 -7.60
C THR C 186 56.42 -28.83 -8.14
N CYS C 187 55.38 -28.00 -8.23
CA CYS C 187 54.04 -28.47 -8.55
C CYS C 187 53.93 -29.13 -9.93
N VAL C 188 54.70 -28.63 -10.90
CA VAL C 188 54.66 -29.20 -12.24
C VAL C 188 55.19 -30.63 -12.26
N GLU C 189 56.26 -30.89 -11.51
CA GLU C 189 56.82 -32.23 -11.39
C GLU C 189 55.77 -33.24 -10.95
N GLU C 195 47.75 -32.13 -17.71
CA GLU C 195 47.25 -30.87 -18.26
C GLU C 195 46.38 -30.13 -17.26
N LYS C 196 45.37 -30.81 -16.73
CA LYS C 196 44.42 -30.24 -15.77
C LYS C 196 45.11 -29.53 -14.60
N MET C 197 46.36 -29.91 -14.35
CA MET C 197 47.07 -29.41 -13.18
C MET C 197 48.09 -28.34 -13.62
N LEU C 198 48.30 -28.22 -14.92
CA LEU C 198 49.17 -27.18 -15.46
C LEU C 198 48.45 -25.83 -15.50
N MET C 199 47.22 -25.85 -16.01
CA MET C 199 46.47 -24.60 -16.16
C MET C 199 46.12 -24.00 -14.81
N LYS C 200 46.00 -24.83 -13.78
CA LYS C 200 45.79 -24.32 -12.42
C LYS C 200 47.07 -23.65 -11.90
N VAL C 201 48.22 -24.25 -12.21
CA VAL C 201 49.50 -23.66 -11.86
C VAL C 201 49.73 -22.34 -12.61
N PHE C 202 49.37 -22.31 -13.88
CA PHE C 202 49.51 -21.11 -14.69
C PHE C 202 48.64 -19.96 -14.20
N ARG C 203 47.39 -20.27 -13.86
CA ARG C 203 46.46 -19.26 -13.37
C ARG C 203 46.91 -18.70 -12.03
N CYS C 204 47.66 -19.51 -11.28
CA CYS C 204 48.16 -19.09 -9.98
C CYS C 204 49.35 -18.15 -10.12
N LEU C 205 50.27 -18.49 -11.01
CA LEU C 205 51.42 -17.61 -11.28
C LEU C 205 50.93 -16.33 -11.94
N GLY C 206 49.82 -16.43 -12.65
CA GLY C 206 49.20 -15.28 -13.28
C GLY C 206 48.83 -14.20 -12.28
N SER C 207 48.05 -14.56 -11.26
CA SER C 207 47.59 -13.59 -10.26
C SER C 207 48.73 -13.07 -9.40
N TRP C 208 49.75 -13.91 -9.19
CA TRP C 208 50.90 -13.52 -8.40
C TRP C 208 51.79 -12.52 -9.12
N PHE C 209 51.81 -12.60 -10.46
CA PHE C 209 52.45 -11.58 -11.27
C PHE C 209 51.68 -10.26 -11.15
N ASN C 210 50.37 -10.37 -11.01
CA ASN C 210 49.47 -9.22 -11.16
C ASN C 210 49.61 -8.12 -10.12
N LEU C 211 49.72 -8.47 -8.84
CA LEU C 211 49.85 -7.41 -7.83
C LEU C 211 51.28 -6.88 -7.82
N GLY C 212 52.14 -7.48 -8.65
CA GLY C 212 53.50 -7.01 -8.82
C GLY C 212 54.40 -7.41 -7.66
N VAL C 213 54.42 -8.71 -7.36
CA VAL C 213 55.09 -9.19 -6.17
C VAL C 213 56.18 -10.23 -6.51
N LEU C 214 56.22 -10.65 -7.77
CA LEU C 214 57.27 -11.56 -8.22
C LEU C 214 58.51 -10.78 -8.64
N ASP C 215 59.68 -11.26 -8.21
CA ASP C 215 60.95 -10.61 -8.57
C ASP C 215 61.29 -10.91 -10.02
N SER C 216 61.58 -9.85 -10.78
CA SER C 216 61.83 -9.97 -12.21
C SER C 216 63.03 -10.87 -12.52
N ASN C 217 64.12 -10.63 -11.83
CA ASN C 217 65.37 -11.37 -12.04
C ASN C 217 65.25 -12.85 -11.71
N PHE C 218 64.56 -13.16 -10.62
CA PHE C 218 64.38 -14.56 -10.23
C PHE C 218 63.62 -15.33 -11.26
N MET C 219 62.57 -14.70 -11.75
CA MET C 219 61.66 -15.28 -12.73
C MET C 219 62.25 -15.39 -14.11
N ALA C 220 63.22 -14.53 -14.41
CA ALA C 220 63.87 -14.52 -15.71
C ALA C 220 64.45 -15.90 -16.01
N ASN C 221 65.30 -16.38 -15.11
CA ASN C 221 65.88 -17.71 -15.23
C ASN C 221 65.05 -18.76 -14.51
N ASN C 222 63.81 -18.97 -14.96
CA ASN C 222 62.94 -19.92 -14.30
C ASN C 222 62.26 -20.90 -15.24
N LYS C 223 62.26 -22.17 -14.83
CA LYS C 223 61.59 -23.26 -15.55
C LYS C 223 60.14 -22.93 -15.89
N LEU C 224 59.44 -22.34 -14.93
CA LEU C 224 58.02 -22.03 -15.07
C LEU C 224 57.76 -21.02 -16.18
N LEU C 225 58.73 -20.15 -16.43
CA LEU C 225 58.59 -19.12 -17.45
C LEU C 225 58.83 -19.71 -18.84
N ALA C 226 59.73 -20.69 -18.90
CA ALA C 226 60.07 -21.34 -20.16
C ALA C 226 58.97 -22.32 -20.58
N LEU C 227 58.54 -23.16 -19.64
CA LEU C 227 57.45 -24.11 -19.86
C LEU C 227 56.19 -23.39 -20.35
N LEU C 228 56.04 -22.15 -19.93
CA LEU C 228 54.94 -21.30 -20.32
C LEU C 228 54.86 -21.16 -21.85
N PHE C 229 55.96 -20.73 -22.46
CA PHE C 229 56.03 -20.59 -23.91
C PHE C 229 56.00 -21.92 -24.65
N GLU C 230 56.48 -22.99 -24.01
CA GLU C 230 56.47 -24.32 -24.62
C GLU C 230 55.06 -24.79 -24.94
N VAL C 231 54.17 -24.71 -23.95
CA VAL C 231 52.78 -25.12 -24.16
C VAL C 231 52.09 -24.21 -25.18
N LEU C 232 52.54 -22.97 -25.27
CA LEU C 232 51.95 -22.02 -26.21
C LEU C 232 52.42 -22.29 -27.64
N GLN C 233 53.51 -23.05 -27.78
CA GLN C 233 54.01 -23.44 -29.10
C GLN C 233 53.30 -24.67 -29.64
N GLN C 234 53.15 -25.68 -28.80
CA GLN C 234 52.54 -26.95 -29.18
C GLN C 234 51.13 -26.76 -29.74
N ASP C 235 50.91 -27.28 -30.95
CA ASP C 235 49.59 -27.28 -31.58
C ASP C 235 48.63 -28.20 -30.82
N LYS C 236 49.19 -29.08 -30.00
CA LYS C 236 48.41 -30.06 -29.27
C LYS C 236 47.60 -29.48 -28.11
N THR C 237 48.16 -28.47 -27.44
CA THR C 237 47.59 -27.94 -26.20
C THR C 237 46.12 -27.49 -26.35
N SER C 238 45.33 -27.78 -25.32
CA SER C 238 43.90 -27.50 -25.32
C SER C 238 43.57 -26.02 -25.20
N SER C 239 42.37 -25.65 -25.68
CA SER C 239 41.88 -24.28 -25.62
C SER C 239 41.94 -23.70 -24.20
N ASN C 240 41.57 -24.52 -23.23
CA ASN C 240 41.56 -24.07 -21.83
C ASN C 240 42.97 -23.83 -21.30
N LEU C 241 43.89 -24.73 -21.63
CA LEU C 241 45.27 -24.58 -21.21
C LEU C 241 45.95 -23.45 -21.98
N HIS C 242 45.60 -23.32 -23.25
CA HIS C 242 46.14 -22.26 -24.10
C HIS C 242 45.78 -20.90 -23.53
N GLU C 243 44.52 -20.77 -23.12
CA GLU C 243 44.00 -19.55 -22.50
C GLU C 243 44.75 -19.21 -21.21
N ALA C 244 44.90 -20.20 -20.34
CA ALA C 244 45.60 -20.04 -19.07
C ALA C 244 47.04 -19.56 -19.26
N ALA C 245 47.72 -20.11 -20.25
CA ALA C 245 49.11 -19.76 -20.51
C ALA C 245 49.21 -18.34 -21.08
N SER C 246 48.35 -18.04 -22.05
CA SER C 246 48.32 -16.73 -22.69
C SER C 246 48.15 -15.62 -21.65
N ASP C 247 47.21 -15.82 -20.74
CA ASP C 247 46.93 -14.84 -19.69
C ASP C 247 48.12 -14.63 -18.78
N CYS C 248 48.80 -15.71 -18.42
CA CYS C 248 49.97 -15.62 -17.55
C CYS C 248 51.12 -14.87 -18.22
N VAL C 249 51.31 -15.11 -19.52
CA VAL C 249 52.33 -14.38 -20.26
C VAL C 249 51.97 -12.92 -20.30
N CYS C 250 50.69 -12.65 -20.53
CA CYS C 250 50.18 -11.28 -20.56
C CYS C 250 50.32 -10.64 -19.19
N SER C 251 50.19 -11.45 -18.15
CA SER C 251 50.37 -10.99 -16.78
C SER C 251 51.82 -10.66 -16.49
N ALA C 252 52.72 -11.49 -17.01
CA ALA C 252 54.15 -11.28 -16.83
C ALA C 252 54.60 -10.03 -17.57
N LEU C 253 54.10 -9.87 -18.80
CA LEU C 253 54.40 -8.70 -19.61
C LEU C 253 53.88 -7.44 -18.95
N TYR C 254 52.69 -7.53 -18.36
CA TYR C 254 52.03 -6.41 -17.72
C TYR C 254 52.74 -6.02 -16.42
N ALA C 255 53.24 -7.02 -15.71
CA ALA C 255 53.90 -6.82 -14.41
C ALA C 255 55.15 -5.95 -14.52
N ILE C 256 55.85 -6.04 -15.65
CA ILE C 256 57.03 -5.21 -15.88
C ILE C 256 56.68 -3.73 -15.90
N GLU C 257 57.08 -3.02 -14.84
CA GLU C 257 56.84 -1.58 -14.76
C GLU C 257 57.88 -0.82 -15.58
N ASN C 258 59.15 -0.99 -15.21
CA ASN C 258 60.25 -0.36 -15.93
C ASN C 258 61.07 -1.43 -16.64
N VAL C 259 61.26 -1.25 -17.94
CA VAL C 259 61.92 -2.26 -18.77
C VAL C 259 63.42 -2.39 -18.47
N GLU C 260 64.08 -1.28 -18.21
CA GLU C 260 65.50 -1.30 -17.89
C GLU C 260 65.77 -2.00 -16.56
N THR C 261 64.90 -1.76 -15.59
CA THR C 261 65.03 -2.39 -14.28
C THR C 261 64.81 -3.90 -14.39
N ASN C 262 63.93 -4.29 -15.31
CA ASN C 262 63.57 -5.69 -15.49
C ASN C 262 64.11 -6.29 -16.78
N LEU C 263 65.28 -5.82 -17.21
CA LEU C 263 65.91 -6.27 -18.45
C LEU C 263 66.10 -7.78 -18.63
N PRO C 264 66.49 -8.51 -17.55
CA PRO C 264 66.58 -9.97 -17.74
C PRO C 264 65.24 -10.62 -18.08
N LEU C 265 64.22 -10.33 -17.27
CA LEU C 265 62.88 -10.87 -17.48
C LEU C 265 62.27 -10.37 -18.79
N ALA C 266 62.52 -9.10 -19.11
CA ALA C 266 61.95 -8.47 -20.30
C ALA C 266 62.38 -9.18 -21.58
N MET C 267 63.67 -9.48 -21.69
CA MET C 267 64.20 -10.12 -22.88
C MET C 267 63.74 -11.57 -23.00
N GLN C 268 63.74 -12.28 -21.88
CA GLN C 268 63.19 -13.63 -21.83
C GLN C 268 61.79 -13.69 -22.41
N LEU C 269 60.95 -12.75 -22.01
CA LEU C 269 59.58 -12.68 -22.52
C LEU C 269 59.54 -12.20 -23.97
N PHE C 270 60.34 -11.19 -24.28
CA PHE C 270 60.40 -10.62 -25.62
C PHE C 270 60.78 -11.67 -26.65
N GLN C 271 61.83 -12.43 -26.36
CA GLN C 271 62.26 -13.50 -27.26
C GLN C 271 61.23 -14.62 -27.25
N GLY C 272 60.64 -14.89 -26.09
CA GLY C 272 59.64 -15.92 -25.94
C GLY C 272 58.44 -15.79 -26.86
N VAL C 273 57.78 -14.63 -26.83
CA VAL C 273 56.57 -14.41 -27.60
C VAL C 273 56.84 -14.47 -29.11
N LEU C 274 58.02 -14.02 -29.52
CA LEU C 274 58.38 -14.00 -30.93
C LEU C 274 58.46 -15.40 -31.55
N THR C 275 58.70 -16.41 -30.71
CA THR C 275 58.74 -17.79 -31.20
C THR C 275 57.35 -18.36 -31.45
N LEU C 276 56.32 -17.58 -31.11
CA LEU C 276 54.94 -18.05 -31.20
C LEU C 276 54.31 -17.83 -32.58
N GLU C 277 55.05 -17.19 -33.48
CA GLU C 277 54.51 -16.86 -34.80
C GLU C 277 54.11 -18.11 -35.59
N THR C 278 54.92 -19.15 -35.50
CA THR C 278 54.62 -20.39 -36.20
C THR C 278 53.40 -21.06 -35.59
N ALA C 279 53.36 -21.11 -34.26
CA ALA C 279 52.22 -21.68 -33.53
C ALA C 279 50.96 -20.90 -33.85
N TYR C 280 51.09 -19.58 -33.97
CA TYR C 280 50.00 -18.72 -34.39
C TYR C 280 49.47 -19.19 -35.73
N HIS C 281 50.38 -19.36 -36.69
CA HIS C 281 49.99 -19.74 -38.04
C HIS C 281 49.34 -21.12 -38.07
N MET C 282 49.83 -22.05 -37.25
CA MET C 282 49.20 -23.36 -37.12
C MET C 282 47.76 -23.24 -36.65
N ALA C 283 47.46 -22.16 -35.92
CA ALA C 283 46.11 -21.93 -35.40
C ALA C 283 45.24 -21.22 -36.42
N VAL C 284 45.82 -20.29 -37.17
CA VAL C 284 45.05 -19.60 -38.20
C VAL C 284 44.84 -20.53 -39.40
N ALA C 285 45.74 -21.51 -39.54
CA ALA C 285 45.59 -22.53 -40.56
C ALA C 285 44.31 -23.32 -40.31
N ARG C 286 44.19 -23.83 -39.08
CA ARG C 286 42.92 -24.36 -38.60
C ARG C 286 41.96 -23.20 -38.34
N GLU C 287 40.83 -23.47 -37.71
CA GLU C 287 39.91 -22.38 -37.40
C GLU C 287 39.60 -22.32 -35.91
N ASP C 288 40.66 -22.42 -35.10
CA ASP C 288 40.57 -22.21 -33.66
C ASP C 288 40.62 -20.72 -33.37
N LEU C 289 39.46 -20.07 -33.41
CA LEU C 289 39.39 -18.63 -33.23
C LEU C 289 39.84 -18.24 -31.82
N ASP C 290 39.69 -19.15 -30.88
CA ASP C 290 40.11 -18.89 -29.50
C ASP C 290 41.62 -18.67 -29.40
N LYS C 291 42.39 -19.48 -30.13
CA LYS C 291 43.85 -19.37 -30.10
C LYS C 291 44.38 -18.14 -30.84
N VAL C 292 43.86 -17.86 -32.03
CA VAL C 292 44.30 -16.71 -32.79
C VAL C 292 44.09 -15.41 -32.01
N LEU C 293 43.01 -15.37 -31.21
CA LEU C 293 42.74 -14.23 -30.35
C LEU C 293 43.74 -14.18 -29.20
N ASN C 294 44.03 -15.34 -28.62
CA ASN C 294 45.02 -15.45 -27.56
C ASN C 294 46.41 -14.94 -27.95
N TYR C 295 46.92 -15.40 -29.10
CA TYR C 295 48.20 -14.91 -29.57
C TYR C 295 48.15 -13.41 -29.81
N CYS C 296 47.05 -12.95 -30.39
CA CYS C 296 46.88 -11.54 -30.69
C CYS C 296 46.92 -10.70 -29.41
N ARG C 297 46.38 -11.25 -28.33
CA ARG C 297 46.49 -10.61 -27.02
C ARG C 297 47.94 -10.52 -26.57
N ILE C 298 48.68 -11.63 -26.71
CA ILE C 298 50.09 -11.67 -26.35
C ILE C 298 50.92 -10.75 -27.23
N PHE C 299 50.64 -10.75 -28.52
CA PHE C 299 51.35 -9.87 -29.45
C PHE C 299 51.10 -8.42 -29.08
N THR C 300 49.84 -8.13 -28.75
CA THR C 300 49.43 -6.79 -28.37
C THR C 300 50.06 -6.39 -27.03
N GLU C 301 50.11 -7.34 -26.10
CA GLU C 301 50.63 -7.07 -24.77
C GLU C 301 52.12 -6.77 -24.84
N LEU C 302 52.81 -7.45 -25.75
CA LEU C 302 54.22 -7.18 -26.02
C LEU C 302 54.42 -5.74 -26.48
N CYS C 303 53.78 -5.40 -27.59
CA CYS C 303 53.81 -4.05 -28.14
C CYS C 303 53.54 -2.96 -27.12
N GLU C 304 52.59 -3.22 -26.22
CA GLU C 304 52.24 -2.26 -25.19
C GLU C 304 53.36 -2.10 -24.16
N THR C 305 53.94 -3.23 -23.76
CA THR C 305 55.02 -3.24 -22.77
C THR C 305 56.27 -2.52 -23.27
N PHE C 306 56.61 -2.73 -24.52
CA PHE C 306 57.84 -2.19 -25.09
C PHE C 306 57.61 -1.05 -26.06
N LEU C 307 56.49 -0.35 -25.90
CA LEU C 307 56.18 0.79 -26.75
C LEU C 307 57.26 1.85 -26.60
N GLU C 308 57.74 2.03 -25.37
CA GLU C 308 58.75 3.03 -25.08
C GLU C 308 60.04 2.74 -25.85
N LYS C 309 60.42 1.47 -25.92
CA LYS C 309 61.63 1.07 -26.64
C LYS C 309 61.46 1.13 -28.16
N ILE C 310 60.29 0.71 -28.64
CA ILE C 310 59.98 0.74 -30.06
C ILE C 310 60.03 2.17 -30.62
N VAL C 311 59.60 3.13 -29.81
CA VAL C 311 59.58 4.53 -30.23
C VAL C 311 60.97 5.15 -30.04
N CYS C 312 61.69 4.67 -29.04
CA CYS C 312 63.02 5.19 -28.73
C CYS C 312 64.06 4.63 -29.68
N THR C 313 64.13 3.31 -29.77
CA THR C 313 65.11 2.63 -30.62
C THR C 313 64.46 1.63 -31.56
N PRO C 314 63.85 2.14 -32.65
CA PRO C 314 63.22 1.27 -33.65
C PRO C 314 64.19 0.30 -34.30
N GLY C 315 63.90 -0.99 -34.23
CA GLY C 315 64.71 -2.00 -34.88
C GLY C 315 65.76 -2.67 -34.02
N GLN C 316 66.29 -1.94 -33.03
CA GLN C 316 67.38 -2.46 -32.22
C GLN C 316 66.91 -2.99 -30.87
N GLY C 317 67.20 -4.26 -30.59
CA GLY C 317 66.93 -4.86 -29.30
C GLY C 317 65.45 -5.07 -29.03
N LEU C 318 64.98 -4.53 -27.91
CA LEU C 318 63.59 -4.66 -27.52
C LEU C 318 62.70 -3.73 -28.34
N GLY C 319 63.32 -2.77 -29.03
CA GLY C 319 62.61 -1.85 -29.90
C GLY C 319 62.52 -2.39 -31.31
N ASP C 320 62.68 -3.71 -31.43
CA ASP C 320 62.63 -4.39 -32.72
C ASP C 320 61.26 -4.25 -33.36
N LEU C 321 61.23 -3.76 -34.60
CA LEU C 321 59.96 -3.54 -35.30
C LEU C 321 59.36 -4.84 -35.82
N ARG C 322 59.87 -5.97 -35.33
CA ARG C 322 59.27 -7.27 -35.60
C ARG C 322 57.94 -7.34 -34.84
N THR C 323 57.89 -6.60 -33.74
CA THR C 323 56.68 -6.48 -32.92
C THR C 323 55.50 -5.99 -33.74
N LEU C 324 55.62 -4.78 -34.28
CA LEU C 324 54.56 -4.20 -35.10
C LEU C 324 54.19 -5.10 -36.28
N GLU C 325 55.18 -5.87 -36.75
CA GLU C 325 54.98 -6.75 -37.90
C GLU C 325 54.00 -7.87 -37.54
N LEU C 326 54.00 -8.26 -36.27
CA LEU C 326 53.12 -9.33 -35.80
C LEU C 326 51.66 -8.88 -35.70
N LEU C 327 51.44 -7.65 -35.23
CA LEU C 327 50.09 -7.10 -35.14
C LEU C 327 49.51 -6.97 -36.54
N LEU C 328 50.34 -6.55 -37.48
CA LEU C 328 49.93 -6.39 -38.86
C LEU C 328 49.59 -7.75 -39.47
N ILE C 329 50.23 -8.80 -38.96
CA ILE C 329 49.86 -10.16 -39.34
C ILE C 329 48.44 -10.44 -38.88
N CYS C 330 48.15 -10.07 -37.63
CA CYS C 330 46.82 -10.26 -37.06
C CYS C 330 45.77 -9.41 -37.78
N ALA C 331 46.17 -8.22 -38.21
CA ALA C 331 45.27 -7.31 -38.92
C ALA C 331 44.84 -7.91 -40.25
N GLY C 332 45.62 -8.87 -40.74
CA GLY C 332 45.31 -9.57 -41.97
C GLY C 332 44.11 -10.48 -41.82
N HIS C 333 44.11 -11.28 -40.75
CA HIS C 333 43.02 -12.20 -40.42
C HIS C 333 41.64 -11.62 -40.74
N PRO C 334 40.85 -12.34 -41.54
CA PRO C 334 39.59 -11.84 -42.10
C PRO C 334 38.53 -11.53 -41.05
N GLN C 335 38.69 -12.06 -39.83
CA GLN C 335 37.73 -11.86 -38.76
C GLN C 335 38.07 -10.60 -37.97
N TYR C 336 37.17 -9.62 -37.97
CA TYR C 336 37.44 -8.31 -37.39
C TYR C 336 37.69 -8.33 -35.88
N GLU C 337 37.18 -9.36 -35.21
CA GLU C 337 37.38 -9.50 -33.77
C GLU C 337 38.87 -9.61 -33.40
N VAL C 338 39.68 -9.97 -34.39
CA VAL C 338 41.12 -10.14 -34.16
C VAL C 338 41.87 -8.82 -34.15
N VAL C 339 41.61 -7.98 -35.15
CA VAL C 339 42.36 -6.74 -35.30
C VAL C 339 41.96 -5.69 -34.26
N GLU C 340 40.70 -5.74 -33.81
CA GLU C 340 40.18 -4.75 -32.87
C GLU C 340 40.87 -4.80 -31.51
N ILE C 341 41.48 -5.95 -31.18
CA ILE C 341 42.21 -6.09 -29.93
C ILE C 341 43.37 -5.11 -29.85
N SER C 342 44.10 -4.97 -30.96
CA SER C 342 45.28 -4.13 -31.00
C SER C 342 44.95 -2.65 -31.16
N PHE C 343 43.65 -2.34 -31.25
CA PHE C 343 43.22 -0.95 -31.48
C PHE C 343 43.70 -0.02 -30.38
N ASN C 344 43.72 -0.51 -29.15
CA ASN C 344 44.16 0.31 -28.02
C ASN C 344 45.63 0.69 -28.14
N PHE C 345 46.48 -0.29 -28.44
CA PHE C 345 47.88 -0.02 -28.67
C PHE C 345 48.09 0.96 -29.80
N TRP C 346 47.46 0.69 -30.95
CA TRP C 346 47.62 1.54 -32.12
C TRP C 346 47.32 2.99 -31.81
N TYR C 347 46.26 3.23 -31.04
CA TYR C 347 46.00 4.57 -30.55
C TYR C 347 47.17 5.07 -29.72
N ARG C 348 47.52 4.30 -28.69
CA ARG C 348 48.56 4.69 -27.73
C ARG C 348 49.90 4.94 -28.43
N LEU C 349 50.16 4.18 -29.49
CA LEU C 349 51.35 4.40 -30.31
C LEU C 349 51.26 5.78 -30.95
N GLY C 350 50.19 6.00 -31.71
CA GLY C 350 49.96 7.28 -32.36
C GLY C 350 49.90 8.44 -31.39
N GLU C 351 49.53 8.14 -30.15
CA GLU C 351 49.46 9.16 -29.11
C GLU C 351 50.86 9.58 -28.70
N HIS C 352 51.73 8.60 -28.47
CA HIS C 352 53.12 8.84 -28.13
C HIS C 352 53.82 9.60 -29.26
N LEU C 353 53.57 9.14 -30.49
CA LEU C 353 54.13 9.78 -31.67
C LEU C 353 53.66 11.22 -31.84
N TYR C 354 52.43 11.50 -31.41
CA TYR C 354 51.86 12.84 -31.53
C TYR C 354 52.56 13.79 -30.57
N LYS C 355 52.95 13.29 -29.41
CA LYS C 355 53.64 14.09 -28.40
C LYS C 355 54.99 14.57 -28.91
N THR C 356 55.84 13.65 -29.32
CA THR C 356 57.14 14.00 -29.91
C THR C 356 56.95 14.60 -31.30
N ASN C 357 57.36 15.85 -31.46
CA ASN C 357 57.16 16.54 -32.73
C ASN C 357 58.34 16.33 -33.69
N ASP C 358 58.76 15.07 -33.83
CA ASP C 358 59.88 14.74 -34.70
C ASP C 358 59.42 13.92 -35.91
N GLU C 359 59.39 14.55 -37.08
CA GLU C 359 58.89 13.90 -38.29
C GLU C 359 59.83 12.82 -38.81
N VAL C 360 60.98 12.66 -38.15
CA VAL C 360 61.88 11.56 -38.46
C VAL C 360 61.33 10.28 -37.86
N ILE C 361 60.78 10.38 -36.65
CA ILE C 361 60.17 9.24 -35.99
C ILE C 361 58.83 8.92 -36.63
N HIS C 362 58.14 9.96 -37.10
CA HIS C 362 56.88 9.79 -37.82
C HIS C 362 57.10 8.98 -39.10
N GLY C 363 58.12 9.34 -39.87
CA GLY C 363 58.43 8.67 -41.12
C GLY C 363 58.74 7.20 -40.96
N ILE C 364 59.35 6.85 -39.82
CA ILE C 364 59.68 5.46 -39.51
C ILE C 364 58.42 4.60 -39.43
N PHE C 365 57.37 5.12 -38.80
CA PHE C 365 56.18 4.32 -38.53
C PHE C 365 55.07 4.53 -39.56
N LYS C 366 55.18 5.60 -40.35
CA LYS C 366 54.19 5.92 -41.39
C LYS C 366 53.77 4.71 -42.22
N ALA C 367 54.75 3.89 -42.61
CA ALA C 367 54.50 2.72 -43.44
C ALA C 367 53.56 1.74 -42.76
N TYR C 368 53.89 1.37 -41.52
CA TYR C 368 53.05 0.47 -40.74
C TYR C 368 51.62 0.99 -40.59
N ILE C 369 51.48 2.29 -40.29
CA ILE C 369 50.16 2.89 -40.09
C ILE C 369 49.31 2.88 -41.36
N GLN C 370 49.93 3.08 -42.52
CA GLN C 370 49.19 3.04 -43.78
C GLN C 370 48.91 1.60 -44.15
N ARG C 371 49.77 0.69 -43.67
CA ARG C 371 49.57 -0.73 -43.90
C ARG C 371 48.38 -1.20 -43.07
N LEU C 372 48.32 -0.77 -41.82
CA LEU C 372 47.19 -1.06 -40.95
C LEU C 372 45.88 -0.48 -41.49
N LEU C 373 45.95 0.76 -41.98
CA LEU C 373 44.78 1.47 -42.44
C LEU C 373 44.11 0.78 -43.63
N HIS C 374 44.93 0.25 -44.55
CA HIS C 374 44.38 -0.49 -45.69
C HIS C 374 43.74 -1.80 -45.25
N ALA C 375 44.28 -2.40 -44.19
CA ALA C 375 43.69 -3.61 -43.63
C ALA C 375 42.32 -3.30 -43.02
N LEU C 376 42.19 -2.12 -42.42
CA LEU C 376 40.94 -1.70 -41.80
C LEU C 376 39.86 -1.42 -42.83
N ALA C 377 40.25 -0.78 -43.93
CA ALA C 377 39.31 -0.47 -45.00
C ALA C 377 38.68 -1.75 -45.56
N ARG C 378 39.45 -2.81 -45.61
CA ARG C 378 38.94 -4.13 -45.98
C ARG C 378 37.95 -4.61 -44.94
N HIS C 379 38.38 -4.53 -43.68
CA HIS C 379 37.55 -4.96 -42.56
C HIS C 379 36.22 -4.23 -42.52
N CYS C 380 36.21 -2.99 -43.00
CA CYS C 380 35.01 -2.17 -42.98
C CYS C 380 34.02 -2.55 -44.07
N GLN C 381 34.44 -3.42 -44.99
CA GLN C 381 33.58 -3.84 -46.09
C GLN C 381 32.39 -4.67 -45.62
N LEU C 382 31.22 -4.37 -46.16
CA LEU C 382 30.01 -5.10 -45.83
C LEU C 382 29.85 -6.34 -46.70
N GLU C 383 29.12 -7.33 -46.20
CA GLU C 383 28.77 -8.50 -46.98
C GLU C 383 27.94 -8.10 -48.20
N PRO C 384 28.15 -8.78 -49.33
CA PRO C 384 27.45 -8.43 -50.57
C PRO C 384 25.93 -8.57 -50.47
N ASP C 385 25.46 -9.48 -49.62
CA ASP C 385 24.02 -9.73 -49.48
C ASP C 385 23.33 -8.75 -48.52
N HIS C 386 24.11 -7.87 -47.91
CA HIS C 386 23.60 -6.82 -47.03
C HIS C 386 22.62 -5.94 -47.82
N GLU C 387 21.41 -5.76 -47.31
CA GLU C 387 20.35 -5.13 -48.08
C GLU C 387 20.17 -3.62 -47.84
N GLY C 388 20.26 -3.19 -46.59
CA GLY C 388 19.94 -1.81 -46.25
C GLY C 388 21.13 -0.92 -45.97
N VAL C 389 20.85 0.22 -45.35
CA VAL C 389 21.88 1.15 -44.89
C VAL C 389 22.69 0.48 -43.78
N PRO C 390 23.95 0.89 -43.60
CA PRO C 390 24.74 0.30 -42.53
C PRO C 390 24.32 0.80 -41.15
N GLU C 391 24.09 -0.13 -40.23
CA GLU C 391 23.61 0.21 -38.88
C GLU C 391 24.76 0.43 -37.93
N GLU C 392 24.57 1.33 -36.97
CA GLU C 392 25.61 1.64 -36.00
C GLU C 392 25.44 0.88 -34.69
N THR C 393 24.29 0.24 -34.53
CA THR C 393 23.93 -0.36 -33.25
C THR C 393 24.44 -1.79 -33.06
N ASP C 394 24.71 -2.49 -34.16
CA ASP C 394 25.14 -3.89 -34.08
C ASP C 394 26.65 -4.01 -33.95
N ASP C 395 27.11 -5.20 -33.59
CA ASP C 395 28.53 -5.48 -33.33
C ASP C 395 29.49 -5.00 -34.43
N PHE C 396 29.21 -5.37 -35.67
CA PHE C 396 30.05 -4.96 -36.79
C PHE C 396 29.94 -3.46 -37.05
N GLY C 397 28.79 -2.89 -36.70
CA GLY C 397 28.58 -1.46 -36.87
C GLY C 397 29.36 -0.66 -35.85
N GLU C 398 29.40 -1.17 -34.61
CA GLU C 398 30.21 -0.56 -33.58
C GLU C 398 31.68 -0.64 -33.94
N PHE C 399 32.07 -1.77 -34.54
CA PHE C 399 33.43 -1.96 -35.03
C PHE C 399 33.76 -0.91 -36.10
N ARG C 400 32.91 -0.81 -37.11
CA ARG C 400 33.08 0.17 -38.17
C ARG C 400 33.27 1.56 -37.61
N MET C 401 32.46 1.90 -36.61
CA MET C 401 32.56 3.17 -35.94
C MET C 401 33.88 3.27 -35.17
N ARG C 402 34.26 2.18 -34.50
CA ARG C 402 35.49 2.13 -33.73
C ARG C 402 36.71 2.33 -34.64
N VAL C 403 36.67 1.69 -35.80
CA VAL C 403 37.69 1.89 -36.82
C VAL C 403 37.72 3.37 -37.22
N SER C 404 36.54 3.93 -37.46
CA SER C 404 36.41 5.31 -37.87
C SER C 404 37.09 6.27 -36.89
N ASP C 405 36.98 5.94 -35.60
CA ASP C 405 37.62 6.74 -34.56
C ASP C 405 39.14 6.61 -34.61
N LEU C 406 39.62 5.39 -34.79
CA LEU C 406 41.06 5.12 -34.85
C LEU C 406 41.72 5.87 -36.00
N VAL C 407 41.09 5.81 -37.16
CA VAL C 407 41.55 6.52 -38.35
C VAL C 407 41.63 8.02 -38.08
N LYS C 408 40.62 8.54 -37.37
CA LYS C 408 40.60 9.94 -37.01
C LYS C 408 41.80 10.30 -36.15
N ASP C 409 42.24 9.37 -35.31
CA ASP C 409 43.36 9.60 -34.39
C ASP C 409 44.73 9.38 -35.02
N LEU C 410 44.80 8.50 -36.02
CA LEU C 410 46.09 8.11 -36.60
C LEU C 410 46.40 8.78 -37.92
N ILE C 411 45.45 9.55 -38.46
CA ILE C 411 45.58 10.10 -39.80
C ILE C 411 46.77 11.06 -39.97
N PHE C 412 47.26 11.63 -38.88
CA PHE C 412 48.35 12.60 -38.96
C PHE C 412 49.67 11.94 -39.38
N LEU C 413 49.82 10.66 -39.07
CA LEU C 413 51.02 9.92 -39.42
C LEU C 413 51.07 9.51 -40.90
N ILE C 414 50.03 9.85 -41.65
CA ILE C 414 49.93 9.45 -43.04
C ILE C 414 49.68 10.67 -43.93
N GLY C 415 49.04 11.67 -43.36
CA GLY C 415 48.65 12.84 -44.11
C GLY C 415 47.25 12.65 -44.67
N SER C 416 46.35 13.55 -44.30
CA SER C 416 44.95 13.46 -44.71
C SER C 416 44.78 13.47 -46.22
N MET C 417 45.31 14.52 -46.87
CA MET C 417 45.22 14.65 -48.33
C MET C 417 45.79 13.43 -49.06
N GLU C 418 46.98 13.01 -48.66
CA GLU C 418 47.62 11.84 -49.28
C GLU C 418 46.74 10.60 -49.21
N CYS C 419 46.10 10.37 -48.07
CA CYS C 419 45.26 9.20 -47.89
C CYS C 419 43.90 9.38 -48.54
N PHE C 420 43.45 10.63 -48.61
CA PHE C 420 42.20 10.95 -49.28
C PHE C 420 42.30 10.65 -50.76
N ALA C 421 43.37 11.14 -51.38
CA ALA C 421 43.63 10.88 -52.80
C ALA C 421 43.84 9.41 -53.09
N GLN C 422 44.54 8.72 -52.18
CA GLN C 422 44.83 7.30 -52.32
C GLN C 422 43.56 6.45 -52.44
N LEU C 423 42.67 6.58 -51.45
CA LEU C 423 41.46 5.77 -51.40
C LEU C 423 40.57 6.01 -52.62
N TYR C 424 40.52 7.27 -53.07
CA TYR C 424 39.69 7.63 -54.21
C TYR C 424 40.17 6.99 -55.51
N SER C 425 41.49 6.95 -55.70
CA SER C 425 42.07 6.36 -56.90
C SER C 425 41.90 4.83 -56.93
N THR C 426 41.59 4.25 -55.79
CA THR C 426 41.34 2.82 -55.69
C THR C 426 39.96 2.48 -56.26
N LEU C 427 39.14 3.51 -56.45
CA LEU C 427 37.80 3.33 -57.00
C LEU C 427 37.83 3.28 -58.53
N LYS C 428 38.78 4.00 -59.13
CA LYS C 428 38.88 4.07 -60.58
C LYS C 428 39.28 2.73 -61.20
N GLU C 429 39.88 1.85 -60.40
CA GLU C 429 40.33 0.56 -60.89
C GLU C 429 39.28 -0.52 -60.64
N PRO C 432 35.04 -2.46 -59.53
CA PRO C 432 34.87 -2.58 -58.07
C PRO C 432 33.41 -2.66 -57.66
N PRO C 433 33.06 -3.68 -56.85
CA PRO C 433 31.69 -3.87 -56.34
C PRO C 433 31.27 -2.72 -55.43
N TRP C 434 29.99 -2.71 -55.04
CA TRP C 434 29.46 -1.66 -54.17
C TRP C 434 30.12 -1.70 -52.79
N GLU C 435 30.39 -2.92 -52.32
CA GLU C 435 30.98 -3.13 -50.99
C GLU C 435 32.31 -2.43 -50.84
N VAL C 436 33.14 -2.52 -51.89
CA VAL C 436 34.46 -1.91 -51.87
C VAL C 436 34.34 -0.39 -52.01
N THR C 437 33.34 0.05 -52.77
CA THR C 437 33.10 1.47 -52.97
C THR C 437 32.61 2.13 -51.68
N GLU C 438 31.70 1.46 -50.98
CA GLU C 438 31.14 1.98 -49.74
C GLU C 438 32.20 2.12 -48.67
N ALA C 439 33.06 1.12 -48.53
CA ALA C 439 34.10 1.12 -47.50
C ALA C 439 35.12 2.24 -47.75
N VAL C 440 35.43 2.47 -49.02
CA VAL C 440 36.36 3.55 -49.38
C VAL C 440 35.73 4.89 -49.04
N LEU C 441 34.48 5.11 -49.45
CA LEU C 441 33.74 6.32 -49.11
C LEU C 441 33.66 6.51 -47.59
N PHE C 442 33.59 5.39 -46.88
CA PHE C 442 33.47 5.40 -45.42
C PHE C 442 34.69 6.01 -44.74
N ILE C 443 35.86 5.43 -44.99
CA ILE C 443 37.11 5.94 -44.43
C ILE C 443 37.41 7.36 -44.89
N MET C 444 37.02 7.66 -46.13
CA MET C 444 37.21 9.00 -46.68
C MET C 444 36.39 10.04 -45.91
N ALA C 445 35.12 9.71 -45.65
CA ALA C 445 34.24 10.59 -44.89
C ALA C 445 34.79 10.85 -43.50
N ALA C 446 35.49 9.86 -42.95
CA ALA C 446 36.08 9.96 -41.62
C ALA C 446 37.24 10.95 -41.59
N ILE C 447 37.88 11.17 -42.72
CA ILE C 447 39.03 12.06 -42.77
C ILE C 447 38.80 13.28 -43.67
N ALA C 448 37.62 13.34 -44.28
CA ALA C 448 37.31 14.39 -45.26
C ALA C 448 37.53 15.80 -44.72
N LYS C 449 37.06 16.03 -43.49
CA LYS C 449 37.24 17.31 -42.81
C LYS C 449 38.71 17.58 -42.52
N SER C 450 39.44 16.53 -42.15
CA SER C 450 40.83 16.65 -41.72
C SER C 450 41.71 17.17 -42.84
N VAL C 451 41.24 17.05 -44.07
CA VAL C 451 42.02 17.43 -45.24
C VAL C 451 41.92 18.94 -45.36
N ASP C 452 42.70 19.62 -44.53
CA ASP C 452 42.55 21.05 -44.33
C ASP C 452 42.82 21.92 -45.55
N PRO C 453 43.92 21.65 -46.29
CA PRO C 453 44.16 22.60 -47.37
C PRO C 453 43.07 22.50 -48.44
N GLU C 454 42.43 23.62 -48.76
CA GLU C 454 41.44 23.65 -49.83
C GLU C 454 42.09 23.94 -51.18
N ASN C 455 43.38 24.20 -51.17
CA ASN C 455 44.12 24.60 -52.36
C ASN C 455 44.06 23.50 -53.41
N ASN C 456 44.21 22.27 -52.94
CA ASN C 456 44.29 21.09 -53.80
C ASN C 456 42.98 20.87 -54.55
N PRO C 457 43.06 20.39 -55.80
CA PRO C 457 41.87 20.30 -56.62
C PRO C 457 41.23 18.90 -56.55
N THR C 458 41.83 18.02 -55.77
CA THR C 458 41.37 16.64 -55.63
C THR C 458 39.95 16.61 -55.07
N LEU C 459 39.70 17.47 -54.09
CA LEU C 459 38.45 17.44 -53.34
C LEU C 459 37.29 17.70 -54.28
N VAL C 460 37.49 18.65 -55.19
CA VAL C 460 36.49 19.00 -56.19
C VAL C 460 36.19 17.78 -57.05
N GLU C 461 37.24 17.02 -57.36
CA GLU C 461 37.11 15.81 -58.18
C GLU C 461 36.23 14.80 -57.47
N VAL C 462 36.44 14.67 -56.16
CA VAL C 462 35.68 13.73 -55.34
C VAL C 462 34.26 14.24 -55.16
N LEU C 463 34.13 15.54 -54.99
CA LEU C 463 32.82 16.17 -54.83
C LEU C 463 31.94 15.86 -56.03
N GLU C 464 32.40 16.24 -57.22
CA GLU C 464 31.70 15.95 -58.46
C GLU C 464 31.56 14.45 -58.68
N GLY C 465 32.54 13.69 -58.21
CA GLY C 465 32.51 12.24 -58.34
C GLY C 465 31.38 11.62 -57.55
N VAL C 466 31.11 12.17 -56.36
CA VAL C 466 30.05 11.65 -55.51
C VAL C 466 28.65 12.09 -55.98
N VAL C 467 28.55 13.32 -56.47
CA VAL C 467 27.23 13.85 -56.86
C VAL C 467 26.77 13.26 -58.18
N ARG C 468 27.69 12.74 -58.99
CA ARG C 468 27.33 12.15 -60.27
C ARG C 468 26.99 10.68 -60.12
N LEU C 469 27.10 10.17 -58.89
CA LEU C 469 26.66 8.82 -58.59
C LEU C 469 25.16 8.72 -58.85
N PRO C 470 24.73 7.67 -59.57
CA PRO C 470 23.30 7.49 -59.85
C PRO C 470 22.54 7.00 -58.63
N GLU C 471 21.22 7.11 -58.67
CA GLU C 471 20.38 6.61 -57.58
C GLU C 471 20.37 5.09 -57.55
N THR C 472 20.72 4.47 -58.67
CA THR C 472 20.66 3.03 -58.83
C THR C 472 21.61 2.28 -57.88
N VAL C 473 22.68 2.95 -57.48
CA VAL C 473 23.70 2.35 -56.61
C VAL C 473 23.11 1.87 -55.29
N HIS C 474 23.80 0.94 -54.63
CA HIS C 474 23.33 0.33 -53.39
C HIS C 474 22.99 1.40 -52.37
N THR C 475 21.88 1.21 -51.65
CA THR C 475 21.39 2.21 -50.70
C THR C 475 22.41 2.51 -49.61
N ALA C 476 23.33 1.57 -49.36
CA ALA C 476 24.39 1.79 -48.39
C ALA C 476 25.42 2.77 -48.92
N VAL C 477 25.74 2.65 -50.21
CA VAL C 477 26.69 3.56 -50.85
C VAL C 477 26.11 4.97 -50.85
N ARG C 478 24.81 5.06 -51.09
CA ARG C 478 24.10 6.34 -51.07
C ARG C 478 24.24 7.00 -49.70
N TYR C 479 24.02 6.20 -48.67
CA TYR C 479 24.10 6.67 -47.29
C TYR C 479 25.45 7.31 -46.96
N THR C 480 26.52 6.53 -47.04
CA THR C 480 27.83 7.01 -46.63
C THR C 480 28.40 8.05 -47.59
N SER C 481 27.83 8.14 -48.78
CA SER C 481 28.23 9.19 -49.71
C SER C 481 27.67 10.54 -49.25
N ILE C 482 26.42 10.51 -48.78
CA ILE C 482 25.78 11.70 -48.22
C ILE C 482 26.57 12.23 -47.02
N GLU C 483 27.02 11.31 -46.17
CA GLU C 483 27.83 11.67 -45.02
C GLU C 483 29.12 12.36 -45.46
N LEU C 484 29.80 11.76 -46.43
CA LEU C 484 31.02 12.32 -47.00
C LEU C 484 30.82 13.76 -47.47
N VAL C 485 29.76 13.98 -48.25
CA VAL C 485 29.44 15.31 -48.77
C VAL C 485 29.23 16.30 -47.62
N GLY C 486 28.63 15.81 -46.53
CA GLY C 486 28.39 16.63 -45.35
C GLY C 486 29.68 17.08 -44.68
N GLU C 487 30.74 16.29 -44.83
CA GLU C 487 32.04 16.62 -44.26
C GLU C 487 32.87 17.43 -45.22
N MET C 488 32.31 17.74 -46.39
CA MET C 488 33.00 18.54 -47.39
C MET C 488 32.29 19.87 -47.61
N SER C 489 31.54 20.31 -46.60
CA SER C 489 30.84 21.59 -46.67
C SER C 489 31.79 22.72 -46.96
N GLU C 490 33.00 22.64 -46.41
CA GLU C 490 34.00 23.68 -46.60
C GLU C 490 34.44 23.80 -48.06
N VAL C 491 34.63 22.66 -48.72
CA VAL C 491 35.07 22.67 -50.11
C VAL C 491 33.98 23.16 -51.05
N VAL C 492 32.74 23.19 -50.55
CA VAL C 492 31.63 23.73 -51.32
C VAL C 492 31.66 25.25 -51.20
N ASP C 493 32.04 25.73 -50.02
CA ASP C 493 32.18 27.16 -49.78
C ASP C 493 33.32 27.73 -50.63
N ARG C 494 34.45 27.03 -50.66
CA ARG C 494 35.61 27.45 -51.44
C ARG C 494 35.36 27.31 -52.94
N ASN C 495 34.34 26.53 -53.30
CA ASN C 495 33.98 26.34 -54.70
C ASN C 495 32.47 26.46 -54.88
N PRO C 496 31.94 27.68 -54.70
CA PRO C 496 30.49 27.95 -54.59
C PRO C 496 29.66 27.49 -55.79
N GLN C 497 30.31 27.11 -56.89
CA GLN C 497 29.58 26.66 -58.07
C GLN C 497 28.93 25.31 -57.83
N PHE C 498 29.48 24.54 -56.90
CA PHE C 498 28.98 23.20 -56.61
C PHE C 498 27.81 23.21 -55.63
N LEU C 499 27.29 24.39 -55.33
CA LEU C 499 26.23 24.50 -54.33
C LEU C 499 24.95 23.78 -54.75
N ASP C 500 24.38 24.20 -55.87
CA ASP C 500 23.16 23.59 -56.40
C ASP C 500 23.27 22.10 -56.70
N PRO C 501 24.37 21.65 -57.36
CA PRO C 501 24.49 20.21 -57.58
C PRO C 501 24.54 19.41 -56.28
N VAL C 502 25.30 19.90 -55.30
CA VAL C 502 25.41 19.22 -54.01
C VAL C 502 24.07 19.26 -53.27
N LEU C 503 23.48 20.45 -53.18
CA LEU C 503 22.18 20.60 -52.55
C LEU C 503 21.14 19.73 -53.27
N GLY C 504 21.20 19.74 -54.60
CA GLY C 504 20.35 18.90 -55.41
C GLY C 504 20.51 17.44 -55.05
N TYR C 505 21.76 16.99 -55.01
CA TYR C 505 22.10 15.62 -54.64
C TYR C 505 21.60 15.30 -53.23
N LEU C 506 21.70 16.26 -52.33
CA LEU C 506 21.30 16.07 -50.93
C LEU C 506 19.78 16.04 -50.77
N MET C 507 19.08 16.87 -51.53
CA MET C 507 17.62 16.88 -51.51
C MET C 507 17.02 15.53 -51.91
N LYS C 508 17.63 14.89 -52.91
CA LYS C 508 17.20 13.57 -53.34
C LYS C 508 17.29 12.56 -52.20
N GLY C 509 18.40 12.60 -51.46
CA GLY C 509 18.59 11.71 -50.33
C GLY C 509 17.61 11.99 -49.21
N LEU C 510 17.15 13.22 -49.12
CA LEU C 510 16.17 13.61 -48.10
C LEU C 510 14.79 13.00 -48.40
N ALA C 511 14.51 12.80 -49.67
CA ALA C 511 13.25 12.19 -50.08
C ALA C 511 13.14 10.73 -49.63
N GLU C 512 14.25 10.00 -49.70
CA GLU C 512 14.27 8.61 -49.28
C GLU C 512 14.29 8.51 -47.76
N LYS C 513 13.30 7.82 -47.20
CA LYS C 513 13.14 7.69 -45.75
C LYS C 513 14.38 7.18 -44.98
N PRO C 514 15.02 6.09 -45.45
CA PRO C 514 16.15 5.62 -44.64
C PRO C 514 17.42 6.47 -44.85
N LEU C 515 17.33 7.48 -45.70
CA LEU C 515 18.46 8.37 -45.96
C LEU C 515 18.20 9.77 -45.41
N ALA C 516 17.02 9.94 -44.81
CA ALA C 516 16.52 11.25 -44.39
C ALA C 516 17.44 11.98 -43.41
N SER C 517 17.76 11.33 -42.29
CA SER C 517 18.59 11.93 -41.25
C SER C 517 19.94 12.37 -41.79
N ALA C 518 20.69 11.44 -42.34
CA ALA C 518 22.02 11.71 -42.90
C ALA C 518 21.99 12.90 -43.87
N ALA C 519 20.93 12.97 -44.66
CA ALA C 519 20.76 14.07 -45.61
C ALA C 519 20.47 15.38 -44.88
N ALA C 520 19.65 15.30 -43.83
CA ALA C 520 19.29 16.49 -43.06
C ALA C 520 20.51 17.11 -42.37
N LYS C 521 21.39 16.25 -41.84
CA LYS C 521 22.64 16.70 -41.26
C LYS C 521 23.50 17.43 -42.27
N ALA C 522 23.71 16.79 -43.43
CA ALA C 522 24.55 17.37 -44.47
C ALA C 522 24.03 18.71 -44.97
N ILE C 523 22.72 18.85 -45.12
CA ILE C 523 22.14 20.11 -45.56
C ILE C 523 22.39 21.18 -44.52
N HIS C 524 22.26 20.79 -43.25
CA HIS C 524 22.51 21.70 -42.14
C HIS C 524 23.95 22.23 -42.15
N ASN C 525 24.90 21.33 -42.40
CA ASN C 525 26.30 21.72 -42.44
C ASN C 525 26.61 22.67 -43.60
N ILE C 526 25.98 22.43 -44.73
CA ILE C 526 26.13 23.32 -45.89
C ILE C 526 25.55 24.69 -45.57
N CYS C 527 24.39 24.70 -44.92
CA CYS C 527 23.74 25.94 -44.50
C CYS C 527 24.64 26.78 -43.59
N SER C 528 25.13 26.17 -42.52
CA SER C 528 25.98 26.86 -41.55
C SER C 528 27.23 27.44 -42.19
N VAL C 529 27.90 26.66 -43.04
CA VAL C 529 29.14 27.09 -43.66
C VAL C 529 28.92 28.00 -44.88
N CYS C 530 28.06 27.58 -45.80
CA CYS C 530 27.85 28.30 -47.04
C CYS C 530 26.64 29.23 -47.00
N ARG C 531 26.38 29.84 -45.84
CA ARG C 531 25.17 30.63 -45.63
C ARG C 531 25.06 31.82 -46.56
N ASP C 532 26.19 32.41 -46.95
CA ASP C 532 26.17 33.57 -47.83
C ASP C 532 25.72 33.20 -49.24
N HIS C 533 26.22 32.09 -49.75
CA HIS C 533 25.84 31.63 -51.09
C HIS C 533 24.41 31.06 -51.11
N MET C 534 23.91 30.71 -49.95
CA MET C 534 22.62 30.02 -49.82
C MET C 534 21.41 30.91 -50.14
N ALA C 535 21.68 32.17 -50.47
CA ALA C 535 20.64 33.16 -50.74
C ALA C 535 19.53 32.63 -51.65
N GLN C 536 19.94 32.14 -52.82
CA GLN C 536 19.01 31.56 -53.80
C GLN C 536 18.19 30.42 -53.22
N HIS C 537 18.83 29.52 -52.47
CA HIS C 537 18.20 28.27 -52.06
C HIS C 537 17.38 28.38 -50.78
N PHE C 538 17.01 29.59 -50.37
CA PHE C 538 16.20 29.74 -49.17
C PHE C 538 14.81 29.14 -49.37
N ASN C 539 14.20 29.42 -50.51
CA ASN C 539 12.85 28.96 -50.79
C ASN C 539 12.74 27.44 -50.77
N GLY C 540 13.77 26.76 -51.25
CA GLY C 540 13.84 25.31 -51.19
C GLY C 540 13.85 24.84 -49.75
N LEU C 541 14.66 25.50 -48.94
CA LEU C 541 14.74 25.20 -47.51
C LEU C 541 13.42 25.49 -46.81
N LEU C 542 12.77 26.58 -47.19
CA LEU C 542 11.54 27.01 -46.54
C LEU C 542 10.41 25.99 -46.70
N GLU C 543 10.22 25.48 -47.91
CA GLU C 543 9.11 24.56 -48.18
C GLU C 543 9.28 23.21 -47.50
N ILE C 544 10.51 22.73 -47.37
CA ILE C 544 10.73 21.46 -46.67
C ILE C 544 10.62 21.65 -45.15
N ALA C 545 10.84 22.87 -44.69
CA ALA C 545 10.37 23.28 -43.37
C ALA C 545 8.85 23.20 -43.26
N ARG C 546 8.16 23.61 -44.32
CA ARG C 546 6.69 23.61 -44.35
C ARG C 546 6.09 22.20 -44.16
N SER C 547 6.88 21.18 -44.48
CA SER C 547 6.41 19.80 -44.35
C SER C 547 7.51 18.92 -43.75
N LEU C 548 8.10 19.41 -42.68
CA LEU C 548 9.23 18.75 -42.03
C LEU C 548 8.89 17.34 -41.51
N ASP C 549 7.69 17.18 -40.99
CA ASP C 549 7.31 15.92 -40.34
C ASP C 549 6.99 14.81 -41.34
N SER C 550 7.07 15.13 -42.63
CA SER C 550 6.73 14.16 -43.67
C SER C 550 7.92 13.26 -43.96
N PHE C 551 9.12 13.82 -43.85
CA PHE C 551 10.34 13.04 -43.84
C PHE C 551 10.48 12.37 -42.48
N LEU C 552 10.97 11.13 -42.46
CA LEU C 552 11.14 10.44 -41.18
C LEU C 552 12.49 10.82 -40.57
N LEU C 553 12.49 11.93 -39.84
CA LEU C 553 13.71 12.48 -39.27
C LEU C 553 13.80 12.25 -37.77
N SER C 554 15.03 12.07 -37.29
CA SER C 554 15.31 12.10 -35.86
C SER C 554 15.08 13.52 -35.39
N PRO C 555 14.77 13.72 -34.10
CA PRO C 555 14.53 15.09 -33.64
C PRO C 555 15.75 15.96 -33.89
N GLU C 556 16.93 15.39 -33.63
CA GLU C 556 18.22 16.01 -33.97
C GLU C 556 18.28 16.49 -35.42
N ALA C 557 17.98 15.58 -36.35
CA ALA C 557 18.00 15.87 -37.77
C ALA C 557 17.00 16.97 -38.13
N ALA C 558 15.83 16.91 -37.50
CA ALA C 558 14.79 17.92 -37.72
C ALA C 558 15.26 19.29 -37.25
N VAL C 559 15.65 19.37 -35.97
CA VAL C 559 16.14 20.60 -35.37
C VAL C 559 17.27 21.22 -36.19
N GLY C 560 18.22 20.38 -36.60
CA GLY C 560 19.32 20.82 -37.44
C GLY C 560 18.85 21.48 -38.72
N LEU C 561 17.82 20.92 -39.34
CA LEU C 561 17.31 21.43 -40.59
C LEU C 561 16.68 22.81 -40.41
N LEU C 562 15.90 22.97 -39.34
CA LEU C 562 15.32 24.28 -39.03
C LEU C 562 16.38 25.32 -38.69
N LYS C 563 17.39 24.90 -37.92
CA LYS C 563 18.48 25.80 -37.56
C LYS C 563 19.20 26.31 -38.79
N GLY C 564 19.49 25.40 -39.72
CA GLY C 564 20.14 25.75 -40.97
C GLY C 564 19.36 26.75 -41.79
N THR C 565 18.04 26.59 -41.85
CA THR C 565 17.20 27.52 -42.59
C THR C 565 17.24 28.90 -41.94
N ALA C 566 17.20 28.93 -40.62
CA ALA C 566 17.23 30.18 -39.87
C ALA C 566 18.53 30.93 -40.09
N LEU C 567 19.63 30.19 -40.18
CA LEU C 567 20.95 30.79 -40.35
C LEU C 567 21.08 31.47 -41.70
N VAL C 568 20.63 30.79 -42.76
CA VAL C 568 20.74 31.34 -44.10
C VAL C 568 19.72 32.46 -44.29
N LEU C 569 18.65 32.41 -43.51
CA LEU C 569 17.63 33.45 -43.52
C LEU C 569 18.21 34.78 -43.03
N ALA C 570 19.04 34.71 -42.00
CA ALA C 570 19.59 35.90 -41.37
C ALA C 570 20.58 36.66 -42.25
N ARG C 571 21.09 36.00 -43.27
CA ARG C 571 22.07 36.65 -44.15
C ARG C 571 21.42 37.20 -45.43
N LEU C 572 20.09 37.12 -45.50
CA LEU C 572 19.34 37.73 -46.59
C LEU C 572 19.37 39.25 -46.48
N PRO C 573 19.02 39.95 -47.57
CA PRO C 573 18.85 41.41 -47.48
C PRO C 573 17.82 41.77 -46.41
N LEU C 574 18.10 42.81 -45.63
CA LEU C 574 17.31 43.17 -44.45
C LEU C 574 15.82 43.30 -44.74
N ASP C 575 15.48 43.80 -45.91
CA ASP C 575 14.08 44.03 -46.28
C ASP C 575 13.30 42.73 -46.53
N LYS C 576 13.96 41.73 -47.07
CA LYS C 576 13.29 40.47 -47.42
C LYS C 576 13.10 39.55 -46.22
N ILE C 577 13.94 39.72 -45.20
CA ILE C 577 13.93 38.87 -44.02
C ILE C 577 12.59 38.89 -43.28
N THR C 578 12.04 40.08 -43.09
CA THR C 578 10.83 40.26 -42.28
C THR C 578 9.63 39.41 -42.73
N GLU C 579 9.46 39.20 -44.03
CA GLU C 579 8.34 38.42 -44.52
C GLU C 579 8.67 36.92 -44.50
N CYS C 580 9.94 36.60 -44.76
CA CYS C 580 10.39 35.21 -44.78
C CYS C 580 10.32 34.55 -43.40
N LEU C 581 10.79 35.28 -42.39
CA LEU C 581 10.76 34.79 -41.01
C LEU C 581 9.32 34.49 -40.57
N SER C 582 8.39 35.37 -40.97
CA SER C 582 7.00 35.23 -40.59
C SER C 582 6.39 33.90 -41.03
N GLU C 583 6.67 33.49 -42.27
CA GLU C 583 6.12 32.24 -42.79
C GLU C 583 6.96 31.03 -42.36
N LEU C 584 8.19 31.26 -41.94
CA LEU C 584 9.04 30.19 -41.44
C LEU C 584 8.57 29.74 -40.07
N CYS C 585 7.99 30.68 -39.32
CA CYS C 585 7.39 30.38 -38.02
C CYS C 585 5.95 29.92 -38.17
N SER C 586 5.29 30.45 -39.20
CA SER C 586 3.86 30.23 -39.43
C SER C 586 3.46 28.76 -39.39
N VAL C 587 4.32 27.89 -39.91
CA VAL C 587 4.06 26.46 -39.88
C VAL C 587 3.94 25.96 -38.44
N GLN C 588 4.73 26.53 -37.54
CA GLN C 588 4.68 26.16 -36.13
C GLN C 588 3.72 27.04 -35.33
N VAL C 589 3.55 28.29 -35.77
CA VAL C 589 2.61 29.20 -35.12
C VAL C 589 1.17 28.70 -35.27
N MET C 590 0.78 28.41 -36.51
CA MET C 590 -0.54 27.85 -36.81
C MET C 590 -0.79 26.56 -36.03
N ALA C 591 0.19 25.67 -36.03
CA ALA C 591 0.09 24.39 -35.33
C ALA C 591 -0.16 24.55 -33.84
N LEU C 592 0.25 25.68 -33.29
CA LEU C 592 0.04 25.98 -31.87
C LEU C 592 -1.41 26.34 -31.59
N LYS C 593 -1.97 27.23 -32.39
CA LYS C 593 -3.37 27.62 -32.29
C LYS C 593 -4.27 26.40 -32.39
N LYS C 594 -3.89 25.48 -33.28
CA LYS C 594 -4.60 24.24 -33.50
C LYS C 594 -4.80 23.42 -32.22
N LEU C 595 -3.81 23.46 -31.33
CA LEU C 595 -3.87 22.69 -30.09
C LEU C 595 -4.28 23.59 -28.93
N ASP C 607 1.23 17.74 -25.77
CA ASP C 607 1.82 19.03 -25.45
C ASP C 607 2.36 19.74 -26.70
N PRO C 608 2.41 21.08 -26.65
CA PRO C 608 2.93 21.89 -27.76
C PRO C 608 4.46 21.90 -27.77
N THR C 609 5.05 21.09 -26.88
CA THR C 609 6.49 20.98 -26.69
C THR C 609 7.29 21.04 -27.99
N VAL C 610 7.02 20.10 -28.89
CA VAL C 610 7.75 20.00 -30.14
C VAL C 610 7.67 21.28 -30.98
N PHE C 611 6.54 21.97 -30.90
CA PHE C 611 6.33 23.18 -31.70
C PHE C 611 7.01 24.39 -31.04
N LEU C 612 7.04 24.40 -29.71
CA LEU C 612 7.73 25.44 -28.97
C LEU C 612 9.24 25.33 -29.21
N ASP C 613 9.77 24.14 -29.04
CA ASP C 613 11.19 23.87 -29.24
C ASP C 613 11.64 24.20 -30.66
N ARG C 614 10.73 24.04 -31.62
CA ARG C 614 11.03 24.36 -33.02
C ARG C 614 11.00 25.87 -33.25
N LEU C 615 10.16 26.56 -32.50
CA LEU C 615 10.11 28.01 -32.57
C LEU C 615 11.34 28.62 -31.89
N ALA C 616 11.74 27.99 -30.78
CA ALA C 616 12.95 28.41 -30.07
C ALA C 616 14.16 28.43 -31.00
N VAL C 617 14.38 27.31 -31.68
CA VAL C 617 15.50 27.16 -32.61
C VAL C 617 15.53 28.25 -33.68
N ILE C 618 14.37 28.59 -34.21
CA ILE C 618 14.28 29.61 -35.25
C ILE C 618 14.66 30.97 -34.71
N PHE C 619 14.12 31.32 -33.55
CA PHE C 619 14.41 32.59 -32.90
C PHE C 619 15.89 32.69 -32.53
N ARG C 620 16.37 31.63 -31.89
CA ARG C 620 17.75 31.50 -31.46
C ARG C 620 18.78 31.80 -32.56
N HIS C 621 18.55 31.24 -33.74
CA HIS C 621 19.55 31.31 -34.81
C HIS C 621 19.21 32.27 -35.95
N THR C 622 18.13 33.03 -35.81
CA THR C 622 17.81 34.07 -36.78
C THR C 622 18.27 35.43 -36.25
N ASN C 623 19.57 35.69 -36.38
CA ASN C 623 20.15 36.94 -35.89
C ASN C 623 20.88 37.70 -37.00
N PRO C 624 20.14 38.47 -37.79
CA PRO C 624 20.73 39.26 -38.88
C PRO C 624 21.62 40.38 -38.38
N ILE C 625 22.67 40.70 -39.12
CA ILE C 625 23.57 41.79 -38.75
C ILE C 625 22.98 43.14 -39.13
N VAL C 626 22.62 43.93 -38.12
CA VAL C 626 22.00 45.23 -38.34
C VAL C 626 22.28 46.18 -37.17
N HIS C 632 14.48 46.65 -37.13
CA HIS C 632 14.83 45.23 -37.09
C HIS C 632 13.73 44.39 -37.71
N PRO C 633 14.07 43.63 -38.77
CA PRO C 633 13.10 42.86 -39.55
C PRO C 633 12.35 41.81 -38.73
N CYS C 634 12.93 41.36 -37.63
CA CYS C 634 12.32 40.31 -36.81
C CYS C 634 11.32 40.86 -35.81
N GLN C 635 11.35 42.17 -35.60
CA GLN C 635 10.55 42.80 -34.54
C GLN C 635 9.03 42.65 -34.76
N LYS C 636 8.56 43.02 -35.94
CA LYS C 636 7.13 42.90 -36.27
C LYS C 636 6.66 41.45 -36.22
N VAL C 637 7.54 40.54 -36.64
CA VAL C 637 7.24 39.11 -36.64
C VAL C 637 7.05 38.57 -35.24
N ILE C 638 8.01 38.84 -34.36
CA ILE C 638 7.97 38.34 -32.99
C ILE C 638 6.76 38.90 -32.23
N GLN C 639 6.47 40.17 -32.44
CA GLN C 639 5.32 40.81 -31.81
C GLN C 639 4.00 40.12 -32.16
N GLU C 640 3.90 39.60 -33.38
CA GLU C 640 2.69 38.91 -33.81
C GLU C 640 2.59 37.49 -33.25
N ILE C 641 3.74 36.87 -33.03
CA ILE C 641 3.78 35.52 -32.46
C ILE C 641 3.70 35.60 -30.93
N TRP C 642 3.90 36.80 -30.39
CA TRP C 642 3.81 37.03 -28.95
C TRP C 642 2.47 36.60 -28.32
N PRO C 643 1.32 36.99 -28.91
CA PRO C 643 0.06 36.63 -28.24
C PRO C 643 -0.22 35.13 -28.16
N VAL C 644 0.13 34.37 -29.18
CA VAL C 644 -0.14 32.93 -29.17
C VAL C 644 0.80 32.23 -28.19
N LEU C 645 2.04 32.71 -28.11
CA LEU C 645 2.98 32.21 -27.11
C LEU C 645 2.51 32.57 -25.71
N SER C 646 1.97 33.77 -25.56
CA SER C 646 1.40 34.21 -24.29
C SER C 646 0.30 33.26 -23.81
N GLU C 647 -0.67 33.00 -24.70
CA GLU C 647 -1.82 32.16 -24.36
C GLU C 647 -1.43 30.70 -24.12
N THR C 648 -0.45 30.23 -24.89
CA THR C 648 0.01 28.85 -24.76
C THR C 648 0.65 28.61 -23.39
N LEU C 649 1.32 29.63 -22.86
CA LEU C 649 1.99 29.54 -21.57
C LEU C 649 1.00 29.36 -20.42
N ASN C 650 0.14 30.36 -20.22
CA ASN C 650 -0.83 30.31 -19.13
C ASN C 650 -1.82 29.16 -19.28
N LYS C 651 -1.97 28.65 -20.49
CA LYS C 651 -2.74 27.44 -20.69
C LYS C 651 -2.09 26.28 -19.94
N HIS C 652 -0.77 26.20 -20.06
CA HIS C 652 0.00 25.10 -19.47
C HIS C 652 0.72 25.56 -18.20
N ARG C 653 0.26 26.67 -17.63
CA ARG C 653 0.89 27.30 -16.47
C ARG C 653 1.16 26.37 -15.29
N ALA C 654 0.53 25.19 -15.29
CA ALA C 654 0.66 24.25 -14.18
C ALA C 654 1.75 23.22 -14.41
N ASP C 655 2.10 22.98 -15.67
CA ASP C 655 3.13 21.99 -15.99
C ASP C 655 4.51 22.64 -16.06
N ASN C 656 5.39 22.24 -15.16
CA ASN C 656 6.75 22.76 -15.11
C ASN C 656 7.53 22.53 -16.40
N ARG C 657 7.47 21.31 -16.90
CA ARG C 657 8.21 20.94 -18.11
C ARG C 657 7.77 21.74 -19.33
N ILE C 658 6.47 21.98 -19.46
CA ILE C 658 5.95 22.69 -20.63
C ILE C 658 6.20 24.18 -20.53
N VAL C 659 6.09 24.73 -19.33
CA VAL C 659 6.17 26.17 -19.15
C VAL C 659 7.61 26.67 -19.26
N GLU C 660 8.59 25.82 -18.95
CA GLU C 660 9.99 26.21 -19.08
C GLU C 660 10.42 26.23 -20.55
N ARG C 661 9.85 25.35 -21.37
CA ARG C 661 10.13 25.35 -22.80
C ARG C 661 9.48 26.57 -23.44
N CYS C 662 8.50 27.15 -22.75
CA CYS C 662 7.89 28.41 -23.17
C CYS C 662 8.82 29.55 -22.80
N CYS C 663 9.32 29.50 -21.57
CA CYS C 663 10.31 30.45 -21.09
C CYS C 663 11.52 30.45 -22.01
N ARG C 664 11.98 29.25 -22.37
CA ARG C 664 13.11 29.10 -23.26
C ARG C 664 12.81 29.67 -24.64
N CYS C 665 11.59 29.45 -25.13
CA CYS C 665 11.17 29.98 -26.41
C CYS C 665 11.10 31.50 -26.36
N LEU C 666 10.45 32.02 -25.32
CA LEU C 666 10.32 33.45 -25.13
C LEU C 666 11.67 34.11 -24.88
N ARG C 667 12.57 33.38 -24.22
CA ARG C 667 13.93 33.83 -23.98
C ARG C 667 14.62 34.22 -25.29
N PHE C 668 14.52 33.33 -26.29
CA PHE C 668 15.19 33.57 -27.58
C PHE C 668 14.35 34.44 -28.49
N ALA C 669 13.05 34.49 -28.22
CA ALA C 669 12.16 35.38 -28.95
C ALA C 669 12.55 36.83 -28.70
N VAL C 670 12.74 37.16 -27.42
CA VAL C 670 13.17 38.50 -27.02
C VAL C 670 14.54 38.81 -27.60
N ARG C 671 15.46 37.85 -27.48
CA ARG C 671 16.82 38.02 -27.98
C ARG C 671 16.86 38.16 -29.51
N CYS C 672 15.85 37.61 -30.18
CA CYS C 672 15.80 37.59 -31.64
C CYS C 672 15.72 39.01 -32.19
N VAL C 673 14.97 39.86 -31.50
CA VAL C 673 14.90 41.28 -31.83
C VAL C 673 16.15 41.98 -31.32
N GLY C 674 16.74 42.84 -32.14
CA GLY C 674 17.93 43.57 -31.74
C GLY C 674 17.63 44.63 -30.71
N LYS C 675 18.25 45.80 -30.86
CA LYS C 675 17.92 46.93 -30.01
C LYS C 675 16.47 47.33 -30.23
N GLY C 676 15.76 47.62 -29.15
CA GLY C 676 14.35 47.93 -29.23
C GLY C 676 13.50 46.81 -28.65
N SER C 677 14.14 45.68 -28.37
CA SER C 677 13.44 44.52 -27.82
C SER C 677 12.98 44.76 -26.37
N ALA C 678 13.29 45.93 -25.84
CA ALA C 678 12.82 46.33 -24.50
C ALA C 678 11.32 46.66 -24.53
N ALA C 679 10.76 46.77 -25.73
CA ALA C 679 9.33 46.98 -25.89
C ALA C 679 8.55 45.76 -25.40
N LEU C 680 8.86 44.61 -25.97
CA LEU C 680 8.19 43.36 -25.62
C LEU C 680 8.55 42.87 -24.20
N LEU C 681 9.40 43.62 -23.52
CA LEU C 681 9.90 43.22 -22.21
C LEU C 681 8.81 43.23 -21.13
N GLN C 682 8.26 44.43 -20.86
CA GLN C 682 7.28 44.59 -19.80
C GLN C 682 6.01 43.74 -19.95
N PRO C 683 5.50 43.55 -21.18
CA PRO C 683 4.39 42.59 -21.28
C PRO C 683 4.80 41.17 -20.91
N LEU C 684 6.01 40.76 -21.29
CA LEU C 684 6.53 39.45 -20.92
C LEU C 684 6.74 39.36 -19.41
N VAL C 685 7.40 40.37 -18.85
CA VAL C 685 7.69 40.44 -17.42
C VAL C 685 6.41 40.41 -16.59
N THR C 686 5.41 41.16 -17.03
CA THR C 686 4.13 41.20 -16.34
C THR C 686 3.50 39.81 -16.31
N GLN C 687 3.56 39.11 -17.44
CA GLN C 687 3.00 37.77 -17.51
C GLN C 687 3.75 36.79 -16.62
N MET C 688 5.07 36.88 -16.63
CA MET C 688 5.92 36.03 -15.79
C MET C 688 5.53 36.14 -14.33
N VAL C 689 5.35 37.38 -13.87
CA VAL C 689 4.97 37.65 -12.49
C VAL C 689 3.65 36.97 -12.12
N ASN C 690 2.65 37.12 -12.98
CA ASN C 690 1.32 36.55 -12.73
C ASN C 690 1.29 35.03 -12.65
N VAL C 691 1.93 34.35 -13.61
CA VAL C 691 1.94 32.89 -13.63
C VAL C 691 2.80 32.34 -12.49
N TYR C 692 3.90 33.03 -12.17
CA TYR C 692 4.76 32.62 -11.07
C TYR C 692 4.03 32.70 -9.73
N HIS C 693 3.05 33.59 -9.66
CA HIS C 693 2.26 33.79 -8.45
C HIS C 693 1.49 32.52 -8.07
N VAL C 694 0.84 31.90 -9.05
CA VAL C 694 0.05 30.69 -8.81
C VAL C 694 0.93 29.44 -8.84
N HIS C 695 1.93 29.44 -9.72
CA HIS C 695 2.86 28.32 -9.82
C HIS C 695 4.30 28.82 -9.79
N GLN C 696 5.06 28.41 -8.78
CA GLN C 696 6.42 28.91 -8.59
C GLN C 696 7.47 28.05 -9.29
N HIS C 697 7.46 28.08 -10.61
CA HIS C 697 8.53 27.46 -11.38
C HIS C 697 9.77 28.32 -11.32
N SER C 698 10.92 27.72 -11.04
CA SER C 698 12.15 28.49 -10.85
C SER C 698 12.72 28.97 -12.17
N CYS C 699 12.30 28.35 -13.27
CA CYS C 699 12.64 28.85 -14.60
C CYS C 699 12.20 30.29 -14.87
N PHE C 700 11.32 30.82 -14.02
CA PHE C 700 10.92 32.23 -14.13
C PHE C 700 11.95 33.11 -13.43
N LEU C 701 12.54 32.57 -12.36
CA LEU C 701 13.66 33.21 -11.72
C LEU C 701 14.85 33.25 -12.68
N TYR C 702 15.20 32.09 -13.23
CA TYR C 702 16.31 31.98 -14.18
C TYR C 702 16.12 32.91 -15.37
N LEU C 703 14.93 32.87 -15.97
CA LEU C 703 14.62 33.73 -17.10
C LEU C 703 14.72 35.20 -16.69
N GLY C 704 14.28 35.48 -15.46
CA GLY C 704 14.38 36.82 -14.91
C GLY C 704 15.83 37.28 -14.84
N SER C 705 16.69 36.41 -14.30
CA SER C 705 18.11 36.70 -14.17
C SER C 705 18.76 37.00 -15.53
N ILE C 706 18.29 36.33 -16.57
CA ILE C 706 18.77 36.57 -17.93
C ILE C 706 18.36 37.94 -18.42
N LEU C 707 17.14 38.34 -18.08
CA LEU C 707 16.62 39.65 -18.47
C LEU C 707 17.42 40.75 -17.78
N VAL C 708 17.70 40.55 -16.50
CA VAL C 708 18.49 41.49 -15.73
C VAL C 708 19.92 41.57 -16.26
N ASP C 709 20.46 40.40 -16.61
CA ASP C 709 21.83 40.33 -17.11
C ASP C 709 21.98 40.99 -18.48
N GLU C 710 20.88 41.03 -19.24
CA GLU C 710 20.94 41.55 -20.60
C GLU C 710 20.32 42.93 -20.74
N TYR C 711 19.47 43.32 -19.80
CA TYR C 711 18.78 44.61 -19.90
C TYR C 711 18.90 45.47 -18.64
N GLY C 712 19.72 45.03 -17.68
CA GLY C 712 19.88 45.74 -16.43
C GLY C 712 20.71 47.01 -16.50
N MET C 713 21.65 47.04 -17.44
CA MET C 713 22.52 48.20 -17.62
C MET C 713 21.76 49.39 -18.22
N GLU C 714 20.63 49.10 -18.86
CA GLU C 714 19.82 50.14 -19.47
C GLU C 714 18.99 50.87 -18.42
N GLU C 715 19.11 52.19 -18.39
CA GLU C 715 18.44 53.00 -17.38
C GLU C 715 16.92 52.89 -17.45
N GLY C 716 16.39 52.74 -18.65
CA GLY C 716 14.96 52.69 -18.86
C GLY C 716 14.29 51.41 -18.37
N CYS C 717 15.11 50.38 -18.14
CA CYS C 717 14.57 49.07 -17.76
C CYS C 717 14.76 48.76 -16.27
N ARG C 718 15.53 49.60 -15.58
CA ARG C 718 15.93 49.33 -14.21
C ARG C 718 14.77 49.29 -13.20
N GLN C 719 13.84 50.22 -13.31
CA GLN C 719 12.72 50.26 -12.38
C GLN C 719 11.76 49.09 -12.62
N GLY C 720 11.54 48.77 -13.89
CA GLY C 720 10.70 47.65 -14.26
C GLY C 720 11.27 46.32 -13.80
N LEU C 721 12.60 46.21 -13.85
CA LEU C 721 13.28 44.99 -13.42
C LEU C 721 13.26 44.81 -11.90
N LEU C 722 13.30 45.93 -11.17
CA LEU C 722 13.24 45.89 -9.71
C LEU C 722 11.84 45.46 -9.27
N ASP C 723 10.83 46.09 -9.85
CA ASP C 723 9.44 45.74 -9.60
C ASP C 723 9.18 44.26 -9.89
N MET C 724 9.91 43.73 -10.88
CA MET C 724 9.87 42.32 -11.19
C MET C 724 10.41 41.50 -10.02
N LEU C 725 11.61 41.86 -9.57
CA LEU C 725 12.27 41.18 -8.46
C LEU C 725 11.43 41.22 -7.20
N GLN C 726 10.87 42.39 -6.89
CA GLN C 726 10.05 42.57 -5.70
C GLN C 726 8.77 41.73 -5.78
N ALA C 727 8.25 41.60 -6.99
CA ALA C 727 7.03 40.81 -7.23
C ALA C 727 7.31 39.31 -7.13
N LEU C 728 8.44 38.87 -7.66
CA LEU C 728 8.77 37.45 -7.65
C LEU C 728 9.21 36.96 -6.27
N CYS C 729 9.69 37.89 -5.45
CA CYS C 729 10.20 37.53 -4.13
C CYS C 729 9.10 37.07 -3.18
N ILE C 730 7.93 37.72 -3.23
CA ILE C 730 6.86 37.43 -2.28
C ILE C 730 6.39 35.96 -2.35
N PRO C 731 6.10 35.44 -3.57
CA PRO C 731 5.75 34.01 -3.59
C PRO C 731 6.96 33.14 -3.27
N THR C 732 8.14 33.59 -3.67
CA THR C 732 9.37 32.84 -3.48
C THR C 732 9.67 32.66 -2.01
N PHE C 733 9.47 33.73 -1.24
CA PHE C 733 9.74 33.70 0.20
C PHE C 733 8.68 32.88 0.92
N GLN C 734 7.43 33.03 0.50
CA GLN C 734 6.35 32.21 1.03
C GLN C 734 6.64 30.74 0.78
N LEU C 735 7.18 30.45 -0.40
CA LEU C 735 7.54 29.08 -0.77
C LEU C 735 8.68 28.55 0.12
N LEU C 736 9.67 29.39 0.37
CA LEU C 736 10.85 28.97 1.13
C LEU C 736 10.63 28.93 2.64
N GLU C 737 9.68 29.73 3.14
CA GLU C 737 9.43 29.79 4.58
C GLU C 737 8.63 28.59 5.07
N GLN C 738 8.15 27.77 4.14
CA GLN C 738 7.48 26.53 4.50
C GLN C 738 8.44 25.60 5.23
N GLN C 739 7.89 24.53 5.84
CA GLN C 739 8.70 23.58 6.59
C GLN C 739 9.74 22.95 5.68
N ASN C 740 11.01 23.12 6.05
CA ASN C 740 12.14 22.66 5.25
C ASN C 740 12.13 23.23 3.83
N GLY C 741 11.51 24.40 3.67
CA GLY C 741 11.36 25.04 2.37
C GLY C 741 12.64 25.15 1.58
N LEU C 742 13.73 25.46 2.28
CA LEU C 742 15.06 25.49 1.68
C LEU C 742 15.44 24.14 1.11
N GLN C 743 15.53 23.16 1.99
CA GLN C 743 15.91 21.79 1.63
C GLN C 743 15.02 21.19 0.54
N ASN C 744 13.78 21.66 0.45
CA ASN C 744 12.85 21.09 -0.52
C ASN C 744 12.83 21.81 -1.87
N HIS C 745 13.36 23.02 -1.92
CA HIS C 745 13.44 23.74 -3.19
C HIS C 745 14.82 24.35 -3.43
N PRO C 746 15.85 23.51 -3.55
CA PRO C 746 17.21 24.02 -3.80
C PRO C 746 17.33 24.75 -5.14
N ASP C 747 16.46 24.40 -6.07
CA ASP C 747 16.47 25.01 -7.40
C ASP C 747 15.91 26.43 -7.33
N THR C 748 14.92 26.62 -6.48
CA THR C 748 14.35 27.94 -6.25
C THR C 748 15.37 28.83 -5.54
N VAL C 749 16.03 28.28 -4.52
CA VAL C 749 17.10 28.97 -3.80
C VAL C 749 18.19 29.43 -4.75
N ASP C 750 18.72 28.50 -5.53
CA ASP C 750 19.78 28.78 -6.48
C ASP C 750 19.41 29.91 -7.42
N ASP C 751 18.33 29.73 -8.17
CA ASP C 751 17.92 30.69 -9.18
C ASP C 751 17.53 32.05 -8.57
N LEU C 752 17.08 32.02 -7.32
CA LEU C 752 16.72 33.26 -6.62
C LEU C 752 17.94 34.15 -6.50
N PHE C 753 19.02 33.57 -5.98
CA PHE C 753 20.25 34.29 -5.74
C PHE C 753 21.03 34.51 -7.04
N ARG C 754 20.73 33.73 -8.07
CA ARG C 754 21.24 34.05 -9.40
C ARG C 754 20.61 35.35 -9.89
N LEU C 755 19.31 35.51 -9.65
CA LEU C 755 18.59 36.71 -10.03
C LEU C 755 19.13 37.94 -9.30
N ALA C 756 19.41 37.75 -8.01
CA ALA C 756 19.89 38.82 -7.16
C ALA C 756 21.33 39.18 -7.50
N THR C 757 22.13 38.16 -7.78
CA THR C 757 23.52 38.35 -8.17
C THR C 757 23.60 39.15 -9.46
N ARG C 758 22.66 38.90 -10.36
CA ARG C 758 22.63 39.58 -11.66
C ARG C 758 22.24 41.05 -11.49
N PHE C 759 21.51 41.34 -10.42
CA PHE C 759 21.11 42.71 -10.12
C PHE C 759 22.31 43.49 -9.59
N ILE C 760 23.11 42.82 -8.76
CA ILE C 760 24.34 43.38 -8.23
C ILE C 760 25.33 43.77 -9.32
N GLN C 761 25.54 42.88 -10.29
CA GLN C 761 26.58 43.08 -11.30
C GLN C 761 26.10 43.83 -12.53
N ARG C 762 24.93 44.46 -12.45
CA ARG C 762 24.42 45.26 -13.56
C ARG C 762 23.95 46.63 -13.09
N SER C 763 23.25 46.65 -11.96
CA SER C 763 22.72 47.88 -11.40
C SER C 763 22.56 47.71 -9.88
N PRO C 764 23.69 47.71 -9.16
CA PRO C 764 23.69 47.38 -7.72
C PRO C 764 23.00 48.43 -6.86
N VAL C 765 22.98 49.67 -7.32
CA VAL C 765 22.42 50.75 -6.52
C VAL C 765 20.90 50.64 -6.39
N THR C 766 20.22 50.39 -7.51
CA THR C 766 18.77 50.26 -7.50
C THR C 766 18.30 49.14 -6.58
N LEU C 767 19.05 48.04 -6.55
CA LEU C 767 18.76 46.93 -5.64
C LEU C 767 19.00 47.34 -4.18
N LEU C 768 20.15 47.95 -3.93
CA LEU C 768 20.57 48.32 -2.57
C LEU C 768 19.67 49.38 -1.93
N ARG C 769 19.12 50.27 -2.76
CA ARG C 769 18.24 51.31 -2.25
C ARG C 769 16.84 50.75 -2.00
N SER C 770 16.52 49.62 -2.63
CA SER C 770 15.21 49.02 -2.51
C SER C 770 15.02 48.36 -1.15
N GLN C 771 13.76 48.15 -0.77
CA GLN C 771 13.43 47.53 0.51
C GLN C 771 13.66 46.03 0.45
N VAL C 772 13.47 45.46 -0.74
CA VAL C 772 13.51 44.01 -0.92
C VAL C 772 14.90 43.40 -0.70
N VAL C 773 15.93 44.24 -0.67
CA VAL C 773 17.30 43.75 -0.52
C VAL C 773 17.53 43.10 0.85
N ILE C 774 16.85 43.58 1.88
CA ILE C 774 17.02 43.06 3.23
C ILE C 774 16.50 41.62 3.42
N PRO C 775 15.25 41.33 3.03
CA PRO C 775 14.84 39.92 3.20
C PRO C 775 15.65 38.98 2.30
N ILE C 776 16.01 39.41 1.10
CA ILE C 776 16.84 38.62 0.22
C ILE C 776 18.14 38.23 0.91
N LEU C 777 18.75 39.19 1.58
CA LEU C 777 19.96 38.93 2.35
C LEU C 777 19.66 38.06 3.57
N GLN C 778 18.52 38.31 4.22
CA GLN C 778 18.10 37.51 5.35
C GLN C 778 17.92 36.05 4.95
N TRP C 779 17.42 35.84 3.74
CA TRP C 779 17.26 34.49 3.20
C TRP C 779 18.60 33.93 2.71
N ALA C 780 19.45 34.83 2.21
CA ALA C 780 20.80 34.44 1.83
C ALA C 780 21.52 33.80 3.02
N ILE C 781 21.48 34.48 4.16
CA ILE C 781 22.09 33.98 5.38
C ILE C 781 21.48 32.65 5.81
N ALA C 782 20.17 32.54 5.66
CA ALA C 782 19.45 31.33 6.06
C ALA C 782 19.85 30.17 5.16
N SER C 783 19.98 30.46 3.87
CA SER C 783 20.27 29.44 2.87
C SER C 783 21.68 28.84 2.99
N THR C 784 22.55 29.50 3.75
CA THR C 784 23.92 29.02 3.92
C THR C 784 23.99 27.71 4.72
N THR C 785 22.84 27.19 5.13
CA THR C 785 22.78 25.93 5.86
C THR C 785 22.38 24.79 4.93
N LEU C 786 21.93 25.14 3.73
CA LEU C 786 21.51 24.16 2.74
C LEU C 786 22.70 23.37 2.18
N ASP C 787 22.61 22.04 2.27
CA ASP C 787 23.71 21.16 1.85
C ASP C 787 23.83 21.05 0.33
N HIS C 788 22.90 21.63 -0.40
CA HIS C 788 22.88 21.56 -1.85
C HIS C 788 24.09 22.29 -2.44
N ARG C 789 24.88 21.57 -3.21
CA ARG C 789 26.16 22.08 -3.72
C ARG C 789 26.02 23.28 -4.66
N ASP C 790 25.19 23.16 -5.68
CA ASP C 790 25.04 24.22 -6.65
C ASP C 790 24.30 25.43 -6.09
N ALA C 791 23.40 25.19 -5.14
CA ALA C 791 22.64 26.27 -4.53
C ALA C 791 23.51 27.09 -3.59
N ASN C 792 24.34 26.41 -2.82
CA ASN C 792 25.28 27.06 -1.92
C ASN C 792 26.25 27.98 -2.66
N CYS C 793 26.66 27.58 -3.86
CA CYS C 793 27.55 28.40 -4.67
C CYS C 793 26.86 29.69 -5.10
N SER C 794 25.59 29.58 -5.46
CA SER C 794 24.79 30.73 -5.89
C SER C 794 24.62 31.77 -4.78
N VAL C 795 24.43 31.31 -3.55
CA VAL C 795 24.17 32.23 -2.43
C VAL C 795 25.47 32.83 -1.87
N MET C 796 26.53 32.03 -1.79
CA MET C 796 27.82 32.52 -1.35
C MET C 796 28.34 33.58 -2.30
N ARG C 797 28.15 33.35 -3.60
CA ARG C 797 28.56 34.31 -4.61
C ARG C 797 27.72 35.57 -4.52
N PHE C 798 26.46 35.43 -4.15
CA PHE C 798 25.61 36.60 -3.96
C PHE C 798 26.12 37.42 -2.79
N LEU C 799 26.43 36.76 -1.68
CA LEU C 799 26.97 37.42 -0.50
C LEU C 799 28.27 38.16 -0.83
N ARG C 800 29.22 37.44 -1.45
CA ARG C 800 30.50 38.01 -1.86
C ARG C 800 30.32 39.22 -2.77
N ASP C 801 29.56 39.05 -3.83
CA ASP C 801 29.36 40.14 -4.81
C ASP C 801 28.62 41.33 -4.21
N LEU C 802 27.72 41.06 -3.27
CA LEU C 802 26.93 42.12 -2.64
C LEU C 802 27.79 42.98 -1.74
N ILE C 803 28.55 42.33 -0.86
CA ILE C 803 29.41 43.04 0.08
C ILE C 803 30.53 43.78 -0.65
N HIS C 804 31.05 43.16 -1.70
CA HIS C 804 32.11 43.75 -2.50
C HIS C 804 31.70 45.07 -3.19
N THR C 805 30.41 45.39 -3.13
CA THR C 805 29.90 46.61 -3.77
C THR C 805 30.35 47.84 -3.00
N GLY C 806 30.62 47.66 -1.71
CA GLY C 806 31.13 48.74 -0.88
C GLY C 806 32.65 48.71 -0.82
N VAL C 807 33.26 48.10 -1.82
CA VAL C 807 34.70 47.92 -1.88
C VAL C 807 35.23 48.24 -3.27
N ALA C 808 34.56 47.69 -4.28
CA ALA C 808 35.01 47.81 -5.66
C ALA C 808 34.92 49.23 -6.19
N ASN C 809 35.96 49.62 -6.95
CA ASN C 809 35.99 50.88 -7.68
C ASN C 809 35.74 52.10 -6.80
N ASP C 810 36.67 52.39 -5.91
CA ASP C 810 36.55 53.55 -5.03
C ASP C 810 36.81 54.86 -5.77
N HIS C 811 37.15 54.76 -7.05
CA HIS C 811 37.48 55.93 -7.84
C HIS C 811 36.27 56.57 -8.53
N GLU C 812 35.24 55.76 -8.80
CA GLU C 812 34.07 56.28 -9.50
C GLU C 812 33.08 56.92 -8.52
N GLU C 813 32.30 57.86 -9.05
CA GLU C 813 31.46 58.74 -8.25
C GLU C 813 30.54 58.04 -7.25
N ASP C 814 29.78 57.08 -7.73
CA ASP C 814 28.74 56.44 -6.90
C ASP C 814 29.28 55.57 -5.78
N PHE C 815 30.60 55.50 -5.65
CA PHE C 815 31.22 54.63 -4.66
C PHE C 815 30.79 54.96 -3.22
N GLU C 816 30.86 56.23 -2.85
CA GLU C 816 30.51 56.64 -1.50
C GLU C 816 29.04 56.37 -1.18
N LEU C 817 28.23 56.26 -2.23
CA LEU C 817 26.82 55.91 -2.07
C LEU C 817 26.69 54.39 -1.87
N ARG C 818 27.48 53.63 -2.61
CA ARG C 818 27.52 52.18 -2.44
C ARG C 818 28.11 51.82 -1.07
N LYS C 819 29.13 52.57 -0.66
CA LYS C 819 29.74 52.40 0.65
C LYS C 819 28.70 52.56 1.75
N GLU C 820 27.91 53.63 1.64
CA GLU C 820 26.89 53.95 2.62
C GLU C 820 25.81 52.86 2.69
N LEU C 821 25.37 52.39 1.54
CA LEU C 821 24.26 51.44 1.47
C LEU C 821 24.65 50.06 1.99
N ILE C 822 25.83 49.58 1.62
CA ILE C 822 26.36 48.35 2.20
C ILE C 822 26.52 48.54 3.71
N GLY C 823 26.99 49.72 4.10
CA GLY C 823 27.14 50.08 5.50
C GLY C 823 25.88 49.87 6.30
N GLN C 824 24.78 50.48 5.86
CA GLN C 824 23.49 50.33 6.54
C GLN C 824 23.05 48.88 6.59
N VAL C 825 23.15 48.19 5.45
CA VAL C 825 22.76 46.79 5.35
C VAL C 825 23.62 45.92 6.27
N MET C 826 24.93 46.06 6.16
CA MET C 826 25.87 45.31 6.99
C MET C 826 25.68 45.58 8.48
N ASN C 827 25.41 46.83 8.83
CA ASN C 827 25.16 47.18 10.21
C ASN C 827 23.98 46.40 10.79
N GLN C 828 22.95 46.25 9.98
CA GLN C 828 21.72 45.58 10.43
C GLN C 828 21.87 44.06 10.54
N LEU C 829 22.54 43.44 9.58
CA LEU C 829 22.56 41.98 9.51
C LEU C 829 23.96 41.38 9.53
N GLY C 830 24.98 42.22 9.62
CA GLY C 830 26.36 41.78 9.57
C GLY C 830 26.74 40.72 10.58
N GLN C 831 26.37 40.93 11.84
CA GLN C 831 26.71 39.98 12.89
C GLN C 831 26.13 38.59 12.65
N GLN C 832 24.87 38.55 12.21
CA GLN C 832 24.21 37.28 11.91
C GLN C 832 24.90 36.57 10.75
N LEU C 833 25.14 37.32 9.68
CA LEU C 833 25.90 36.84 8.53
C LEU C 833 27.21 36.17 8.95
N VAL C 834 28.01 36.88 9.75
CA VAL C 834 29.28 36.36 10.21
C VAL C 834 29.08 35.16 11.14
N SER C 835 28.09 35.25 12.01
CA SER C 835 27.82 34.18 12.98
C SER C 835 27.36 32.91 12.29
N GLN C 836 26.50 33.06 11.29
CA GLN C 836 25.96 31.92 10.55
C GLN C 836 27.04 31.32 9.65
N LEU C 837 27.85 32.18 9.06
CA LEU C 837 28.93 31.77 8.17
C LEU C 837 29.91 30.85 8.89
N LEU C 838 30.24 31.20 10.12
CA LEU C 838 31.15 30.41 10.92
C LEU C 838 30.49 29.11 11.38
N HIS C 839 29.19 29.21 11.69
CA HIS C 839 28.42 28.04 12.13
C HIS C 839 28.30 27.00 11.02
N THR C 840 27.99 27.47 9.82
CA THR C 840 27.92 26.63 8.62
C THR C 840 29.19 25.80 8.43
N CYS C 841 30.33 26.49 8.45
CA CYS C 841 31.62 25.86 8.21
C CYS C 841 31.96 24.74 9.19
N CYS C 842 31.66 24.96 10.47
CA CYS C 842 32.09 24.03 11.51
C CYS C 842 31.19 22.80 11.63
N PHE C 843 29.88 22.97 11.45
CA PHE C 843 28.95 21.88 11.73
C PHE C 843 28.01 21.53 10.58
N CYS C 844 27.58 22.54 9.84
CA CYS C 844 26.47 22.35 8.90
C CYS C 844 26.85 21.73 7.55
N LEU C 845 27.88 22.27 6.90
CA LEU C 845 28.19 21.90 5.52
C LEU C 845 29.57 21.25 5.34
N PRO C 846 29.71 20.44 4.27
CA PRO C 846 31.00 19.85 3.88
C PRO C 846 32.04 20.93 3.56
N PRO C 847 33.33 20.57 3.58
CA PRO C 847 34.44 21.52 3.42
C PRO C 847 34.47 22.32 2.11
N TYR C 848 33.65 21.95 1.12
CA TYR C 848 33.71 22.64 -0.17
C TYR C 848 33.29 24.11 -0.08
N THR C 849 32.61 24.47 1.00
CA THR C 849 32.15 25.84 1.18
C THR C 849 33.24 26.77 1.69
N LEU C 850 34.22 26.19 2.38
CA LEU C 850 35.30 26.94 3.03
C LEU C 850 35.94 28.05 2.17
N PRO C 851 36.28 27.75 0.89
CA PRO C 851 36.80 28.86 0.08
C PRO C 851 35.78 29.96 -0.17
N ASP C 852 34.54 29.59 -0.50
CA ASP C 852 33.50 30.56 -0.82
C ASP C 852 33.13 31.40 0.40
N VAL C 853 33.31 30.83 1.59
CA VAL C 853 33.05 31.55 2.82
C VAL C 853 34.18 32.52 3.12
N ALA C 854 35.41 32.04 2.97
CA ALA C 854 36.60 32.86 3.19
C ALA C 854 36.59 34.10 2.30
N GLU C 855 36.22 33.93 1.04
CA GLU C 855 36.10 35.04 0.11
C GLU C 855 35.08 36.06 0.60
N VAL C 856 33.99 35.58 1.19
CA VAL C 856 32.95 36.45 1.73
C VAL C 856 33.44 37.12 3.02
N LEU C 857 34.07 36.33 3.89
CA LEU C 857 34.70 36.85 5.09
C LEU C 857 35.70 37.96 4.74
N TRP C 858 36.45 37.73 3.66
CA TRP C 858 37.42 38.70 3.17
C TRP C 858 36.77 40.01 2.79
N GLU C 859 35.71 39.92 1.98
CA GLU C 859 35.00 41.10 1.51
C GLU C 859 34.45 41.94 2.66
N ILE C 860 34.07 41.28 3.75
CA ILE C 860 33.57 41.98 4.93
C ILE C 860 34.66 42.82 5.58
N MET C 861 35.84 42.23 5.72
CA MET C 861 36.98 42.93 6.30
C MET C 861 37.34 44.18 5.50
N GLN C 862 37.23 44.08 4.18
CA GLN C 862 37.47 45.23 3.30
C GLN C 862 36.48 46.38 3.51
N VAL C 863 35.32 46.07 4.10
CA VAL C 863 34.29 47.08 4.32
C VAL C 863 34.46 47.72 5.69
N ASP C 864 34.69 46.89 6.71
CA ASP C 864 34.83 47.38 8.07
C ASP C 864 35.55 46.34 8.92
N ARG C 865 36.86 46.30 8.78
CA ARG C 865 37.69 45.34 9.52
C ARG C 865 37.66 45.50 11.04
N PRO C 866 37.65 46.75 11.56
CA PRO C 866 37.49 46.85 13.02
C PRO C 866 36.17 46.25 13.51
N THR C 867 35.08 46.58 12.85
CA THR C 867 33.77 46.03 13.21
C THR C 867 33.75 44.51 13.06
N PHE C 868 34.37 44.02 12.00
CA PHE C 868 34.45 42.58 11.75
C PHE C 868 35.09 41.84 12.92
N CYS C 869 36.12 42.44 13.51
CA CYS C 869 36.82 41.84 14.64
C CYS C 869 35.85 41.57 15.77
N ARG C 870 34.95 42.50 16.00
CA ARG C 870 33.90 42.35 17.01
C ARG C 870 33.00 41.19 16.63
N TRP C 871 32.37 41.31 15.46
CA TRP C 871 31.47 40.29 14.93
C TRP C 871 32.05 38.88 15.06
N LEU C 872 33.30 38.71 14.67
CA LEU C 872 33.95 37.41 14.71
C LEU C 872 34.19 36.91 16.13
N GLU C 873 34.60 37.83 17.01
CA GLU C 873 34.82 37.49 18.42
C GLU C 873 33.57 36.92 19.08
N ASN C 874 32.44 37.57 18.81
CA ASN C 874 31.15 37.14 19.35
C ASN C 874 30.75 35.75 18.88
N SER C 875 30.94 35.49 17.59
CA SER C 875 30.57 34.22 17.00
C SER C 875 31.39 33.07 17.57
N LEU C 876 32.64 33.36 17.91
CA LEU C 876 33.52 32.35 18.49
C LEU C 876 33.09 31.99 19.91
N LYS C 877 32.49 32.96 20.60
CA LYS C 877 32.03 32.77 21.96
C LYS C 877 30.77 31.91 22.03
N GLY C 878 30.15 31.70 20.86
CA GLY C 878 28.94 30.91 20.78
C GLY C 878 29.17 29.50 20.26
N LEU C 879 30.15 28.82 20.83
CA LEU C 879 30.45 27.44 20.45
C LEU C 879 29.64 26.45 21.30
N PRO C 880 28.78 25.66 20.64
CA PRO C 880 27.92 24.69 21.31
C PRO C 880 28.53 23.30 21.37
N THR C 889 36.57 18.67 22.17
CA THR C 889 36.14 20.06 22.09
C THR C 889 37.30 20.99 21.75
N VAL C 890 37.00 22.28 21.63
CA VAL C 890 38.01 23.26 21.25
C VAL C 890 38.36 24.19 22.42
N THR C 891 39.65 24.29 22.72
CA THR C 891 40.12 25.10 23.83
C THR C 891 39.99 26.60 23.53
N HIS C 892 40.27 27.43 24.53
CA HIS C 892 40.16 28.87 24.39
C HIS C 892 41.27 29.44 23.51
N LYS C 893 42.45 28.85 23.57
CA LYS C 893 43.59 29.32 22.80
C LYS C 893 43.34 29.17 21.31
N GLN C 894 42.76 28.03 20.94
CA GLN C 894 42.47 27.72 19.54
C GLN C 894 41.39 28.61 18.96
N LEU C 895 40.67 29.30 19.84
CA LEU C 895 39.68 30.29 19.42
C LEU C 895 40.32 31.67 19.29
N THR C 896 41.33 31.92 20.10
CA THR C 896 41.99 33.22 20.12
C THR C 896 42.92 33.37 18.93
N ASP C 897 43.72 32.33 18.67
CA ASP C 897 44.67 32.38 17.57
C ASP C 897 43.96 32.37 16.22
N PHE C 898 42.88 31.61 16.10
CA PHE C 898 42.08 31.60 14.89
C PHE C 898 41.48 32.99 14.62
N HIS C 899 41.22 33.72 15.69
CA HIS C 899 40.73 35.10 15.55
C HIS C 899 41.87 35.99 15.08
N LYS C 900 43.06 35.75 15.61
CA LYS C 900 44.24 36.50 15.18
C LYS C 900 44.57 36.23 13.72
N GLN C 901 44.50 34.96 13.32
CA GLN C 901 44.80 34.54 11.94
C GLN C 901 43.92 35.27 10.93
N VAL C 902 42.61 35.23 11.15
CA VAL C 902 41.66 35.80 10.20
C VAL C 902 41.66 37.32 10.19
N THR C 903 41.67 37.93 11.39
CA THR C 903 41.52 39.37 11.50
C THR C 903 42.80 40.11 11.10
N SER C 904 43.94 39.45 11.21
CA SER C 904 45.22 40.06 10.85
C SER C 904 45.80 39.46 9.57
N ALA C 905 44.93 38.98 8.69
CA ALA C 905 45.34 38.40 7.42
C ALA C 905 45.49 39.48 6.35
N GLU C 906 46.49 39.33 5.49
CA GLU C 906 46.77 40.34 4.47
C GLU C 906 46.29 39.89 3.09
N GLU C 907 46.27 38.56 2.88
CA GLU C 907 45.71 37.98 1.66
C GLU C 907 44.52 37.10 2.01
N CYS C 908 43.54 37.04 1.11
CA CYS C 908 42.37 36.21 1.30
C CYS C 908 42.74 34.73 1.47
N LYS C 909 43.89 34.35 0.92
CA LYS C 909 44.39 32.99 1.00
C LYS C 909 44.59 32.55 2.46
N GLN C 910 45.05 33.45 3.30
CA GLN C 910 45.28 33.14 4.71
C GLN C 910 43.95 32.90 5.44
N VAL C 911 42.92 33.64 5.03
CA VAL C 911 41.59 33.46 5.58
C VAL C 911 41.11 32.04 5.31
N CYS C 912 41.25 31.60 4.07
CA CYS C 912 40.87 30.25 3.68
C CYS C 912 41.79 29.22 4.33
N TRP C 913 43.05 29.60 4.52
CA TRP C 913 44.02 28.77 5.24
C TRP C 913 43.56 28.58 6.69
N ALA C 914 43.10 29.67 7.29
CA ALA C 914 42.62 29.64 8.67
C ALA C 914 41.37 28.77 8.81
N LEU C 915 40.39 29.00 7.94
CA LEU C 915 39.13 28.26 7.99
C LEU C 915 39.33 26.75 7.88
N ARG C 916 40.06 26.32 6.85
CA ARG C 916 40.33 24.90 6.64
C ARG C 916 40.98 24.28 7.86
N ASP C 917 41.86 25.05 8.51
CA ASP C 917 42.56 24.59 9.71
C ASP C 917 41.62 24.50 10.90
N PHE C 918 40.81 25.54 11.09
CA PHE C 918 39.89 25.63 12.22
C PHE C 918 38.73 24.65 12.09
N THR C 919 38.16 24.56 10.90
CA THR C 919 37.04 23.65 10.62
C THR C 919 37.40 22.20 10.91
N ARG C 920 38.67 21.86 10.71
CA ARG C 920 39.16 20.49 10.94
C ARG C 920 38.90 20.00 12.37
N LEU C 921 38.81 20.93 13.31
CA LEU C 921 38.62 20.59 14.72
C LEU C 921 37.22 20.06 15.03
N PHE C 922 36.34 20.06 14.03
CA PHE C 922 34.96 19.64 14.25
C PHE C 922 34.57 18.50 13.31
N GLY D 3 -55.82 16.56 4.03
CA GLY D 3 -56.90 17.23 3.32
C GLY D 3 -56.67 18.71 3.16
N ALA D 4 -56.71 19.45 4.27
CA ALA D 4 -56.64 20.90 4.24
C ALA D 4 -55.21 21.42 4.07
N LYS D 5 -55.00 22.22 3.03
CA LYS D 5 -53.70 22.82 2.78
C LYS D 5 -53.37 23.85 3.86
N PRO D 6 -52.24 23.67 4.56
CA PRO D 6 -51.83 24.52 5.68
C PRO D 6 -51.68 25.99 5.30
N THR D 7 -51.88 26.88 6.26
CA THR D 7 -51.73 28.32 6.05
C THR D 7 -50.29 28.66 5.77
N LEU D 8 -50.05 29.57 4.83
CA LEU D 8 -48.70 30.03 4.56
C LEU D 8 -48.15 30.82 5.73
N GLN D 9 -49.04 31.48 6.46
CA GLN D 9 -48.63 32.23 7.64
C GLN D 9 -48.30 31.28 8.79
N LEU D 10 -48.96 30.12 8.82
CA LEU D 10 -48.78 29.14 9.89
C LEU D 10 -47.49 28.34 9.74
N VAL D 11 -47.16 27.92 8.52
CA VAL D 11 -45.93 27.17 8.30
C VAL D 11 -44.72 28.02 8.70
N TYR D 12 -44.69 29.29 8.29
CA TYR D 12 -43.64 30.20 8.73
C TYR D 12 -43.70 30.29 10.24
N GLN D 13 -44.93 30.35 10.76
CA GLN D 13 -45.17 30.53 12.19
C GLN D 13 -44.48 29.38 12.90
N ALA D 14 -44.62 28.19 12.32
CA ALA D 14 -44.03 26.97 12.84
C ALA D 14 -42.50 27.03 12.82
N VAL D 15 -41.95 27.49 11.69
CA VAL D 15 -40.49 27.55 11.53
C VAL D 15 -39.98 28.54 12.57
N GLN D 16 -40.64 29.69 12.62
CA GLN D 16 -40.21 30.79 13.46
C GLN D 16 -40.27 30.30 14.91
N ALA D 17 -41.31 29.54 15.21
CA ALA D 17 -41.45 28.88 16.50
C ALA D 17 -40.35 27.83 16.73
N LEU D 18 -40.06 27.04 15.69
CA LEU D 18 -39.23 25.85 15.84
C LEU D 18 -37.83 26.21 16.32
N TYR D 19 -37.22 27.21 15.72
CA TYR D 19 -35.92 27.65 16.19
C TYR D 19 -35.90 28.52 17.47
N HIS D 20 -36.84 29.45 17.64
CA HIS D 20 -36.71 30.47 18.70
C HIS D 20 -37.70 30.48 19.88
N ASP D 21 -38.77 29.68 19.83
CA ASP D 21 -39.86 29.79 20.81
C ASP D 21 -39.26 29.56 22.21
N PRO D 22 -39.54 30.45 23.17
CA PRO D 22 -38.81 30.29 24.44
C PRO D 22 -39.11 28.96 25.09
N ASP D 23 -40.38 28.57 25.07
CA ASP D 23 -40.83 27.33 25.69
C ASP D 23 -40.17 26.18 24.92
N PRO D 24 -39.53 25.24 25.64
CA PRO D 24 -38.95 24.07 24.97
C PRO D 24 -40.02 23.14 24.39
N SER D 25 -41.07 22.87 25.17
CA SER D 25 -42.14 21.99 24.75
C SER D 25 -42.85 22.62 23.57
N GLY D 26 -43.03 23.95 23.65
CA GLY D 26 -43.74 24.71 22.64
C GLY D 26 -42.93 24.55 21.36
N LYS D 27 -41.62 24.60 21.51
CA LYS D 27 -40.70 24.44 20.40
C LYS D 27 -40.90 23.06 19.81
N GLU D 28 -41.07 22.08 20.71
CA GLU D 28 -41.09 20.67 20.36
C GLU D 28 -42.27 20.41 19.43
N ARG D 29 -43.41 21.00 19.77
CA ARG D 29 -44.67 20.71 19.07
C ARG D 29 -44.50 21.12 17.63
N ALA D 30 -43.94 22.31 17.44
CA ALA D 30 -43.64 22.84 16.12
C ALA D 30 -42.88 21.84 15.27
N SER D 31 -41.95 21.12 15.90
CA SER D 31 -41.19 20.08 15.22
C SER D 31 -42.11 18.95 14.77
N PHE D 32 -43.06 18.59 15.63
CA PHE D 32 -44.03 17.54 15.32
C PHE D 32 -44.93 17.99 14.17
N TRP D 33 -45.48 19.20 14.29
CA TRP D 33 -46.36 19.76 13.26
C TRP D 33 -45.67 19.82 11.90
N LEU D 34 -44.48 20.40 11.88
CA LEU D 34 -43.70 20.51 10.66
C LEU D 34 -43.37 19.13 10.11
N GLY D 35 -43.07 18.20 11.00
CA GLY D 35 -42.84 16.82 10.61
C GLY D 35 -44.03 16.23 9.89
N GLU D 36 -45.21 16.42 10.44
CA GLU D 36 -46.44 15.93 9.81
C GLU D 36 -46.70 16.63 8.48
N LEU D 37 -46.30 17.90 8.39
CA LEU D 37 -46.45 18.65 7.15
C LEU D 37 -45.65 18.03 6.01
N GLN D 38 -44.41 17.65 6.31
CA GLN D 38 -43.52 17.04 5.33
C GLN D 38 -44.11 15.76 4.74
N ARG D 39 -44.79 14.98 5.58
CA ARG D 39 -45.39 13.72 5.14
C ARG D 39 -46.66 13.91 4.33
N SER D 40 -47.13 15.15 4.24
CA SER D 40 -48.37 15.45 3.54
C SER D 40 -48.14 15.72 2.05
N VAL D 41 -49.23 15.70 1.28
CA VAL D 41 -49.16 15.96 -0.16
C VAL D 41 -48.93 17.45 -0.43
N HIS D 42 -49.22 18.28 0.57
CA HIS D 42 -49.08 19.72 0.42
C HIS D 42 -47.63 20.15 0.56
N ALA D 43 -46.78 19.20 0.95
CA ALA D 43 -45.35 19.46 1.13
C ALA D 43 -44.71 20.00 -0.14
N TRP D 44 -45.03 19.40 -1.28
CA TRP D 44 -44.50 19.83 -2.58
C TRP D 44 -44.75 21.30 -2.83
N GLU D 45 -46.00 21.73 -2.61
CA GLU D 45 -46.39 23.11 -2.85
C GLU D 45 -45.76 24.06 -1.83
N ILE D 46 -45.91 23.74 -0.55
CA ILE D 46 -45.34 24.56 0.52
C ILE D 46 -43.83 24.72 0.38
N SER D 47 -43.15 23.66 -0.06
CA SER D 47 -41.71 23.73 -0.27
C SER D 47 -41.37 24.73 -1.36
N ASP D 48 -41.94 24.51 -2.54
CA ASP D 48 -41.67 25.33 -3.71
C ASP D 48 -41.95 26.82 -3.47
N GLN D 49 -42.94 27.10 -2.62
CA GLN D 49 -43.32 28.47 -2.31
C GLN D 49 -42.33 29.10 -1.34
N LEU D 50 -41.94 28.37 -0.31
CA LEU D 50 -40.96 28.85 0.66
C LEU D 50 -39.60 29.10 0.02
N LEU D 51 -39.30 28.34 -1.03
CA LEU D 51 -38.03 28.49 -1.74
C LEU D 51 -37.98 29.75 -2.58
N GLN D 52 -39.08 30.07 -3.25
CA GLN D 52 -39.14 31.28 -4.08
C GLN D 52 -39.39 32.51 -3.24
N ILE D 53 -40.16 32.38 -2.16
CA ILE D 53 -40.36 33.48 -1.23
C ILE D 53 -39.05 33.79 -0.50
N ARG D 54 -38.46 32.74 0.07
CA ARG D 54 -37.18 32.80 0.80
C ARG D 54 -37.00 34.07 1.65
N GLN D 55 -37.69 34.11 2.78
CA GLN D 55 -37.58 35.24 3.70
C GLN D 55 -36.46 35.00 4.70
N ASP D 56 -36.29 33.74 5.11
CA ASP D 56 -35.26 33.38 6.08
C ASP D 56 -34.33 32.32 5.52
N VAL D 57 -33.28 32.02 6.27
CA VAL D 57 -32.37 30.94 5.91
C VAL D 57 -32.97 29.68 6.49
N GLU D 58 -33.66 29.89 7.61
CA GLU D 58 -34.34 28.83 8.35
C GLU D 58 -35.46 28.18 7.52
N SER D 59 -36.29 29.03 6.91
CA SER D 59 -37.41 28.57 6.10
C SER D 59 -36.95 27.78 4.87
N CYS D 60 -35.81 28.18 4.32
CA CYS D 60 -35.27 27.56 3.12
C CYS D 60 -34.70 26.16 3.40
N TYR D 61 -34.06 26.01 4.55
CA TYR D 61 -33.51 24.71 4.94
C TYR D 61 -34.61 23.67 5.06
N PHE D 62 -35.69 24.03 5.76
CA PHE D 62 -36.84 23.17 5.89
C PHE D 62 -37.42 22.79 4.53
N ALA D 63 -37.53 23.78 3.65
CA ALA D 63 -38.12 23.56 2.33
C ALA D 63 -37.25 22.64 1.49
N ALA D 64 -35.94 22.94 1.43
CA ALA D 64 -35.02 22.14 0.65
C ALA D 64 -34.99 20.72 1.16
N GLN D 65 -34.91 20.57 2.48
CA GLN D 65 -34.97 19.25 3.10
C GLN D 65 -36.26 18.54 2.75
N THR D 66 -37.38 19.28 2.82
CA THR D 66 -38.68 18.71 2.49
C THR D 66 -38.74 18.33 1.01
N MET D 67 -38.17 19.18 0.16
CA MET D 67 -38.08 18.90 -1.26
C MET D 67 -37.32 17.59 -1.50
N LYS D 68 -36.10 17.52 -0.96
CA LYS D 68 -35.28 16.32 -1.02
C LYS D 68 -36.03 15.09 -0.55
N MET D 69 -36.61 15.18 0.65
CA MET D 69 -37.32 14.06 1.26
C MET D 69 -38.51 13.59 0.43
N LYS D 70 -39.29 14.53 -0.09
CA LYS D 70 -40.45 14.18 -0.89
C LYS D 70 -40.06 13.47 -2.18
N ILE D 71 -38.92 13.86 -2.76
CA ILE D 71 -38.47 13.28 -4.02
C ILE D 71 -37.86 11.90 -3.83
N GLN D 72 -37.29 11.63 -2.66
CA GLN D 72 -36.68 10.32 -2.43
C GLN D 72 -37.67 9.30 -1.84
N THR D 73 -38.55 9.75 -0.95
CA THR D 73 -39.50 8.85 -0.31
C THR D 73 -40.75 8.60 -1.16
N SER D 74 -41.43 9.68 -1.55
CA SER D 74 -42.69 9.56 -2.28
C SER D 74 -42.63 10.18 -3.67
N PHE D 75 -41.89 9.54 -4.57
CA PHE D 75 -41.78 10.02 -5.94
C PHE D 75 -42.95 9.51 -6.79
N TYR D 76 -43.51 8.38 -6.38
CA TYR D 76 -44.62 7.75 -7.08
C TYR D 76 -45.84 8.67 -7.26
N GLU D 77 -46.00 9.61 -6.33
CA GLU D 77 -47.13 10.54 -6.36
C GLU D 77 -47.13 11.42 -7.62
N LEU D 78 -45.94 11.72 -8.13
CA LEU D 78 -45.80 12.59 -9.30
C LEU D 78 -46.13 11.87 -10.61
N PRO D 79 -46.91 12.53 -11.47
CA PRO D 79 -47.19 12.03 -12.82
C PRO D 79 -46.03 12.28 -13.77
N THR D 80 -46.07 11.69 -14.96
CA THR D 80 -44.97 11.76 -15.91
C THR D 80 -44.71 13.18 -16.41
N ASP D 81 -45.77 13.93 -16.65
CA ASP D 81 -45.66 15.27 -17.22
C ASP D 81 -45.20 16.32 -16.21
N SER D 82 -45.26 15.97 -14.92
CA SER D 82 -44.88 16.90 -13.86
C SER D 82 -43.37 16.94 -13.62
N HIS D 83 -42.67 15.96 -14.19
CA HIS D 83 -41.23 15.80 -13.97
C HIS D 83 -40.43 17.02 -14.44
N ALA D 84 -40.62 17.38 -15.70
CA ALA D 84 -39.93 18.53 -16.30
C ALA D 84 -40.23 19.81 -15.52
N SER D 85 -41.49 19.98 -15.12
CA SER D 85 -41.93 21.16 -14.38
C SER D 85 -41.17 21.32 -13.06
N LEU D 86 -40.87 20.20 -12.40
CA LEU D 86 -40.14 20.22 -11.14
C LEU D 86 -38.65 20.42 -11.38
N ARG D 87 -38.14 19.75 -12.40
CA ARG D 87 -36.74 19.84 -12.80
C ARG D 87 -36.29 21.27 -13.02
N ASP D 88 -37.13 22.06 -13.68
CA ASP D 88 -36.82 23.46 -13.93
C ASP D 88 -36.98 24.28 -12.66
N SER D 89 -37.99 23.92 -11.86
CA SER D 89 -38.25 24.61 -10.60
C SER D 89 -37.09 24.46 -9.63
N LEU D 90 -36.54 23.24 -9.52
CA LEU D 90 -35.43 22.97 -8.63
C LEU D 90 -34.18 23.72 -9.08
N LEU D 91 -33.84 23.60 -10.37
CA LEU D 91 -32.69 24.29 -10.94
C LEU D 91 -32.77 25.79 -10.69
N THR D 92 -33.96 26.36 -10.85
CA THR D 92 -34.16 27.77 -10.55
C THR D 92 -33.88 28.04 -9.08
N HIS D 93 -34.37 27.17 -8.22
CA HIS D 93 -34.25 27.35 -6.78
C HIS D 93 -32.80 27.28 -6.30
N ILE D 94 -32.03 26.38 -6.89
CA ILE D 94 -30.62 26.24 -6.48
C ILE D 94 -29.80 27.41 -7.01
N GLN D 95 -30.21 27.97 -8.14
CA GLN D 95 -29.59 29.17 -8.68
C GLN D 95 -29.75 30.35 -7.72
N ASN D 96 -31.00 30.64 -7.38
CA ASN D 96 -31.34 31.79 -6.55
C ASN D 96 -30.85 31.69 -5.10
N LEU D 97 -30.37 30.52 -4.70
CA LEU D 97 -30.05 30.29 -3.29
C LEU D 97 -28.58 29.95 -3.02
N LYS D 98 -27.75 29.96 -4.07
CA LYS D 98 -26.32 29.67 -3.92
C LYS D 98 -25.66 30.66 -2.95
N ASP D 99 -26.08 31.91 -3.00
CA ASP D 99 -25.53 32.95 -2.13
C ASP D 99 -25.74 32.60 -0.66
N LEU D 100 -26.89 32.00 -0.34
CA LEU D 100 -27.20 31.61 1.03
C LEU D 100 -26.31 30.48 1.54
N SER D 101 -26.66 29.94 2.70
CA SER D 101 -25.89 28.88 3.36
C SER D 101 -25.69 27.66 2.48
N PRO D 102 -24.49 27.05 2.55
CA PRO D 102 -24.20 25.85 1.76
C PRO D 102 -25.04 24.65 2.21
N VAL D 103 -25.50 24.68 3.45
CA VAL D 103 -26.31 23.59 3.99
C VAL D 103 -27.65 23.51 3.23
N ILE D 104 -28.12 24.66 2.73
CA ILE D 104 -29.30 24.68 1.87
C ILE D 104 -28.97 24.08 0.52
N VAL D 105 -27.86 24.53 -0.07
CA VAL D 105 -27.47 24.13 -1.41
C VAL D 105 -27.20 22.64 -1.49
N THR D 106 -26.52 22.11 -0.48
CA THR D 106 -26.22 20.68 -0.40
C THR D 106 -27.52 19.87 -0.44
N GLN D 107 -28.51 20.32 0.32
CA GLN D 107 -29.83 19.71 0.32
C GLN D 107 -30.44 19.75 -1.07
N LEU D 108 -30.55 20.94 -1.64
CA LEU D 108 -31.08 21.14 -2.99
C LEU D 108 -30.30 20.37 -4.05
N ALA D 109 -29.00 20.21 -3.84
CA ALA D 109 -28.17 19.45 -4.75
C ALA D 109 -28.57 17.97 -4.73
N LEU D 110 -28.90 17.48 -3.54
CA LEU D 110 -29.35 16.10 -3.38
C LEU D 110 -30.74 15.91 -3.98
N ALA D 111 -31.53 16.98 -4.00
CA ALA D 111 -32.85 16.97 -4.61
C ALA D 111 -32.74 16.73 -6.11
N ILE D 112 -32.07 17.64 -6.79
CA ILE D 112 -31.80 17.53 -8.23
C ILE D 112 -31.19 16.18 -8.58
N ALA D 113 -30.24 15.74 -7.76
CA ALA D 113 -29.57 14.47 -7.97
C ALA D 113 -30.55 13.31 -7.85
N ASP D 114 -31.39 13.36 -6.82
CA ASP D 114 -32.37 12.29 -6.58
C ASP D 114 -33.46 12.34 -7.63
N LEU D 115 -33.76 13.53 -8.12
CA LEU D 115 -34.75 13.70 -9.17
C LEU D 115 -34.26 13.13 -10.49
N ALA D 116 -33.01 13.44 -10.83
CA ALA D 116 -32.41 13.02 -12.09
C ALA D 116 -32.29 11.51 -12.21
N LEU D 117 -32.08 10.84 -11.08
CA LEU D 117 -31.90 9.39 -11.06
C LEU D 117 -33.21 8.65 -11.34
N GLN D 118 -34.32 9.21 -10.87
CA GLN D 118 -35.62 8.56 -11.02
C GLN D 118 -36.35 9.05 -12.28
N MET D 119 -35.75 10.00 -12.98
CA MET D 119 -36.34 10.53 -14.22
C MET D 119 -35.63 9.97 -15.44
N PRO D 120 -36.28 9.03 -16.14
CA PRO D 120 -35.72 8.44 -17.36
C PRO D 120 -35.82 9.41 -18.53
N SER D 121 -36.77 10.33 -18.46
CA SER D 121 -36.99 11.33 -19.50
C SER D 121 -35.77 12.21 -19.69
N TRP D 122 -35.18 12.66 -18.59
CA TRP D 122 -34.00 13.51 -18.62
C TRP D 122 -32.80 12.75 -19.19
N LYS D 123 -32.63 12.82 -20.50
CA LYS D 123 -31.52 12.15 -21.17
C LYS D 123 -30.23 12.93 -20.98
N GLY D 124 -29.20 12.25 -20.50
CA GLY D 124 -27.91 12.87 -20.29
C GLY D 124 -27.98 14.07 -19.35
N CYS D 125 -28.35 13.80 -18.10
CA CYS D 125 -28.50 14.86 -17.11
C CYS D 125 -27.14 15.46 -16.77
N VAL D 126 -26.09 14.65 -16.88
CA VAL D 126 -24.74 15.09 -16.56
C VAL D 126 -24.26 16.18 -17.51
N GLN D 127 -24.48 15.98 -18.81
CA GLN D 127 -24.04 16.94 -19.81
C GLN D 127 -24.89 18.21 -19.80
N THR D 128 -26.19 18.05 -19.66
CA THR D 128 -27.13 19.17 -19.64
C THR D 128 -26.78 20.14 -18.51
N LEU D 129 -26.28 19.59 -17.41
CA LEU D 129 -25.92 20.38 -16.25
C LEU D 129 -24.62 21.16 -16.42
N VAL D 130 -23.57 20.51 -16.93
CA VAL D 130 -22.29 21.18 -17.11
C VAL D 130 -22.36 22.25 -18.19
N GLU D 131 -22.83 21.90 -19.39
CA GLU D 131 -22.84 22.86 -20.49
C GLU D 131 -23.91 23.95 -20.32
N LYS D 132 -24.40 24.10 -19.09
CA LYS D 132 -25.33 25.16 -18.76
C LYS D 132 -24.82 25.99 -17.57
N TYR D 133 -23.98 25.37 -16.74
CA TYR D 133 -23.51 26.04 -15.52
C TYR D 133 -22.00 26.14 -15.41
N SER D 134 -21.27 25.46 -16.31
CA SER D 134 -19.81 25.42 -16.26
C SER D 134 -19.17 26.81 -16.30
N ASN D 135 -19.67 27.65 -17.20
CA ASN D 135 -19.00 28.92 -17.49
C ASN D 135 -19.49 30.08 -16.63
N ASP D 136 -20.47 29.84 -15.77
CA ASP D 136 -21.01 30.89 -14.92
C ASP D 136 -20.11 31.15 -13.71
N VAL D 137 -19.12 30.28 -13.52
CA VAL D 137 -18.10 30.44 -12.47
C VAL D 137 -18.68 30.45 -11.04
N THR D 138 -19.64 31.33 -10.79
CA THR D 138 -20.32 31.40 -9.50
C THR D 138 -21.32 30.25 -9.34
N SER D 139 -21.63 29.60 -10.45
CA SER D 139 -22.54 28.47 -10.44
C SER D 139 -21.78 27.15 -10.35
N LEU D 140 -20.46 27.24 -10.30
CA LEU D 140 -19.60 26.06 -10.15
C LEU D 140 -19.64 25.42 -8.75
N PRO D 141 -19.71 26.22 -7.67
CA PRO D 141 -19.84 25.59 -6.36
C PRO D 141 -20.99 24.59 -6.24
N PHE D 142 -22.18 24.92 -6.74
CA PHE D 142 -23.27 23.96 -6.67
C PHE D 142 -23.23 22.93 -7.80
N LEU D 143 -22.60 23.28 -8.92
CA LEU D 143 -22.51 22.34 -10.04
C LEU D 143 -21.62 21.17 -9.66
N LEU D 144 -20.62 21.43 -8.83
CA LEU D 144 -19.76 20.37 -8.34
C LEU D 144 -20.45 19.61 -7.21
N GLU D 145 -21.24 20.34 -6.41
CA GLU D 145 -22.05 19.73 -5.36
C GLU D 145 -23.00 18.68 -5.94
N ILE D 146 -23.75 19.07 -6.96
CA ILE D 146 -24.65 18.17 -7.67
C ILE D 146 -23.91 16.97 -8.24
N LEU D 147 -22.82 17.25 -8.95
CA LEU D 147 -22.01 16.21 -9.58
C LEU D 147 -21.37 15.28 -8.54
N THR D 148 -21.10 15.80 -7.35
CA THR D 148 -20.48 15.01 -6.29
C THR D 148 -21.43 13.97 -5.70
N VAL D 149 -22.63 14.42 -5.32
CA VAL D 149 -23.58 13.56 -4.62
C VAL D 149 -24.31 12.58 -5.55
N LEU D 150 -24.29 12.85 -6.86
CA LEU D 150 -24.97 11.97 -7.81
C LEU D 150 -24.43 10.52 -7.81
N PRO D 151 -23.09 10.34 -7.76
CA PRO D 151 -22.61 8.96 -7.61
C PRO D 151 -22.90 8.37 -6.23
N GLU D 152 -23.12 9.23 -5.25
CA GLU D 152 -23.42 8.79 -3.90
C GLU D 152 -24.86 8.29 -3.81
N GLU D 153 -25.75 8.98 -4.52
CA GLU D 153 -27.18 8.67 -4.48
C GLU D 153 -27.57 7.48 -5.33
N VAL D 154 -26.65 6.99 -6.16
CA VAL D 154 -26.94 5.81 -6.99
C VAL D 154 -26.96 4.57 -6.11
N HIS D 155 -26.35 4.66 -4.94
CA HIS D 155 -26.37 3.58 -3.96
C HIS D 155 -27.09 4.03 -2.70
N SER D 156 -28.23 4.69 -2.86
CA SER D 156 -29.01 5.14 -1.73
C SER D 156 -30.11 4.15 -1.40
N ARG D 157 -30.20 3.76 -0.13
CA ARG D 157 -31.25 2.86 0.33
C ARG D 157 -32.59 3.58 0.31
N SER D 158 -32.56 4.86 0.68
CA SER D 158 -33.77 5.68 0.73
C SER D 158 -34.29 6.04 -0.65
N LEU D 159 -33.57 5.61 -1.68
CA LEU D 159 -33.98 5.87 -3.06
C LEU D 159 -34.09 4.55 -3.82
N ARG D 160 -35.32 4.06 -3.96
CA ARG D 160 -35.55 2.80 -4.67
C ARG D 160 -35.96 3.03 -6.12
N ILE D 161 -35.12 2.59 -7.04
CA ILE D 161 -35.37 2.77 -8.47
C ILE D 161 -34.89 1.54 -9.24
N GLY D 162 -35.57 0.42 -9.02
CA GLY D 162 -35.28 -0.83 -9.71
C GLY D 162 -33.89 -1.41 -9.48
N ALA D 163 -33.64 -2.55 -10.10
CA ALA D 163 -32.33 -3.19 -10.05
C ALA D 163 -31.66 -3.11 -11.42
N ASN D 164 -32.44 -3.39 -12.46
CA ASN D 164 -31.94 -3.28 -13.83
C ASN D 164 -31.70 -1.83 -14.20
N ARG D 165 -32.50 -0.93 -13.63
CA ARG D 165 -32.33 0.50 -13.86
C ARG D 165 -31.03 0.99 -13.22
N ARG D 166 -30.70 0.42 -12.05
CA ARG D 166 -29.49 0.79 -11.34
C ARG D 166 -28.23 0.56 -12.16
N THR D 167 -28.17 -0.60 -12.82
CA THR D 167 -27.03 -0.93 -13.67
C THR D 167 -27.09 -0.20 -15.01
N GLU D 168 -28.28 0.31 -15.35
CA GLU D 168 -28.44 1.16 -16.53
C GLU D 168 -27.97 2.58 -16.24
N ILE D 169 -28.01 2.96 -14.97
CA ILE D 169 -27.59 4.28 -14.54
C ILE D 169 -26.06 4.37 -14.52
N ILE D 170 -25.42 3.25 -14.23
CA ILE D 170 -23.98 3.25 -14.02
C ILE D 170 -23.18 3.32 -15.32
N GLU D 171 -23.53 2.50 -16.31
CA GLU D 171 -22.78 2.50 -17.57
C GLU D 171 -23.04 3.80 -18.34
N ASP D 172 -24.19 4.41 -18.09
CA ASP D 172 -24.49 5.72 -18.67
C ASP D 172 -23.49 6.76 -18.16
N LEU D 173 -23.36 6.83 -16.84
CA LEU D 173 -22.37 7.69 -16.19
C LEU D 173 -20.94 7.36 -16.61
N ALA D 174 -20.75 6.21 -17.25
CA ALA D 174 -19.44 5.80 -17.73
C ALA D 174 -19.17 6.46 -19.08
N PHE D 175 -20.19 6.50 -19.92
CA PHE D 175 -20.10 7.18 -21.20
C PHE D 175 -19.83 8.67 -20.98
N TYR D 176 -20.35 9.19 -19.86
CA TYR D 176 -20.17 10.59 -19.50
C TYR D 176 -19.11 10.78 -18.42
N SER D 177 -18.25 9.80 -18.23
CA SER D 177 -17.16 9.91 -17.26
C SER D 177 -16.15 10.97 -17.68
N SER D 178 -15.74 10.92 -18.95
CA SER D 178 -14.74 11.83 -19.49
C SER D 178 -15.17 13.31 -19.40
N THR D 179 -16.42 13.59 -19.75
CA THR D 179 -16.90 14.97 -19.78
C THR D 179 -16.89 15.65 -18.41
N VAL D 180 -17.22 14.92 -17.35
CA VAL D 180 -17.18 15.51 -16.01
C VAL D 180 -15.72 15.62 -15.53
N VAL D 181 -14.90 14.62 -15.84
CA VAL D 181 -13.48 14.67 -15.48
C VAL D 181 -12.76 15.82 -16.20
N SER D 182 -13.07 16.01 -17.48
CA SER D 182 -12.50 17.13 -18.23
C SER D 182 -12.93 18.46 -17.61
N LEU D 183 -14.22 18.57 -17.27
CA LEU D 183 -14.72 19.74 -16.53
C LEU D 183 -13.96 19.92 -15.22
N LEU D 184 -13.53 18.81 -14.65
CA LEU D 184 -12.87 18.81 -13.36
C LEU D 184 -11.40 19.17 -13.54
N MET D 185 -10.81 18.67 -14.63
CA MET D 185 -9.48 19.09 -15.05
C MET D 185 -9.43 20.59 -15.27
N THR D 186 -10.23 21.07 -16.21
CA THR D 186 -10.43 22.50 -16.46
C THR D 186 -10.67 23.30 -15.17
N CYS D 187 -11.38 22.70 -14.23
CA CYS D 187 -11.85 23.38 -13.03
C CYS D 187 -10.73 23.92 -12.15
N VAL D 188 -9.62 23.20 -12.10
CA VAL D 188 -8.48 23.61 -11.28
C VAL D 188 -7.87 24.91 -11.81
N GLU D 189 -7.79 25.04 -13.14
CA GLU D 189 -7.29 26.26 -13.77
C GLU D 189 -8.07 27.49 -13.31
N GLU D 195 -7.81 27.52 -2.98
CA GLU D 195 -7.87 26.34 -2.12
C GLU D 195 -9.30 25.84 -1.97
N LYS D 196 -10.19 26.75 -1.56
CA LYS D 196 -11.59 26.45 -1.33
C LYS D 196 -12.24 25.69 -2.48
N MET D 197 -11.67 25.82 -3.68
CA MET D 197 -12.26 25.25 -4.88
C MET D 197 -11.52 23.98 -5.28
N LEU D 198 -10.38 23.73 -4.64
CA LEU D 198 -9.65 22.49 -4.88
C LEU D 198 -10.27 21.32 -4.13
N MET D 199 -10.61 21.52 -2.86
CA MET D 199 -11.16 20.43 -2.06
C MET D 199 -12.52 19.99 -2.57
N LYS D 200 -13.26 20.91 -3.18
CA LYS D 200 -14.54 20.56 -3.80
C LYS D 200 -14.32 19.70 -5.05
N VAL D 201 -13.30 20.03 -5.83
CA VAL D 201 -12.93 19.24 -7.00
C VAL D 201 -12.48 17.84 -6.58
N PHE D 202 -11.71 17.77 -5.50
CA PHE D 202 -11.23 16.49 -4.98
C PHE D 202 -12.36 15.59 -4.50
N ARG D 203 -13.31 16.17 -3.76
CA ARG D 203 -14.43 15.40 -3.23
C ARG D 203 -15.33 14.87 -4.34
N CYS D 204 -15.34 15.57 -5.48
CA CYS D 204 -16.15 15.16 -6.61
C CYS D 204 -15.49 13.99 -7.35
N LEU D 205 -14.19 14.09 -7.57
CA LEU D 205 -13.44 13.00 -8.20
C LEU D 205 -13.42 11.80 -7.28
N GLY D 206 -13.50 12.06 -5.97
CA GLY D 206 -13.56 11.01 -4.98
C GLY D 206 -14.75 10.10 -5.20
N SER D 207 -15.94 10.70 -5.28
CA SER D 207 -17.18 9.95 -5.44
C SER D 207 -17.31 9.28 -6.81
N TRP D 208 -16.70 9.89 -7.83
CA TRP D 208 -16.74 9.33 -9.18
C TRP D 208 -15.86 8.09 -9.27
N PHE D 209 -14.79 8.07 -8.48
CA PHE D 209 -13.97 6.86 -8.32
C PHE D 209 -14.75 5.77 -7.62
N ASN D 210 -15.62 6.16 -6.70
CA ASN D 210 -16.24 5.23 -5.76
C ASN D 210 -17.16 4.19 -6.38
N LEU D 211 -18.04 4.59 -7.30
CA LEU D 211 -18.94 3.62 -7.90
C LEU D 211 -18.20 2.80 -8.97
N GLY D 212 -16.93 3.15 -9.19
CA GLY D 212 -16.08 2.41 -10.10
C GLY D 212 -16.38 2.69 -11.56
N VAL D 213 -16.37 3.97 -11.92
CA VAL D 213 -16.83 4.38 -13.24
C VAL D 213 -15.75 5.14 -14.01
N LEU D 214 -14.64 5.46 -13.34
CA LEU D 214 -13.51 6.09 -14.00
C LEU D 214 -12.60 5.04 -14.62
N ASP D 215 -12.18 5.28 -15.86
CA ASP D 215 -11.27 4.37 -16.56
C ASP D 215 -9.87 4.49 -15.97
N SER D 216 -9.28 3.35 -15.60
CA SER D 216 -7.99 3.32 -14.93
C SER D 216 -6.87 3.95 -15.76
N ASN D 217 -6.79 3.53 -17.03
CA ASN D 217 -5.76 3.98 -17.95
C ASN D 217 -5.83 5.48 -18.21
N PHE D 218 -7.04 6.00 -18.40
CA PHE D 218 -7.23 7.42 -18.64
C PHE D 218 -6.73 8.28 -17.52
N MET D 219 -7.08 7.80 -16.31
CA MET D 219 -6.75 8.51 -15.08
C MET D 219 -5.29 8.43 -14.71
N ALA D 220 -4.61 7.40 -15.18
CA ALA D 220 -3.20 7.19 -14.91
C ALA D 220 -2.39 8.41 -15.33
N ASN D 221 -2.50 8.76 -16.61
CA ASN D 221 -1.84 9.95 -17.14
C ASN D 221 -2.72 11.18 -17.05
N ASN D 222 -3.07 11.58 -15.84
CA ASN D 222 -3.95 12.72 -15.64
C ASN D 222 -3.40 13.73 -14.65
N LYS D 223 -3.49 15.00 -15.02
CA LYS D 223 -3.11 16.13 -14.17
C LYS D 223 -3.72 16.06 -12.77
N LEU D 224 -5.00 15.70 -12.73
CA LEU D 224 -5.77 15.68 -11.48
C LEU D 224 -5.22 14.66 -10.49
N LEU D 225 -4.61 13.60 -11.01
CA LEU D 225 -4.05 12.54 -10.17
C LEU D 225 -2.71 12.97 -9.58
N ALA D 226 -1.94 13.73 -10.34
CA ALA D 226 -0.62 14.18 -9.90
C ALA D 226 -0.75 15.31 -8.87
N LEU D 227 -1.55 16.31 -9.20
CA LEU D 227 -1.82 17.43 -8.29
C LEU D 227 -2.32 16.95 -6.93
N LEU D 228 -3.00 15.80 -6.95
CA LEU D 228 -3.50 15.18 -5.73
C LEU D 228 -2.37 14.93 -4.72
N PHE D 229 -1.34 14.23 -5.17
CA PHE D 229 -0.18 13.95 -4.32
C PHE D 229 0.64 15.20 -4.01
N GLU D 230 0.60 16.18 -4.91
CA GLU D 230 1.32 17.44 -4.71
C GLU D 230 0.83 18.18 -3.46
N VAL D 231 -0.49 18.34 -3.35
CA VAL D 231 -1.06 19.02 -2.19
C VAL D 231 -0.83 18.20 -0.92
N LEU D 232 -0.72 16.89 -1.07
CA LEU D 232 -0.50 16.00 0.06
C LEU D 232 0.94 16.06 0.55
N GLN D 233 1.83 16.56 -0.30
CA GLN D 233 3.24 16.73 0.10
C GLN D 233 3.45 18.03 0.86
N GLN D 234 2.89 19.11 0.33
CA GLN D 234 3.06 20.44 0.93
C GLN D 234 2.61 20.49 2.38
N ASP D 235 3.52 20.95 3.24
CA ASP D 235 3.23 21.15 4.67
C ASP D 235 2.24 22.31 4.86
N LYS D 236 2.08 23.13 3.82
CA LYS D 236 1.23 24.31 3.89
C LYS D 236 -0.27 23.98 3.87
N THR D 237 -0.64 22.94 3.14
CA THR D 237 -2.05 22.64 2.89
C THR D 237 -2.88 22.47 4.16
N SER D 238 -4.11 23.00 4.12
CA SER D 238 -5.00 23.00 5.27
C SER D 238 -5.56 21.63 5.61
N SER D 239 -5.95 21.46 6.87
CA SER D 239 -6.54 20.21 7.34
C SER D 239 -7.73 19.78 6.49
N ASN D 240 -8.56 20.74 6.10
CA ASN D 240 -9.74 20.46 5.29
C ASN D 240 -9.39 19.99 3.89
N LEU D 241 -8.42 20.65 3.27
CA LEU D 241 -7.98 20.24 1.94
C LEU D 241 -7.20 18.93 2.00
N HIS D 242 -6.42 18.76 3.07
CA HIS D 242 -5.65 17.54 3.29
C HIS D 242 -6.58 16.34 3.41
N GLU D 243 -7.66 16.53 4.17
CA GLU D 243 -8.68 15.50 4.34
C GLU D 243 -9.32 15.12 3.02
N ALA D 244 -9.70 16.14 2.25
CA ALA D 244 -10.31 15.92 0.94
C ALA D 244 -9.40 15.12 0.01
N ALA D 245 -8.10 15.44 0.03
CA ALA D 245 -7.14 14.76 -0.82
C ALA D 245 -6.89 13.33 -0.37
N SER D 246 -6.70 13.14 0.93
CA SER D 246 -6.47 11.81 1.49
C SER D 246 -7.59 10.86 1.10
N ASP D 247 -8.83 11.32 1.26
CA ASP D 247 -10.00 10.53 0.96
C ASP D 247 -10.06 10.18 -0.53
N CYS D 248 -9.73 11.15 -1.38
CA CYS D 248 -9.74 10.96 -2.82
C CYS D 248 -8.68 9.92 -3.25
N VAL D 249 -7.51 9.98 -2.63
CA VAL D 249 -6.46 9.01 -2.91
C VAL D 249 -6.90 7.61 -2.48
N CYS D 250 -7.53 7.54 -1.32
CA CYS D 250 -8.03 6.28 -0.79
C CYS D 250 -9.14 5.74 -1.70
N SER D 251 -9.88 6.65 -2.31
CA SER D 251 -10.93 6.28 -3.27
C SER D 251 -10.32 5.70 -4.54
N ALA D 252 -9.22 6.30 -4.99
CA ALA D 252 -8.52 5.83 -6.18
C ALA D 252 -7.92 4.45 -5.92
N LEU D 253 -7.32 4.30 -4.74
CA LEU D 253 -6.74 3.02 -4.35
C LEU D 253 -7.83 1.94 -4.23
N TYR D 254 -8.97 2.33 -3.69
CA TYR D 254 -10.09 1.41 -3.48
C TYR D 254 -10.77 1.00 -4.77
N ALA D 255 -10.85 1.93 -5.72
CA ALA D 255 -11.53 1.69 -7.00
C ALA D 255 -10.87 0.56 -7.78
N ILE D 256 -9.55 0.43 -7.66
CA ILE D 256 -8.81 -0.64 -8.34
C ILE D 256 -9.27 -2.02 -7.88
N GLU D 257 -9.97 -2.72 -8.77
CA GLU D 257 -10.43 -4.07 -8.49
C GLU D 257 -9.30 -5.07 -8.72
N ASN D 258 -8.81 -5.10 -9.95
CA ASN D 258 -7.70 -5.98 -10.31
C ASN D 258 -6.44 -5.16 -10.63
N VAL D 259 -5.35 -5.48 -9.95
CA VAL D 259 -4.12 -4.70 -10.06
C VAL D 259 -3.47 -4.85 -11.43
N GLU D 260 -3.50 -6.06 -11.98
CA GLU D 260 -2.91 -6.32 -13.30
C GLU D 260 -3.67 -5.59 -14.40
N THR D 261 -4.99 -5.58 -14.29
CA THR D 261 -5.84 -4.90 -15.26
C THR D 261 -5.61 -3.39 -15.21
N ASN D 262 -5.33 -2.88 -14.01
CA ASN D 262 -5.17 -1.45 -13.80
C ASN D 262 -3.73 -1.06 -13.50
N LEU D 263 -2.79 -1.78 -14.09
CA LEU D 263 -1.36 -1.56 -13.86
C LEU D 263 -0.85 -0.13 -14.09
N PRO D 264 -1.34 0.57 -15.14
CA PRO D 264 -0.89 1.96 -15.27
C PRO D 264 -1.28 2.83 -14.07
N LEU D 265 -2.57 2.82 -13.73
CA LEU D 265 -3.07 3.60 -12.60
C LEU D 265 -2.50 3.14 -11.27
N ALA D 266 -2.33 1.83 -11.12
CA ALA D 266 -1.83 1.25 -9.87
C ALA D 266 -0.43 1.74 -9.51
N MET D 267 0.47 1.77 -10.49
CA MET D 267 1.85 2.20 -10.24
C MET D 267 1.94 3.69 -9.98
N GLN D 268 1.20 4.49 -10.75
CA GLN D 268 1.10 5.93 -10.51
C GLN D 268 0.74 6.21 -9.05
N LEU D 269 -0.24 5.49 -8.55
CA LEU D 269 -0.67 5.64 -7.16
C LEU D 269 0.35 5.05 -6.19
N PHE D 270 0.89 3.88 -6.54
CA PHE D 270 1.87 3.21 -5.68
C PHE D 270 3.12 4.08 -5.45
N GLN D 271 3.66 4.63 -6.53
CA GLN D 271 4.81 5.53 -6.42
C GLN D 271 4.42 6.84 -5.73
N GLY D 272 3.22 7.32 -6.03
CA GLY D 272 2.71 8.55 -5.45
C GLY D 272 2.70 8.58 -3.93
N VAL D 273 2.06 7.59 -3.32
CA VAL D 273 1.89 7.54 -1.88
C VAL D 273 3.23 7.40 -1.17
N LEU D 274 4.18 6.70 -1.80
CA LEU D 274 5.49 6.48 -1.19
C LEU D 274 6.27 7.77 -0.98
N THR D 275 5.96 8.80 -1.76
CA THR D 275 6.60 10.10 -1.61
C THR D 275 6.06 10.90 -0.42
N LEU D 276 5.04 10.37 0.24
CA LEU D 276 4.39 11.09 1.34
C LEU D 276 5.07 10.89 2.69
N GLU D 277 6.08 10.03 2.74
CA GLU D 277 6.74 9.73 4.01
C GLU D 277 7.35 10.98 4.65
N THR D 278 7.96 11.82 3.83
CA THR D 278 8.54 13.06 4.31
C THR D 278 7.44 13.99 4.78
N ALA D 279 6.39 14.09 3.98
CA ALA D 279 5.22 14.90 4.33
C ALA D 279 4.58 14.37 5.60
N TYR D 280 4.56 13.05 5.74
CA TYR D 280 4.08 12.41 6.96
C TYR D 280 4.87 12.91 8.16
N HIS D 281 6.19 12.86 8.03
CA HIS D 281 7.10 13.25 9.10
C HIS D 281 6.98 14.74 9.45
N MET D 282 6.78 15.57 8.44
CA MET D 282 6.52 17.00 8.68
C MET D 282 5.29 17.21 9.54
N ALA D 283 4.35 16.27 9.49
CA ALA D 283 3.12 16.36 10.26
C ALA D 283 3.29 15.81 11.67
N VAL D 284 4.07 14.74 11.80
CA VAL D 284 4.33 14.15 13.12
C VAL D 284 5.32 15.02 13.89
N ALA D 285 6.14 15.78 13.16
CA ALA D 285 7.05 16.74 13.79
C ALA D 285 6.22 17.77 14.54
N ARG D 286 5.27 18.36 13.83
CA ARG D 286 4.22 19.16 14.46
C ARG D 286 3.25 18.21 15.17
N GLU D 287 2.13 18.73 15.66
CA GLU D 287 1.16 17.85 16.30
C GLU D 287 -0.21 17.94 15.61
N ASP D 288 -0.19 17.90 14.29
CA ASP D 288 -1.41 17.82 13.49
C ASP D 288 -1.86 16.36 13.44
N LEU D 289 -2.62 15.95 14.44
CA LEU D 289 -3.08 14.56 14.55
C LEU D 289 -4.00 14.21 13.40
N ASP D 290 -4.66 15.22 12.84
CA ASP D 290 -5.53 15.01 11.70
C ASP D 290 -4.76 14.52 10.47
N LYS D 291 -3.60 15.10 10.24
CA LYS D 291 -2.79 14.72 9.09
C LYS D 291 -2.12 13.35 9.26
N VAL D 292 -1.55 13.09 10.43
CA VAL D 292 -0.91 11.80 10.68
C VAL D 292 -1.90 10.65 10.51
N LEU D 293 -3.17 10.90 10.87
CA LEU D 293 -4.22 9.91 10.68
C LEU D 293 -4.54 9.77 9.20
N ASN D 294 -4.59 10.90 8.49
CA ASN D 294 -4.81 10.91 7.05
C ASN D 294 -3.78 10.08 6.26
N TYR D 295 -2.50 10.30 6.51
CA TYR D 295 -1.45 9.52 5.84
C TYR D 295 -1.59 8.05 6.19
N CYS D 296 -1.88 7.78 7.47
CA CYS D 296 -2.04 6.41 7.93
C CYS D 296 -3.18 5.72 7.21
N ARG D 297 -4.23 6.48 6.90
CA ARG D 297 -5.32 5.97 6.08
C ARG D 297 -4.81 5.60 4.69
N ILE D 298 -4.05 6.50 4.08
CA ILE D 298 -3.49 6.27 2.76
C ILE D 298 -2.49 5.11 2.75
N PHE D 299 -1.62 5.06 3.75
CA PHE D 299 -0.66 3.97 3.84
C PHE D 299 -1.34 2.62 4.00
N THR D 300 -2.39 2.58 4.82
CA THR D 300 -3.14 1.36 5.05
C THR D 300 -3.91 0.94 3.80
N GLU D 301 -4.49 1.92 3.11
CA GLU D 301 -5.28 1.64 1.92
C GLU D 301 -4.41 1.09 0.81
N LEU D 302 -3.18 1.59 0.75
CA LEU D 302 -2.18 1.06 -0.18
C LEU D 302 -1.94 -0.42 0.10
N CYS D 303 -1.49 -0.71 1.30
CA CYS D 303 -1.26 -2.09 1.76
C CYS D 303 -2.42 -3.03 1.46
N GLU D 304 -3.64 -2.53 1.62
CA GLU D 304 -4.84 -3.33 1.38
C GLU D 304 -5.02 -3.62 -0.10
N THR D 305 -4.79 -2.61 -0.94
CA THR D 305 -4.94 -2.76 -2.39
C THR D 305 -3.93 -3.76 -2.96
N PHE D 306 -2.71 -3.70 -2.45
CA PHE D 306 -1.63 -4.53 -3.00
C PHE D 306 -1.22 -5.66 -2.06
N LEU D 307 -2.14 -6.12 -1.22
CA LEU D 307 -1.85 -7.23 -0.32
C LEU D 307 -1.52 -8.48 -1.12
N GLU D 308 -2.23 -8.66 -2.23
CA GLU D 308 -2.04 -9.84 -3.08
C GLU D 308 -0.63 -9.88 -3.66
N LYS D 309 -0.11 -8.73 -4.05
CA LYS D 309 1.22 -8.64 -4.62
C LYS D 309 2.30 -8.79 -3.54
N ILE D 310 2.07 -8.20 -2.38
CA ILE D 310 2.99 -8.29 -1.25
C ILE D 310 3.19 -9.74 -0.81
N VAL D 311 2.11 -10.53 -0.88
CA VAL D 311 2.17 -11.92 -0.47
C VAL D 311 2.72 -12.77 -1.60
N CYS D 312 2.45 -12.36 -2.83
CA CYS D 312 2.90 -13.11 -4.00
C CYS D 312 4.38 -12.84 -4.30
N THR D 313 4.72 -11.57 -4.44
CA THR D 313 6.10 -11.18 -4.76
C THR D 313 6.64 -10.15 -3.77
N PRO D 314 7.05 -10.60 -2.57
CA PRO D 314 7.62 -9.71 -1.56
C PRO D 314 8.89 -9.02 -2.05
N GLY D 315 8.91 -7.69 -2.01
CA GLY D 315 10.10 -6.94 -2.37
C GLY D 315 10.16 -6.43 -3.80
N GLN D 316 9.55 -7.16 -4.72
CA GLN D 316 9.64 -6.80 -6.13
C GLN D 316 8.41 -6.07 -6.65
N GLY D 317 8.62 -4.88 -7.18
CA GLY D 317 7.55 -4.12 -7.83
C GLY D 317 6.51 -3.59 -6.86
N LEU D 318 5.26 -3.94 -7.12
CA LEU D 318 4.14 -3.49 -6.30
C LEU D 318 4.08 -4.26 -4.99
N GLY D 319 4.82 -5.36 -4.92
CA GLY D 319 4.91 -6.17 -3.72
C GLY D 319 6.05 -5.71 -2.83
N ASP D 320 6.47 -4.47 -3.03
CA ASP D 320 7.58 -3.89 -2.28
C ASP D 320 7.24 -3.79 -0.80
N LEU D 321 8.10 -4.35 0.04
CA LEU D 321 7.89 -4.38 1.48
C LEU D 321 8.17 -3.02 2.12
N ARG D 322 8.30 -1.99 1.28
CA ARG D 322 8.38 -0.62 1.75
C ARG D 322 7.03 -0.21 2.30
N THR D 323 5.98 -0.84 1.76
CA THR D 323 4.61 -0.63 2.20
C THR D 323 4.46 -0.93 3.69
N LEU D 324 4.74 -2.16 4.08
CA LEU D 324 4.65 -2.58 5.47
C LEU D 324 5.54 -1.73 6.37
N GLU D 325 6.63 -1.21 5.80
CA GLU D 325 7.58 -0.40 6.53
C GLU D 325 6.94 0.92 6.96
N LEU D 326 6.00 1.41 6.14
CA LEU D 326 5.32 2.68 6.43
C LEU D 326 4.30 2.52 7.56
N LEU D 327 3.57 1.41 7.57
CA LEU D 327 2.62 1.15 8.65
C LEU D 327 3.36 1.01 9.98
N LEU D 328 4.50 0.34 9.93
CA LEU D 328 5.32 0.16 11.12
C LEU D 328 5.88 1.50 11.60
N ILE D 329 6.06 2.43 10.67
CA ILE D 329 6.41 3.80 11.04
C ILE D 329 5.25 4.39 11.85
N CYS D 330 4.04 4.21 11.33
CA CYS D 330 2.83 4.69 11.98
C CYS D 330 2.60 4.00 13.33
N ALA D 331 2.96 2.71 13.40
CA ALA D 331 2.78 1.95 14.63
C ALA D 331 3.64 2.51 15.75
N GLY D 332 4.68 3.26 15.37
CA GLY D 332 5.56 3.91 16.33
C GLY D 332 4.88 5.05 17.06
N HIS D 333 4.22 5.92 16.30
CA HIS D 333 3.46 7.06 16.83
C HIS D 333 2.75 6.74 18.14
N PRO D 334 3.02 7.55 19.19
CA PRO D 334 2.59 7.27 20.56
C PRO D 334 1.07 7.28 20.76
N GLN D 335 0.33 7.86 19.82
CA GLN D 335 -1.11 7.94 19.94
C GLN D 335 -1.74 6.70 19.32
N TYR D 336 -2.44 5.91 20.14
CA TYR D 336 -2.95 4.62 19.71
C TYR D 336 -3.98 4.71 18.58
N GLU D 337 -4.62 5.87 18.47
CA GLU D 337 -5.61 6.09 17.42
C GLU D 337 -4.99 5.95 16.03
N VAL D 338 -3.66 6.07 15.96
CA VAL D 338 -2.95 5.99 14.69
C VAL D 338 -2.75 4.54 14.25
N VAL D 339 -2.27 3.71 15.16
CA VAL D 339 -1.92 2.34 14.83
C VAL D 339 -3.16 1.47 14.64
N GLU D 340 -4.24 1.80 15.35
CA GLU D 340 -5.46 0.99 15.30
C GLU D 340 -6.13 0.97 13.92
N ILE D 341 -5.84 1.98 13.09
CA ILE D 341 -6.39 2.04 11.74
C ILE D 341 -5.93 0.86 10.88
N SER D 342 -4.66 0.50 10.99
CA SER D 342 -4.08 -0.56 10.17
C SER D 342 -4.40 -1.95 10.70
N PHE D 343 -5.13 -2.01 11.82
CA PHE D 343 -5.43 -3.28 12.45
C PHE D 343 -6.20 -4.22 11.52
N ASN D 344 -7.07 -3.66 10.70
CA ASN D 344 -7.86 -4.46 9.76
C ASN D 344 -6.96 -5.12 8.72
N PHE D 345 -6.06 -4.33 8.14
CA PHE D 345 -5.09 -4.89 7.20
C PHE D 345 -4.23 -5.97 7.84
N TRP D 346 -3.66 -5.66 9.00
CA TRP D 346 -2.80 -6.61 9.70
C TRP D 346 -3.48 -7.95 9.91
N TYR D 347 -4.75 -7.92 10.30
CA TYR D 347 -5.52 -9.15 10.37
C TYR D 347 -5.57 -9.82 9.00
N ARG D 348 -6.04 -9.07 8.00
CA ARG D 348 -6.26 -9.60 6.65
C ARG D 348 -4.98 -10.15 6.02
N LEU D 349 -3.84 -9.55 6.37
CA LEU D 349 -2.56 -10.08 5.93
C LEU D 349 -2.35 -11.47 6.52
N GLY D 350 -2.41 -11.54 7.86
CA GLY D 350 -2.25 -12.79 8.57
C GLY D 350 -3.27 -13.84 8.16
N GLU D 351 -4.42 -13.40 7.67
CA GLU D 351 -5.45 -14.33 7.21
C GLU D 351 -5.00 -14.98 5.91
N HIS D 352 -4.53 -14.16 4.98
CA HIS D 352 -4.01 -14.64 3.71
C HIS D 352 -2.83 -15.56 3.97
N LEU D 353 -1.94 -15.13 4.87
CA LEU D 353 -0.78 -15.93 5.23
C LEU D 353 -1.20 -17.26 5.86
N TYR D 354 -2.32 -17.25 6.57
CA TYR D 354 -2.80 -18.46 7.22
C TYR D 354 -3.31 -19.48 6.20
N LYS D 355 -3.92 -18.99 5.13
CA LYS D 355 -4.44 -19.86 4.07
C LYS D 355 -3.33 -20.64 3.39
N THR D 356 -2.35 -19.93 2.85
CA THR D 356 -1.20 -20.58 2.23
C THR D 356 -0.33 -21.22 3.31
N ASN D 357 -0.20 -22.54 3.24
CA ASN D 357 0.53 -23.28 4.26
C ASN D 357 2.01 -23.38 3.91
N ASP D 358 2.61 -22.24 3.54
CA ASP D 358 4.01 -22.19 3.17
C ASP D 358 4.81 -21.39 4.18
N GLU D 359 5.59 -22.10 5.00
CA GLU D 359 6.36 -21.47 6.07
C GLU D 359 7.53 -20.64 5.55
N VAL D 360 7.72 -20.64 4.23
CA VAL D 360 8.70 -19.76 3.61
C VAL D 360 8.11 -18.36 3.53
N ILE D 361 6.82 -18.27 3.23
CA ILE D 361 6.13 -16.99 3.17
C ILE D 361 5.90 -16.47 4.59
N HIS D 362 5.68 -17.40 5.53
CA HIS D 362 5.55 -17.06 6.93
C HIS D 362 6.84 -16.42 7.42
N GLY D 363 7.96 -17.04 7.10
CA GLY D 363 9.26 -16.56 7.52
C GLY D 363 9.61 -15.18 7.01
N ILE D 364 9.12 -14.85 5.81
CA ILE D 364 9.34 -13.54 5.22
C ILE D 364 8.74 -12.43 6.08
N PHE D 365 7.54 -12.66 6.59
CA PHE D 365 6.79 -11.62 7.28
C PHE D 365 6.89 -11.68 8.80
N LYS D 366 7.38 -12.79 9.34
CA LYS D 366 7.54 -12.96 10.79
C LYS D 366 8.16 -11.75 11.48
N ALA D 367 9.19 -11.17 10.86
CA ALA D 367 9.89 -10.02 11.44
C ALA D 367 8.98 -8.82 11.61
N TYR D 368 8.27 -8.45 10.55
CA TYR D 368 7.32 -7.35 10.58
C TYR D 368 6.26 -7.58 11.66
N ILE D 369 5.75 -8.80 11.73
CA ILE D 369 4.72 -9.17 12.70
C ILE D 369 5.26 -9.08 14.13
N GLN D 370 6.54 -9.42 14.32
CA GLN D 370 7.16 -9.33 15.63
C GLN D 370 7.51 -7.89 15.95
N ARG D 371 7.74 -7.08 14.92
CA ARG D 371 8.01 -5.67 15.11
C ARG D 371 6.75 -4.93 15.55
N LEU D 372 5.65 -5.24 14.87
CA LEU D 372 4.34 -4.70 15.20
C LEU D 372 3.87 -5.09 16.60
N LEU D 373 4.09 -6.35 16.95
CA LEU D 373 3.62 -6.87 18.23
C LEU D 373 4.28 -6.15 19.39
N HIS D 374 5.56 -5.86 19.26
CA HIS D 374 6.27 -5.11 20.30
C HIS D 374 5.78 -3.67 20.38
N ALA D 375 5.39 -3.12 19.23
CA ALA D 375 4.80 -1.78 19.19
C ALA D 375 3.46 -1.76 19.92
N LEU D 376 2.71 -2.85 19.80
CA LEU D 376 1.41 -2.95 20.46
C LEU D 376 1.57 -3.08 21.96
N ALA D 377 2.56 -3.86 22.38
CA ALA D 377 2.82 -4.06 23.81
C ALA D 377 3.11 -2.73 24.51
N ARG D 378 3.79 -1.83 23.80
CA ARG D 378 4.02 -0.48 24.29
C ARG D 378 2.70 0.25 24.41
N HIS D 379 1.92 0.21 23.33
CA HIS D 379 0.62 0.88 23.26
C HIS D 379 -0.33 0.44 24.38
N CYS D 380 -0.19 -0.81 24.81
CA CYS D 380 -1.05 -1.38 25.83
C CYS D 380 -0.72 -0.91 27.24
N GLN D 381 0.42 -0.21 27.38
CA GLN D 381 0.85 0.27 28.68
C GLN D 381 -0.09 1.36 29.22
N LEU D 382 -0.44 1.25 30.50
CA LEU D 382 -1.29 2.25 31.14
C LEU D 382 -0.49 3.43 31.66
N GLU D 383 -1.15 4.58 31.79
CA GLU D 383 -0.54 5.75 32.41
C GLU D 383 -0.16 5.43 33.85
N PRO D 384 0.97 5.97 34.32
CA PRO D 384 1.48 5.66 35.66
C PRO D 384 0.53 6.11 36.78
N ASP D 385 -0.26 7.16 36.53
CA ASP D 385 -1.17 7.69 37.53
C ASP D 385 -2.50 6.95 37.59
N HIS D 386 -2.68 5.97 36.69
CA HIS D 386 -3.88 5.12 36.70
C HIS D 386 -3.98 4.41 38.04
N GLU D 387 -5.14 4.53 38.70
CA GLU D 387 -5.26 4.08 40.08
C GLU D 387 -5.85 2.67 40.23
N GLY D 388 -6.88 2.35 39.44
CA GLY D 388 -7.61 1.11 39.63
C GLY D 388 -7.29 0.02 38.64
N VAL D 389 -8.16 -0.98 38.58
CA VAL D 389 -8.07 -2.04 37.58
C VAL D 389 -8.31 -1.46 36.20
N PRO D 390 -7.75 -2.10 35.15
CA PRO D 390 -7.98 -1.60 33.80
C PRO D 390 -9.40 -1.91 33.33
N GLU D 391 -10.10 -0.90 32.83
CA GLU D 391 -11.48 -1.06 32.41
C GLU D 391 -11.57 -1.44 30.93
N GLU D 392 -12.59 -2.22 30.59
CA GLU D 392 -12.78 -2.68 29.22
C GLU D 392 -13.77 -1.81 28.46
N THR D 393 -14.48 -0.94 29.18
CA THR D 393 -15.58 -0.17 28.61
C THR D 393 -15.19 1.14 27.95
N ASP D 394 -14.03 1.68 28.31
CA ASP D 394 -13.59 2.98 27.78
C ASP D 394 -12.78 2.82 26.49
N ASP D 395 -12.59 3.93 25.78
CA ASP D 395 -11.92 3.93 24.47
C ASP D 395 -10.60 3.18 24.45
N PHE D 396 -9.72 3.50 25.40
CA PHE D 396 -8.42 2.85 25.48
C PHE D 396 -8.56 1.40 25.92
N GLY D 397 -9.62 1.11 26.67
CA GLY D 397 -9.90 -0.24 27.12
C GLY D 397 -10.38 -1.10 25.97
N GLU D 398 -11.21 -0.51 25.12
CA GLU D 398 -11.67 -1.19 23.91
C GLU D 398 -10.49 -1.45 23.00
N PHE D 399 -9.57 -0.49 22.94
CA PHE D 399 -8.33 -0.63 22.19
C PHE D 399 -7.50 -1.81 22.69
N ARG D 400 -7.24 -1.83 23.99
CA ARG D 400 -6.47 -2.92 24.61
C ARG D 400 -7.05 -4.28 24.28
N MET D 401 -8.38 -4.38 24.34
CA MET D 401 -9.07 -5.61 23.99
C MET D 401 -8.91 -5.92 22.50
N ARG D 402 -9.03 -4.89 21.67
CA ARG D 402 -8.92 -5.03 20.23
C ARG D 402 -7.52 -5.52 19.83
N VAL D 403 -6.49 -4.95 20.48
CA VAL D 403 -5.13 -5.42 20.31
C VAL D 403 -5.01 -6.90 20.69
N SER D 404 -5.58 -7.25 21.84
CA SER D 404 -5.54 -8.61 22.36
C SER D 404 -6.10 -9.59 21.33
N ASP D 405 -7.14 -9.17 20.64
CA ASP D 405 -7.74 -10.00 19.60
C ASP D 405 -6.78 -10.13 18.42
N LEU D 406 -6.16 -9.02 18.04
CA LEU D 406 -5.21 -9.01 16.93
C LEU D 406 -4.02 -9.92 17.20
N VAL D 407 -3.47 -9.85 18.41
CA VAL D 407 -2.38 -10.73 18.80
C VAL D 407 -2.81 -12.20 18.72
N LYS D 408 -4.02 -12.48 19.15
CA LYS D 408 -4.57 -13.83 19.09
C LYS D 408 -4.64 -14.35 17.66
N ASP D 409 -4.90 -13.44 16.72
CA ASP D 409 -5.04 -13.81 15.32
C ASP D 409 -3.69 -13.89 14.60
N LEU D 410 -2.71 -13.13 15.05
CA LEU D 410 -1.44 -13.04 14.34
C LEU D 410 -0.30 -13.86 14.99
N ILE D 411 -0.57 -14.44 16.15
CA ILE D 411 0.47 -15.11 16.94
C ILE D 411 1.12 -16.31 16.24
N PHE D 412 0.42 -16.90 15.26
CA PHE D 412 0.94 -18.08 14.59
C PHE D 412 2.16 -17.77 13.74
N LEU D 413 2.25 -16.53 13.26
CA LEU D 413 3.37 -16.09 12.43
C LEU D 413 4.64 -15.83 13.25
N ILE D 414 4.55 -15.99 14.56
CA ILE D 414 5.67 -15.70 15.45
C ILE D 414 6.00 -16.90 16.34
N GLY D 415 4.98 -17.69 16.64
CA GLY D 415 5.15 -18.81 17.56
C GLY D 415 4.83 -18.37 18.97
N SER D 416 3.86 -19.05 19.58
CA SER D 416 3.39 -18.70 20.91
C SER D 416 4.50 -18.76 21.96
N MET D 417 5.14 -19.92 22.08
CA MET D 417 6.23 -20.13 23.05
C MET D 417 7.35 -19.10 22.90
N GLU D 418 7.82 -18.91 21.68
CA GLU D 418 8.88 -17.95 21.40
C GLU D 418 8.52 -16.54 21.90
N CYS D 419 7.28 -16.13 21.66
CA CYS D 419 6.83 -14.80 22.06
C CYS D 419 6.52 -14.75 23.55
N PHE D 420 6.08 -15.89 24.09
CA PHE D 420 5.81 -16.00 25.52
C PHE D 420 7.10 -15.83 26.33
N ALA D 421 8.13 -16.57 25.94
CA ALA D 421 9.43 -16.49 26.57
C ALA D 421 10.05 -15.10 26.42
N GLN D 422 9.85 -14.51 25.24
CA GLN D 422 10.40 -13.18 24.94
C GLN D 422 9.89 -12.11 25.90
N LEU D 423 8.57 -11.97 26.01
CA LEU D 423 7.96 -10.94 26.83
C LEU D 423 8.34 -11.08 28.31
N TYR D 424 8.42 -12.32 28.79
CA TYR D 424 8.73 -12.57 30.19
C TYR D 424 10.15 -12.14 30.52
N SER D 425 11.07 -12.39 29.60
CA SER D 425 12.48 -12.03 29.80
C SER D 425 12.67 -10.51 29.76
N THR D 426 11.67 -9.80 29.25
CA THR D 426 11.72 -8.34 29.23
C THR D 426 11.44 -7.80 30.63
N LEU D 427 10.93 -8.67 31.50
CA LEU D 427 10.64 -8.30 32.89
C LEU D 427 11.87 -8.39 33.78
N LYS D 428 12.75 -9.33 33.46
CA LYS D 428 13.95 -9.56 34.26
C LYS D 428 14.95 -8.39 34.20
N GLU D 429 14.83 -7.58 33.16
CA GLU D 429 15.74 -6.45 32.98
C GLU D 429 15.16 -5.16 33.55
N PRO D 432 11.94 -2.09 35.87
CA PRO D 432 10.73 -1.84 35.08
C PRO D 432 9.54 -1.43 35.95
N PRO D 433 8.88 -0.31 35.61
CA PRO D 433 7.71 0.17 36.35
C PRO D 433 6.53 -0.79 36.25
N TRP D 434 5.48 -0.53 37.02
CA TRP D 434 4.31 -1.40 37.02
C TRP D 434 3.61 -1.39 35.67
N GLU D 435 3.59 -0.22 35.02
CA GLU D 435 2.93 -0.05 33.74
C GLU D 435 3.51 -0.99 32.67
N VAL D 436 4.83 -1.12 32.67
CA VAL D 436 5.52 -1.97 31.70
C VAL D 436 5.32 -3.44 32.06
N THR D 437 5.24 -3.72 33.36
CA THR D 437 5.04 -5.09 33.83
C THR D 437 3.63 -5.58 33.49
N GLU D 438 2.64 -4.72 33.70
CA GLU D 438 1.25 -5.07 33.44
C GLU D 438 0.99 -5.36 31.96
N ALA D 439 1.54 -4.52 31.08
CA ALA D 439 1.33 -4.67 29.65
C ALA D 439 1.94 -5.95 29.11
N VAL D 440 3.11 -6.31 29.66
CA VAL D 440 3.77 -7.55 29.28
C VAL D 440 2.91 -8.73 29.72
N LEU D 441 2.47 -8.71 30.98
CA LEU D 441 1.58 -9.73 31.49
C LEU D 441 0.29 -9.82 30.67
N PHE D 442 -0.14 -8.68 30.13
CA PHE D 442 -1.36 -8.61 29.35
C PHE D 442 -1.25 -9.42 28.05
N ILE D 443 -0.25 -9.08 27.25
CA ILE D 443 0.00 -9.77 25.98
C ILE D 443 0.31 -11.24 26.23
N MET D 444 0.99 -11.54 27.34
CA MET D 444 1.31 -12.91 27.69
C MET D 444 0.02 -13.70 27.96
N ALA D 445 -0.88 -13.09 28.72
CA ALA D 445 -2.17 -13.68 29.04
C ALA D 445 -2.99 -13.96 27.78
N ALA D 446 -2.82 -13.11 26.77
CA ALA D 446 -3.54 -13.24 25.51
C ALA D 446 -3.10 -14.46 24.69
N ILE D 447 -1.86 -14.89 24.92
CA ILE D 447 -1.32 -16.02 24.18
C ILE D 447 -0.97 -17.21 25.06
N ALA D 448 -1.17 -17.08 26.36
CA ALA D 448 -0.76 -18.11 27.32
C ALA D 448 -1.33 -19.50 26.96
N LYS D 449 -2.61 -19.53 26.60
CA LYS D 449 -3.28 -20.75 26.18
C LYS D 449 -2.70 -21.27 24.87
N SER D 450 -2.37 -20.34 23.97
CA SER D 450 -1.93 -20.69 22.61
C SER D 450 -0.61 -21.47 22.68
N VAL D 451 0.09 -21.36 23.80
CA VAL D 451 1.39 -21.97 23.95
C VAL D 451 1.15 -23.44 24.26
N ASP D 452 0.84 -24.20 23.21
CA ASP D 452 0.33 -25.56 23.36
C ASP D 452 1.30 -26.54 23.99
N PRO D 453 2.57 -26.55 23.56
CA PRO D 453 3.40 -27.61 24.14
C PRO D 453 3.61 -27.37 25.64
N GLU D 454 3.28 -28.36 26.46
CA GLU D 454 3.53 -28.28 27.89
C GLU D 454 4.92 -28.78 28.25
N ASN D 455 5.63 -29.30 27.25
CA ASN D 455 6.93 -29.93 27.46
C ASN D 455 7.92 -28.92 28.03
N ASN D 456 7.87 -27.71 27.49
CA ASN D 456 8.81 -26.64 27.82
C ASN D 456 8.66 -26.23 29.29
N PRO D 457 9.77 -25.86 29.93
CA PRO D 457 9.71 -25.60 31.37
C PRO D 457 9.53 -24.10 31.68
N THR D 458 9.43 -23.29 30.63
CA THR D 458 9.31 -21.84 30.77
C THR D 458 8.04 -21.48 31.52
N LEU D 459 6.96 -22.20 31.20
CA LEU D 459 5.64 -21.86 31.69
C LEU D 459 5.65 -21.94 33.21
N VAL D 460 6.31 -22.98 33.73
CA VAL D 460 6.43 -23.19 35.17
C VAL D 460 7.15 -22.00 35.79
N GLU D 461 8.15 -21.49 35.07
CA GLU D 461 8.93 -20.35 35.54
C GLU D 461 8.06 -19.11 35.69
N VAL D 462 7.18 -18.90 34.72
CA VAL D 462 6.28 -17.75 34.74
C VAL D 462 5.21 -17.94 35.80
N LEU D 463 4.75 -19.18 35.95
CA LEU D 463 3.74 -19.52 36.94
C LEU D 463 4.23 -19.15 38.34
N GLU D 464 5.38 -19.71 38.73
CA GLU D 464 5.98 -19.37 40.02
C GLU D 464 6.31 -17.89 40.09
N GLY D 465 6.65 -17.29 38.95
CA GLY D 465 6.97 -15.87 38.91
C GLY D 465 5.77 -14.99 39.23
N VAL D 466 4.60 -15.39 38.77
CA VAL D 466 3.38 -14.63 39.01
C VAL D 466 2.86 -14.82 40.43
N VAL D 467 2.97 -16.04 40.96
CA VAL D 467 2.42 -16.32 42.28
C VAL D 467 3.29 -15.74 43.39
N ARG D 468 4.56 -15.47 43.09
CA ARG D 468 5.47 -14.91 44.08
C ARG D 468 5.39 -13.40 44.09
N LEU D 469 4.58 -12.84 43.19
CA LEU D 469 4.31 -11.41 43.21
C LEU D 469 3.65 -11.03 44.52
N PRO D 470 4.15 -9.97 45.17
CA PRO D 470 3.57 -9.52 46.44
C PRO D 470 2.25 -8.79 46.23
N GLU D 471 1.48 -8.62 47.30
CA GLU D 471 0.21 -7.89 47.21
C GLU D 471 0.46 -6.39 47.01
N THR D 472 1.66 -5.94 47.35
CA THR D 472 2.00 -4.53 47.28
C THR D 472 1.94 -3.96 45.86
N VAL D 473 2.14 -4.82 44.86
CA VAL D 473 2.16 -4.39 43.46
C VAL D 473 0.84 -3.74 43.08
N HIS D 474 0.86 -2.93 42.03
CA HIS D 474 -0.32 -2.18 41.59
C HIS D 474 -1.52 -3.09 41.37
N THR D 475 -2.69 -2.65 41.81
CA THR D 475 -3.89 -3.47 41.76
C THR D 475 -4.24 -3.89 40.33
N ALA D 476 -3.77 -3.12 39.34
CA ALA D 476 -3.96 -3.46 37.94
C ALA D 476 -3.09 -4.63 37.54
N VAL D 477 -1.86 -4.64 38.05
CA VAL D 477 -0.94 -5.74 37.78
C VAL D 477 -1.50 -7.02 38.40
N ARG D 478 -2.09 -6.88 39.58
CA ARG D 478 -2.74 -8.00 40.27
C ARG D 478 -3.84 -8.57 39.40
N TYR D 479 -4.64 -7.67 38.84
CA TYR D 479 -5.76 -8.04 37.97
C TYR D 479 -5.29 -8.92 36.82
N THR D 480 -4.45 -8.36 35.94
CA THR D 480 -4.03 -9.06 34.73
C THR D 480 -3.12 -10.25 35.03
N SER D 481 -2.56 -10.30 36.24
CA SER D 481 -1.77 -11.48 36.62
C SER D 481 -2.71 -12.66 36.90
N ILE D 482 -3.82 -12.37 37.55
CA ILE D 482 -4.86 -13.36 37.82
C ILE D 482 -5.42 -13.98 36.53
N GLU D 483 -5.68 -13.13 35.55
CA GLU D 483 -6.15 -13.58 34.24
C GLU D 483 -5.17 -14.54 33.58
N LEU D 484 -3.89 -14.16 33.57
CA LEU D 484 -2.82 -14.99 33.02
C LEU D 484 -2.85 -16.38 33.64
N VAL D 485 -2.93 -16.43 34.96
CA VAL D 485 -2.97 -17.70 35.69
C VAL D 485 -4.18 -18.52 35.24
N GLY D 486 -5.28 -17.83 34.96
CA GLY D 486 -6.49 -18.50 34.50
C GLY D 486 -6.30 -19.14 33.14
N GLU D 487 -5.40 -18.59 32.34
CA GLU D 487 -5.11 -19.13 31.02
C GLU D 487 -3.98 -20.16 31.09
N MET D 488 -3.48 -20.41 32.29
CA MET D 488 -2.42 -21.39 32.49
C MET D 488 -2.91 -22.55 33.35
N SER D 489 -4.22 -22.78 33.37
CA SER D 489 -4.80 -23.89 34.11
C SER D 489 -4.19 -25.23 33.69
N GLU D 490 -3.88 -25.35 32.40
CA GLU D 490 -3.31 -26.58 31.86
C GLU D 490 -1.92 -26.88 32.41
N VAL D 491 -1.09 -25.85 32.54
CA VAL D 491 0.28 -26.05 33.04
C VAL D 491 0.28 -26.36 34.53
N VAL D 492 -0.84 -26.11 35.19
CA VAL D 492 -1.00 -26.47 36.59
C VAL D 492 -1.33 -27.96 36.68
N ASP D 493 -2.12 -28.43 35.72
CA ASP D 493 -2.47 -29.84 35.64
C ASP D 493 -1.22 -30.69 35.38
N ARG D 494 -0.39 -30.22 34.45
CA ARG D 494 0.86 -30.91 34.11
C ARG D 494 1.91 -30.82 35.21
N ASN D 495 1.70 -29.88 36.14
CA ASN D 495 2.61 -29.70 37.27
C ASN D 495 1.82 -29.54 38.56
N PRO D 496 1.16 -30.62 39.02
CA PRO D 496 0.17 -30.60 40.10
C PRO D 496 0.70 -30.05 41.44
N GLN D 497 2.01 -29.88 41.56
CA GLN D 497 2.59 -29.37 42.79
C GLN D 497 2.24 -27.90 42.98
N PHE D 498 1.96 -27.21 41.87
CA PHE D 498 1.64 -25.78 41.91
C PHE D 498 0.17 -25.51 42.22
N LEU D 499 -0.58 -26.53 42.59
CA LEU D 499 -2.01 -26.38 42.82
C LEU D 499 -2.31 -25.43 43.97
N ASP D 500 -1.84 -25.78 45.16
CA ASP D 500 -2.05 -24.97 46.36
C ASP D 500 -1.49 -23.54 46.27
N PRO D 501 -0.24 -23.37 45.77
CA PRO D 501 0.25 -21.98 45.62
C PRO D 501 -0.61 -21.14 44.69
N VAL D 502 -1.02 -21.70 43.56
CA VAL D 502 -1.85 -20.99 42.61
C VAL D 502 -3.22 -20.71 43.20
N LEU D 503 -3.83 -21.74 43.75
CA LEU D 503 -5.12 -21.60 44.42
C LEU D 503 -5.05 -20.60 45.55
N GLY D 504 -3.96 -20.68 46.33
CA GLY D 504 -3.70 -19.72 47.38
C GLY D 504 -3.64 -18.32 46.83
N TYR D 505 -2.86 -18.13 45.76
CA TYR D 505 -2.74 -16.84 45.11
C TYR D 505 -4.07 -16.34 44.58
N LEU D 506 -4.88 -17.26 44.06
CA LEU D 506 -6.17 -16.91 43.48
C LEU D 506 -7.20 -16.56 44.55
N MET D 507 -7.17 -17.27 45.68
CA MET D 507 -8.07 -16.98 46.80
C MET D 507 -7.89 -15.57 47.36
N LYS D 508 -6.64 -15.12 47.44
CA LYS D 508 -6.36 -13.76 47.90
C LYS D 508 -7.02 -12.71 47.01
N GLY D 509 -6.92 -12.90 45.71
CA GLY D 509 -7.52 -11.99 44.75
C GLY D 509 -9.04 -12.01 44.84
N LEU D 510 -9.59 -13.14 45.27
CA LEU D 510 -11.04 -13.26 45.42
C LEU D 510 -11.53 -12.41 46.59
N ALA D 511 -10.68 -12.25 47.59
CA ALA D 511 -11.02 -11.43 48.76
C ALA D 511 -11.17 -9.96 48.39
N GLU D 512 -10.31 -9.47 47.51
CA GLU D 512 -10.37 -8.09 47.07
C GLU D 512 -11.53 -7.89 46.07
N LYS D 513 -12.42 -6.97 46.41
CA LYS D 513 -13.63 -6.72 45.62
C LYS D 513 -13.39 -6.42 44.14
N PRO D 514 -12.44 -5.53 43.79
CA PRO D 514 -12.33 -5.26 42.36
C PRO D 514 -11.59 -6.35 41.58
N LEU D 515 -11.15 -7.38 42.29
CA LEU D 515 -10.45 -8.50 41.67
C LEU D 515 -11.29 -9.77 41.72
N ALA D 516 -12.48 -9.65 42.30
CA ALA D 516 -13.33 -10.80 42.60
C ALA D 516 -13.70 -11.64 41.38
N SER D 517 -14.27 -10.99 40.38
CA SER D 517 -14.71 -11.66 39.17
C SER D 517 -13.56 -12.39 38.49
N ALA D 518 -12.52 -11.63 38.14
CA ALA D 518 -11.33 -12.18 37.49
C ALA D 518 -10.77 -13.40 38.22
N ALA D 519 -10.79 -13.34 39.55
CA ALA D 519 -10.30 -14.45 40.35
C ALA D 519 -11.25 -15.65 40.27
N ALA D 520 -12.56 -15.38 40.29
CA ALA D 520 -13.57 -16.43 40.23
C ALA D 520 -13.52 -17.21 38.91
N LYS D 521 -13.30 -16.49 37.81
CA LYS D 521 -13.11 -17.11 36.51
C LYS D 521 -11.91 -18.06 36.54
N ALA D 522 -10.78 -17.54 37.01
CA ALA D 522 -9.54 -18.31 37.07
C ALA D 522 -9.68 -19.56 37.93
N ILE D 523 -10.39 -19.45 39.04
CA ILE D 523 -10.60 -20.60 39.92
C ILE D 523 -11.44 -21.66 39.22
N HIS D 524 -12.44 -21.22 38.46
CA HIS D 524 -13.28 -22.12 37.69
C HIS D 524 -12.46 -22.92 36.66
N ASN D 525 -11.55 -22.24 35.98
CA ASN D 525 -10.71 -22.88 34.98
C ASN D 525 -9.78 -23.91 35.59
N ILE D 526 -9.25 -23.63 36.77
CA ILE D 526 -8.41 -24.58 37.48
C ILE D 526 -9.25 -25.79 37.90
N CYS D 527 -10.46 -25.52 38.37
CA CYS D 527 -11.40 -26.57 38.74
C CYS D 527 -11.72 -27.51 37.58
N SER D 528 -12.14 -26.93 36.46
CA SER D 528 -12.51 -27.70 35.27
C SER D 528 -11.36 -28.58 34.78
N VAL D 529 -10.16 -28.02 34.70
CA VAL D 529 -9.00 -28.74 34.19
C VAL D 529 -8.38 -29.68 35.21
N CYS D 530 -8.10 -29.14 36.40
CA CYS D 530 -7.38 -29.89 37.44
C CYS D 530 -8.32 -30.54 38.46
N ARG D 531 -9.48 -31.00 38.00
CA ARG D 531 -10.52 -31.50 38.91
C ARG D 531 -10.06 -32.71 39.73
N ASP D 532 -9.18 -33.53 39.17
CA ASP D 532 -8.70 -34.72 39.86
C ASP D 532 -7.81 -34.39 41.06
N HIS D 533 -6.89 -33.45 40.88
CA HIS D 533 -5.99 -33.02 41.94
C HIS D 533 -6.72 -32.20 43.00
N MET D 534 -7.87 -31.65 42.63
CA MET D 534 -8.61 -30.71 43.47
C MET D 534 -9.23 -31.36 44.70
N ALA D 535 -9.04 -32.68 44.86
CA ALA D 535 -9.63 -33.45 45.95
C ALA D 535 -9.48 -32.76 47.30
N GLN D 536 -8.24 -32.43 47.66
CA GLN D 536 -7.94 -31.73 48.92
C GLN D 536 -8.70 -30.41 49.06
N HIS D 537 -8.73 -29.62 47.99
CA HIS D 537 -9.23 -28.25 48.06
C HIS D 537 -10.74 -28.10 47.91
N PHE D 538 -11.48 -29.19 48.09
CA PHE D 538 -12.93 -29.11 47.99
C PHE D 538 -13.52 -28.25 49.10
N ASN D 539 -13.04 -28.46 50.32
CA ASN D 539 -13.55 -27.75 51.49
C ASN D 539 -13.39 -26.25 51.38
N GLY D 540 -12.28 -25.81 50.79
CA GLY D 540 -12.06 -24.40 50.52
C GLY D 540 -13.10 -23.85 49.57
N LEU D 541 -13.37 -24.62 48.52
CA LEU D 541 -14.40 -24.27 47.55
C LEU D 541 -15.79 -24.24 48.18
N LEU D 542 -16.06 -25.19 49.06
CA LEU D 542 -17.40 -25.32 49.67
C LEU D 542 -17.76 -24.11 50.53
N GLU D 543 -16.83 -23.65 51.35
CA GLU D 543 -17.10 -22.55 52.27
C GLU D 543 -17.30 -21.22 51.54
N ILE D 544 -16.58 -21.00 50.45
CA ILE D 544 -16.78 -19.77 49.69
C ILE D 544 -18.07 -19.83 48.86
N ALA D 545 -18.54 -21.06 48.56
CA ALA D 545 -19.92 -21.27 48.16
C ALA D 545 -20.91 -20.88 49.25
N ARG D 546 -20.57 -21.21 50.51
CA ARG D 546 -21.43 -20.92 51.65
C ARG D 546 -21.69 -19.42 51.82
N SER D 547 -20.79 -18.60 51.30
CA SER D 547 -20.91 -17.14 51.39
C SER D 547 -20.57 -16.48 50.07
N LEU D 548 -21.13 -17.01 48.99
CA LEU D 548 -20.83 -16.54 47.64
C LEU D 548 -21.17 -15.08 47.42
N ASP D 549 -22.28 -14.63 48.01
CA ASP D 549 -22.79 -13.28 47.75
C ASP D 549 -22.00 -12.20 48.49
N SER D 550 -21.00 -12.61 49.27
CA SER D 550 -20.23 -11.66 50.06
C SER D 550 -19.14 -11.04 49.20
N PHE D 551 -18.62 -11.85 48.28
CA PHE D 551 -17.77 -11.33 47.22
C PHE D 551 -18.63 -10.62 46.18
N LEU D 552 -18.14 -9.51 45.63
CA LEU D 552 -18.91 -8.81 44.62
C LEU D 552 -18.65 -9.40 43.24
N LEU D 553 -19.39 -10.46 42.91
CA LEU D 553 -19.18 -11.21 41.68
C LEU D 553 -20.27 -10.90 40.66
N SER D 554 -19.89 -10.91 39.39
CA SER D 554 -20.86 -10.91 38.30
C SER D 554 -21.61 -12.23 38.34
N PRO D 555 -22.84 -12.26 37.81
CA PRO D 555 -23.58 -13.52 37.85
C PRO D 555 -22.81 -14.62 37.13
N GLU D 556 -22.20 -14.27 36.00
CA GLU D 556 -21.29 -15.17 35.29
C GLU D 556 -20.21 -15.73 36.24
N ALA D 557 -19.52 -14.83 36.94
CA ALA D 557 -18.47 -15.20 37.87
C ALA D 557 -18.96 -16.07 39.01
N ALA D 558 -20.15 -15.76 39.52
CA ALA D 558 -20.76 -16.55 40.59
C ALA D 558 -21.04 -17.96 40.09
N VAL D 559 -21.84 -18.04 39.03
CA VAL D 559 -22.22 -19.31 38.40
C VAL D 559 -21.00 -20.17 38.09
N GLY D 560 -19.97 -19.56 37.50
CA GLY D 560 -18.73 -20.24 37.18
C GLY D 560 -18.11 -20.89 38.41
N LEU D 561 -18.13 -20.17 39.53
CA LEU D 561 -17.53 -20.67 40.76
C LEU D 561 -18.27 -21.90 41.30
N LEU D 562 -19.59 -21.85 41.28
CA LEU D 562 -20.40 -23.00 41.71
C LEU D 562 -20.20 -24.21 40.81
N LYS D 563 -20.17 -23.97 39.50
CA LYS D 563 -19.95 -25.04 38.53
C LYS D 563 -18.62 -25.74 38.79
N GLY D 564 -17.57 -24.95 39.02
CA GLY D 564 -16.25 -25.46 39.31
C GLY D 564 -16.22 -26.33 40.56
N THR D 565 -16.94 -25.92 41.59
CA THR D 565 -17.03 -26.69 42.82
C THR D 565 -17.74 -28.00 42.55
N ALA D 566 -18.79 -27.95 41.75
CA ALA D 566 -19.59 -29.14 41.41
C ALA D 566 -18.76 -30.17 40.65
N LEU D 567 -17.89 -29.69 39.76
CA LEU D 567 -17.07 -30.58 38.94
C LEU D 567 -16.08 -31.36 39.80
N VAL D 568 -15.41 -30.68 40.72
CA VAL D 568 -14.41 -31.33 41.56
C VAL D 568 -15.10 -32.21 42.60
N LEU D 569 -16.35 -31.87 42.91
CA LEU D 569 -17.16 -32.66 43.83
C LEU D 569 -17.43 -34.03 43.23
N ALA D 570 -17.70 -34.06 41.93
CA ALA D 570 -18.08 -35.28 41.23
C ALA D 570 -16.93 -36.27 41.12
N ARG D 571 -15.70 -35.80 41.30
CA ARG D 571 -14.54 -36.69 41.19
C ARG D 571 -14.05 -37.19 42.55
N LEU D 572 -14.79 -36.86 43.60
CA LEU D 572 -14.52 -37.38 44.94
C LEU D 572 -14.86 -38.87 45.03
N PRO D 573 -14.34 -39.56 46.07
CA PRO D 573 -14.79 -40.93 46.30
C PRO D 573 -16.30 -41.01 46.48
N LEU D 574 -16.92 -42.04 45.90
CA LEU D 574 -18.38 -42.15 45.83
C LEU D 574 -19.08 -42.01 47.18
N ASP D 575 -18.46 -42.54 48.23
CA ASP D 575 -19.05 -42.52 49.56
C ASP D 575 -19.10 -41.12 50.17
N LYS D 576 -18.09 -40.30 49.89
CA LYS D 576 -17.99 -38.97 50.48
C LYS D 576 -18.88 -37.95 49.76
N ILE D 577 -19.20 -38.22 48.50
CA ILE D 577 -19.97 -37.30 47.66
C ILE D 577 -21.35 -36.98 48.25
N THR D 578 -22.06 -38.00 48.71
CA THR D 578 -23.45 -37.85 49.16
C THR D 578 -23.63 -36.79 50.25
N GLU D 579 -22.68 -36.67 51.16
CA GLU D 579 -22.78 -35.69 52.23
C GLU D 579 -22.32 -34.30 51.79
N CYS D 580 -21.32 -34.26 50.92
CA CYS D 580 -20.79 -32.99 50.43
C CYS D 580 -21.80 -32.24 49.58
N LEU D 581 -22.45 -32.96 48.66
CA LEU D 581 -23.47 -32.39 47.79
C LEU D 581 -24.63 -31.78 48.60
N SER D 582 -25.03 -32.48 49.66
CA SER D 582 -26.15 -32.05 50.48
C SER D 582 -25.95 -30.66 51.08
N GLU D 583 -24.74 -30.40 51.57
CA GLU D 583 -24.45 -29.10 52.17
C GLU D 583 -24.06 -28.06 51.11
N LEU D 584 -23.69 -28.53 49.93
CA LEU D 584 -23.37 -27.61 48.84
C LEU D 584 -24.66 -27.01 48.29
N CYS D 585 -25.75 -27.77 48.39
CA CYS D 585 -27.06 -27.28 48.00
C CYS D 585 -27.76 -26.57 49.15
N SER D 586 -27.46 -27.00 50.37
CA SER D 586 -28.12 -26.53 51.59
C SER D 586 -28.16 -25.01 51.71
N VAL D 587 -27.08 -24.36 51.27
CA VAL D 587 -27.01 -22.91 51.28
C VAL D 587 -28.12 -22.31 50.40
N GLN D 588 -28.43 -22.98 49.29
CA GLN D 588 -29.49 -22.51 48.40
C GLN D 588 -30.85 -23.11 48.74
N VAL D 589 -30.85 -24.32 49.29
CA VAL D 589 -32.09 -24.98 49.71
C VAL D 589 -32.77 -24.20 50.85
N MET D 590 -32.01 -23.93 51.90
CA MET D 590 -32.48 -23.14 53.04
C MET D 590 -33.00 -21.79 52.57
N ALA D 591 -32.23 -21.13 51.72
CA ALA D 591 -32.60 -19.82 51.19
C ALA D 591 -33.91 -19.86 50.44
N LEU D 592 -34.27 -21.03 49.92
CA LEU D 592 -35.53 -21.21 49.23
C LEU D 592 -36.69 -21.26 50.22
N LYS D 593 -36.54 -22.06 51.26
CA LYS D 593 -37.53 -22.15 52.33
C LYS D 593 -37.78 -20.78 52.94
N LYS D 594 -36.71 -20.01 53.10
CA LYS D 594 -36.76 -18.66 53.64
C LYS D 594 -37.73 -17.75 52.88
N LEU D 595 -37.83 -17.95 51.58
CA LEU D 595 -38.69 -17.13 50.74
C LEU D 595 -40.01 -17.84 50.41
N ASP D 607 -38.10 -13.08 43.76
CA ASP D 607 -38.24 -14.42 43.18
C ASP D 607 -37.10 -15.34 43.60
N PRO D 608 -37.35 -16.65 43.62
CA PRO D 608 -36.30 -17.61 43.98
C PRO D 608 -35.35 -17.88 42.82
N THR D 609 -35.53 -17.14 41.72
CA THR D 609 -34.76 -17.30 40.49
C THR D 609 -33.27 -17.56 40.72
N VAL D 610 -32.59 -16.64 41.40
CA VAL D 610 -31.16 -16.76 41.64
C VAL D 610 -30.81 -18.05 42.36
N PHE D 611 -31.69 -18.50 43.24
CA PHE D 611 -31.43 -19.70 44.04
C PHE D 611 -31.74 -20.97 43.26
N LEU D 612 -32.75 -20.90 42.40
CA LEU D 612 -33.08 -22.02 41.53
C LEU D 612 -31.98 -22.25 40.51
N ASP D 613 -31.58 -21.17 39.83
CA ASP D 613 -30.52 -21.23 38.83
C ASP D 613 -29.20 -21.73 39.41
N ARG D 614 -28.98 -21.45 40.70
CA ARG D 614 -27.77 -21.91 41.38
C ARG D 614 -27.86 -23.39 41.72
N LEU D 615 -29.06 -23.89 41.96
CA LEU D 615 -29.25 -25.31 42.21
C LEU D 615 -29.14 -26.07 40.90
N ALA D 616 -29.66 -25.45 39.83
CA ALA D 616 -29.55 -26.01 38.49
C ALA D 616 -28.09 -26.30 38.14
N VAL D 617 -27.25 -25.28 38.29
CA VAL D 617 -25.83 -25.38 37.98
C VAL D 617 -25.17 -26.54 38.73
N ILE D 618 -25.54 -26.70 40.00
CA ILE D 618 -24.98 -27.77 40.82
C ILE D 618 -25.42 -29.14 40.31
N PHE D 619 -26.71 -29.30 40.05
CA PHE D 619 -27.24 -30.57 39.56
C PHE D 619 -26.66 -30.92 38.20
N ARG D 620 -26.69 -29.94 37.30
CA ARG D 620 -26.18 -30.07 35.94
C ARG D 620 -24.75 -30.62 35.87
N HIS D 621 -23.88 -30.09 36.71
CA HIS D 621 -22.46 -30.41 36.61
C HIS D 621 -21.92 -31.35 37.69
N THR D 622 -22.81 -31.86 38.54
CA THR D 622 -22.42 -32.87 39.51
C THR D 622 -22.80 -34.26 38.99
N ASN D 623 -21.97 -34.80 38.11
CA ASN D 623 -22.23 -36.11 37.51
C ASN D 623 -21.07 -37.08 37.71
N PRO D 624 -21.02 -37.74 38.88
CA PRO D 624 -19.96 -38.69 39.20
C PRO D 624 -20.03 -39.93 38.32
N ILE D 625 -18.88 -40.50 37.98
CA ILE D 625 -18.83 -41.73 37.19
C ILE D 625 -19.10 -42.96 38.06
N VAL D 626 -20.23 -43.61 37.82
CA VAL D 626 -20.62 -44.78 38.61
C VAL D 626 -21.54 -45.70 37.80
N HIS D 632 -26.13 -44.51 43.88
CA HIS D 632 -25.75 -43.18 43.41
C HIS D 632 -25.85 -42.17 44.55
N PRO D 633 -24.72 -41.51 44.87
CA PRO D 633 -24.62 -40.59 46.02
C PRO D 633 -25.57 -39.41 45.95
N CYS D 634 -26.03 -39.05 44.76
CA CYS D 634 -26.89 -37.88 44.60
C CYS D 634 -28.37 -38.17 44.82
N GLN D 635 -28.75 -39.44 44.80
CA GLN D 635 -30.17 -39.80 44.85
C GLN D 635 -30.87 -39.36 46.13
N LYS D 636 -30.30 -39.71 47.27
CA LYS D 636 -30.88 -39.32 48.56
C LYS D 636 -30.93 -37.81 48.71
N VAL D 637 -29.91 -37.13 48.20
CA VAL D 637 -29.84 -35.67 48.28
C VAL D 637 -30.95 -35.00 47.48
N ILE D 638 -31.07 -35.39 46.22
CA ILE D 638 -32.08 -34.81 45.32
C ILE D 638 -33.49 -35.08 45.82
N GLN D 639 -33.73 -36.30 46.31
CA GLN D 639 -35.02 -36.68 46.84
C GLN D 639 -35.45 -35.78 48.00
N GLU D 640 -34.47 -35.32 48.79
CA GLU D 640 -34.75 -34.44 49.92
C GLU D 640 -35.00 -33.00 49.49
N ILE D 641 -34.36 -32.59 48.40
CA ILE D 641 -34.54 -31.25 47.85
C ILE D 641 -35.78 -31.22 46.96
N TRP D 642 -36.27 -32.41 46.62
CA TRP D 642 -37.49 -32.53 45.80
C TRP D 642 -38.70 -31.79 46.39
N PRO D 643 -38.99 -31.98 47.70
CA PRO D 643 -40.20 -31.32 48.22
C PRO D 643 -40.16 -29.79 48.21
N VAL D 644 -39.00 -29.19 48.48
CA VAL D 644 -38.92 -27.73 48.52
C VAL D 644 -39.01 -27.15 47.10
N LEU D 645 -38.43 -27.84 46.13
CA LEU D 645 -38.56 -27.46 44.72
C LEU D 645 -40.01 -27.59 44.26
N SER D 646 -40.67 -28.65 44.71
CA SER D 646 -42.08 -28.88 44.42
C SER D 646 -42.93 -27.71 44.90
N GLU D 647 -42.74 -27.32 46.15
CA GLU D 647 -43.52 -26.26 46.76
C GLU D 647 -43.21 -24.91 46.12
N THR D 648 -41.96 -24.72 45.74
CA THR D 648 -41.55 -23.47 45.12
C THR D 648 -42.23 -23.29 43.76
N LEU D 649 -42.45 -24.41 43.07
CA LEU D 649 -43.07 -24.37 41.75
C LEU D 649 -44.53 -23.93 41.81
N ASN D 650 -45.37 -24.71 42.49
CA ASN D 650 -46.79 -24.37 42.58
C ASN D 650 -47.03 -23.05 43.31
N LYS D 651 -46.06 -22.60 44.10
CA LYS D 651 -46.13 -21.27 44.67
C LYS D 651 -46.11 -20.21 43.58
N HIS D 652 -45.22 -20.40 42.61
CA HIS D 652 -45.03 -19.44 41.54
C HIS D 652 -45.68 -19.88 40.23
N ARG D 653 -46.62 -20.83 40.33
CA ARG D 653 -47.26 -21.46 39.19
C ARG D 653 -47.85 -20.49 38.14
N ALA D 654 -47.97 -19.22 38.50
CA ALA D 654 -48.58 -18.25 37.61
C ALA D 654 -47.54 -17.49 36.79
N ASP D 655 -46.31 -17.45 37.29
CA ASP D 655 -45.24 -16.73 36.58
C ASP D 655 -44.49 -17.66 35.63
N ASN D 656 -44.59 -17.38 34.34
CA ASN D 656 -43.91 -18.17 33.32
C ASN D 656 -42.41 -18.20 33.53
N ARG D 657 -41.82 -17.03 33.76
CA ARG D 657 -40.38 -16.90 33.91
C ARG D 657 -39.86 -17.67 35.12
N ILE D 658 -40.59 -17.66 36.21
CA ILE D 658 -40.11 -18.33 37.43
C ILE D 658 -40.31 -19.84 37.32
N VAL D 659 -41.42 -20.25 36.72
CA VAL D 659 -41.77 -21.65 36.69
C VAL D 659 -40.90 -22.42 35.68
N GLU D 660 -40.42 -21.73 34.66
CA GLU D 660 -39.54 -22.35 33.68
C GLU D 660 -38.14 -22.57 34.27
N ARG D 661 -37.71 -21.66 35.15
CA ARG D 661 -36.43 -21.84 35.83
C ARG D 661 -36.53 -22.98 36.85
N CYS D 662 -37.75 -23.31 37.24
CA CYS D 662 -37.99 -24.47 38.10
C CYS D 662 -37.92 -25.73 37.25
N CYS D 663 -38.58 -25.70 36.09
CA CYS D 663 -38.52 -26.78 35.13
C CYS D 663 -37.08 -27.08 34.76
N ARG D 664 -36.32 -26.01 34.50
CA ARG D 664 -34.91 -26.15 34.15
C ARG D 664 -34.14 -26.74 35.32
N CYS D 665 -34.47 -26.31 36.54
CA CYS D 665 -33.82 -26.85 37.72
C CYS D 665 -34.16 -28.32 37.90
N LEU D 666 -35.45 -28.64 37.80
CA LEU D 666 -35.92 -30.01 37.93
C LEU D 666 -35.40 -30.90 36.80
N ARG D 667 -35.22 -30.32 35.62
CA ARG D 667 -34.64 -31.03 34.48
C ARG D 667 -33.29 -31.64 34.83
N PHE D 668 -32.42 -30.83 35.43
CA PHE D 668 -31.08 -31.28 35.77
C PHE D 668 -31.06 -32.01 37.11
N ALA D 669 -32.08 -31.77 37.94
CA ALA D 669 -32.22 -32.50 39.18
C ALA D 669 -32.44 -33.98 38.89
N VAL D 670 -33.37 -34.26 37.98
CA VAL D 670 -33.66 -35.62 37.55
C VAL D 670 -32.45 -36.25 36.87
N ARG D 671 -31.81 -35.49 35.99
CA ARG D 671 -30.64 -35.97 35.26
C ARG D 671 -29.46 -36.25 36.18
N CYS D 672 -29.42 -35.58 37.32
CA CYS D 672 -28.30 -35.69 38.25
C CYS D 672 -28.19 -37.11 38.80
N VAL D 673 -29.33 -37.74 39.05
CA VAL D 673 -29.37 -39.14 39.46
C VAL D 673 -29.18 -40.03 38.24
N GLY D 674 -28.35 -41.06 38.38
CA GLY D 674 -28.09 -41.97 37.28
C GLY D 674 -29.26 -42.88 36.98
N LYS D 675 -28.97 -44.14 36.71
CA LYS D 675 -30.02 -45.14 36.53
C LYS D 675 -30.80 -45.27 37.83
N GLY D 676 -32.12 -45.37 37.72
CA GLY D 676 -32.97 -45.42 38.89
C GLY D 676 -33.74 -44.12 39.05
N SER D 677 -33.35 -43.12 38.25
CA SER D 677 -33.98 -41.81 38.29
C SER D 677 -35.42 -41.83 37.76
N ALA D 678 -35.87 -43.01 37.33
CA ALA D 678 -37.26 -43.17 36.91
C ALA D 678 -38.19 -43.16 38.12
N ALA D 679 -37.60 -43.24 39.31
CA ALA D 679 -38.36 -43.13 40.56
C ALA D 679 -38.95 -41.74 40.73
N LEU D 680 -38.10 -40.72 40.70
CA LEU D 680 -38.52 -39.33 40.87
C LEU D 680 -39.32 -38.83 39.67
N LEU D 681 -39.47 -39.67 38.65
CA LEU D 681 -40.13 -39.29 37.41
C LEU D 681 -41.61 -39.01 37.60
N GLN D 682 -42.35 -40.04 38.00
CA GLN D 682 -43.80 -39.93 38.12
C GLN D 682 -44.28 -38.83 39.10
N PRO D 683 -43.58 -38.63 40.25
CA PRO D 683 -43.98 -37.47 41.05
C PRO D 683 -43.76 -36.13 40.33
N LEU D 684 -42.67 -36.02 39.57
CA LEU D 684 -42.43 -34.82 38.79
C LEU D 684 -43.48 -34.67 37.70
N VAL D 685 -43.72 -35.76 36.97
CA VAL D 685 -44.69 -35.79 35.88
C VAL D 685 -46.10 -35.46 36.38
N THR D 686 -46.46 -36.02 37.52
CA THR D 686 -47.77 -35.75 38.12
C THR D 686 -47.94 -34.27 38.44
N GLN D 687 -46.91 -33.65 39.00
CA GLN D 687 -46.97 -32.23 39.34
C GLN D 687 -47.06 -31.36 38.09
N MET D 688 -46.27 -31.70 37.08
CA MET D 688 -46.27 -30.98 35.81
C MET D 688 -47.65 -30.91 35.19
N VAL D 689 -48.34 -32.05 35.18
CA VAL D 689 -49.68 -32.16 34.64
C VAL D 689 -50.63 -31.21 35.35
N ASN D 690 -50.59 -31.22 36.68
CA ASN D 690 -51.48 -30.39 37.50
C ASN D 690 -51.29 -28.88 37.31
N VAL D 691 -50.04 -28.42 37.32
CA VAL D 691 -49.77 -26.99 37.18
C VAL D 691 -50.05 -26.53 35.74
N TYR D 692 -49.77 -27.39 34.77
CA TYR D 692 -50.04 -27.06 33.38
C TYR D 692 -51.55 -26.89 33.16
N HIS D 693 -52.35 -27.58 33.97
CA HIS D 693 -53.80 -27.53 33.87
C HIS D 693 -54.34 -26.12 34.11
N VAL D 694 -53.85 -25.47 35.17
CA VAL D 694 -54.29 -24.13 35.53
C VAL D 694 -53.53 -23.07 34.73
N HIS D 695 -52.24 -23.32 34.48
CA HIS D 695 -51.42 -22.40 33.69
C HIS D 695 -50.67 -23.15 32.60
N GLN D 696 -50.96 -22.82 31.34
CA GLN D 696 -50.37 -23.56 30.23
C GLN D 696 -49.05 -22.99 29.74
N HIS D 697 -48.02 -23.12 30.56
CA HIS D 697 -46.66 -22.78 30.12
C HIS D 697 -46.15 -23.88 29.21
N SER D 698 -45.59 -23.50 28.07
CA SER D 698 -45.16 -24.49 27.09
C SER D 698 -43.86 -25.17 27.49
N CYS D 699 -43.13 -24.58 28.42
CA CYS D 699 -41.97 -25.23 29.01
C CYS D 699 -42.29 -26.58 29.67
N PHE D 700 -43.57 -26.86 29.91
CA PHE D 700 -43.97 -28.15 30.43
C PHE D 700 -44.08 -29.16 29.29
N LEU D 701 -44.48 -28.68 28.13
CA LEU D 701 -44.43 -29.47 26.91
C LEU D 701 -42.98 -29.81 26.61
N TYR D 702 -42.14 -28.78 26.56
CA TYR D 702 -40.71 -28.95 26.30
C TYR D 702 -40.03 -29.89 27.28
N LEU D 703 -40.25 -29.68 28.57
CA LEU D 703 -39.67 -30.54 29.60
C LEU D 703 -40.16 -31.97 29.44
N GLY D 704 -41.43 -32.11 29.07
CA GLY D 704 -42.01 -33.41 28.79
C GLY D 704 -41.27 -34.12 27.68
N SER D 705 -41.04 -33.41 26.58
CA SER D 705 -40.33 -33.95 25.42
C SER D 705 -38.93 -34.43 25.82
N ILE D 706 -38.31 -33.74 26.77
CA ILE D 706 -37.00 -34.14 27.27
C ILE D 706 -37.09 -35.45 28.05
N LEU D 707 -38.16 -35.61 28.82
CA LEU D 707 -38.36 -36.83 29.60
C LEU D 707 -38.58 -38.02 28.67
N VAL D 708 -39.38 -37.80 27.64
CA VAL D 708 -39.68 -38.82 26.65
C VAL D 708 -38.42 -39.20 25.86
N ASP D 709 -37.61 -38.21 25.52
CA ASP D 709 -36.40 -38.44 24.75
C ASP D 709 -35.36 -39.23 25.57
N GLU D 710 -35.45 -39.12 26.89
CA GLU D 710 -34.46 -39.75 27.75
C GLU D 710 -35.00 -41.00 28.47
N TYR D 711 -36.32 -41.12 28.56
CA TYR D 711 -36.91 -42.25 29.28
C TYR D 711 -37.98 -43.00 28.47
N GLY D 712 -38.11 -42.66 27.19
CA GLY D 712 -39.10 -43.27 26.34
C GLY D 712 -38.75 -44.68 25.92
N MET D 713 -37.45 -44.97 25.82
CA MET D 713 -36.99 -46.29 25.41
C MET D 713 -37.23 -47.33 26.51
N GLU D 714 -37.39 -46.86 27.74
CA GLU D 714 -37.61 -47.75 28.87
C GLU D 714 -39.08 -48.21 28.91
N GLU D 715 -39.29 -49.52 28.94
CA GLU D 715 -40.63 -50.09 28.89
C GLU D 715 -41.50 -49.68 30.09
N GLY D 716 -40.87 -49.52 31.25
CA GLY D 716 -41.61 -49.20 32.47
C GLY D 716 -42.14 -47.78 32.53
N CYS D 717 -41.63 -46.92 31.66
CA CYS D 717 -42.01 -45.51 31.68
C CYS D 717 -42.97 -45.14 30.55
N ARG D 718 -43.18 -46.06 29.61
CA ARG D 718 -43.93 -45.75 28.40
C ARG D 718 -45.39 -45.40 28.69
N GLN D 719 -46.03 -46.16 29.59
CA GLN D 719 -47.42 -45.90 29.92
C GLN D 719 -47.59 -44.61 30.71
N GLY D 720 -46.65 -44.36 31.62
CA GLY D 720 -46.67 -43.13 32.41
C GLY D 720 -46.46 -41.90 31.54
N LEU D 721 -45.60 -42.03 30.53
CA LEU D 721 -45.31 -40.94 29.61
C LEU D 721 -46.48 -40.66 28.68
N LEU D 722 -47.21 -41.71 28.31
CA LEU D 722 -48.39 -41.55 27.47
C LEU D 722 -49.49 -40.83 28.23
N ASP D 723 -49.76 -41.28 29.45
CA ASP D 723 -50.73 -40.62 30.31
C ASP D 723 -50.40 -39.14 30.50
N MET D 724 -49.10 -38.82 30.51
CA MET D 724 -48.65 -37.44 30.57
C MET D 724 -49.07 -36.67 29.33
N LEU D 725 -48.73 -37.23 28.16
CA LEU D 725 -49.06 -36.60 26.88
C LEU D 725 -50.56 -36.39 26.73
N GLN D 726 -51.34 -37.41 27.09
CA GLN D 726 -52.79 -37.34 26.99
C GLN D 726 -53.35 -36.29 27.95
N ALA D 727 -52.71 -36.18 29.11
CA ALA D 727 -53.13 -35.20 30.13
C ALA D 727 -52.79 -33.78 29.72
N LEU D 728 -51.60 -33.59 29.14
CA LEU D 728 -51.15 -32.27 28.73
C LEU D 728 -51.84 -31.76 27.47
N CYS D 729 -52.35 -32.69 26.66
CA CYS D 729 -52.98 -32.34 25.39
C CYS D 729 -54.31 -31.61 25.57
N ILE D 730 -55.09 -32.04 26.57
CA ILE D 730 -56.43 -31.50 26.77
C ILE D 730 -56.44 -29.99 27.04
N PRO D 731 -55.60 -29.51 27.98
CA PRO D 731 -55.58 -28.04 28.12
C PRO D 731 -54.97 -27.37 26.91
N THR D 732 -54.02 -28.05 26.29
CA THR D 732 -53.30 -27.52 25.14
C THR D 732 -54.21 -27.32 23.94
N PHE D 733 -55.12 -28.27 23.73
CA PHE D 733 -56.04 -28.19 22.61
C PHE D 733 -57.10 -27.13 22.90
N GLN D 734 -57.55 -27.11 24.15
CA GLN D 734 -58.48 -26.08 24.62
C GLN D 734 -57.85 -24.70 24.43
N LEU D 735 -56.55 -24.59 24.71
CA LEU D 735 -55.83 -23.35 24.53
C LEU D 735 -55.75 -22.95 23.06
N LEU D 736 -55.49 -23.94 22.20
CA LEU D 736 -55.30 -23.71 20.77
C LEU D 736 -56.61 -23.54 20.01
N GLU D 737 -57.69 -24.11 20.52
CA GLU D 737 -58.96 -24.00 19.81
C GLU D 737 -59.60 -22.63 19.99
N GLN D 738 -59.03 -21.81 20.88
CA GLN D 738 -59.49 -20.42 21.04
C GLN D 738 -59.27 -19.62 19.76
N GLN D 739 -59.87 -18.45 19.72
CA GLN D 739 -59.78 -17.58 18.55
C GLN D 739 -58.34 -17.22 18.27
N ASN D 740 -57.89 -17.58 17.08
CA ASN D 740 -56.50 -17.39 16.66
C ASN D 740 -55.52 -18.08 17.61
N GLY D 741 -55.99 -19.12 18.29
CA GLY D 741 -55.19 -19.84 19.27
C GLY D 741 -53.82 -20.24 18.77
N LEU D 742 -53.78 -20.68 17.51
CA LEU D 742 -52.54 -21.02 16.83
C LEU D 742 -51.60 -19.82 16.75
N GLN D 743 -52.07 -18.79 16.05
CA GLN D 743 -51.32 -17.56 15.84
C GLN D 743 -50.85 -16.91 17.16
N ASN D 744 -51.59 -17.12 18.24
CA ASN D 744 -51.27 -16.49 19.52
C ASN D 744 -50.35 -17.32 20.40
N HIS D 745 -50.21 -18.60 20.10
CA HIS D 745 -49.31 -19.45 20.87
C HIS D 745 -48.41 -20.31 19.98
N PRO D 746 -47.54 -19.68 19.18
CA PRO D 746 -46.64 -20.44 18.32
C PRO D 746 -45.67 -21.30 19.12
N ASP D 747 -45.40 -20.90 20.36
CA ASP D 747 -44.49 -21.62 21.23
C ASP D 747 -45.14 -22.89 21.77
N THR D 748 -46.45 -22.83 22.01
CA THR D 748 -47.20 -23.99 22.44
C THR D 748 -47.31 -25.00 21.29
N VAL D 749 -47.60 -24.48 20.10
CA VAL D 749 -47.65 -25.28 18.89
C VAL D 749 -46.35 -26.03 18.69
N ASP D 750 -45.25 -25.27 18.68
CA ASP D 750 -43.92 -25.82 18.48
C ASP D 750 -43.58 -26.94 19.45
N ASP D 751 -43.61 -26.64 20.74
CA ASP D 751 -43.24 -27.61 21.76
C ASP D 751 -44.16 -28.83 21.82
N LEU D 752 -45.41 -28.65 21.42
CA LEU D 752 -46.39 -29.74 21.40
C LEU D 752 -45.92 -30.84 20.46
N PHE D 753 -45.60 -30.45 19.24
CA PHE D 753 -45.19 -31.39 18.21
C PHE D 753 -43.76 -31.87 18.42
N ARG D 754 -42.98 -31.13 19.20
CA ARG D 754 -41.69 -31.63 19.68
C ARG D 754 -41.93 -32.81 20.61
N LEU D 755 -42.93 -32.68 21.47
CA LEU D 755 -43.28 -33.74 22.41
C LEU D 755 -43.75 -34.96 21.63
N ALA D 756 -44.53 -34.72 20.59
CA ALA D 756 -45.10 -35.80 19.80
C ALA D 756 -44.01 -36.47 18.94
N THR D 757 -43.11 -35.65 18.39
CA THR D 757 -41.99 -36.17 17.61
C THR D 757 -41.10 -37.08 18.47
N ARG D 758 -40.93 -36.70 19.72
CA ARG D 758 -40.06 -37.46 20.63
C ARG D 758 -40.72 -38.78 21.00
N PHE D 759 -42.04 -38.84 20.92
CA PHE D 759 -42.76 -40.06 21.17
C PHE D 759 -42.58 -41.02 20.00
N ILE D 760 -42.62 -40.46 18.79
CA ILE D 760 -42.39 -41.21 17.56
C ILE D 760 -41.01 -41.88 17.54
N GLN D 761 -39.97 -41.12 17.88
CA GLN D 761 -38.60 -41.61 17.74
C GLN D 761 -38.10 -42.34 18.98
N ARG D 762 -39.00 -42.71 19.88
CA ARG D 762 -38.63 -43.47 21.07
C ARG D 762 -39.55 -44.67 21.26
N SER D 763 -40.85 -44.45 21.07
CA SER D 763 -41.85 -45.49 21.24
C SER D 763 -43.09 -45.21 20.39
N PRO D 764 -42.96 -45.41 19.07
CA PRO D 764 -44.01 -45.01 18.12
C PRO D 764 -45.29 -45.84 18.23
N VAL D 765 -45.16 -47.09 18.69
CA VAL D 765 -46.32 -47.97 18.74
C VAL D 765 -47.31 -47.53 19.83
N THR D 766 -46.79 -47.22 21.02
CA THR D 766 -47.64 -46.78 22.13
C THR D 766 -48.44 -45.53 21.80
N LEU D 767 -47.81 -44.60 21.08
CA LEU D 767 -48.49 -43.40 20.61
C LEU D 767 -49.57 -43.73 19.59
N LEU D 768 -49.22 -44.54 18.60
CA LEU D 768 -50.12 -44.86 17.50
C LEU D 768 -51.35 -45.66 17.93
N ARG D 769 -51.19 -46.50 18.96
CA ARG D 769 -52.30 -47.30 19.46
C ARG D 769 -53.22 -46.45 20.34
N SER D 770 -52.69 -45.34 20.84
CA SER D 770 -53.45 -44.47 21.74
C SER D 770 -54.49 -43.68 20.97
N GLN D 771 -55.50 -43.20 21.69
CA GLN D 771 -56.58 -42.42 21.07
C GLN D 771 -56.13 -40.99 20.74
N VAL D 772 -55.23 -40.47 21.56
CA VAL D 772 -54.82 -39.07 21.47
C VAL D 772 -54.06 -38.75 20.18
N VAL D 773 -53.63 -39.79 19.46
CA VAL D 773 -52.83 -39.58 18.25
C VAL D 773 -53.66 -38.91 17.15
N ILE D 774 -54.96 -39.16 17.11
CA ILE D 774 -55.81 -38.58 16.07
C ILE D 774 -55.97 -37.05 16.19
N PRO D 775 -56.36 -36.54 17.40
CA PRO D 775 -56.45 -35.08 17.47
C PRO D 775 -55.10 -34.37 17.31
N ILE D 776 -54.03 -34.97 17.83
CA ILE D 776 -52.68 -34.42 17.66
C ILE D 776 -52.37 -34.22 16.19
N LEU D 777 -52.71 -35.21 15.38
CA LEU D 777 -52.54 -35.13 13.93
C LEU D 777 -53.51 -34.11 13.33
N GLN D 778 -54.74 -34.09 13.86
CA GLN D 778 -55.75 -33.13 13.43
C GLN D 778 -55.27 -31.70 13.67
N TRP D 779 -54.58 -31.50 14.78
CA TRP D 779 -54.00 -30.20 15.08
C TRP D 779 -52.74 -29.96 14.26
N ALA D 780 -52.01 -31.04 13.98
CA ALA D 780 -50.85 -30.97 13.11
C ALA D 780 -51.26 -30.39 11.76
N ILE D 781 -52.31 -30.95 11.18
CA ILE D 781 -52.83 -30.47 9.90
C ILE D 781 -53.27 -29.01 10.01
N ALA D 782 -53.87 -28.67 11.14
CA ALA D 782 -54.35 -27.30 11.35
C ALA D 782 -53.19 -26.32 11.46
N SER D 783 -52.13 -26.74 12.15
CA SER D 783 -50.98 -25.88 12.41
C SER D 783 -50.16 -25.57 11.15
N THR D 784 -50.37 -26.32 10.07
CA THR D 784 -49.63 -26.08 8.83
C THR D 784 -49.99 -24.76 8.17
N THR D 785 -50.90 -24.00 8.77
CA THR D 785 -51.28 -22.70 8.23
C THR D 785 -50.59 -21.58 9.00
N LEU D 786 -49.98 -21.95 10.12
CA LEU D 786 -49.27 -20.99 10.97
C LEU D 786 -47.98 -20.53 10.29
N ASP D 787 -47.84 -19.22 10.12
CA ASP D 787 -46.69 -18.65 9.41
C ASP D 787 -45.40 -18.71 10.23
N HIS D 788 -45.50 -19.14 11.48
CA HIS D 788 -44.35 -19.20 12.37
C HIS D 788 -43.31 -20.21 11.88
N ARG D 789 -42.10 -19.73 11.65
CA ARG D 789 -41.04 -20.52 11.02
C ARG D 789 -40.61 -21.73 11.86
N ASP D 790 -40.29 -21.51 13.12
CA ASP D 790 -39.81 -22.59 13.97
C ASP D 790 -40.93 -23.56 14.33
N ALA D 791 -42.15 -23.04 14.40
CA ALA D 791 -43.30 -23.87 14.76
C ALA D 791 -43.67 -24.77 13.58
N ASN D 792 -43.63 -24.21 12.37
CA ASN D 792 -43.89 -24.99 11.17
C ASN D 792 -42.90 -26.13 10.99
N CYS D 793 -41.65 -25.90 11.37
CA CYS D 793 -40.62 -26.94 11.29
C CYS D 793 -40.93 -28.08 12.24
N SER D 794 -41.39 -27.74 13.44
CA SER D 794 -41.72 -28.74 14.45
C SER D 794 -42.88 -29.65 14.01
N VAL D 795 -43.87 -29.08 13.34
CA VAL D 795 -45.06 -29.85 12.95
C VAL D 795 -44.81 -30.65 11.68
N MET D 796 -44.10 -30.07 10.71
CA MET D 796 -43.74 -30.77 9.48
C MET D 796 -42.85 -31.96 9.77
N ARG D 797 -41.92 -31.79 10.70
CA ARG D 797 -41.04 -32.89 11.10
C ARG D 797 -41.84 -33.97 11.81
N PHE D 798 -42.87 -33.57 12.55
CA PHE D 798 -43.75 -34.53 13.20
C PHE D 798 -44.52 -35.35 12.17
N LEU D 799 -45.07 -34.66 11.17
CA LEU D 799 -45.81 -35.32 10.09
C LEU D 799 -44.93 -36.33 9.36
N ARG D 800 -43.75 -35.87 8.92
CA ARG D 800 -42.79 -36.72 8.24
C ARG D 800 -42.43 -37.94 9.07
N ASP D 801 -42.03 -37.72 10.33
CA ASP D 801 -41.63 -38.82 11.20
C ASP D 801 -42.78 -39.76 11.53
N LEU D 802 -44.00 -39.22 11.60
CA LEU D 802 -45.16 -40.04 11.93
C LEU D 802 -45.50 -41.00 10.80
N ILE D 803 -45.60 -40.45 9.60
CA ILE D 803 -45.94 -41.24 8.41
C ILE D 803 -44.83 -42.25 8.08
N HIS D 804 -43.59 -41.83 8.28
CA HIS D 804 -42.42 -42.68 8.03
C HIS D 804 -42.36 -43.94 8.90
N THR D 805 -43.24 -44.03 9.90
CA THR D 805 -43.24 -45.18 10.80
C THR D 805 -43.76 -46.43 10.11
N GLY D 806 -44.59 -46.22 9.07
CA GLY D 806 -45.10 -47.33 8.28
C GLY D 806 -44.25 -47.57 7.05
N VAL D 807 -42.98 -47.13 7.13
CA VAL D 807 -42.04 -47.22 6.02
C VAL D 807 -40.69 -47.71 6.50
N ALA D 808 -40.21 -47.12 7.59
CA ALA D 808 -38.88 -47.42 8.11
C ALA D 808 -38.78 -48.85 8.64
N ASN D 809 -37.64 -49.48 8.36
CA ASN D 809 -37.31 -50.79 8.92
C ASN D 809 -38.36 -51.87 8.66
N ASP D 810 -38.54 -52.25 7.40
CA ASP D 810 -39.50 -53.27 7.04
C ASP D 810 -39.05 -54.68 7.44
N HIS D 811 -37.85 -54.78 7.99
CA HIS D 811 -37.28 -56.07 8.35
C HIS D 811 -37.61 -56.50 9.79
N GLU D 812 -37.84 -55.55 10.67
CA GLU D 812 -38.10 -55.89 12.08
C GLU D 812 -39.57 -56.23 12.32
N GLU D 813 -39.81 -57.03 13.36
CA GLU D 813 -41.10 -57.66 13.62
C GLU D 813 -42.30 -56.71 13.65
N ASP D 814 -42.20 -55.64 14.43
CA ASP D 814 -43.34 -54.75 14.66
C ASP D 814 -43.73 -53.91 13.45
N PHE D 815 -43.04 -54.11 12.32
CA PHE D 815 -43.28 -53.31 11.13
C PHE D 815 -44.72 -53.41 10.63
N GLU D 816 -45.21 -54.64 10.49
CA GLU D 816 -46.56 -54.86 9.98
C GLU D 816 -47.62 -54.25 10.90
N LEU D 817 -47.27 -54.06 12.16
CA LEU D 817 -48.16 -53.39 13.11
C LEU D 817 -48.11 -51.88 12.91
N ARG D 818 -46.91 -51.36 12.67
CA ARG D 818 -46.72 -49.96 12.37
C ARG D 818 -47.36 -49.60 11.04
N LYS D 819 -47.22 -50.50 10.08
CA LYS D 819 -47.84 -50.35 8.76
C LYS D 819 -49.35 -50.21 8.92
N GLU D 820 -49.93 -51.11 9.71
CA GLU D 820 -51.37 -51.14 9.97
C GLU D 820 -51.86 -49.86 10.63
N LEU D 821 -51.13 -49.42 11.65
CA LEU D 821 -51.56 -48.28 12.46
C LEU D 821 -51.48 -46.97 11.67
N ILE D 822 -50.40 -46.79 10.93
CA ILE D 822 -50.30 -45.65 10.02
C ILE D 822 -51.42 -45.72 8.98
N GLY D 823 -51.67 -46.93 8.48
CA GLY D 823 -52.74 -47.18 7.53
C GLY D 823 -54.08 -46.64 7.97
N GLN D 824 -54.53 -47.07 9.15
CA GLN D 824 -55.81 -46.63 9.71
C GLN D 824 -55.86 -45.12 9.87
N VAL D 825 -54.79 -44.56 10.45
CA VAL D 825 -54.71 -43.12 10.67
C VAL D 825 -54.74 -42.35 9.36
N MET D 826 -53.87 -42.74 8.42
CA MET D 826 -53.82 -42.12 7.10
C MET D 826 -55.14 -42.26 6.37
N ASN D 827 -55.79 -43.42 6.53
CA ASN D 827 -57.08 -43.66 5.92
C ASN D 827 -58.11 -42.64 6.40
N GLN D 828 -58.05 -42.32 7.69
CA GLN D 828 -59.01 -41.41 8.30
C GLN D 828 -58.77 -39.94 7.92
N LEU D 829 -57.51 -39.52 7.92
CA LEU D 829 -57.19 -38.10 7.76
C LEU D 829 -56.27 -37.76 6.59
N GLY D 830 -55.86 -38.78 5.84
CA GLY D 830 -54.91 -38.60 4.75
C GLY D 830 -55.27 -37.56 3.69
N GLN D 831 -56.51 -37.62 3.21
CA GLN D 831 -56.96 -36.70 2.18
C GLN D 831 -56.87 -35.25 2.63
N GLN D 832 -57.26 -35.00 3.87
CA GLN D 832 -57.20 -33.66 4.44
C GLN D 832 -55.75 -33.18 4.55
N LEU D 833 -54.91 -34.05 5.10
CA LEU D 833 -53.46 -33.80 5.19
C LEU D 833 -52.88 -33.35 3.86
N VAL D 834 -53.13 -34.13 2.80
CA VAL D 834 -52.62 -33.79 1.47
C VAL D 834 -53.25 -32.51 0.94
N SER D 835 -54.55 -32.35 1.18
CA SER D 835 -55.28 -31.18 0.68
C SER D 835 -54.79 -29.90 1.36
N GLN D 836 -54.56 -29.99 2.66
CA GLN D 836 -54.09 -28.84 3.43
C GLN D 836 -52.63 -28.53 3.10
N LEU D 837 -51.84 -29.57 2.90
CA LEU D 837 -50.42 -29.44 2.57
C LEU D 837 -50.22 -28.67 1.28
N LEU D 838 -51.03 -28.96 0.29
CA LEU D 838 -50.95 -28.27 -0.99
C LEU D 838 -51.46 -26.84 -0.87
N HIS D 839 -52.50 -26.66 -0.07
CA HIS D 839 -53.09 -25.34 0.15
C HIS D 839 -52.11 -24.42 0.85
N THR D 840 -51.46 -24.93 1.88
CA THR D 840 -50.42 -24.22 2.59
C THR D 840 -49.34 -23.67 1.66
N CYS D 841 -48.81 -24.55 0.82
CA CYS D 841 -47.72 -24.20 -0.11
C CYS D 841 -48.07 -23.09 -1.09
N CYS D 842 -49.28 -23.13 -1.64
CA CYS D 842 -49.66 -22.23 -2.72
C CYS D 842 -50.05 -20.83 -2.27
N PHE D 843 -50.76 -20.74 -1.14
CA PHE D 843 -51.33 -19.46 -0.73
C PHE D 843 -50.97 -19.03 0.68
N CYS D 844 -50.85 -19.99 1.59
CA CYS D 844 -50.78 -19.68 3.01
C CYS D 844 -49.40 -19.28 3.51
N LEU D 845 -48.37 -20.07 3.18
CA LEU D 845 -47.06 -19.87 3.79
C LEU D 845 -45.96 -19.51 2.79
N PRO D 846 -44.90 -18.84 3.28
CA PRO D 846 -43.72 -18.53 2.47
C PRO D 846 -43.04 -19.82 1.98
N PRO D 847 -42.21 -19.71 0.93
CA PRO D 847 -41.59 -20.86 0.25
C PRO D 847 -40.70 -21.74 1.13
N TYR D 848 -40.34 -21.31 2.34
CA TYR D 848 -39.43 -22.09 3.17
C TYR D 848 -40.01 -23.45 3.58
N THR D 849 -41.34 -23.57 3.48
CA THR D 849 -42.02 -24.81 3.86
C THR D 849 -41.92 -25.88 2.78
N LEU D 850 -41.76 -25.46 1.53
CA LEU D 850 -41.76 -26.35 0.37
C LEU D 850 -40.89 -27.62 0.53
N PRO D 851 -39.66 -27.51 1.05
CA PRO D 851 -38.91 -28.75 1.26
C PRO D 851 -39.55 -29.64 2.33
N ASP D 852 -39.98 -29.05 3.43
CA ASP D 852 -40.55 -29.82 4.54
C ASP D 852 -41.87 -30.50 4.15
N VAL D 853 -42.58 -29.90 3.19
CA VAL D 853 -43.83 -30.47 2.70
C VAL D 853 -43.53 -31.63 1.75
N ALA D 854 -42.60 -31.40 0.83
CA ALA D 854 -42.18 -32.40 -0.13
C ALA D 854 -41.70 -33.68 0.54
N GLU D 855 -40.92 -33.52 1.62
CA GLU D 855 -40.46 -34.67 2.39
C GLU D 855 -41.63 -35.47 2.95
N VAL D 856 -42.66 -34.75 3.40
CA VAL D 856 -43.85 -35.39 3.95
C VAL D 856 -44.70 -36.02 2.85
N LEU D 857 -44.88 -35.30 1.75
CA LEU D 857 -45.55 -35.82 0.57
C LEU D 857 -44.88 -37.11 0.12
N TRP D 858 -43.54 -37.12 0.17
CA TRP D 858 -42.76 -38.29 -0.19
C TRP D 858 -43.09 -39.50 0.70
N GLU D 859 -43.07 -39.28 2.01
CA GLU D 859 -43.34 -40.34 2.97
C GLU D 859 -44.72 -40.97 2.78
N ILE D 860 -45.68 -40.16 2.33
CA ILE D 860 -47.03 -40.65 2.05
C ILE D 860 -47.03 -41.64 0.90
N MET D 861 -46.32 -41.28 -0.18
CA MET D 861 -46.20 -42.13 -1.35
C MET D 861 -45.58 -43.48 -1.03
N GLN D 862 -44.60 -43.48 -0.12
CA GLN D 862 -43.97 -44.72 0.33
C GLN D 862 -44.95 -45.65 1.05
N VAL D 863 -46.05 -45.08 1.55
CA VAL D 863 -47.03 -45.88 2.29
C VAL D 863 -48.11 -46.43 1.37
N ASP D 864 -48.63 -45.57 0.50
CA ASP D 864 -49.70 -45.95 -0.41
C ASP D 864 -49.75 -44.99 -1.59
N ARG D 865 -48.85 -45.20 -2.55
CA ARG D 865 -48.75 -44.34 -3.72
C ARG D 865 -49.98 -44.34 -4.64
N PRO D 866 -50.64 -45.50 -4.85
CA PRO D 866 -51.89 -45.43 -5.62
C PRO D 866 -52.93 -44.54 -4.94
N THR D 867 -53.12 -44.71 -3.62
CA THR D 867 -54.05 -43.90 -2.87
C THR D 867 -53.65 -42.43 -2.91
N PHE D 868 -52.34 -42.17 -2.80
CA PHE D 868 -51.84 -40.81 -2.85
C PHE D 868 -52.25 -40.11 -4.13
N CYS D 869 -52.22 -40.85 -5.24
CA CYS D 869 -52.60 -40.31 -6.55
C CYS D 869 -54.02 -39.76 -6.51
N ARG D 870 -54.91 -40.51 -5.85
CA ARG D 870 -56.28 -40.06 -5.69
C ARG D 870 -56.34 -38.78 -4.86
N TRP D 871 -55.83 -38.86 -3.63
CA TRP D 871 -55.79 -37.72 -2.71
C TRP D 871 -55.29 -36.45 -3.39
N LEU D 872 -54.18 -36.57 -4.11
CA LEU D 872 -53.57 -35.43 -4.78
C LEU D 872 -54.45 -34.90 -5.91
N GLU D 873 -55.06 -35.81 -6.66
CA GLU D 873 -55.95 -35.45 -7.76
C GLU D 873 -57.10 -34.59 -7.23
N ASN D 874 -57.67 -35.00 -6.10
CA ASN D 874 -58.77 -34.26 -5.47
C ASN D 874 -58.38 -32.86 -5.02
N SER D 875 -57.21 -32.74 -4.42
CA SER D 875 -56.74 -31.45 -3.91
C SER D 875 -56.49 -30.44 -5.03
N LEU D 876 -56.07 -30.93 -6.18
CA LEU D 876 -55.81 -30.07 -7.34
C LEU D 876 -57.11 -29.54 -7.92
N LYS D 877 -58.18 -30.30 -7.77
CA LYS D 877 -59.49 -29.92 -8.27
C LYS D 877 -60.13 -28.84 -7.42
N GLY D 878 -59.55 -28.59 -6.25
CA GLY D 878 -60.08 -27.58 -5.34
C GLY D 878 -59.28 -26.30 -5.33
N LEU D 879 -59.01 -25.76 -6.52
CA LEU D 879 -58.28 -24.50 -6.64
C LEU D 879 -59.26 -23.32 -6.63
N PRO D 880 -59.15 -22.45 -5.62
CA PRO D 880 -60.03 -21.29 -5.46
C PRO D 880 -59.46 -20.02 -6.08
N LYS D 881 -60.04 -19.61 -7.22
CA LYS D 881 -59.62 -18.41 -7.98
C LYS D 881 -58.13 -18.12 -7.92
N THR D 889 -54.39 -17.08 -13.52
CA THR D 889 -54.84 -18.36 -12.96
C THR D 889 -54.05 -19.52 -13.54
N VAL D 890 -54.35 -20.73 -13.08
CA VAL D 890 -53.63 -21.92 -13.50
C VAL D 890 -54.50 -22.82 -14.39
N THR D 891 -53.98 -23.16 -15.55
CA THR D 891 -54.69 -23.98 -16.52
C THR D 891 -54.82 -25.43 -16.07
N HIS D 892 -55.57 -26.23 -16.83
CA HIS D 892 -55.79 -27.63 -16.52
C HIS D 892 -54.54 -28.46 -16.77
N LYS D 893 -53.77 -28.06 -17.78
CA LYS D 893 -52.55 -28.79 -18.14
C LYS D 893 -51.53 -28.69 -17.01
N GLN D 894 -51.41 -27.50 -16.44
CA GLN D 894 -50.44 -27.26 -15.37
C GLN D 894 -50.83 -27.98 -14.09
N LEU D 895 -52.07 -28.46 -14.01
CA LEU D 895 -52.53 -29.27 -12.89
C LEU D 895 -52.27 -30.74 -13.17
N THR D 896 -52.34 -31.11 -14.45
CA THR D 896 -52.18 -32.50 -14.85
C THR D 896 -50.72 -32.93 -14.83
N ASP D 897 -49.85 -32.09 -15.39
CA ASP D 897 -48.43 -32.42 -15.44
C ASP D 897 -47.80 -32.39 -14.05
N PHE D 898 -48.23 -31.43 -13.23
CA PHE D 898 -47.77 -31.37 -11.84
C PHE D 898 -48.19 -32.62 -11.07
N HIS D 899 -49.32 -33.20 -11.46
CA HIS D 899 -49.78 -34.44 -10.85
C HIS D 899 -48.88 -35.58 -11.30
N LYS D 900 -48.49 -35.56 -12.57
CA LYS D 900 -47.58 -36.56 -13.11
C LYS D 900 -46.21 -36.46 -12.44
N GLN D 901 -45.73 -35.24 -12.27
CA GLN D 901 -44.42 -34.99 -11.65
C GLN D 901 -44.28 -35.59 -10.26
N VAL D 902 -45.23 -35.30 -9.37
CA VAL D 902 -45.15 -35.76 -8.00
C VAL D 902 -45.39 -37.26 -7.88
N THR D 903 -46.41 -37.74 -8.57
CA THR D 903 -46.83 -39.12 -8.44
C THR D 903 -45.89 -40.10 -9.13
N SER D 904 -45.18 -39.62 -10.15
CA SER D 904 -44.24 -40.48 -10.87
C SER D 904 -42.78 -40.12 -10.56
N ALA D 905 -42.55 -39.58 -9.37
CA ALA D 905 -41.20 -39.23 -8.95
C ALA D 905 -40.50 -40.44 -8.31
N GLU D 906 -39.20 -40.56 -8.58
CA GLU D 906 -38.41 -41.71 -8.10
C GLU D 906 -37.54 -41.28 -6.91
N GLU D 907 -37.17 -40.01 -6.90
CA GLU D 907 -36.44 -39.43 -5.78
C GLU D 907 -37.28 -38.33 -5.15
N CYS D 908 -37.14 -38.16 -3.83
CA CYS D 908 -37.86 -37.11 -3.10
C CYS D 908 -37.49 -35.73 -3.66
N LYS D 909 -36.32 -35.64 -4.26
CA LYS D 909 -35.82 -34.40 -4.85
C LYS D 909 -36.76 -33.88 -5.94
N GLN D 910 -37.34 -34.78 -6.71
CA GLN D 910 -38.25 -34.41 -7.79
C GLN D 910 -39.55 -33.84 -7.22
N VAL D 911 -39.98 -34.38 -6.08
CA VAL D 911 -41.16 -33.88 -5.39
C VAL D 911 -40.96 -32.43 -5.02
N CYS D 912 -39.80 -32.14 -4.43
CA CYS D 912 -39.45 -30.78 -4.04
C CYS D 912 -39.23 -29.90 -5.27
N TRP D 913 -38.71 -30.49 -6.34
CA TRP D 913 -38.55 -29.79 -7.61
C TRP D 913 -39.90 -29.37 -8.17
N ALA D 914 -40.88 -30.27 -8.08
CA ALA D 914 -42.23 -30.03 -8.57
C ALA D 914 -42.94 -28.92 -7.80
N LEU D 915 -42.92 -29.02 -6.47
CA LEU D 915 -43.58 -28.04 -5.60
C LEU D 915 -43.11 -26.61 -5.84
N ARG D 916 -41.80 -26.40 -5.80
CA ARG D 916 -41.20 -25.08 -6.01
C ARG D 916 -41.64 -24.47 -7.34
N ASP D 917 -41.76 -25.33 -8.35
CA ASP D 917 -42.18 -24.92 -9.69
C ASP D 917 -43.66 -24.56 -9.72
N PHE D 918 -44.46 -25.41 -9.10
CA PHE D 918 -45.92 -25.25 -9.08
C PHE D 918 -46.32 -24.07 -8.20
N THR D 919 -45.70 -23.97 -7.03
CA THR D 919 -45.99 -22.88 -6.08
C THR D 919 -45.72 -21.51 -6.71
N ARG D 920 -44.74 -21.45 -7.60
CA ARG D 920 -44.38 -20.21 -8.28
C ARG D 920 -45.57 -19.58 -9.01
N LEU D 921 -46.52 -20.41 -9.42
CA LEU D 921 -47.67 -19.96 -10.19
C LEU D 921 -48.67 -19.16 -9.35
N PHE D 922 -48.41 -19.06 -8.04
CA PHE D 922 -49.33 -18.36 -7.15
C PHE D 922 -48.62 -17.23 -6.39
S1 DTT E . -25.99 -48.04 -2.03
C1 DTT E . -27.67 -48.33 -1.46
C2 DTT E . -28.66 -48.13 -2.60
O2 DTT E . -28.19 -47.10 -3.44
C3 DTT E . -30.05 -47.79 -2.07
O3 DTT E . -30.86 -47.35 -3.14
C4 DTT E . -30.70 -49.00 -1.40
S4 DTT E . -30.56 -49.02 0.40
S1 DTT F . 50.24 45.57 -9.02
C1 DTT F . 48.57 46.09 -8.56
C2 DTT F . 48.36 46.06 -7.05
O2 DTT F . 49.05 44.96 -6.50
C3 DTT F . 46.88 45.98 -6.70
O3 DTT F . 46.73 46.04 -5.31
C4 DTT F . 46.10 47.11 -7.36
S4 DTT F . 44.30 46.82 -7.37
S1 DTT G . 14.14 29.89 -18.60
C1 DTT G . 15.12 29.73 -20.10
C2 DTT G . 15.64 28.30 -20.29
O2 DTT G . 14.98 27.46 -19.38
C3 DTT G . 17.15 28.22 -20.06
O3 DTT G . 17.45 27.03 -19.36
C4 DTT G . 17.92 28.24 -21.37
S4 DTT G . 17.85 29.84 -22.23
S1 DTT H . -37.32 -27.35 30.87
C1 DTT H . -36.99 -25.60 31.22
C2 DTT H . -36.84 -24.76 29.96
O2 DTT H . -38.06 -24.76 29.25
C3 DTT H . -35.72 -25.27 29.08
O3 DTT H . -35.55 -24.39 27.98
C4 DTT H . -34.39 -25.37 29.84
S4 DTT H . -33.89 -27.08 30.17
#